data_1WPI
#
_entry.id   1WPI
#
_entity_poly.entity_id   1
_entity_poly.type   'polypeptide(L)'
_entity_poly.pdbx_seq_one_letter_code
;MSFWKTLQRQPRTISLFTNDIASNIKSQKCLQLLKGDVSHRFDVEIANRFPTWDQLQYMRTSCPQGPVSLQRQIPKLDSV
LKYKHTDPTFGMDLQKCVQRGLWNPKEALWVDWENKLVGNEPADIDKYIIQRK
;
_entity_poly.pdbx_strand_id   A
#
# COMPACT_ATOMS: atom_id res chain seq x y z
N MET A 1 18.67 1.77 19.57
CA MET A 1 19.67 2.64 18.97
C MET A 1 20.71 1.81 18.21
N SER A 2 21.40 2.49 17.31
CA SER A 2 22.43 1.83 16.52
C SER A 2 21.81 0.72 15.67
N PHE A 3 21.34 1.11 14.49
CA PHE A 3 20.73 0.17 13.58
C PHE A 3 20.79 0.68 12.13
N TRP A 4 20.39 -0.19 11.21
CA TRP A 4 20.41 0.16 9.81
C TRP A 4 19.09 0.88 9.49
N LYS A 5 18.01 0.30 9.98
CA LYS A 5 16.69 0.88 9.77
C LYS A 5 16.43 1.96 10.81
N THR A 6 17.23 1.93 11.87
CA THR A 6 17.10 2.89 12.95
C THR A 6 15.62 3.27 13.15
N LEU A 7 14.97 2.49 13.99
CA LEU A 7 13.57 2.73 14.28
C LEU A 7 13.16 1.94 15.53
N GLN A 8 12.25 2.53 16.29
CA GLN A 8 11.78 1.91 17.52
C GLN A 8 10.51 1.10 17.25
N ARG A 9 10.40 -0.01 17.95
CA ARG A 9 9.24 -0.89 17.79
C ARG A 9 9.10 -1.33 16.33
N GLN A 10 9.75 -2.43 16.02
CA GLN A 10 9.71 -2.97 14.66
C GLN A 10 8.53 -3.92 14.51
N PRO A 11 7.83 -3.78 13.35
CA PRO A 11 6.68 -4.61 13.07
C PRO A 11 7.11 -6.04 12.68
N ARG A 12 6.19 -6.75 12.06
CA ARG A 12 6.46 -8.11 11.62
C ARG A 12 5.70 -8.43 10.33
N THR A 13 4.40 -8.19 10.38
CA THR A 13 3.55 -8.45 9.23
C THR A 13 3.43 -7.19 8.36
N ILE A 14 3.96 -7.29 7.15
CA ILE A 14 3.92 -6.17 6.22
C ILE A 14 2.82 -6.39 5.20
N SER A 15 1.75 -5.61 5.33
CA SER A 15 0.62 -5.72 4.43
C SER A 15 0.76 -4.70 3.31
N LEU A 16 1.08 -5.21 2.12
CA LEU A 16 1.24 -4.35 0.95
C LEU A 16 0.07 -4.58 -0.01
N PHE A 17 -0.52 -3.48 -0.44
CA PHE A 17 -1.64 -3.56 -1.37
C PHE A 17 -1.19 -3.23 -2.79
N THR A 18 -1.97 -3.73 -3.75
CA THR A 18 -1.67 -3.50 -5.15
C THR A 18 -2.61 -2.45 -5.73
N ASN A 19 -2.06 -1.63 -6.62
CA ASN A 19 -2.83 -0.58 -7.26
C ASN A 19 -2.24 -0.28 -8.64
N ASP A 20 -2.18 -1.32 -9.46
CA ASP A 20 -1.63 -1.19 -10.80
C ASP A 20 -0.20 -0.64 -10.72
N ILE A 21 0.54 -0.87 -11.79
CA ILE A 21 1.93 -0.42 -11.84
C ILE A 21 2.49 -0.70 -13.24
N ALA A 22 3.14 -1.85 -13.36
CA ALA A 22 3.73 -2.24 -14.63
C ALA A 22 3.34 -3.69 -14.93
N SER A 23 4.25 -4.38 -15.62
CA SER A 23 4.02 -5.76 -15.98
C SER A 23 3.11 -6.44 -14.94
N ASN A 24 3.74 -6.90 -13.87
CA ASN A 24 3.01 -7.56 -12.80
C ASN A 24 2.48 -6.50 -11.83
N ILE A 25 1.24 -6.12 -12.04
CA ILE A 25 0.60 -5.13 -11.18
C ILE A 25 0.82 -5.50 -9.72
N LYS A 26 0.88 -6.80 -9.48
CA LYS A 26 1.09 -7.30 -8.12
C LYS A 26 2.59 -7.34 -7.83
N SER A 27 3.32 -8.00 -8.70
CA SER A 27 4.76 -8.11 -8.54
C SER A 27 5.41 -6.73 -8.59
N GLN A 28 5.29 -6.08 -9.74
CA GLN A 28 5.84 -4.76 -9.93
C GLN A 28 5.53 -3.87 -8.71
N LYS A 29 4.40 -4.19 -8.07
CA LYS A 29 3.98 -3.43 -6.91
C LYS A 29 5.06 -3.51 -5.83
N CYS A 30 5.04 -4.62 -5.10
CA CYS A 30 6.00 -4.83 -4.03
C CYS A 30 7.21 -5.56 -4.62
N LEU A 31 6.93 -6.71 -5.22
CA LEU A 31 7.98 -7.52 -5.82
C LEU A 31 9.06 -6.60 -6.38
N GLN A 32 8.62 -5.61 -7.15
CA GLN A 32 9.53 -4.65 -7.74
C GLN A 32 10.07 -3.70 -6.68
N LEU A 33 9.21 -3.36 -5.73
CA LEU A 33 9.58 -2.46 -4.65
C LEU A 33 10.74 -3.08 -3.86
N LEU A 34 10.54 -4.33 -3.47
CA LEU A 34 11.56 -5.04 -2.70
C LEU A 34 12.74 -5.37 -3.61
N LYS A 35 12.50 -5.26 -4.91
CA LYS A 35 13.53 -5.53 -5.90
C LYS A 35 14.69 -4.55 -5.71
N GLY A 36 14.60 -3.77 -4.64
CA GLY A 36 15.62 -2.79 -4.34
C GLY A 36 16.78 -3.43 -3.57
N ASP A 37 16.85 -3.10 -2.28
CA ASP A 37 17.89 -3.63 -1.43
C ASP A 37 17.79 -5.15 -1.40
N VAL A 38 18.09 -5.71 -0.23
CA VAL A 38 18.04 -7.15 -0.05
C VAL A 38 16.66 -7.53 0.49
N SER A 39 16.41 -8.84 0.50
CA SER A 39 15.15 -9.36 0.99
C SER A 39 15.38 -10.35 2.13
N HIS A 40 14.73 -10.07 3.25
CA HIS A 40 14.87 -10.92 4.43
C HIS A 40 14.65 -10.10 5.69
N ARG A 41 14.94 -10.73 6.83
CA ARG A 41 14.78 -10.06 8.10
C ARG A 41 13.30 -10.02 8.51
N PHE A 42 12.47 -9.69 7.53
CA PHE A 42 11.04 -9.61 7.77
C PHE A 42 10.26 -10.31 6.65
N ASP A 43 8.97 -10.50 6.90
CA ASP A 43 8.11 -11.15 5.93
C ASP A 43 7.30 -10.10 5.17
N VAL A 44 7.48 -10.10 3.85
CA VAL A 44 6.78 -9.15 3.00
C VAL A 44 5.48 -9.78 2.50
N GLU A 45 4.44 -8.97 2.49
CA GLU A 45 3.13 -9.43 2.04
C GLU A 45 2.67 -8.63 0.81
N ILE A 46 2.50 -9.35 -0.28
CA ILE A 46 2.06 -8.72 -1.52
C ILE A 46 0.64 -9.18 -1.85
N ALA A 47 -0.29 -8.25 -1.72
CA ALA A 47 -1.69 -8.53 -1.99
C ALA A 47 -2.30 -7.37 -2.78
N ASN A 48 -3.16 -7.72 -3.72
CA ASN A 48 -3.81 -6.71 -4.54
C ASN A 48 -5.31 -6.67 -4.19
N ARG A 49 -5.73 -5.52 -3.68
CA ARG A 49 -7.11 -5.33 -3.30
C ARG A 49 -7.39 -3.86 -3.02
N PHE A 50 -8.67 -3.53 -2.93
CA PHE A 50 -9.08 -2.17 -2.67
C PHE A 50 -8.85 -1.80 -1.20
N PRO A 51 -8.18 -0.63 -1.01
CA PRO A 51 -7.89 -0.15 0.33
C PRO A 51 -9.14 0.42 1.00
N THR A 52 -10.13 -0.45 1.17
CA THR A 52 -11.38 -0.05 1.79
C THR A 52 -11.12 0.49 3.20
N TRP A 53 -11.92 1.48 3.57
CA TRP A 53 -11.80 2.09 4.88
C TRP A 53 -12.16 1.03 5.93
N ASP A 54 -12.92 0.05 5.50
CA ASP A 54 -13.34 -1.02 6.38
C ASP A 54 -12.11 -1.58 7.12
N GLN A 55 -11.15 -2.04 6.34
CA GLN A 55 -9.93 -2.59 6.90
C GLN A 55 -8.95 -1.47 7.23
N LEU A 56 -8.99 -0.43 6.41
CA LEU A 56 -8.10 0.70 6.60
C LEU A 56 -8.49 1.44 7.89
N GLN A 57 -9.72 1.21 8.31
CA GLN A 57 -10.23 1.85 9.52
C GLN A 57 -9.13 1.89 10.58
N TYR A 58 -8.28 0.88 10.57
CA TYR A 58 -7.19 0.79 11.52
C TYR A 58 -6.07 1.77 11.15
N MET A 59 -5.73 1.80 9.87
CA MET A 59 -4.68 2.68 9.38
C MET A 59 -5.17 4.13 9.33
N ARG A 60 -6.47 4.28 9.07
CA ARG A 60 -7.06 5.59 8.99
C ARG A 60 -6.73 6.41 10.25
N THR A 61 -6.58 5.69 11.35
CA THR A 61 -6.27 6.33 12.61
C THR A 61 -4.75 6.58 12.73
N SER A 62 -3.99 5.54 12.39
CA SER A 62 -2.54 5.63 12.45
C SER A 62 -2.01 6.26 11.16
N CYS A 63 -2.60 7.38 10.79
CA CYS A 63 -2.20 8.08 9.58
C CYS A 63 -2.97 9.40 9.51
N PRO A 64 -2.27 10.44 8.99
CA PRO A 64 -2.88 11.76 8.86
C PRO A 64 -3.87 11.79 7.70
N GLN A 65 -3.52 11.08 6.64
CA GLN A 65 -4.35 11.02 5.46
C GLN A 65 -5.27 9.79 5.51
N GLY A 66 -4.90 8.87 6.39
CA GLY A 66 -5.67 7.64 6.55
C GLY A 66 -6.19 7.13 5.20
N PRO A 67 -7.52 7.32 4.99
CA PRO A 67 -8.14 6.88 3.75
C PRO A 67 -7.78 7.83 2.59
N VAL A 68 -7.74 9.11 2.91
CA VAL A 68 -7.41 10.12 1.92
C VAL A 68 -6.17 9.68 1.15
N SER A 69 -5.25 9.06 1.87
CA SER A 69 -4.01 8.60 1.27
C SER A 69 -4.31 7.51 0.23
N LEU A 70 -5.31 6.70 0.54
CA LEU A 70 -5.70 5.63 -0.35
C LEU A 70 -6.45 6.21 -1.55
N GLN A 71 -7.56 6.87 -1.25
CA GLN A 71 -8.38 7.48 -2.28
C GLN A 71 -7.53 8.42 -3.13
N ARG A 72 -6.56 9.05 -2.48
CA ARG A 72 -5.67 9.98 -3.16
C ARG A 72 -4.61 9.22 -3.95
N GLN A 73 -4.40 7.97 -3.56
CA GLN A 73 -3.42 7.13 -4.22
C GLN A 73 -3.88 6.79 -5.64
N ILE A 74 -5.17 6.51 -5.76
CA ILE A 74 -5.74 6.17 -7.05
C ILE A 74 -6.12 7.46 -7.79
N PRO A 75 -6.26 7.34 -9.14
CA PRO A 75 -6.62 8.47 -9.97
C PRO A 75 -8.10 8.83 -9.80
N LYS A 76 -8.39 10.10 -9.95
CA LYS A 76 -9.76 10.59 -9.83
C LYS A 76 -10.20 10.48 -8.38
N LEU A 77 -9.29 10.86 -7.48
CA LEU A 77 -9.58 10.82 -6.06
C LEU A 77 -10.95 11.41 -5.80
N ASP A 78 -11.10 12.68 -6.16
CA ASP A 78 -12.35 13.38 -5.97
C ASP A 78 -13.51 12.44 -6.32
N SER A 79 -13.22 11.51 -7.21
CA SER A 79 -14.23 10.54 -7.64
C SER A 79 -14.41 9.48 -6.56
N VAL A 80 -13.32 8.76 -6.29
CA VAL A 80 -13.35 7.71 -5.28
C VAL A 80 -13.28 8.33 -3.89
N LEU A 81 -12.56 9.44 -3.82
CA LEU A 81 -12.41 10.15 -2.56
C LEU A 81 -13.78 10.52 -2.01
N LYS A 82 -14.79 10.36 -2.86
CA LYS A 82 -16.15 10.68 -2.48
C LYS A 82 -17.01 9.42 -2.56
N TYR A 83 -17.76 9.32 -3.64
CA TYR A 83 -18.63 8.17 -3.85
C TYR A 83 -18.60 7.73 -5.32
N LYS A 84 -17.80 8.43 -6.10
CA LYS A 84 -17.68 8.12 -7.51
C LYS A 84 -17.13 6.70 -7.68
N HIS A 85 -16.24 6.56 -8.65
CA HIS A 85 -15.63 5.27 -8.92
C HIS A 85 -15.61 4.43 -7.63
N THR A 86 -15.42 5.12 -6.52
CA THR A 86 -15.38 4.47 -5.23
C THR A 86 -16.54 3.49 -5.08
N ASP A 87 -17.62 3.80 -5.79
CA ASP A 87 -18.81 2.96 -5.75
C ASP A 87 -18.38 1.48 -5.73
N PRO A 88 -19.33 0.60 -6.16
CA PRO A 88 -19.06 -0.83 -6.18
C PRO A 88 -18.14 -1.19 -7.35
N THR A 89 -17.44 -0.18 -7.85
CA THR A 89 -16.53 -0.37 -8.96
C THR A 89 -15.12 -0.70 -8.44
N PHE A 90 -14.72 0.03 -7.42
CA PHE A 90 -13.41 -0.17 -6.82
C PHE A 90 -13.53 -0.84 -5.45
N GLY A 91 -14.68 -0.67 -4.84
CA GLY A 91 -14.93 -1.25 -3.54
C GLY A 91 -14.29 -2.63 -3.42
N MET A 92 -15.14 -3.65 -3.50
CA MET A 92 -14.66 -5.02 -3.40
C MET A 92 -13.22 -5.14 -3.88
N ASP A 93 -13.08 -5.55 -5.14
CA ASP A 93 -11.77 -5.71 -5.72
C ASP A 93 -11.48 -4.54 -6.67
N LEU A 94 -10.64 -3.63 -6.20
CA LEU A 94 -10.30 -2.45 -6.98
C LEU A 94 -9.32 -2.87 -8.10
N GLN A 95 -8.67 -4.00 -7.87
CA GLN A 95 -7.71 -4.51 -8.85
C GLN A 95 -8.42 -4.77 -10.18
N LYS A 96 -9.71 -5.06 -10.10
CA LYS A 96 -10.49 -5.33 -11.28
C LYS A 96 -10.56 -4.07 -12.14
N CYS A 97 -10.46 -2.93 -11.47
CA CYS A 97 -10.51 -1.65 -12.16
C CYS A 97 -9.09 -1.14 -12.35
N VAL A 98 -8.33 -1.19 -11.26
CA VAL A 98 -6.95 -0.74 -11.28
C VAL A 98 -6.13 -1.65 -12.21
N GLN A 99 -6.59 -2.89 -12.31
CA GLN A 99 -5.92 -3.87 -13.16
C GLN A 99 -5.45 -3.21 -14.45
N ARG A 100 -6.14 -2.15 -14.82
CA ARG A 100 -5.81 -1.43 -16.04
C ARG A 100 -7.03 -0.65 -16.55
N GLY A 101 -8.19 -1.06 -16.06
CA GLY A 101 -9.43 -0.42 -16.46
C GLY A 101 -9.42 1.07 -16.12
N LEU A 102 -10.52 1.52 -15.54
CA LEU A 102 -10.66 2.91 -15.15
C LEU A 102 -9.38 3.66 -15.53
N TRP A 103 -8.35 3.46 -14.70
CA TRP A 103 -7.07 4.12 -14.93
C TRP A 103 -5.96 3.11 -14.60
N ASN A 104 -4.78 3.39 -15.13
CA ASN A 104 -3.64 2.51 -14.89
C ASN A 104 -2.67 3.21 -13.94
N PRO A 105 -2.96 3.06 -12.62
CA PRO A 105 -2.12 3.67 -11.59
C PRO A 105 -0.80 2.90 -11.43
N LYS A 106 0.08 3.46 -10.61
CA LYS A 106 1.36 2.84 -10.36
C LYS A 106 1.85 3.23 -8.97
N GLU A 107 0.95 3.11 -8.00
CA GLU A 107 1.28 3.44 -6.62
C GLU A 107 1.27 2.19 -5.76
N ALA A 108 2.16 2.17 -4.77
CA ALA A 108 2.26 1.05 -3.86
C ALA A 108 1.80 1.48 -2.46
N LEU A 109 0.84 0.73 -1.93
CA LEU A 109 0.33 1.01 -0.62
C LEU A 109 0.94 0.06 0.40
N TRP A 110 1.67 0.63 1.35
CA TRP A 110 2.32 -0.17 2.37
C TRP A 110 1.69 0.19 3.71
N VAL A 111 1.12 -0.82 4.35
CA VAL A 111 0.47 -0.62 5.64
C VAL A 111 0.96 -1.69 6.61
N ASP A 112 1.28 -1.25 7.82
CA ASP A 112 1.76 -2.16 8.86
C ASP A 112 0.68 -2.31 9.93
N TRP A 113 0.37 -3.56 10.22
CA TRP A 113 -0.64 -3.87 11.22
C TRP A 113 0.07 -4.43 12.46
N GLU A 114 1.40 -4.40 12.40
CA GLU A 114 2.20 -4.90 13.50
C GLU A 114 2.58 -3.74 14.44
N ASN A 115 2.99 -2.64 13.83
CA ASN A 115 3.39 -1.47 14.59
C ASN A 115 2.39 -0.34 14.34
N LYS A 116 1.45 -0.62 13.45
CA LYS A 116 0.43 0.36 13.12
C LYS A 116 1.05 1.48 12.28
N LEU A 117 1.96 1.08 11.40
CA LEU A 117 2.64 2.03 10.54
C LEU A 117 2.14 1.87 9.11
N VAL A 118 1.52 2.94 8.60
CA VAL A 118 1.00 2.93 7.26
C VAL A 118 1.55 4.13 6.48
N GLY A 119 1.57 3.99 5.17
CA GLY A 119 2.07 5.05 4.31
C GLY A 119 1.86 4.71 2.84
N ASN A 120 1.01 5.50 2.19
CA ASN A 120 0.71 5.29 0.78
C ASN A 120 1.95 5.65 -0.05
N GLU A 121 2.79 4.66 -0.28
CA GLU A 121 4.00 4.86 -1.06
C GLU A 121 4.92 3.65 -0.92
N PRO A 122 5.67 3.38 -2.02
CA PRO A 122 6.61 2.26 -2.03
C PRO A 122 7.85 2.56 -1.20
N ALA A 123 8.12 3.85 -1.04
CA ALA A 123 9.27 4.29 -0.28
C ALA A 123 8.98 4.11 1.21
N ASP A 124 7.70 4.16 1.55
CA ASP A 124 7.28 4.00 2.94
C ASP A 124 7.87 2.70 3.49
N ILE A 125 7.99 1.72 2.62
CA ILE A 125 8.52 0.43 3.01
C ILE A 125 10.03 0.55 3.22
N ASP A 126 10.72 0.94 2.17
CA ASP A 126 12.16 1.10 2.23
C ASP A 126 12.52 1.93 3.46
N LYS A 127 11.77 3.00 3.66
CA LYS A 127 12.00 3.88 4.80
C LYS A 127 11.81 3.09 6.10
N TYR A 128 10.67 2.43 6.19
CA TYR A 128 10.35 1.64 7.37
C TYR A 128 10.99 0.26 7.28
N ILE A 129 10.43 -0.57 6.42
CA ILE A 129 10.93 -1.92 6.23
C ILE A 129 11.08 -2.19 4.72
N ILE A 130 12.29 -1.97 4.25
CA ILE A 130 12.60 -2.18 2.84
C ILE A 130 12.38 -3.66 2.50
N GLN A 131 12.92 -4.05 1.35
CA GLN A 131 12.79 -5.43 0.90
C GLN A 131 13.21 -6.39 2.02
N ARG A 132 13.92 -5.84 2.99
CA ARG A 132 14.39 -6.64 4.11
C ARG A 132 14.53 -5.77 5.36
N LYS A 133 13.78 -4.68 5.37
CA LYS A 133 13.81 -3.76 6.48
C LYS A 133 15.27 -3.41 6.82
N MET A 1 22.16 -1.07 20.73
CA MET A 1 21.53 -0.03 19.96
C MET A 1 21.84 -0.17 18.47
N SER A 2 20.80 -0.40 17.69
CA SER A 2 20.96 -0.56 16.25
C SER A 2 19.66 -0.19 15.54
N PHE A 3 19.79 0.64 14.52
CA PHE A 3 18.63 1.07 13.75
C PHE A 3 19.07 1.71 12.43
N TRP A 4 19.17 0.88 11.41
CA TRP A 4 19.57 1.34 10.09
C TRP A 4 18.32 1.89 9.39
N LYS A 5 17.22 1.19 9.58
CA LYS A 5 15.96 1.58 8.98
C LYS A 5 15.42 2.82 9.70
N THR A 6 16.03 3.13 10.83
CA THR A 6 15.62 4.27 11.61
C THR A 6 14.10 4.34 11.73
N LEU A 7 13.60 3.80 12.83
CA LEU A 7 12.16 3.78 13.07
C LEU A 7 11.89 3.16 14.44
N GLN A 8 10.90 3.72 15.13
CA GLN A 8 10.53 3.23 16.44
C GLN A 8 10.00 1.80 16.34
N ARG A 9 10.83 0.86 16.78
CA ARG A 9 10.44 -0.54 16.75
C ARG A 9 10.04 -0.95 15.32
N GLN A 10 10.91 -1.73 14.71
CA GLN A 10 10.65 -2.20 13.35
C GLN A 10 9.48 -3.20 13.35
N PRO A 11 8.63 -3.07 12.29
CA PRO A 11 7.48 -3.94 12.16
C PRO A 11 7.90 -5.35 11.69
N ARG A 12 7.00 -6.29 11.87
CA ARG A 12 7.26 -7.66 11.48
C ARG A 12 6.40 -8.05 10.27
N THR A 13 5.09 -7.90 10.45
CA THR A 13 4.16 -8.22 9.38
C THR A 13 3.89 -6.99 8.53
N ILE A 14 4.33 -7.06 7.27
CA ILE A 14 4.14 -5.96 6.35
C ILE A 14 2.97 -6.29 5.42
N SER A 15 1.90 -5.51 5.58
CA SER A 15 0.71 -5.71 4.77
C SER A 15 0.69 -4.70 3.62
N LEU A 16 1.00 -5.20 2.43
CA LEU A 16 1.03 -4.35 1.25
C LEU A 16 -0.12 -4.76 0.32
N PHE A 17 -0.63 -3.76 -0.41
CA PHE A 17 -1.73 -4.00 -1.33
C PHE A 17 -1.29 -3.72 -2.77
N THR A 18 -2.04 -4.30 -3.70
CA THR A 18 -1.75 -4.12 -5.11
C THR A 18 -2.70 -3.11 -5.73
N ASN A 19 -2.17 -2.33 -6.67
CA ASN A 19 -2.95 -1.31 -7.34
C ASN A 19 -2.32 -1.00 -8.70
N ASP A 20 -2.28 -2.02 -9.54
CA ASP A 20 -1.70 -1.86 -10.86
C ASP A 20 -0.27 -1.35 -10.75
N ILE A 21 0.49 -1.55 -11.81
CA ILE A 21 1.88 -1.11 -11.84
C ILE A 21 2.46 -1.35 -13.23
N ALA A 22 3.01 -2.56 -13.40
CA ALA A 22 3.60 -2.93 -14.68
C ALA A 22 3.23 -4.38 -15.00
N SER A 23 4.24 -5.13 -15.39
CA SER A 23 4.02 -6.54 -15.73
C SER A 23 3.10 -7.19 -14.72
N ASN A 24 3.71 -7.69 -13.64
CA ASN A 24 2.95 -8.33 -12.58
C ASN A 24 2.44 -7.29 -11.60
N ILE A 25 1.17 -6.94 -11.76
CA ILE A 25 0.54 -5.94 -10.90
C ILE A 25 0.81 -6.31 -9.44
N LYS A 26 0.84 -7.61 -9.19
CA LYS A 26 1.08 -8.10 -7.84
C LYS A 26 2.59 -8.06 -7.55
N SER A 27 3.34 -8.73 -8.41
CA SER A 27 4.78 -8.78 -8.27
C SER A 27 5.37 -7.37 -8.32
N GLN A 28 5.25 -6.76 -9.50
CA GLN A 28 5.76 -5.41 -9.69
C GLN A 28 5.43 -4.53 -8.48
N LYS A 29 4.28 -4.81 -7.88
CA LYS A 29 3.84 -4.06 -6.72
C LYS A 29 4.99 -3.96 -5.72
N CYS A 30 5.11 -4.99 -4.89
CA CYS A 30 6.15 -5.02 -3.89
C CYS A 30 7.32 -5.85 -4.44
N LEU A 31 6.98 -7.02 -4.94
CA LEU A 31 7.99 -7.91 -5.50
C LEU A 31 9.08 -7.08 -6.17
N GLN A 32 8.64 -6.09 -6.94
CA GLN A 32 9.56 -5.21 -7.64
C GLN A 32 10.12 -4.15 -6.70
N LEU A 33 9.21 -3.58 -5.90
CA LEU A 33 9.59 -2.55 -4.96
C LEU A 33 10.75 -3.05 -4.09
N LEU A 34 10.63 -4.31 -3.67
CA LEU A 34 11.66 -4.92 -2.85
C LEU A 34 12.78 -5.45 -3.74
N LYS A 35 12.45 -5.59 -5.02
CA LYS A 35 13.43 -6.08 -5.99
C LYS A 35 14.64 -5.14 -6.02
N GLY A 36 14.50 -4.04 -5.29
CA GLY A 36 15.57 -3.06 -5.22
C GLY A 36 16.80 -3.64 -4.50
N ASP A 37 16.56 -4.13 -3.30
CA ASP A 37 17.63 -4.71 -2.51
C ASP A 37 17.03 -5.44 -1.30
N VAL A 38 16.81 -6.74 -1.47
CA VAL A 38 16.25 -7.55 -0.42
C VAL A 38 17.37 -7.98 0.54
N SER A 39 16.98 -8.80 1.51
CA SER A 39 17.94 -9.29 2.49
C SER A 39 17.31 -10.41 3.32
N HIS A 40 16.83 -10.04 4.51
CA HIS A 40 16.21 -11.00 5.39
C HIS A 40 16.18 -10.44 6.82
N ARG A 41 15.32 -9.44 7.00
CA ARG A 41 15.18 -8.81 8.30
C ARG A 41 13.70 -8.76 8.71
N PHE A 42 12.84 -8.95 7.72
CA PHE A 42 11.41 -8.92 7.96
C PHE A 42 10.66 -9.70 6.87
N ASP A 43 9.38 -9.93 7.14
CA ASP A 43 8.54 -10.66 6.20
C ASP A 43 7.67 -9.66 5.43
N VAL A 44 7.75 -9.75 4.11
CA VAL A 44 6.97 -8.87 3.26
C VAL A 44 5.70 -9.60 2.80
N GLU A 45 4.61 -8.85 2.78
CA GLU A 45 3.33 -9.40 2.36
C GLU A 45 2.79 -8.64 1.15
N ILE A 46 2.66 -9.36 0.05
CA ILE A 46 2.16 -8.77 -1.18
C ILE A 46 0.77 -9.33 -1.47
N ALA A 47 -0.22 -8.44 -1.40
CA ALA A 47 -1.60 -8.83 -1.65
C ALA A 47 -2.27 -7.77 -2.53
N ASN A 48 -3.13 -8.24 -3.42
CA ASN A 48 -3.84 -7.35 -4.32
C ASN A 48 -5.32 -7.34 -3.95
N ARG A 49 -5.79 -6.19 -3.52
CA ARG A 49 -7.17 -6.03 -3.13
C ARG A 49 -7.49 -4.55 -2.86
N PHE A 50 -8.79 -4.26 -2.85
CA PHE A 50 -9.24 -2.90 -2.60
C PHE A 50 -8.94 -2.48 -1.16
N PRO A 51 -8.07 -1.43 -1.03
CA PRO A 51 -7.70 -0.93 0.29
C PRO A 51 -8.83 -0.10 0.89
N THR A 52 -9.97 -0.76 1.08
CA THR A 52 -11.12 -0.10 1.66
C THR A 52 -10.92 0.13 3.16
N TRP A 53 -11.41 1.27 3.62
CA TRP A 53 -11.30 1.61 5.02
C TRP A 53 -11.81 0.43 5.85
N ASP A 54 -12.61 -0.40 5.21
CA ASP A 54 -13.17 -1.57 5.86
C ASP A 54 -12.08 -2.23 6.72
N GLN A 55 -10.97 -2.55 6.06
CA GLN A 55 -9.86 -3.19 6.74
C GLN A 55 -8.96 -2.14 7.39
N LEU A 56 -8.44 -1.25 6.56
CA LEU A 56 -7.57 -0.19 7.04
C LEU A 56 -8.27 0.55 8.18
N GLN A 57 -9.58 0.42 8.22
CA GLN A 57 -10.37 1.07 9.25
C GLN A 57 -9.61 1.09 10.57
N TYR A 58 -8.79 0.06 10.76
CA TYR A 58 -8.00 -0.06 11.98
C TYR A 58 -6.95 1.05 12.05
N MET A 59 -6.12 1.11 11.02
CA MET A 59 -5.07 2.10 10.96
C MET A 59 -5.64 3.48 10.58
N ARG A 60 -6.63 3.45 9.71
CA ARG A 60 -7.27 4.68 9.25
C ARG A 60 -7.74 5.50 10.45
N THR A 61 -7.97 4.80 11.55
CA THR A 61 -8.42 5.46 12.77
C THR A 61 -7.23 6.03 13.55
N SER A 62 -6.19 5.21 13.64
CA SER A 62 -4.99 5.61 14.35
C SER A 62 -4.11 6.49 13.45
N CYS A 63 -4.66 6.82 12.29
CA CYS A 63 -3.94 7.64 11.33
C CYS A 63 -4.95 8.57 10.65
N PRO A 64 -4.52 9.85 10.47
CA PRO A 64 -5.38 10.84 9.83
C PRO A 64 -5.44 10.62 8.32
N GLN A 65 -4.33 10.15 7.77
CA GLN A 65 -4.25 9.89 6.34
C GLN A 65 -4.79 8.49 6.03
N GLY A 66 -5.50 7.94 7.00
CA GLY A 66 -6.07 6.61 6.85
C GLY A 66 -6.41 6.34 5.38
N PRO A 67 -7.66 6.72 4.99
CA PRO A 67 -8.10 6.52 3.62
C PRO A 67 -7.46 7.53 2.68
N VAL A 68 -7.19 8.71 3.21
CA VAL A 68 -6.58 9.77 2.43
C VAL A 68 -5.36 9.21 1.69
N SER A 69 -4.72 8.24 2.32
CA SER A 69 -3.54 7.61 1.75
C SER A 69 -3.96 6.61 0.68
N LEU A 70 -5.05 5.90 0.96
CA LEU A 70 -5.56 4.91 0.02
C LEU A 70 -6.20 5.62 -1.16
N GLN A 71 -7.19 6.46 -0.85
CA GLN A 71 -7.90 7.19 -1.87
C GLN A 71 -6.91 7.93 -2.78
N ARG A 72 -5.94 8.57 -2.13
CA ARG A 72 -4.92 9.32 -2.86
C ARG A 72 -4.00 8.37 -3.61
N GLN A 73 -3.99 7.12 -3.15
CA GLN A 73 -3.14 6.11 -3.77
C GLN A 73 -3.67 5.76 -5.16
N ILE A 74 -4.99 5.72 -5.27
CA ILE A 74 -5.63 5.42 -6.53
C ILE A 74 -5.75 6.68 -7.38
N PRO A 75 -6.01 6.48 -8.69
CA PRO A 75 -6.15 7.60 -9.61
C PRO A 75 -7.48 8.33 -9.40
N LYS A 76 -7.55 9.54 -9.93
CA LYS A 76 -8.76 10.34 -9.81
C LYS A 76 -9.19 10.40 -8.35
N LEU A 77 -8.40 11.12 -7.56
CA LEU A 77 -8.68 11.27 -6.15
C LEU A 77 -10.06 11.93 -5.97
N ASP A 78 -10.16 13.15 -6.47
CA ASP A 78 -11.40 13.90 -6.38
C ASP A 78 -12.58 12.97 -6.67
N SER A 79 -12.28 11.92 -7.43
CA SER A 79 -13.30 10.94 -7.78
C SER A 79 -13.47 9.93 -6.66
N VAL A 80 -12.39 9.21 -6.39
CA VAL A 80 -12.40 8.20 -5.34
C VAL A 80 -12.23 8.89 -3.98
N LEU A 81 -11.41 9.91 -3.97
CA LEU A 81 -11.15 10.66 -2.75
C LEU A 81 -12.44 11.35 -2.30
N LYS A 82 -13.49 11.14 -3.08
CA LYS A 82 -14.78 11.73 -2.78
C LYS A 82 -15.85 10.64 -2.76
N TYR A 83 -16.56 10.53 -3.87
CA TYR A 83 -17.61 9.53 -3.98
C TYR A 83 -17.74 9.03 -5.42
N LYS A 84 -16.99 9.67 -6.31
CA LYS A 84 -17.01 9.30 -7.71
C LYS A 84 -16.58 7.84 -7.86
N HIS A 85 -15.69 7.61 -8.82
CA HIS A 85 -15.19 6.27 -9.07
C HIS A 85 -15.18 5.48 -7.76
N THR A 86 -15.09 6.22 -6.66
CA THR A 86 -15.06 5.59 -5.34
C THR A 86 -16.20 4.58 -5.21
N ASP A 87 -17.30 4.87 -5.90
CA ASP A 87 -18.46 4.00 -5.87
C ASP A 87 -18.00 2.54 -5.88
N PRO A 88 -18.94 1.64 -6.27
CA PRO A 88 -18.64 0.22 -6.32
C PRO A 88 -17.75 -0.11 -7.53
N THR A 89 -17.01 0.89 -7.97
CA THR A 89 -16.12 0.72 -9.10
C THR A 89 -14.73 0.30 -8.63
N PHE A 90 -14.27 0.95 -7.58
CA PHE A 90 -12.96 0.67 -7.03
C PHE A 90 -13.08 -0.07 -5.69
N GLY A 91 -14.18 0.20 -5.00
CA GLY A 91 -14.43 -0.44 -3.72
C GLY A 91 -14.29 -1.96 -3.82
N MET A 92 -15.35 -2.64 -3.40
CA MET A 92 -15.35 -4.10 -3.44
C MET A 92 -14.17 -4.63 -4.27
N ASP A 93 -14.18 -4.27 -5.55
CA ASP A 93 -13.12 -4.70 -6.44
C ASP A 93 -12.37 -3.48 -6.97
N LEU A 94 -11.23 -3.22 -6.36
CA LEU A 94 -10.41 -2.09 -6.75
C LEU A 94 -9.43 -2.53 -7.84
N GLN A 95 -8.69 -3.59 -7.53
CA GLN A 95 -7.72 -4.12 -8.47
C GLN A 95 -8.39 -4.47 -9.79
N LYS A 96 -9.68 -4.75 -9.71
CA LYS A 96 -10.45 -5.11 -10.89
C LYS A 96 -10.61 -3.87 -11.78
N CYS A 97 -10.56 -2.72 -11.14
CA CYS A 97 -10.70 -1.45 -11.86
C CYS A 97 -9.30 -0.89 -12.10
N VAL A 98 -8.46 -1.03 -11.09
CA VAL A 98 -7.09 -0.54 -11.17
C VAL A 98 -6.25 -1.52 -12.00
N GLN A 99 -6.70 -2.76 -12.02
CA GLN A 99 -6.00 -3.80 -12.75
C GLN A 99 -5.37 -3.23 -14.01
N ARG A 100 -6.03 -2.21 -14.56
CA ARG A 100 -5.54 -1.55 -15.75
C ARG A 100 -6.56 -0.52 -16.25
N GLY A 101 -7.83 -0.83 -16.00
CA GLY A 101 -8.90 0.06 -16.42
C GLY A 101 -8.82 1.39 -15.69
N LEU A 102 -9.98 2.00 -15.51
CA LEU A 102 -10.06 3.28 -14.82
C LEU A 102 -8.77 4.08 -15.08
N TRP A 103 -7.81 3.91 -14.17
CA TRP A 103 -6.54 4.58 -14.29
C TRP A 103 -5.46 3.67 -13.69
N ASN A 104 -4.23 3.92 -14.11
CA ASN A 104 -3.11 3.14 -13.62
C ASN A 104 -2.39 3.91 -12.51
N PRO A 105 -2.70 3.54 -11.24
CA PRO A 105 -2.10 4.19 -10.10
C PRO A 105 -0.66 3.74 -9.91
N LYS A 106 -0.34 2.62 -10.53
CA LYS A 106 1.01 2.07 -10.44
C LYS A 106 1.62 2.44 -9.09
N GLU A 107 0.75 2.49 -8.09
CA GLU A 107 1.19 2.82 -6.73
C GLU A 107 1.26 1.57 -5.87
N ALA A 108 2.06 1.66 -4.81
CA ALA A 108 2.21 0.54 -3.90
C ALA A 108 1.59 0.89 -2.55
N LEU A 109 0.75 0.00 -2.07
CA LEU A 109 0.08 0.20 -0.79
C LEU A 109 0.94 -0.41 0.32
N TRP A 110 1.39 0.47 1.21
CA TRP A 110 2.22 0.03 2.33
C TRP A 110 1.39 0.17 3.61
N VAL A 111 1.24 -0.96 4.31
CA VAL A 111 0.48 -0.97 5.55
C VAL A 111 1.08 -2.02 6.49
N ASP A 112 1.25 -1.61 7.73
CA ASP A 112 1.81 -2.49 8.74
C ASP A 112 0.86 -2.56 9.94
N TRP A 113 0.60 -3.78 10.39
CA TRP A 113 -0.28 -3.99 11.52
C TRP A 113 0.57 -4.46 12.70
N GLU A 114 1.87 -4.42 12.50
CA GLU A 114 2.80 -4.84 13.54
C GLU A 114 3.21 -3.64 14.40
N ASN A 115 3.53 -2.54 13.73
CA ASN A 115 3.93 -1.33 14.43
C ASN A 115 2.86 -0.25 14.21
N LYS A 116 1.69 -0.70 13.80
CA LYS A 116 0.59 0.20 13.55
C LYS A 116 1.05 1.32 12.61
N LEU A 117 1.81 0.93 11.61
CA LEU A 117 2.32 1.88 10.63
C LEU A 117 1.62 1.65 9.29
N VAL A 118 1.43 2.74 8.56
CA VAL A 118 0.78 2.67 7.26
C VAL A 118 1.30 3.82 6.39
N GLY A 119 1.03 3.69 5.09
CA GLY A 119 1.46 4.69 4.14
C GLY A 119 1.31 4.18 2.70
N ASN A 120 0.94 5.10 1.82
CA ASN A 120 0.76 4.76 0.41
C ASN A 120 2.06 5.03 -0.34
N GLU A 121 2.07 4.64 -1.60
CA GLU A 121 3.24 4.84 -2.45
C GLU A 121 4.28 3.77 -2.14
N PRO A 122 5.07 3.41 -3.19
CA PRO A 122 6.11 2.41 -3.04
C PRO A 122 7.32 2.98 -2.30
N ALA A 123 7.67 4.20 -2.67
CA ALA A 123 8.80 4.87 -2.04
C ALA A 123 8.59 4.93 -0.53
N ASP A 124 7.32 4.96 -0.15
CA ASP A 124 6.97 5.02 1.26
C ASP A 124 7.59 3.83 1.99
N ILE A 125 7.40 2.65 1.40
CA ILE A 125 7.93 1.43 1.97
C ILE A 125 9.40 1.65 2.37
N ASP A 126 10.18 2.07 1.39
CA ASP A 126 11.59 2.32 1.61
C ASP A 126 11.76 3.16 2.88
N LYS A 127 11.05 4.28 2.91
CA LYS A 127 11.10 5.18 4.05
C LYS A 127 10.85 4.38 5.33
N TYR A 128 9.82 3.56 5.29
CA TYR A 128 9.46 2.74 6.44
C TYR A 128 10.22 1.42 6.42
N ILE A 129 9.66 0.46 5.71
CA ILE A 129 10.26 -0.85 5.60
C ILE A 129 10.67 -1.11 4.15
N ILE A 130 11.91 -0.76 3.83
CA ILE A 130 12.43 -0.94 2.50
C ILE A 130 12.13 -2.37 2.03
N GLN A 131 12.84 -2.79 1.00
CA GLN A 131 12.67 -4.12 0.45
C GLN A 131 12.73 -5.16 1.57
N ARG A 132 13.84 -5.15 2.29
CA ARG A 132 14.03 -6.09 3.38
C ARG A 132 13.98 -5.36 4.73
N LYS A 133 13.44 -4.14 4.68
CA LYS A 133 13.32 -3.33 5.88
C LYS A 133 14.72 -3.04 6.44
N MET A 1 24.42 -1.01 20.98
CA MET A 1 23.09 -0.72 20.48
C MET A 1 23.15 0.07 19.16
N SER A 2 22.59 -0.53 18.13
CA SER A 2 22.58 0.10 16.82
C SER A 2 21.36 -0.36 16.02
N PHE A 3 21.04 0.41 14.99
CA PHE A 3 19.90 0.09 14.14
C PHE A 3 20.19 0.43 12.68
N TRP A 4 20.16 -0.59 11.84
CA TRP A 4 20.42 -0.41 10.43
C TRP A 4 19.13 0.10 9.77
N LYS A 5 18.02 -0.52 10.17
CA LYS A 5 16.72 -0.14 9.63
C LYS A 5 16.30 1.20 10.24
N THR A 6 17.05 1.61 11.25
CA THR A 6 16.76 2.86 11.93
C THR A 6 15.25 3.06 12.08
N LEU A 7 14.74 2.60 13.22
CA LEU A 7 13.33 2.72 13.51
C LEU A 7 13.05 2.24 14.94
N GLN A 8 12.12 2.90 15.59
CA GLN A 8 11.75 2.56 16.95
C GLN A 8 11.74 1.04 17.13
N ARG A 9 10.57 0.46 16.92
CA ARG A 9 10.42 -0.98 17.05
C ARG A 9 10.18 -1.61 15.68
N GLN A 10 10.72 -2.81 15.51
CA GLN A 10 10.58 -3.53 14.27
C GLN A 10 9.31 -4.39 14.29
N PRO A 11 8.52 -4.27 13.19
CA PRO A 11 7.28 -5.01 13.08
C PRO A 11 7.56 -6.48 12.75
N ARG A 12 6.53 -7.15 12.24
CA ARG A 12 6.65 -8.55 11.88
C ARG A 12 5.86 -8.85 10.61
N THR A 13 4.68 -8.25 10.54
CA THR A 13 3.81 -8.44 9.38
C THR A 13 3.53 -7.10 8.70
N ILE A 14 3.99 -6.99 7.46
CA ILE A 14 3.78 -5.77 6.70
C ILE A 14 2.68 -5.99 5.66
N SER A 15 1.68 -5.12 5.72
CA SER A 15 0.55 -5.22 4.80
C SER A 15 0.77 -4.29 3.62
N LEU A 16 1.20 -4.88 2.51
CA LEU A 16 1.45 -4.11 1.30
C LEU A 16 0.42 -4.50 0.23
N PHE A 17 -0.34 -3.50 -0.19
CA PHE A 17 -1.37 -3.73 -1.20
C PHE A 17 -0.86 -3.31 -2.59
N THR A 18 -1.47 -3.90 -3.60
CA THR A 18 -1.09 -3.61 -4.98
C THR A 18 -2.08 -2.61 -5.59
N ASN A 19 -1.52 -1.67 -6.34
CA ASN A 19 -2.33 -0.66 -6.99
C ASN A 19 -1.80 -0.42 -8.40
N ASP A 20 -1.44 -1.51 -9.06
CA ASP A 20 -0.92 -1.43 -10.42
C ASP A 20 0.27 -0.47 -10.45
N ILE A 21 1.24 -0.80 -11.28
CA ILE A 21 2.44 0.02 -11.41
C ILE A 21 3.00 -0.13 -12.83
N ALA A 22 3.46 -1.34 -13.12
CA ALA A 22 4.01 -1.63 -14.42
C ALA A 22 3.63 -3.06 -14.84
N SER A 23 4.55 -3.70 -15.53
CA SER A 23 4.33 -5.06 -15.99
C SER A 23 3.39 -5.80 -15.01
N ASN A 24 3.98 -6.31 -13.95
CA ASN A 24 3.22 -7.03 -12.94
C ASN A 24 2.62 -6.03 -11.95
N ILE A 25 1.35 -5.74 -12.14
CA ILE A 25 0.65 -4.82 -11.27
C ILE A 25 0.91 -5.19 -9.81
N LYS A 26 0.89 -6.48 -9.55
CA LYS A 26 1.13 -6.98 -8.21
C LYS A 26 2.63 -7.05 -7.95
N SER A 27 3.31 -7.80 -8.80
CA SER A 27 4.75 -7.95 -8.67
C SER A 27 5.43 -6.58 -8.67
N GLN A 28 5.31 -5.90 -9.80
CA GLN A 28 5.91 -4.58 -9.94
C GLN A 28 5.67 -3.75 -8.68
N LYS A 29 4.50 -3.96 -8.09
CA LYS A 29 4.13 -3.25 -6.88
C LYS A 29 5.28 -3.35 -5.86
N CYS A 30 5.29 -4.45 -5.15
CA CYS A 30 6.33 -4.68 -4.14
C CYS A 30 7.44 -5.51 -4.79
N LEU A 31 7.05 -6.65 -5.34
CA LEU A 31 7.99 -7.54 -5.98
C LEU A 31 9.13 -6.72 -6.60
N GLN A 32 8.74 -5.65 -7.27
CA GLN A 32 9.71 -4.77 -7.90
C GLN A 32 10.37 -3.86 -6.86
N LEU A 33 9.53 -3.28 -6.01
CA LEU A 33 10.00 -2.40 -4.97
C LEU A 33 11.12 -3.10 -4.18
N LEU A 34 10.80 -4.30 -3.73
CA LEU A 34 11.76 -5.08 -2.96
C LEU A 34 12.99 -5.38 -3.84
N LYS A 35 12.74 -5.48 -5.13
CA LYS A 35 13.80 -5.76 -6.09
C LYS A 35 14.78 -4.59 -6.11
N GLY A 36 14.48 -3.58 -5.29
CA GLY A 36 15.31 -2.40 -5.22
C GLY A 36 16.45 -2.61 -4.22
N ASP A 37 16.16 -2.32 -2.95
CA ASP A 37 17.14 -2.47 -1.90
C ASP A 37 17.43 -3.96 -1.68
N VAL A 38 17.87 -4.27 -0.47
CA VAL A 38 18.19 -5.64 -0.13
C VAL A 38 18.11 -5.81 1.40
N SER A 39 17.69 -7.00 1.81
CA SER A 39 17.58 -7.30 3.22
C SER A 39 16.52 -8.37 3.45
N HIS A 40 16.25 -8.64 4.72
CA HIS A 40 15.26 -9.64 5.08
C HIS A 40 15.13 -9.71 6.60
N ARG A 41 14.02 -10.29 7.05
CA ARG A 41 13.78 -10.43 8.47
C ARG A 41 12.28 -10.57 8.74
N PHE A 42 11.49 -10.14 7.77
CA PHE A 42 10.04 -10.22 7.89
C PHE A 42 9.42 -10.71 6.59
N ASP A 43 8.12 -10.97 6.65
CA ASP A 43 7.39 -11.45 5.50
C ASP A 43 6.67 -10.28 4.82
N VAL A 44 6.89 -10.15 3.53
CA VAL A 44 6.28 -9.08 2.77
C VAL A 44 4.92 -9.55 2.23
N GLU A 45 3.93 -8.69 2.35
CA GLU A 45 2.59 -9.00 1.89
C GLU A 45 2.26 -8.20 0.63
N ILE A 46 2.21 -8.91 -0.49
CA ILE A 46 1.91 -8.27 -1.76
C ILE A 46 0.58 -8.81 -2.29
N ALA A 47 -0.47 -8.04 -2.07
CA ALA A 47 -1.80 -8.42 -2.52
C ALA A 47 -2.56 -7.17 -2.97
N ASN A 48 -3.19 -7.29 -4.13
CA ASN A 48 -3.96 -6.18 -4.68
C ASN A 48 -5.38 -6.23 -4.12
N ARG A 49 -5.77 -5.14 -3.48
CA ARG A 49 -7.10 -5.05 -2.90
C ARG A 49 -7.51 -3.58 -2.73
N PHE A 50 -8.81 -3.36 -2.66
CA PHE A 50 -9.34 -2.02 -2.49
C PHE A 50 -9.03 -1.47 -1.10
N PRO A 51 -8.43 -0.25 -1.08
CA PRO A 51 -8.07 0.39 0.18
C PRO A 51 -9.31 0.95 0.88
N THR A 52 -10.32 0.09 1.01
CA THR A 52 -11.55 0.48 1.65
C THR A 52 -11.30 0.88 3.11
N TRP A 53 -12.14 1.77 3.60
CA TRP A 53 -12.01 2.25 4.97
C TRP A 53 -12.34 1.07 5.90
N ASP A 54 -13.13 0.15 5.38
CA ASP A 54 -13.53 -1.02 6.14
C ASP A 54 -12.29 -1.63 6.81
N GLN A 55 -11.34 -2.04 5.97
CA GLN A 55 -10.12 -2.63 6.47
C GLN A 55 -9.06 -1.56 6.73
N LEU A 56 -9.03 -0.58 5.84
CA LEU A 56 -8.08 0.52 5.96
C LEU A 56 -8.34 1.27 7.27
N GLN A 57 -9.58 1.14 7.75
CA GLN A 57 -9.96 1.80 8.98
C GLN A 57 -8.86 1.66 10.03
N TYR A 58 -8.31 0.46 10.10
CA TYR A 58 -7.24 0.18 11.05
C TYR A 58 -6.08 1.16 10.87
N MET A 59 -5.54 1.17 9.66
CA MET A 59 -4.42 2.05 9.35
C MET A 59 -4.87 3.51 9.32
N ARG A 60 -6.13 3.71 8.93
CA ARG A 60 -6.69 5.04 8.86
C ARG A 60 -6.55 5.76 10.20
N THR A 61 -6.72 4.99 11.27
CA THR A 61 -6.60 5.53 12.61
C THR A 61 -5.15 5.87 12.93
N SER A 62 -4.25 4.99 12.50
CA SER A 62 -2.84 5.19 12.73
C SER A 62 -2.17 5.76 11.48
N CYS A 63 -2.51 7.01 11.18
CA CYS A 63 -1.95 7.68 10.02
C CYS A 63 -2.70 9.00 9.83
N PRO A 64 -1.94 10.01 9.32
CA PRO A 64 -2.51 11.33 9.09
C PRO A 64 -3.40 11.32 7.84
N GLN A 65 -2.96 10.58 6.84
CA GLN A 65 -3.70 10.48 5.60
C GLN A 65 -4.58 9.23 5.60
N GLY A 66 -4.45 8.45 6.66
CA GLY A 66 -5.22 7.23 6.81
C GLY A 66 -5.80 6.79 5.46
N PRO A 67 -7.12 7.08 5.28
CA PRO A 67 -7.80 6.71 4.05
C PRO A 67 -7.42 7.66 2.91
N VAL A 68 -7.54 8.95 3.19
CA VAL A 68 -7.20 9.96 2.21
C VAL A 68 -5.91 9.57 1.49
N SER A 69 -5.09 8.82 2.20
CA SER A 69 -3.82 8.37 1.66
C SER A 69 -4.07 7.48 0.43
N LEU A 70 -4.95 6.52 0.62
CA LEU A 70 -5.29 5.60 -0.45
C LEU A 70 -6.13 6.32 -1.50
N GLN A 71 -7.19 6.96 -1.03
CA GLN A 71 -8.08 7.69 -1.92
C GLN A 71 -7.28 8.59 -2.85
N ARG A 72 -6.28 9.23 -2.28
CA ARG A 72 -5.42 10.12 -3.05
C ARG A 72 -4.37 9.32 -3.82
N GLN A 73 -4.17 8.09 -3.38
CA GLN A 73 -3.20 7.22 -4.01
C GLN A 73 -3.69 6.80 -5.41
N ILE A 74 -4.97 6.47 -5.47
CA ILE A 74 -5.57 6.05 -6.72
C ILE A 74 -5.90 7.28 -7.56
N PRO A 75 -6.16 7.05 -8.87
CA PRO A 75 -6.49 8.13 -9.79
C PRO A 75 -7.92 8.61 -9.57
N LYS A 76 -8.42 9.36 -10.53
CA LYS A 76 -9.76 9.89 -10.45
C LYS A 76 -10.14 10.12 -8.99
N LEU A 77 -9.25 10.80 -8.28
CA LEU A 77 -9.47 11.08 -6.87
C LEU A 77 -10.93 11.49 -6.67
N ASP A 78 -11.29 12.60 -7.27
CA ASP A 78 -12.65 13.12 -7.16
C ASP A 78 -13.63 11.96 -7.26
N SER A 79 -13.18 10.90 -7.92
CA SER A 79 -14.02 9.72 -8.10
C SER A 79 -14.08 8.93 -6.80
N VAL A 80 -12.92 8.43 -6.38
CA VAL A 80 -12.84 7.66 -5.16
C VAL A 80 -12.82 8.60 -3.96
N LEU A 81 -12.22 9.77 -4.17
CA LEU A 81 -12.12 10.77 -3.12
C LEU A 81 -13.53 11.19 -2.70
N LYS A 82 -14.52 10.71 -3.44
CA LYS A 82 -15.90 11.02 -3.16
C LYS A 82 -16.72 9.74 -3.16
N TYR A 83 -17.35 9.49 -4.30
CA TYR A 83 -18.18 8.30 -4.46
C TYR A 83 -18.50 8.04 -5.93
N LYS A 84 -17.84 8.81 -6.79
CA LYS A 84 -18.05 8.67 -8.23
C LYS A 84 -17.78 7.23 -8.65
N HIS A 85 -17.33 7.08 -9.88
CA HIS A 85 -17.03 5.76 -10.42
C HIS A 85 -16.47 4.88 -9.31
N THR A 86 -15.95 5.52 -8.28
CA THR A 86 -15.38 4.80 -7.15
C THR A 86 -16.40 3.82 -6.58
N ASP A 87 -17.65 4.01 -6.98
CA ASP A 87 -18.73 3.16 -6.51
C ASP A 87 -18.19 1.75 -6.28
N PRO A 88 -19.03 0.74 -6.63
CA PRO A 88 -18.65 -0.65 -6.46
C PRO A 88 -17.66 -1.08 -7.54
N THR A 89 -17.01 -0.09 -8.13
CA THR A 89 -16.03 -0.34 -9.18
C THR A 89 -14.68 -0.74 -8.56
N PHE A 90 -14.27 0.05 -7.58
CA PHE A 90 -13.01 -0.21 -6.90
C PHE A 90 -13.24 -0.88 -5.54
N GLY A 91 -14.47 -0.75 -5.06
CA GLY A 91 -14.83 -1.33 -3.78
C GLY A 91 -14.38 -2.78 -3.68
N MET A 92 -14.88 -3.46 -2.67
CA MET A 92 -14.53 -4.85 -2.46
C MET A 92 -13.21 -5.20 -3.14
N ASP A 93 -13.32 -5.56 -4.41
CA ASP A 93 -12.15 -5.93 -5.19
C ASP A 93 -11.80 -4.78 -6.15
N LEU A 94 -10.80 -4.01 -5.78
CA LEU A 94 -10.38 -2.88 -6.59
C LEU A 94 -9.56 -3.40 -7.78
N GLN A 95 -9.00 -4.59 -7.59
CA GLN A 95 -8.19 -5.21 -8.63
C GLN A 95 -8.98 -5.27 -9.94
N LYS A 96 -10.29 -5.35 -9.80
CA LYS A 96 -11.17 -5.41 -10.97
C LYS A 96 -11.00 -4.14 -11.79
N CYS A 97 -10.70 -3.06 -11.10
CA CYS A 97 -10.52 -1.77 -11.75
C CYS A 97 -9.03 -1.56 -11.99
N VAL A 98 -8.25 -1.77 -10.93
CA VAL A 98 -6.81 -1.61 -11.01
C VAL A 98 -6.26 -2.54 -12.10
N GLN A 99 -6.90 -3.69 -12.23
CA GLN A 99 -6.48 -4.67 -13.22
C GLN A 99 -6.14 -3.98 -14.55
N ARG A 100 -6.69 -2.78 -14.70
CA ARG A 100 -6.45 -2.01 -15.91
C ARG A 100 -7.73 -1.30 -16.34
N GLY A 101 -8.85 -1.73 -15.74
CA GLY A 101 -10.13 -1.14 -16.06
C GLY A 101 -10.15 0.36 -15.78
N LEU A 102 -11.01 0.74 -14.83
CA LEU A 102 -11.13 2.13 -14.45
C LEU A 102 -9.91 2.90 -14.96
N TRP A 103 -8.83 2.83 -14.20
CA TRP A 103 -7.61 3.51 -14.56
C TRP A 103 -6.43 2.67 -14.07
N ASN A 104 -5.32 2.81 -14.79
CA ASN A 104 -4.12 2.06 -14.44
C ASN A 104 -3.28 2.88 -13.45
N PRO A 105 -3.42 2.50 -12.15
CA PRO A 105 -2.68 3.20 -11.09
C PRO A 105 -1.20 2.78 -11.10
N LYS A 106 -0.40 3.56 -10.39
CA LYS A 106 1.02 3.29 -10.30
C LYS A 106 1.51 3.67 -8.90
N GLU A 107 0.73 3.28 -7.91
CA GLU A 107 1.08 3.56 -6.52
C GLU A 107 1.02 2.29 -5.69
N ALA A 108 1.76 2.30 -4.59
CA ALA A 108 1.79 1.16 -3.69
C ALA A 108 1.24 1.56 -2.32
N LEU A 109 0.52 0.64 -1.72
CA LEU A 109 -0.07 0.89 -0.41
C LEU A 109 0.63 0.01 0.63
N TRP A 110 1.36 0.68 1.51
CA TRP A 110 2.08 -0.03 2.57
C TRP A 110 1.42 0.32 3.90
N VAL A 111 1.20 -0.71 4.70
CA VAL A 111 0.59 -0.53 6.01
C VAL A 111 0.96 -1.71 6.91
N ASP A 112 1.46 -1.37 8.09
CA ASP A 112 1.86 -2.39 9.05
C ASP A 112 0.91 -2.35 10.25
N TRP A 113 0.68 -3.52 10.81
CA TRP A 113 -0.21 -3.64 11.97
C TRP A 113 0.59 -4.28 13.11
N GLU A 114 1.88 -4.44 12.87
CA GLU A 114 2.76 -5.04 13.86
C GLU A 114 3.33 -3.95 14.78
N ASN A 115 3.81 -2.90 14.15
CA ASN A 115 4.40 -1.79 14.89
C ASN A 115 3.56 -0.53 14.67
N LYS A 116 2.31 -0.76 14.28
CA LYS A 116 1.39 0.35 14.04
C LYS A 116 2.02 1.31 13.04
N LEU A 117 2.42 0.77 11.90
CA LEU A 117 3.04 1.57 10.86
C LEU A 117 2.09 1.67 9.67
N VAL A 118 2.02 2.88 9.11
CA VAL A 118 1.16 3.13 7.97
C VAL A 118 1.77 4.22 7.10
N GLY A 119 1.58 4.08 5.80
CA GLY A 119 2.11 5.04 4.85
C GLY A 119 1.87 4.58 3.41
N ASN A 120 1.58 5.56 2.55
CA ASN A 120 1.33 5.28 1.16
C ASN A 120 2.63 5.42 0.37
N GLU A 121 2.56 5.06 -0.91
CA GLU A 121 3.71 5.14 -1.78
C GLU A 121 4.60 3.91 -1.60
N PRO A 122 5.21 3.47 -2.73
CA PRO A 122 6.08 2.31 -2.72
C PRO A 122 7.43 2.65 -2.09
N ALA A 123 7.95 3.81 -2.46
CA ALA A 123 9.23 4.27 -1.95
C ALA A 123 9.11 4.45 -0.43
N ASP A 124 7.90 4.72 0.01
CA ASP A 124 7.66 4.92 1.44
C ASP A 124 8.13 3.69 2.22
N ILE A 125 7.74 2.52 1.71
CA ILE A 125 8.11 1.27 2.34
C ILE A 125 9.60 1.33 2.71
N ASP A 126 10.41 1.65 1.71
CA ASP A 126 11.85 1.73 1.92
C ASP A 126 12.14 2.61 3.13
N LYS A 127 11.52 3.78 3.14
CA LYS A 127 11.70 4.73 4.22
C LYS A 127 11.36 4.03 5.55
N TYR A 128 10.12 3.55 5.62
CA TYR A 128 9.66 2.87 6.81
C TYR A 128 10.26 1.46 6.93
N ILE A 129 9.63 0.53 6.23
CA ILE A 129 10.09 -0.85 6.23
C ILE A 129 10.24 -1.34 4.80
N ILE A 130 11.43 -1.17 4.26
CA ILE A 130 11.71 -1.60 2.90
C ILE A 130 11.32 -3.06 2.74
N GLN A 131 11.96 -3.71 1.77
CA GLN A 131 11.68 -5.11 1.50
C GLN A 131 11.83 -5.93 2.78
N ARG A 132 12.23 -5.25 3.85
CA ARG A 132 12.41 -5.90 5.13
C ARG A 132 11.62 -5.17 6.21
N LYS A 133 11.90 -5.55 7.46
CA LYS A 133 11.22 -4.94 8.59
C LYS A 133 9.76 -4.67 8.22
N MET A 1 21.12 -1.71 21.27
CA MET A 1 20.20 -1.73 20.14
C MET A 1 20.53 -0.64 19.13
N SER A 2 20.65 -1.04 17.88
CA SER A 2 20.97 -0.11 16.81
C SER A 2 20.87 -0.81 15.46
N PHE A 3 19.79 -0.51 14.76
CA PHE A 3 19.56 -1.09 13.44
C PHE A 3 19.88 -0.10 12.33
N TRP A 4 19.85 -0.60 11.10
CA TRP A 4 20.13 0.24 9.95
C TRP A 4 18.83 0.93 9.54
N LYS A 5 17.74 0.19 9.64
CA LYS A 5 16.44 0.72 9.29
C LYS A 5 16.00 1.71 10.36
N THR A 6 16.57 1.57 11.54
CA THR A 6 16.25 2.44 12.66
C THR A 6 14.77 2.83 12.61
N LEU A 7 14.49 3.99 13.18
CA LEU A 7 13.12 4.49 13.21
C LEU A 7 12.33 3.73 14.28
N GLN A 8 11.98 4.47 15.33
CA GLN A 8 11.23 3.87 16.42
C GLN A 8 10.11 2.98 15.88
N ARG A 9 9.52 2.20 16.78
CA ARG A 9 8.45 1.30 16.41
C ARG A 9 8.94 0.27 15.40
N GLN A 10 9.14 -0.95 15.90
CA GLN A 10 9.61 -2.03 15.06
C GLN A 10 8.44 -2.73 14.37
N PRO A 11 8.53 -2.81 13.02
CA PRO A 11 7.49 -3.45 12.23
C PRO A 11 7.55 -4.97 12.38
N ARG A 12 6.38 -5.59 12.28
CA ARG A 12 6.28 -7.04 12.39
C ARG A 12 5.57 -7.62 11.17
N THR A 13 4.47 -6.98 10.80
CA THR A 13 3.70 -7.42 9.65
C THR A 13 3.58 -6.29 8.62
N ILE A 14 4.09 -6.57 7.43
CA ILE A 14 4.05 -5.59 6.35
C ILE A 14 2.84 -5.87 5.46
N SER A 15 1.84 -5.02 5.60
CA SER A 15 0.62 -5.15 4.81
C SER A 15 0.59 -4.11 3.70
N LEU A 16 0.86 -4.57 2.49
CA LEU A 16 0.88 -3.69 1.33
C LEU A 16 -0.17 -4.18 0.32
N PHE A 17 -0.85 -3.21 -0.28
CA PHE A 17 -1.87 -3.53 -1.27
C PHE A 17 -1.38 -3.22 -2.69
N THR A 18 -2.09 -3.78 -3.65
CA THR A 18 -1.73 -3.57 -5.05
C THR A 18 -2.63 -2.51 -5.68
N ASN A 19 -2.03 -1.69 -6.52
CA ASN A 19 -2.76 -0.62 -7.20
C ASN A 19 -2.15 -0.39 -8.57
N ASP A 20 -1.71 -1.48 -9.20
CA ASP A 20 -1.11 -1.41 -10.51
C ASP A 20 0.10 -0.47 -10.47
N ILE A 21 1.05 -0.73 -11.36
CA ILE A 21 2.25 0.07 -11.43
C ILE A 21 2.70 0.18 -12.89
N ALA A 22 3.35 -0.87 -13.35
CA ALA A 22 3.84 -0.91 -14.71
C ALA A 22 3.56 -2.28 -15.32
N SER A 23 4.57 -2.82 -15.99
CA SER A 23 4.45 -4.13 -16.61
C SER A 23 3.55 -5.03 -15.76
N ASN A 24 4.03 -5.33 -14.57
CA ASN A 24 3.28 -6.17 -13.65
C ASN A 24 2.60 -5.31 -12.59
N ILE A 25 1.38 -5.68 -12.25
CA ILE A 25 0.62 -4.95 -11.27
C ILE A 25 1.06 -5.37 -9.87
N LYS A 26 1.18 -6.68 -9.68
CA LYS A 26 1.61 -7.22 -8.39
C LYS A 26 3.13 -7.26 -8.34
N SER A 27 3.72 -7.80 -9.41
CA SER A 27 5.16 -7.91 -9.50
C SER A 27 5.80 -6.53 -9.28
N GLN A 28 5.39 -5.59 -10.11
CA GLN A 28 5.91 -4.24 -10.03
C GLN A 28 5.62 -3.64 -8.65
N LYS A 29 4.38 -3.82 -8.22
CA LYS A 29 3.96 -3.30 -6.93
C LYS A 29 5.13 -3.35 -5.96
N CYS A 30 5.18 -4.42 -5.17
CA CYS A 30 6.24 -4.60 -4.21
C CYS A 30 7.29 -5.53 -4.80
N LEU A 31 6.80 -6.56 -5.48
CA LEU A 31 7.69 -7.52 -6.11
C LEU A 31 8.91 -6.80 -6.69
N GLN A 32 8.63 -5.68 -7.33
CA GLN A 32 9.69 -4.89 -7.93
C GLN A 32 10.28 -3.93 -6.90
N LEU A 33 9.42 -3.45 -6.01
CA LEU A 33 9.85 -2.54 -4.97
C LEU A 33 10.86 -3.23 -4.06
N LEU A 34 10.51 -4.44 -3.65
CA LEU A 34 11.39 -5.22 -2.79
C LEU A 34 12.31 -6.08 -3.64
N LYS A 35 12.04 -6.07 -4.93
CA LYS A 35 12.85 -6.84 -5.88
C LYS A 35 14.32 -6.57 -5.61
N GLY A 36 14.63 -5.32 -5.28
CA GLY A 36 15.99 -4.92 -5.01
C GLY A 36 16.66 -5.89 -4.02
N ASP A 37 16.61 -5.52 -2.75
CA ASP A 37 17.20 -6.34 -1.71
C ASP A 37 16.17 -7.36 -1.23
N VAL A 38 16.67 -8.36 -0.52
CA VAL A 38 15.81 -9.41 0.00
C VAL A 38 16.66 -10.44 0.75
N SER A 39 16.09 -10.97 1.83
CA SER A 39 16.78 -11.95 2.64
C SER A 39 16.34 -11.82 4.11
N HIS A 40 16.02 -12.96 4.68
CA HIS A 40 15.58 -12.99 6.07
C HIS A 40 14.81 -11.71 6.40
N ARG A 41 15.16 -11.10 7.52
CA ARG A 41 14.51 -9.88 7.95
C ARG A 41 13.04 -10.14 8.24
N PHE A 42 12.23 -9.13 7.97
CA PHE A 42 10.80 -9.23 8.20
C PHE A 42 10.10 -9.90 7.01
N ASP A 43 8.83 -10.18 7.20
CA ASP A 43 8.03 -10.82 6.16
C ASP A 43 7.17 -9.77 5.46
N VAL A 44 7.38 -9.65 4.15
CA VAL A 44 6.63 -8.69 3.37
C VAL A 44 5.36 -9.36 2.83
N GLU A 45 4.27 -8.60 2.87
CA GLU A 45 2.99 -9.10 2.41
C GLU A 45 2.59 -8.39 1.11
N ILE A 46 2.53 -9.18 0.04
CA ILE A 46 2.16 -8.65 -1.26
C ILE A 46 0.78 -9.17 -1.65
N ALA A 47 -0.21 -8.31 -1.50
CA ALA A 47 -1.59 -8.67 -1.83
C ALA A 47 -2.27 -7.49 -2.54
N ASN A 48 -3.07 -7.83 -3.54
CA ASN A 48 -3.78 -6.81 -4.30
C ASN A 48 -5.23 -6.74 -3.81
N ARG A 49 -5.60 -5.56 -3.33
CA ARG A 49 -6.95 -5.35 -2.83
C ARG A 49 -7.19 -3.85 -2.58
N PHE A 50 -8.46 -3.49 -2.55
CA PHE A 50 -8.84 -2.10 -2.33
C PHE A 50 -8.79 -1.76 -0.84
N PRO A 51 -8.24 -0.54 -0.56
CA PRO A 51 -8.12 -0.08 0.81
C PRO A 51 -9.48 0.37 1.35
N THR A 52 -10.42 -0.56 1.36
CA THR A 52 -11.76 -0.27 1.85
C THR A 52 -11.70 0.27 3.28
N TRP A 53 -12.41 1.37 3.49
CA TRP A 53 -12.45 1.99 4.81
C TRP A 53 -12.81 0.90 5.83
N ASP A 54 -13.49 -0.12 5.34
CA ASP A 54 -13.92 -1.22 6.19
C ASP A 54 -12.72 -1.71 7.01
N GLN A 55 -11.72 -2.21 6.31
CA GLN A 55 -10.52 -2.72 6.95
C GLN A 55 -9.53 -1.58 7.17
N LEU A 56 -9.56 -0.62 6.27
CA LEU A 56 -8.67 0.53 6.35
C LEU A 56 -8.90 1.26 7.68
N GLN A 57 -10.12 1.11 8.19
CA GLN A 57 -10.48 1.74 9.45
C GLN A 57 -9.33 1.63 10.45
N TYR A 58 -8.61 0.52 10.37
CA TYR A 58 -7.49 0.28 11.26
C TYR A 58 -6.28 1.12 10.84
N MET A 59 -6.03 1.14 9.54
CA MET A 59 -4.90 1.90 9.01
C MET A 59 -5.17 3.40 9.09
N ARG A 60 -6.45 3.75 8.97
CA ARG A 60 -6.86 5.15 9.03
C ARG A 60 -6.37 5.78 10.33
N THR A 61 -6.55 5.04 11.42
CA THR A 61 -6.13 5.52 12.72
C THR A 61 -4.61 5.63 12.80
N SER A 62 -3.95 4.58 12.34
CA SER A 62 -2.50 4.54 12.36
C SER A 62 -1.95 5.18 11.07
N CYS A 63 -2.51 6.34 10.74
CA CYS A 63 -2.08 7.06 9.56
C CYS A 63 -2.87 8.36 9.48
N PRO A 64 -2.13 9.46 9.18
CA PRO A 64 -2.74 10.78 9.08
C PRO A 64 -3.53 10.91 7.77
N GLN A 65 -3.03 10.24 6.74
CA GLN A 65 -3.67 10.28 5.44
C GLN A 65 -4.61 9.07 5.28
N GLY A 66 -4.35 8.04 6.07
CA GLY A 66 -5.16 6.84 6.03
C GLY A 66 -5.77 6.65 4.65
N PRO A 67 -7.07 7.01 4.53
CA PRO A 67 -7.79 6.88 3.27
C PRO A 67 -7.36 7.96 2.29
N VAL A 68 -7.32 9.19 2.79
CA VAL A 68 -6.92 10.32 1.97
C VAL A 68 -5.67 9.97 1.18
N SER A 69 -4.90 9.03 1.74
CA SER A 69 -3.67 8.60 1.10
C SER A 69 -3.99 7.61 -0.02
N LEU A 70 -4.93 6.73 0.26
CA LEU A 70 -5.33 5.73 -0.72
C LEU A 70 -6.26 6.37 -1.75
N GLN A 71 -7.33 6.97 -1.24
CA GLN A 71 -8.30 7.62 -2.11
C GLN A 71 -7.60 8.63 -3.03
N ARG A 72 -6.74 9.43 -2.42
CA ARG A 72 -6.00 10.44 -3.17
C ARG A 72 -4.92 9.77 -4.03
N GLN A 73 -4.52 8.58 -3.61
CA GLN A 73 -3.50 7.83 -4.32
C GLN A 73 -3.99 7.48 -5.73
N ILE A 74 -5.30 7.28 -5.84
CA ILE A 74 -5.89 6.94 -7.11
C ILE A 74 -6.22 8.23 -7.88
N PRO A 75 -5.93 8.19 -9.21
CA PRO A 75 -6.20 9.35 -10.05
C PRO A 75 -7.69 9.49 -10.33
N LYS A 76 -8.47 9.53 -9.26
CA LYS A 76 -9.91 9.66 -9.39
C LYS A 76 -10.53 9.84 -7.99
N LEU A 77 -9.75 10.44 -7.11
CA LEU A 77 -10.19 10.68 -5.74
C LEU A 77 -11.62 11.23 -5.77
N ASP A 78 -11.76 12.39 -6.38
CA ASP A 78 -13.07 13.03 -6.48
C ASP A 78 -14.14 11.96 -6.75
N SER A 79 -13.71 10.91 -7.44
CA SER A 79 -14.62 9.82 -7.77
C SER A 79 -14.68 8.82 -6.61
N VAL A 80 -13.51 8.29 -6.28
CA VAL A 80 -13.41 7.32 -5.20
C VAL A 80 -13.45 8.06 -3.86
N LEU A 81 -12.57 9.05 -3.74
CA LEU A 81 -12.50 9.84 -2.52
C LEU A 81 -13.91 10.25 -2.09
N LYS A 82 -14.79 10.31 -3.08
CA LYS A 82 -16.18 10.69 -2.82
C LYS A 82 -17.04 9.44 -2.74
N TYR A 83 -17.82 9.23 -3.78
CA TYR A 83 -18.70 8.07 -3.85
C TYR A 83 -18.78 7.51 -5.26
N LYS A 84 -18.18 8.25 -6.20
CA LYS A 84 -18.17 7.84 -7.58
C LYS A 84 -17.51 6.47 -7.71
N HIS A 85 -16.62 6.36 -8.68
CA HIS A 85 -15.91 5.11 -8.92
C HIS A 85 -15.82 4.31 -7.62
N THR A 86 -15.83 5.05 -6.51
CA THR A 86 -15.75 4.42 -5.20
C THR A 86 -16.77 3.29 -5.09
N ASP A 87 -17.86 3.45 -5.82
CA ASP A 87 -18.93 2.45 -5.82
C ASP A 87 -18.30 1.06 -5.80
N PRO A 88 -19.09 0.06 -6.27
CA PRO A 88 -18.63 -1.31 -6.31
C PRO A 88 -17.64 -1.53 -7.45
N THR A 89 -17.03 -0.43 -7.88
CA THR A 89 -16.06 -0.48 -8.96
C THR A 89 -14.67 -0.76 -8.39
N PHE A 90 -14.32 -0.02 -7.36
CA PHE A 90 -13.02 -0.18 -6.73
C PHE A 90 -13.16 -0.84 -5.35
N GLY A 91 -14.33 -0.67 -4.77
CA GLY A 91 -14.60 -1.24 -3.46
C GLY A 91 -13.91 -2.60 -3.29
N MET A 92 -14.71 -3.64 -3.45
CA MET A 92 -14.19 -5.00 -3.32
C MET A 92 -12.71 -5.06 -3.73
N ASP A 93 -12.50 -5.54 -4.95
CA ASP A 93 -11.15 -5.66 -5.48
C ASP A 93 -10.89 -4.53 -6.47
N LEU A 94 -10.10 -3.56 -6.02
CA LEU A 94 -9.78 -2.41 -6.85
C LEU A 94 -8.76 -2.84 -7.91
N GLN A 95 -7.82 -3.68 -7.48
CA GLN A 95 -6.79 -4.17 -8.38
C GLN A 95 -7.41 -4.69 -9.68
N LYS A 96 -8.63 -5.19 -9.55
CA LYS A 96 -9.35 -5.73 -10.69
C LYS A 96 -9.65 -4.60 -11.68
N CYS A 97 -9.77 -3.40 -11.13
CA CYS A 97 -10.06 -2.23 -11.95
C CYS A 97 -8.73 -1.51 -12.23
N VAL A 98 -7.96 -1.31 -11.17
CA VAL A 98 -6.68 -0.64 -11.28
C VAL A 98 -5.74 -1.48 -12.15
N GLN A 99 -5.95 -2.79 -12.09
CA GLN A 99 -5.13 -3.72 -12.86
C GLN A 99 -4.84 -3.13 -14.24
N ARG A 100 -5.75 -2.29 -14.70
CA ARG A 100 -5.61 -1.67 -16.01
C ARG A 100 -6.85 -0.86 -16.36
N GLY A 101 -7.99 -1.33 -15.85
CA GLY A 101 -9.26 -0.66 -16.10
C GLY A 101 -9.29 0.71 -15.42
N LEU A 102 -10.48 1.28 -15.38
CA LEU A 102 -10.67 2.58 -14.78
C LEU A 102 -9.44 3.46 -15.07
N TRP A 103 -8.52 3.47 -14.12
CA TRP A 103 -7.31 4.26 -14.26
C TRP A 103 -6.18 3.52 -13.54
N ASN A 104 -4.97 3.76 -14.01
CA ASN A 104 -3.80 3.12 -13.42
C ASN A 104 -3.13 4.09 -12.44
N PRO A 105 -3.33 3.81 -11.13
CA PRO A 105 -2.75 4.66 -10.09
C PRO A 105 -1.25 4.41 -9.96
N LYS A 106 -0.76 3.45 -10.73
CA LYS A 106 0.64 3.10 -10.70
C LYS A 106 1.23 3.45 -9.34
N GLU A 107 0.49 3.09 -8.30
CA GLU A 107 0.92 3.36 -6.93
C GLU A 107 0.79 2.10 -6.08
N ALA A 108 1.63 2.02 -5.06
CA ALA A 108 1.62 0.89 -4.16
C ALA A 108 1.23 1.35 -2.76
N LEU A 109 0.28 0.63 -2.17
CA LEU A 109 -0.19 0.96 -0.84
C LEU A 109 0.58 0.12 0.19
N TRP A 110 1.38 0.82 0.98
CA TRP A 110 2.18 0.15 2.00
C TRP A 110 1.65 0.59 3.37
N VAL A 111 1.02 -0.35 4.05
CA VAL A 111 0.47 -0.07 5.37
C VAL A 111 0.98 -1.11 6.36
N ASP A 112 1.37 -0.63 7.54
CA ASP A 112 1.88 -1.51 8.57
C ASP A 112 0.88 -1.57 9.72
N TRP A 113 0.68 -2.77 10.24
CA TRP A 113 -0.25 -2.96 11.34
C TRP A 113 0.57 -3.16 12.62
N GLU A 114 1.01 -4.40 12.81
CA GLU A 114 1.80 -4.73 13.99
C GLU A 114 3.00 -3.79 14.10
N ASN A 115 3.21 -3.01 13.05
CA ASN A 115 4.32 -2.07 13.02
C ASN A 115 3.80 -0.69 13.40
N LYS A 116 2.50 -0.62 13.63
CA LYS A 116 1.87 0.65 14.00
C LYS A 116 2.39 1.75 13.07
N LEU A 117 2.61 1.39 11.82
CA LEU A 117 3.09 2.34 10.83
C LEU A 117 2.32 2.14 9.53
N VAL A 118 2.19 3.24 8.78
CA VAL A 118 1.49 3.21 7.51
C VAL A 118 2.05 4.29 6.59
N GLY A 119 1.72 4.16 5.31
CA GLY A 119 2.19 5.11 4.33
C GLY A 119 1.85 4.64 2.91
N ASN A 120 0.92 5.35 2.28
CA ASN A 120 0.50 5.02 0.93
C ASN A 120 1.59 5.44 -0.05
N GLU A 121 2.39 4.46 -0.45
CA GLU A 121 3.47 4.72 -1.38
C GLU A 121 4.55 3.63 -1.26
N PRO A 122 5.29 3.43 -2.38
CA PRO A 122 6.34 2.43 -2.41
C PRO A 122 7.58 2.91 -1.64
N ALA A 123 7.67 4.23 -1.52
CA ALA A 123 8.80 4.84 -0.82
C ALA A 123 8.60 4.66 0.69
N ASP A 124 7.33 4.65 1.09
CA ASP A 124 7.00 4.49 2.49
C ASP A 124 7.70 3.25 3.05
N ILE A 125 7.85 2.26 2.19
CA ILE A 125 8.51 1.03 2.57
C ILE A 125 10.00 1.30 2.83
N ASP A 126 10.64 1.84 1.82
CA ASP A 126 12.06 2.15 1.90
C ASP A 126 12.29 3.08 3.10
N LYS A 127 11.52 4.16 3.13
CA LYS A 127 11.63 5.12 4.20
C LYS A 127 11.67 4.39 5.55
N TYR A 128 10.70 3.51 5.73
CA TYR A 128 10.62 2.73 6.96
C TYR A 128 11.35 1.39 6.82
N ILE A 129 10.59 0.39 6.42
CA ILE A 129 11.15 -0.94 6.24
C ILE A 129 11.37 -1.20 4.75
N ILE A 130 12.57 -0.83 4.29
CA ILE A 130 12.93 -1.02 2.90
C ILE A 130 12.51 -2.42 2.45
N GLN A 131 13.05 -2.83 1.31
CA GLN A 131 12.74 -4.14 0.76
C GLN A 131 12.95 -5.22 1.83
N ARG A 132 14.15 -5.22 2.40
CA ARG A 132 14.49 -6.20 3.43
C ARG A 132 14.98 -5.48 4.69
N LYS A 133 14.05 -5.17 5.57
CA LYS A 133 14.38 -4.49 6.81
C LYS A 133 15.71 -5.01 7.33
N MET A 1 17.78 -0.54 21.22
CA MET A 1 17.35 0.41 20.20
C MET A 1 17.88 0.02 18.83
N SER A 2 17.05 -0.70 18.08
CA SER A 2 17.42 -1.14 16.75
C SER A 2 16.28 -0.89 15.77
N PHE A 3 16.35 0.25 15.11
CA PHE A 3 15.32 0.62 14.14
C PHE A 3 15.84 1.65 13.15
N TRP A 4 16.76 1.20 12.30
CA TRP A 4 17.35 2.06 11.29
C TRP A 4 16.35 2.20 10.15
N LYS A 5 15.72 1.08 9.80
CA LYS A 5 14.75 1.07 8.73
C LYS A 5 13.46 1.74 9.21
N THR A 6 13.02 1.34 10.39
CA THR A 6 11.81 1.89 10.97
C THR A 6 12.14 3.11 11.83
N LEU A 7 11.21 3.43 12.73
CA LEU A 7 11.39 4.57 13.60
C LEU A 7 10.82 4.23 14.98
N GLN A 8 9.52 3.97 15.00
CA GLN A 8 8.85 3.63 16.25
C GLN A 8 8.38 2.17 16.21
N ARG A 9 8.72 1.46 17.28
CA ARG A 9 8.35 0.06 17.39
C ARG A 9 8.93 -0.74 16.22
N GLN A 10 9.26 -1.99 16.50
CA GLN A 10 9.83 -2.87 15.50
C GLN A 10 8.72 -3.46 14.63
N PRO A 11 8.88 -3.30 13.28
CA PRO A 11 7.92 -3.81 12.34
C PRO A 11 8.03 -5.33 12.20
N ARG A 12 6.89 -5.99 12.37
CA ARG A 12 6.85 -7.43 12.27
C ARG A 12 6.17 -7.85 10.96
N THR A 13 4.86 -7.66 10.91
CA THR A 13 4.10 -8.03 9.73
C THR A 13 3.97 -6.81 8.80
N ILE A 14 4.51 -6.98 7.60
CA ILE A 14 4.47 -5.92 6.61
C ILE A 14 3.28 -6.15 5.68
N SER A 15 2.32 -5.24 5.78
CA SER A 15 1.12 -5.33 4.95
C SER A 15 1.24 -4.39 3.75
N LEU A 16 1.62 -4.97 2.62
CA LEU A 16 1.78 -4.20 1.40
C LEU A 16 0.62 -4.52 0.45
N PHE A 17 0.02 -3.46 -0.07
CA PHE A 17 -1.09 -3.61 -0.99
C PHE A 17 -0.66 -3.36 -2.44
N THR A 18 -1.34 -4.02 -3.36
CA THR A 18 -1.02 -3.87 -4.77
C THR A 18 -2.07 -2.99 -5.45
N ASN A 19 -1.59 -2.11 -6.32
CA ASN A 19 -2.46 -1.20 -7.04
C ASN A 19 -2.04 -1.15 -8.51
N ASP A 20 -1.67 -2.32 -9.03
CA ASP A 20 -1.23 -2.41 -10.42
C ASP A 20 -0.06 -1.46 -10.65
N ILE A 21 0.67 -1.73 -11.72
CA ILE A 21 1.81 -0.91 -12.07
C ILE A 21 2.13 -1.08 -13.56
N ALA A 22 2.88 -2.14 -13.85
CA ALA A 22 3.26 -2.43 -15.22
C ALA A 22 2.96 -3.89 -15.53
N SER A 23 3.99 -4.60 -15.97
CA SER A 23 3.85 -6.00 -16.30
C SER A 23 2.95 -6.70 -15.28
N ASN A 24 3.58 -7.19 -14.21
CA ASN A 24 2.85 -7.87 -13.16
C ASN A 24 2.25 -6.84 -12.20
N ILE A 25 0.96 -6.62 -12.37
CA ILE A 25 0.25 -5.66 -11.52
C ILE A 25 0.58 -5.92 -10.06
N LYS A 26 0.60 -7.20 -9.71
CA LYS A 26 0.90 -7.62 -8.35
C LYS A 26 2.42 -7.60 -8.15
N SER A 27 3.11 -8.35 -8.99
CA SER A 27 4.56 -8.44 -8.90
C SER A 27 5.17 -7.04 -9.03
N GLN A 28 5.05 -6.48 -10.22
CA GLN A 28 5.58 -5.15 -10.48
C GLN A 28 5.30 -4.23 -9.29
N LYS A 29 4.17 -4.47 -8.64
CA LYS A 29 3.78 -3.68 -7.50
C LYS A 29 4.94 -3.60 -6.51
N CYS A 30 4.97 -4.57 -5.60
CA CYS A 30 6.02 -4.63 -4.60
C CYS A 30 7.13 -5.54 -5.11
N LEU A 31 6.72 -6.67 -5.65
CA LEU A 31 7.66 -7.64 -6.18
C LEU A 31 8.83 -6.89 -6.84
N GLN A 32 8.49 -5.83 -7.53
CA GLN A 32 9.49 -5.03 -8.21
C GLN A 32 10.14 -4.04 -7.23
N LEU A 33 9.29 -3.44 -6.41
CA LEU A 33 9.76 -2.48 -5.42
C LEU A 33 10.83 -3.14 -4.55
N LEU A 34 10.55 -4.37 -4.16
CA LEU A 34 11.48 -5.12 -3.33
C LEU A 34 12.59 -5.71 -4.21
N LYS A 35 12.31 -5.77 -5.50
CA LYS A 35 13.27 -6.30 -6.46
C LYS A 35 14.56 -5.49 -6.38
N GLY A 36 14.48 -4.37 -5.69
CA GLY A 36 15.63 -3.49 -5.54
C GLY A 36 16.78 -4.22 -4.84
N ASP A 37 16.44 -4.92 -3.77
CA ASP A 37 17.43 -5.66 -3.01
C ASP A 37 16.76 -6.85 -2.34
N VAL A 38 17.51 -7.51 -1.46
CA VAL A 38 17.01 -8.66 -0.74
C VAL A 38 17.82 -8.86 0.54
N SER A 39 17.26 -9.67 1.43
CA SER A 39 17.93 -9.95 2.70
C SER A 39 16.96 -10.69 3.63
N HIS A 40 17.31 -10.67 4.91
CA HIS A 40 16.49 -11.33 5.92
C HIS A 40 16.40 -10.45 7.15
N ARG A 41 15.16 -10.08 7.48
CA ARG A 41 14.91 -9.24 8.64
C ARG A 41 13.41 -8.98 8.80
N PHE A 42 12.72 -8.95 7.66
CA PHE A 42 11.30 -8.72 7.66
C PHE A 42 10.62 -9.42 6.48
N ASP A 43 9.31 -9.58 6.59
CA ASP A 43 8.55 -10.23 5.54
C ASP A 43 7.61 -9.20 4.89
N VAL A 44 7.73 -9.09 3.57
CA VAL A 44 6.90 -8.16 2.83
C VAL A 44 5.67 -8.89 2.29
N GLU A 45 4.52 -8.25 2.47
CA GLU A 45 3.27 -8.84 2.01
C GLU A 45 2.75 -8.07 0.79
N ILE A 46 2.67 -8.78 -0.33
CA ILE A 46 2.20 -8.19 -1.56
C ILE A 46 0.82 -8.76 -1.90
N ALA A 47 -0.20 -7.95 -1.70
CA ALA A 47 -1.57 -8.36 -1.97
C ALA A 47 -2.34 -7.18 -2.56
N ASN A 48 -3.08 -7.48 -3.62
CA ASN A 48 -3.87 -6.46 -4.29
C ASN A 48 -5.30 -6.49 -3.75
N ARG A 49 -5.70 -5.36 -3.17
CA ARG A 49 -7.04 -5.25 -2.61
C ARG A 49 -7.41 -3.77 -2.41
N PHE A 50 -8.70 -3.52 -2.41
CA PHE A 50 -9.20 -2.17 -2.23
C PHE A 50 -8.96 -1.68 -0.79
N PRO A 51 -8.24 -0.53 -0.69
CA PRO A 51 -7.94 0.05 0.61
C PRO A 51 -9.18 0.71 1.22
N THR A 52 -10.22 -0.08 1.38
CA THR A 52 -11.46 0.41 1.95
C THR A 52 -11.25 0.87 3.40
N TRP A 53 -12.15 1.72 3.86
CA TRP A 53 -12.07 2.24 5.21
C TRP A 53 -12.32 1.08 6.18
N ASP A 54 -13.05 0.09 5.68
CA ASP A 54 -13.36 -1.09 6.49
C ASP A 54 -12.09 -1.59 7.18
N GLN A 55 -11.11 -1.93 6.35
CA GLN A 55 -9.84 -2.42 6.85
C GLN A 55 -8.95 -1.25 7.28
N LEU A 56 -8.93 -0.23 6.44
CA LEU A 56 -8.13 0.95 6.71
C LEU A 56 -8.50 1.51 8.08
N GLN A 57 -9.72 1.20 8.51
CA GLN A 57 -10.21 1.67 9.79
C GLN A 57 -9.14 1.50 10.86
N TYR A 58 -8.33 0.46 10.69
CA TYR A 58 -7.26 0.17 11.62
C TYR A 58 -6.12 1.18 11.49
N MET A 59 -5.61 1.28 10.28
CA MET A 59 -4.52 2.20 10.00
C MET A 59 -4.98 3.65 10.11
N ARG A 60 -6.26 3.85 9.81
CA ARG A 60 -6.84 5.18 9.86
C ARG A 60 -6.54 5.84 11.21
N THR A 61 -6.49 5.00 12.23
CA THR A 61 -6.21 5.48 13.58
C THR A 61 -4.71 5.59 13.82
N SER A 62 -4.00 4.56 13.37
CA SER A 62 -2.55 4.53 13.52
C SER A 62 -1.93 5.77 12.87
N CYS A 63 -2.56 6.22 11.80
CA CYS A 63 -2.08 7.39 11.08
C CYS A 63 -3.29 8.12 10.49
N PRO A 64 -3.15 9.46 10.38
CA PRO A 64 -4.22 10.29 9.84
C PRO A 64 -4.30 10.13 8.32
N GLN A 65 -3.19 9.75 7.73
CA GLN A 65 -3.12 9.56 6.28
C GLN A 65 -3.70 8.19 5.90
N GLY A 66 -4.31 7.55 6.88
CA GLY A 66 -4.90 6.24 6.66
C GLY A 66 -5.45 6.12 5.24
N PRO A 67 -6.76 6.49 5.09
CA PRO A 67 -7.40 6.42 3.79
C PRO A 67 -6.93 7.57 2.88
N VAL A 68 -6.87 8.76 3.48
CA VAL A 68 -6.44 9.94 2.74
C VAL A 68 -5.22 9.58 1.87
N SER A 69 -4.42 8.67 2.40
CA SER A 69 -3.23 8.24 1.68
C SER A 69 -3.60 7.23 0.59
N LEU A 70 -4.57 6.39 0.92
CA LEU A 70 -5.03 5.38 -0.03
C LEU A 70 -5.85 6.06 -1.12
N GLN A 71 -6.89 6.76 -0.70
CA GLN A 71 -7.75 7.45 -1.63
C GLN A 71 -6.93 8.38 -2.54
N ARG A 72 -5.99 9.08 -1.91
CA ARG A 72 -5.14 9.99 -2.65
C ARG A 72 -4.10 9.22 -3.46
N GLN A 73 -3.95 7.95 -3.11
CA GLN A 73 -3.00 7.08 -3.80
C GLN A 73 -3.45 6.85 -5.24
N ILE A 74 -4.75 6.66 -5.40
CA ILE A 74 -5.31 6.42 -6.72
C ILE A 74 -5.46 7.76 -7.46
N PRO A 75 -5.16 7.72 -8.77
CA PRO A 75 -5.25 8.91 -9.60
C PRO A 75 -6.71 9.25 -9.90
N LYS A 76 -7.41 9.69 -8.87
CA LYS A 76 -8.81 10.05 -9.02
C LYS A 76 -9.45 10.20 -7.63
N LEU A 77 -8.66 10.76 -6.72
CA LEU A 77 -9.13 10.97 -5.36
C LEU A 77 -10.51 11.63 -5.39
N ASP A 78 -10.55 12.82 -5.98
CA ASP A 78 -11.79 13.56 -6.08
C ASP A 78 -12.93 12.58 -6.40
N SER A 79 -12.57 11.50 -7.07
CA SER A 79 -13.56 10.49 -7.44
C SER A 79 -13.71 9.48 -6.30
N VAL A 80 -12.60 8.84 -5.97
CA VAL A 80 -12.61 7.84 -4.91
C VAL A 80 -12.60 8.55 -3.55
N LEU A 81 -11.70 9.53 -3.44
CA LEU A 81 -11.59 10.28 -2.20
C LEU A 81 -12.97 10.79 -1.78
N LYS A 82 -13.90 10.69 -2.71
CA LYS A 82 -15.26 11.13 -2.44
C LYS A 82 -16.20 9.93 -2.51
N TYR A 83 -16.92 9.84 -3.62
CA TYR A 83 -17.87 8.74 -3.82
C TYR A 83 -18.04 8.44 -5.30
N LYS A 84 -17.35 9.21 -6.13
CA LYS A 84 -17.42 9.03 -7.56
C LYS A 84 -17.09 7.58 -7.92
N HIS A 85 -16.32 7.42 -8.98
CA HIS A 85 -15.93 6.10 -9.43
C HIS A 85 -15.73 5.18 -8.21
N THR A 86 -15.56 5.81 -7.06
CA THR A 86 -15.36 5.07 -5.82
C THR A 86 -16.40 3.95 -5.70
N ASP A 87 -17.51 4.15 -6.38
CA ASP A 87 -18.59 3.17 -6.36
C ASP A 87 -17.98 1.76 -6.24
N PRO A 88 -18.78 0.76 -6.71
CA PRO A 88 -18.33 -0.62 -6.65
C PRO A 88 -17.28 -0.91 -7.73
N THR A 89 -16.64 0.16 -8.17
CA THR A 89 -15.62 0.05 -9.20
C THR A 89 -14.31 -0.45 -8.58
N PHE A 90 -13.94 0.17 -7.47
CA PHE A 90 -12.72 -0.20 -6.77
C PHE A 90 -13.02 -0.95 -5.48
N GLY A 91 -14.26 -0.81 -5.03
CA GLY A 91 -14.69 -1.47 -3.81
C GLY A 91 -14.24 -2.93 -3.79
N MET A 92 -14.74 -3.66 -2.81
CA MET A 92 -14.40 -5.07 -2.66
C MET A 92 -13.03 -5.36 -3.26
N ASP A 93 -13.03 -5.73 -4.53
CA ASP A 93 -11.79 -6.04 -5.22
C ASP A 93 -11.41 -4.87 -6.12
N LEU A 94 -10.45 -4.09 -5.65
CA LEU A 94 -10.00 -2.93 -6.40
C LEU A 94 -9.10 -3.40 -7.55
N GLN A 95 -8.38 -4.49 -7.29
CA GLN A 95 -7.50 -5.05 -8.29
C GLN A 95 -8.24 -5.27 -9.61
N LYS A 96 -9.54 -5.47 -9.49
CA LYS A 96 -10.38 -5.69 -10.65
C LYS A 96 -10.50 -4.38 -11.45
N CYS A 97 -10.26 -3.29 -10.75
CA CYS A 97 -10.34 -1.97 -11.37
C CYS A 97 -8.93 -1.56 -11.82
N VAL A 98 -7.97 -1.80 -10.92
CA VAL A 98 -6.59 -1.47 -11.22
C VAL A 98 -6.03 -2.46 -12.23
N GLN A 99 -6.58 -3.66 -12.19
CA GLN A 99 -6.15 -4.72 -13.09
C GLN A 99 -5.81 -4.14 -14.47
N ARG A 100 -6.60 -3.15 -14.87
CA ARG A 100 -6.38 -2.50 -16.15
C ARG A 100 -7.65 -1.76 -16.58
N GLY A 101 -8.25 -1.07 -15.63
CA GLY A 101 -9.48 -0.32 -15.89
C GLY A 101 -9.42 1.07 -15.25
N LEU A 102 -10.56 1.72 -15.24
CA LEU A 102 -10.65 3.05 -14.66
C LEU A 102 -9.40 3.84 -15.01
N TRP A 103 -8.71 4.30 -13.98
CA TRP A 103 -7.50 5.07 -14.16
C TRP A 103 -6.31 4.19 -13.77
N ASN A 104 -5.15 4.52 -14.32
CA ASN A 104 -3.94 3.76 -14.05
C ASN A 104 -3.39 4.18 -12.68
N PRO A 105 -3.50 3.25 -11.71
CA PRO A 105 -3.03 3.51 -10.36
C PRO A 105 -1.50 3.43 -10.30
N LYS A 106 -0.97 2.35 -10.85
CA LYS A 106 0.47 2.15 -10.86
C LYS A 106 1.07 2.69 -9.56
N GLU A 107 0.28 2.61 -8.50
CA GLU A 107 0.72 3.08 -7.19
C GLU A 107 0.79 1.91 -6.21
N ALA A 108 1.66 2.07 -5.23
CA ALA A 108 1.84 1.04 -4.21
C ALA A 108 1.39 1.59 -2.85
N LEU A 109 0.76 0.71 -2.08
CA LEU A 109 0.28 1.10 -0.77
C LEU A 109 1.05 0.31 0.30
N TRP A 110 1.76 1.06 1.14
CA TRP A 110 2.54 0.45 2.20
C TRP A 110 1.86 0.78 3.54
N VAL A 111 1.39 -0.27 4.20
CA VAL A 111 0.72 -0.10 5.48
C VAL A 111 1.10 -1.26 6.40
N ASP A 112 1.48 -0.90 7.62
CA ASP A 112 1.86 -1.91 8.61
C ASP A 112 0.82 -1.95 9.72
N TRP A 113 0.70 -3.12 10.33
CA TRP A 113 -0.26 -3.31 11.40
C TRP A 113 0.52 -3.52 12.70
N GLU A 114 1.02 -4.74 12.86
CA GLU A 114 1.79 -5.08 14.05
C GLU A 114 2.99 -4.14 14.19
N ASN A 115 3.23 -3.38 13.14
CA ASN A 115 4.34 -2.44 13.14
C ASN A 115 3.80 -1.02 13.26
N LYS A 116 2.49 -0.90 13.07
CA LYS A 116 1.84 0.40 13.17
C LYS A 116 2.65 1.43 12.37
N LEU A 117 2.89 1.10 11.11
CA LEU A 117 3.64 1.98 10.24
C LEU A 117 3.10 1.87 8.82
N VAL A 118 2.51 2.96 8.35
CA VAL A 118 1.95 2.99 7.01
C VAL A 118 2.44 4.25 6.29
N GLY A 119 2.50 4.16 4.97
CA GLY A 119 2.94 5.27 4.16
C GLY A 119 2.61 5.04 2.68
N ASN A 120 1.77 5.93 2.15
CA ASN A 120 1.36 5.83 0.76
C ASN A 120 2.61 5.79 -0.13
N GLU A 121 2.41 5.30 -1.34
CA GLU A 121 3.50 5.20 -2.29
C GLU A 121 4.44 4.05 -1.90
N PRO A 122 5.11 3.48 -2.94
CA PRO A 122 6.03 2.38 -2.72
C PRO A 122 7.34 2.87 -2.10
N ALA A 123 7.80 4.02 -2.60
CA ALA A 123 9.03 4.61 -2.12
C ALA A 123 8.99 4.66 -0.59
N ASP A 124 7.78 4.76 -0.06
CA ASP A 124 7.59 4.82 1.38
C ASP A 124 8.26 3.61 2.03
N ILE A 125 8.07 2.45 1.40
CA ILE A 125 8.64 1.21 1.91
C ILE A 125 10.13 1.42 2.18
N ASP A 126 10.84 1.85 1.14
CA ASP A 126 12.26 2.09 1.26
C ASP A 126 12.53 2.92 2.52
N LYS A 127 11.88 4.06 2.59
CA LYS A 127 12.04 4.95 3.73
C LYS A 127 11.85 4.16 5.02
N TYR A 128 10.75 3.43 5.07
CA TYR A 128 10.43 2.62 6.24
C TYR A 128 11.18 1.29 6.20
N ILE A 129 10.59 0.34 5.50
CA ILE A 129 11.19 -0.99 5.38
C ILE A 129 11.45 -1.28 3.90
N ILE A 130 12.68 -1.02 3.49
CA ILE A 130 13.08 -1.25 2.11
C ILE A 130 12.71 -2.69 1.72
N GLN A 131 13.47 -3.22 0.77
CA GLN A 131 13.24 -4.58 0.30
C GLN A 131 13.76 -5.59 1.31
N ARG A 132 14.23 -5.07 2.44
CA ARG A 132 14.74 -5.92 3.50
C ARG A 132 15.22 -5.06 4.67
N LYS A 133 14.25 -4.68 5.51
CA LYS A 133 14.55 -3.86 6.67
C LYS A 133 15.92 -4.25 7.22
N MET A 1 24.85 5.26 16.67
CA MET A 1 24.95 4.88 15.28
C MET A 1 25.13 3.37 15.14
N SER A 2 24.01 2.68 14.95
CA SER A 2 24.04 1.23 14.80
C SER A 2 22.85 0.79 13.95
N PHE A 3 21.66 1.04 14.47
CA PHE A 3 20.44 0.67 13.77
C PHE A 3 20.56 0.96 12.27
N TRP A 4 20.40 -0.09 11.47
CA TRP A 4 20.49 0.03 10.03
C TRP A 4 19.16 0.60 9.52
N LYS A 5 18.08 0.00 10.01
CA LYS A 5 16.75 0.43 9.63
C LYS A 5 16.30 1.58 10.53
N THR A 6 16.76 1.53 11.77
CA THR A 6 16.42 2.55 12.74
C THR A 6 14.96 2.99 12.57
N LEU A 7 14.07 2.23 13.19
CA LEU A 7 12.65 2.52 13.11
C LEU A 7 11.98 2.17 14.43
N GLN A 8 11.45 3.18 15.09
CA GLN A 8 10.78 2.98 16.36
C GLN A 8 9.98 1.68 16.35
N ARG A 9 10.56 0.65 16.93
CA ARG A 9 9.92 -0.65 16.99
C ARG A 9 9.65 -1.18 15.58
N GLN A 10 10.18 -2.36 15.31
CA GLN A 10 10.00 -2.98 14.00
C GLN A 10 8.73 -3.85 14.00
N PRO A 11 7.99 -3.75 12.86
CA PRO A 11 6.76 -4.51 12.71
C PRO A 11 7.05 -5.98 12.44
N ARG A 12 6.03 -6.67 11.96
CA ARG A 12 6.17 -8.09 11.65
C ARG A 12 5.37 -8.43 10.38
N THR A 13 4.16 -7.90 10.32
CA THR A 13 3.30 -8.15 9.18
C THR A 13 3.21 -6.90 8.30
N ILE A 14 3.76 -7.01 7.10
CA ILE A 14 3.74 -5.90 6.16
C ILE A 14 2.57 -6.07 5.19
N SER A 15 1.58 -5.20 5.34
CA SER A 15 0.41 -5.25 4.50
C SER A 15 0.59 -4.30 3.31
N LEU A 16 1.00 -4.87 2.18
CA LEU A 16 1.21 -4.09 0.98
C LEU A 16 0.08 -4.38 -0.02
N PHE A 17 -0.58 -3.31 -0.45
CA PHE A 17 -1.67 -3.44 -1.39
C PHE A 17 -1.20 -3.13 -2.81
N THR A 18 -1.89 -3.74 -3.78
CA THR A 18 -1.56 -3.54 -5.18
C THR A 18 -2.57 -2.61 -5.83
N ASN A 19 -2.05 -1.67 -6.62
CA ASN A 19 -2.90 -0.72 -7.32
C ASN A 19 -2.37 -0.51 -8.73
N ASP A 20 -1.94 -1.61 -9.35
CA ASP A 20 -1.40 -1.55 -10.69
C ASP A 20 -0.03 -0.88 -10.67
N ILE A 21 0.73 -1.11 -11.73
CA ILE A 21 2.06 -0.54 -11.83
C ILE A 21 2.54 -0.64 -13.27
N ALA A 22 3.07 -1.81 -13.61
CA ALA A 22 3.57 -2.06 -14.95
C ALA A 22 3.44 -3.54 -15.28
N SER A 23 4.60 -4.18 -15.44
CA SER A 23 4.63 -5.60 -15.74
C SER A 23 3.78 -6.37 -14.74
N ASN A 24 4.36 -6.58 -13.57
CA ASN A 24 3.67 -7.30 -12.51
C ASN A 24 3.02 -6.30 -11.55
N ILE A 25 1.73 -6.05 -11.80
CA ILE A 25 0.98 -5.12 -10.97
C ILE A 25 1.22 -5.45 -9.49
N LYS A 26 1.26 -6.75 -9.21
CA LYS A 26 1.47 -7.21 -7.84
C LYS A 26 2.97 -7.23 -7.55
N SER A 27 3.69 -7.99 -8.36
CA SER A 27 5.13 -8.10 -8.19
C SER A 27 5.77 -6.70 -8.21
N GLN A 28 5.69 -6.06 -9.36
CA GLN A 28 6.25 -4.73 -9.51
C GLN A 28 5.98 -3.89 -8.26
N LYS A 29 4.82 -4.14 -7.67
CA LYS A 29 4.43 -3.41 -6.46
C LYS A 29 5.56 -3.49 -5.44
N CYS A 30 5.55 -4.58 -4.68
CA CYS A 30 6.56 -4.79 -3.66
C CYS A 30 7.71 -5.60 -4.27
N LEU A 31 7.33 -6.74 -4.84
CA LEU A 31 8.32 -7.61 -5.47
C LEU A 31 9.44 -6.76 -6.07
N GLN A 32 9.03 -5.67 -6.71
CA GLN A 32 9.99 -4.78 -7.34
C GLN A 32 10.59 -3.83 -6.29
N LEU A 33 9.72 -3.32 -5.45
CA LEU A 33 10.14 -2.40 -4.40
C LEU A 33 11.26 -3.05 -3.58
N LEU A 34 11.02 -4.30 -3.22
CA LEU A 34 12.01 -5.04 -2.44
C LEU A 34 13.15 -5.50 -3.34
N LYS A 35 12.87 -5.48 -4.64
CA LYS A 35 13.86 -5.88 -5.62
C LYS A 35 15.10 -4.99 -5.48
N GLY A 36 15.01 -4.05 -4.56
CA GLY A 36 16.11 -3.14 -4.31
C GLY A 36 17.21 -3.82 -3.49
N ASP A 37 16.85 -4.22 -2.28
CA ASP A 37 17.80 -4.88 -1.40
C ASP A 37 17.02 -5.79 -0.44
N VAL A 38 16.11 -6.58 -1.00
CA VAL A 38 15.32 -7.49 -0.21
C VAL A 38 16.24 -8.30 0.70
N SER A 39 15.69 -8.68 1.85
CA SER A 39 16.44 -9.46 2.82
C SER A 39 15.57 -10.58 3.39
N HIS A 40 15.86 -10.93 4.64
CA HIS A 40 15.11 -11.97 5.32
C HIS A 40 15.01 -11.65 6.80
N ARG A 41 14.29 -10.56 7.09
CA ARG A 41 14.10 -10.14 8.46
C ARG A 41 12.63 -9.79 8.72
N PHE A 42 11.83 -9.92 7.66
CA PHE A 42 10.42 -9.64 7.76
C PHE A 42 9.64 -10.33 6.63
N ASP A 43 8.33 -10.43 6.83
CA ASP A 43 7.47 -11.06 5.86
C ASP A 43 6.71 -9.99 5.07
N VAL A 44 6.95 -9.98 3.76
CA VAL A 44 6.30 -9.01 2.89
C VAL A 44 5.01 -9.63 2.33
N GLU A 45 3.95 -8.84 2.36
CA GLU A 45 2.67 -9.28 1.86
C GLU A 45 2.22 -8.41 0.68
N ILE A 46 2.14 -9.03 -0.48
CA ILE A 46 1.73 -8.33 -1.69
C ILE A 46 0.37 -8.85 -2.14
N ALA A 47 -0.66 -8.05 -1.88
CA ALA A 47 -2.01 -8.42 -2.26
C ALA A 47 -2.73 -7.21 -2.84
N ASN A 48 -3.47 -7.44 -3.91
CA ASN A 48 -4.21 -6.37 -4.56
C ASN A 48 -5.63 -6.32 -3.98
N ARG A 49 -5.95 -5.19 -3.38
CA ARG A 49 -7.26 -4.99 -2.79
C ARG A 49 -7.48 -3.52 -2.44
N PHE A 50 -8.75 -3.15 -2.33
CA PHE A 50 -9.10 -1.78 -2.01
C PHE A 50 -9.15 -1.57 -0.49
N PRO A 51 -8.64 -0.38 -0.07
CA PRO A 51 -8.61 -0.04 1.35
C PRO A 51 -10.01 0.33 1.85
N THR A 52 -10.92 -0.61 1.72
CA THR A 52 -12.30 -0.40 2.15
C THR A 52 -12.33 -0.02 3.64
N TRP A 53 -13.22 0.90 3.96
CA TRP A 53 -13.37 1.35 5.33
C TRP A 53 -13.41 0.12 6.24
N ASP A 54 -13.84 -0.99 5.66
CA ASP A 54 -13.92 -2.24 6.39
C ASP A 54 -12.53 -2.60 6.93
N GLN A 55 -11.60 -2.78 6.00
CA GLN A 55 -10.23 -3.13 6.36
C GLN A 55 -9.44 -1.87 6.72
N LEU A 56 -9.48 -0.91 5.82
CA LEU A 56 -8.77 0.34 6.02
C LEU A 56 -9.09 0.87 7.42
N GLN A 57 -10.24 0.46 7.93
CA GLN A 57 -10.68 0.89 9.25
C GLN A 57 -9.51 0.79 10.24
N TYR A 58 -8.59 -0.10 9.95
CA TYR A 58 -7.43 -0.29 10.81
C TYR A 58 -6.41 0.84 10.60
N MET A 59 -6.03 1.02 9.34
CA MET A 59 -5.07 2.05 9.00
C MET A 59 -5.68 3.45 9.17
N ARG A 60 -6.99 3.50 9.04
CA ARG A 60 -7.71 4.76 9.17
C ARG A 60 -7.35 5.45 10.49
N THR A 61 -7.09 4.61 11.49
CA THR A 61 -6.73 5.13 12.80
C THR A 61 -5.22 5.31 12.91
N SER A 62 -4.48 4.32 12.42
CA SER A 62 -3.04 4.37 12.44
C SER A 62 -2.54 5.65 11.78
N CYS A 63 -2.81 5.74 10.48
CA CYS A 63 -2.40 6.91 9.71
C CYS A 63 -3.51 7.96 9.81
N PRO A 64 -3.09 9.25 9.81
CA PRO A 64 -4.03 10.35 9.89
C PRO A 64 -4.74 10.56 8.54
N GLN A 65 -4.06 10.16 7.48
CA GLN A 65 -4.61 10.30 6.15
C GLN A 65 -5.50 9.10 5.82
N GLY A 66 -5.30 8.03 6.57
CA GLY A 66 -6.08 6.82 6.37
C GLY A 66 -6.41 6.62 4.89
N PRO A 67 -7.67 6.98 4.53
CA PRO A 67 -8.12 6.85 3.15
C PRO A 67 -7.52 7.94 2.27
N VAL A 68 -7.42 9.13 2.84
CA VAL A 68 -6.87 10.26 2.12
C VAL A 68 -5.61 9.82 1.37
N SER A 69 -4.86 8.94 2.01
CA SER A 69 -3.63 8.43 1.43
C SER A 69 -3.95 7.39 0.35
N LEU A 70 -4.94 6.57 0.65
CA LEU A 70 -5.35 5.53 -0.29
C LEU A 70 -6.11 6.19 -1.45
N GLN A 71 -7.18 6.88 -1.11
CA GLN A 71 -7.99 7.55 -2.11
C GLN A 71 -7.11 8.40 -3.03
N ARG A 72 -6.07 8.97 -2.44
CA ARG A 72 -5.15 9.81 -3.18
C ARG A 72 -4.17 8.94 -3.96
N GLN A 73 -4.08 7.68 -3.57
CA GLN A 73 -3.18 6.74 -4.22
C GLN A 73 -3.66 6.48 -5.66
N ILE A 74 -4.97 6.38 -5.80
CA ILE A 74 -5.56 6.13 -7.10
C ILE A 74 -5.26 7.30 -8.03
N PRO A 75 -5.64 7.12 -9.32
CA PRO A 75 -5.41 8.15 -10.32
C PRO A 75 -6.41 9.30 -10.15
N LYS A 76 -7.64 8.93 -9.82
CA LYS A 76 -8.68 9.93 -9.62
C LYS A 76 -9.06 9.97 -8.14
N LEU A 77 -8.40 10.86 -7.41
CA LEU A 77 -8.65 11.01 -6.00
C LEU A 77 -10.01 11.70 -5.80
N ASP A 78 -10.10 12.92 -6.32
CA ASP A 78 -11.32 13.68 -6.21
C ASP A 78 -12.52 12.78 -6.53
N SER A 79 -12.24 11.75 -7.32
CA SER A 79 -13.28 10.81 -7.70
C SER A 79 -13.49 9.77 -6.60
N VAL A 80 -12.42 9.04 -6.30
CA VAL A 80 -12.48 8.01 -5.27
C VAL A 80 -12.47 8.69 -3.89
N LEU A 81 -11.66 9.73 -3.78
CA LEU A 81 -11.55 10.46 -2.53
C LEU A 81 -12.94 10.93 -2.10
N LYS A 82 -13.86 10.91 -3.05
CA LYS A 82 -15.23 11.33 -2.78
C LYS A 82 -16.15 10.10 -2.78
N TYR A 83 -16.90 9.96 -3.87
CA TYR A 83 -17.81 8.84 -3.99
C TYR A 83 -17.83 8.31 -5.42
N LYS A 84 -16.99 8.90 -6.25
CA LYS A 84 -16.89 8.50 -7.65
C LYS A 84 -16.48 7.03 -7.72
N HIS A 85 -15.65 6.73 -8.72
CA HIS A 85 -15.18 5.37 -8.90
C HIS A 85 -15.10 4.66 -7.56
N THR A 86 -14.83 5.44 -6.52
CA THR A 86 -14.72 4.90 -5.18
C THR A 86 -15.87 3.92 -4.91
N ASP A 87 -17.00 4.19 -5.55
CA ASP A 87 -18.17 3.35 -5.39
C ASP A 87 -17.73 1.88 -5.29
N PRO A 88 -18.70 0.97 -5.57
CA PRO A 88 -18.42 -0.45 -5.51
C PRO A 88 -17.60 -0.90 -6.72
N THR A 89 -16.93 0.07 -7.34
CA THR A 89 -16.11 -0.22 -8.49
C THR A 89 -14.71 -0.67 -8.06
N PHE A 90 -14.19 0.02 -7.05
CA PHE A 90 -12.87 -0.30 -6.54
C PHE A 90 -12.97 -1.07 -5.22
N GLY A 91 -14.11 -0.93 -4.56
CA GLY A 91 -14.34 -1.60 -3.30
C GLY A 91 -13.91 -3.06 -3.37
N MET A 92 -14.60 -3.88 -2.58
CA MET A 92 -14.30 -5.31 -2.55
C MET A 92 -13.11 -5.64 -3.47
N ASP A 93 -13.37 -5.52 -4.76
CA ASP A 93 -12.34 -5.80 -5.74
C ASP A 93 -11.90 -4.50 -6.41
N LEU A 94 -10.72 -4.04 -6.03
CA LEU A 94 -10.18 -2.81 -6.58
C LEU A 94 -9.36 -3.14 -7.83
N GLN A 95 -8.43 -4.08 -7.65
CA GLN A 95 -7.56 -4.48 -8.74
C GLN A 95 -8.40 -4.77 -10.00
N LYS A 96 -9.62 -5.23 -9.77
CA LYS A 96 -10.52 -5.54 -10.87
C LYS A 96 -10.77 -4.29 -11.70
N CYS A 97 -10.61 -3.15 -11.05
CA CYS A 97 -10.80 -1.87 -11.72
C CYS A 97 -9.43 -1.28 -12.04
N VAL A 98 -8.57 -1.28 -11.02
CA VAL A 98 -7.23 -0.74 -11.18
C VAL A 98 -6.40 -1.71 -12.03
N GLN A 99 -6.89 -2.94 -12.12
CA GLN A 99 -6.20 -3.96 -12.89
C GLN A 99 -5.57 -3.34 -14.14
N ARG A 100 -6.19 -2.29 -14.62
CA ARG A 100 -5.71 -1.60 -15.80
C ARG A 100 -6.80 -0.68 -16.37
N GLY A 101 -8.03 -1.04 -16.08
CA GLY A 101 -9.17 -0.25 -16.54
C GLY A 101 -9.12 1.17 -15.99
N LEU A 102 -10.30 1.74 -15.82
CA LEU A 102 -10.41 3.10 -15.30
C LEU A 102 -9.10 3.85 -15.58
N TRP A 103 -8.23 3.87 -14.57
CA TRP A 103 -6.95 4.55 -14.71
C TRP A 103 -5.91 3.71 -13.99
N ASN A 104 -4.66 3.84 -14.45
CA ASN A 104 -3.56 3.10 -13.86
C ASN A 104 -2.82 4.01 -12.88
N PRO A 105 -3.09 3.78 -11.56
CA PRO A 105 -2.46 4.57 -10.52
C PRO A 105 -1.00 4.14 -10.33
N LYS A 106 -0.65 3.05 -10.97
CA LYS A 106 0.71 2.53 -10.89
C LYS A 106 1.33 2.98 -9.56
N GLU A 107 0.56 2.85 -8.50
CA GLU A 107 1.02 3.23 -7.18
C GLU A 107 0.98 2.04 -6.23
N ALA A 108 1.87 2.08 -5.24
CA ALA A 108 1.94 1.02 -4.26
C ALA A 108 1.44 1.53 -2.91
N LEU A 109 0.65 0.70 -2.24
CA LEU A 109 0.10 1.06 -0.95
C LEU A 109 0.78 0.22 0.13
N TRP A 110 1.47 0.91 1.03
CA TRP A 110 2.16 0.24 2.12
C TRP A 110 1.39 0.52 3.41
N VAL A 111 0.95 -0.57 4.04
CA VAL A 111 0.20 -0.46 5.28
C VAL A 111 0.57 -1.61 6.20
N ASP A 112 0.85 -1.26 7.45
CA ASP A 112 1.22 -2.26 8.44
C ASP A 112 0.15 -2.32 9.53
N TRP A 113 -0.11 -3.53 9.99
CA TRP A 113 -1.11 -3.74 11.03
C TRP A 113 -0.41 -4.33 12.26
N GLU A 114 0.91 -4.48 12.13
CA GLU A 114 1.71 -5.03 13.20
C GLU A 114 2.17 -3.91 14.13
N ASN A 115 2.68 -2.85 13.53
CA ASN A 115 3.16 -1.71 14.28
C ASN A 115 2.27 -0.50 14.01
N LYS A 116 1.09 -0.78 13.47
CA LYS A 116 0.14 0.26 13.15
C LYS A 116 0.84 1.35 12.34
N LEU A 117 1.68 0.91 11.42
CA LEU A 117 2.41 1.83 10.56
C LEU A 117 1.92 1.68 9.12
N VAL A 118 1.43 2.78 8.58
CA VAL A 118 0.94 2.78 7.21
C VAL A 118 1.42 4.05 6.50
N GLY A 119 1.28 4.03 5.18
CA GLY A 119 1.70 5.17 4.37
C GLY A 119 1.60 4.84 2.88
N ASN A 120 0.87 5.69 2.16
CA ASN A 120 0.69 5.51 0.74
C ASN A 120 2.04 5.60 0.04
N GLU A 121 2.07 5.12 -1.19
CA GLU A 121 3.30 5.14 -1.98
C GLU A 121 4.20 3.98 -1.59
N PRO A 122 5.00 3.50 -2.58
CA PRO A 122 5.92 2.40 -2.34
C PRO A 122 7.13 2.85 -1.53
N ALA A 123 7.62 4.03 -1.88
CA ALA A 123 8.78 4.60 -1.21
C ALA A 123 8.51 4.62 0.30
N ASP A 124 7.23 4.66 0.65
CA ASP A 124 6.83 4.69 2.05
C ASP A 124 7.51 3.53 2.78
N ILE A 125 7.38 2.34 2.21
CA ILE A 125 7.97 1.15 2.80
C ILE A 125 9.43 1.44 3.15
N ASP A 126 10.17 1.90 2.15
CA ASP A 126 11.57 2.20 2.34
C ASP A 126 11.75 3.01 3.63
N LYS A 127 10.94 4.05 3.75
CA LYS A 127 10.99 4.91 4.93
C LYS A 127 10.86 4.05 6.18
N TYR A 128 9.88 3.17 6.16
CA TYR A 128 9.64 2.28 7.29
C TYR A 128 10.48 1.01 7.18
N ILE A 129 9.94 0.05 6.44
CA ILE A 129 10.63 -1.21 6.24
C ILE A 129 10.86 -1.44 4.75
N ILE A 130 12.00 -0.96 4.28
CA ILE A 130 12.36 -1.10 2.87
C ILE A 130 12.33 -2.57 2.49
N GLN A 131 13.03 -2.89 1.40
CA GLN A 131 13.11 -4.26 0.93
C GLN A 131 13.44 -5.21 2.08
N ARG A 132 13.99 -4.63 3.14
CA ARG A 132 14.36 -5.41 4.31
C ARG A 132 13.63 -4.88 5.55
N LYS A 133 13.42 -5.77 6.50
CA LYS A 133 12.75 -5.42 7.74
C LYS A 133 11.25 -5.28 7.47
N MET A 1 20.62 4.74 17.70
CA MET A 1 21.90 5.39 17.54
C MET A 1 22.32 5.45 16.07
N SER A 2 22.12 4.32 15.39
CA SER A 2 22.46 4.25 13.98
C SER A 2 21.28 3.67 13.19
N PHE A 3 21.10 2.36 13.33
CA PHE A 3 20.01 1.68 12.63
C PHE A 3 20.17 1.81 11.12
N TRP A 4 20.11 0.66 10.46
CA TRP A 4 20.25 0.63 9.01
C TRP A 4 18.88 0.91 8.40
N LYS A 5 17.87 0.26 8.99
CA LYS A 5 16.50 0.42 8.51
C LYS A 5 15.89 1.66 9.17
N THR A 6 16.58 2.18 10.17
CA THR A 6 16.12 3.35 10.89
C THR A 6 14.73 3.10 11.47
N LEU A 7 14.30 4.03 12.31
CA LEU A 7 12.99 3.93 12.94
C LEU A 7 13.00 2.74 13.92
N GLN A 8 12.77 3.06 15.18
CA GLN A 8 12.73 2.04 16.22
C GLN A 8 11.44 1.24 16.13
N ARG A 9 11.44 0.10 16.82
CA ARG A 9 10.26 -0.76 16.83
C ARG A 9 9.88 -1.15 15.40
N GLN A 10 10.57 -2.16 14.89
CA GLN A 10 10.31 -2.64 13.54
C GLN A 10 9.15 -3.62 13.54
N PRO A 11 8.24 -3.44 12.55
CA PRO A 11 7.08 -4.30 12.43
C PRO A 11 7.48 -5.68 11.87
N ARG A 12 6.74 -6.69 12.30
CA ARG A 12 6.99 -8.05 11.86
C ARG A 12 6.13 -8.38 10.63
N THR A 13 4.84 -8.13 10.78
CA THR A 13 3.91 -8.40 9.70
C THR A 13 3.74 -7.16 8.81
N ILE A 14 4.19 -7.29 7.57
CA ILE A 14 4.09 -6.20 6.62
C ILE A 14 2.98 -6.50 5.61
N SER A 15 1.94 -5.68 5.67
CA SER A 15 0.81 -5.84 4.77
C SER A 15 0.92 -4.85 3.62
N LEU A 16 1.33 -5.36 2.47
CA LEU A 16 1.47 -4.52 1.29
C LEU A 16 0.35 -4.84 0.31
N PHE A 17 -0.29 -3.78 -0.17
CA PHE A 17 -1.39 -3.93 -1.12
C PHE A 17 -0.92 -3.62 -2.55
N THR A 18 -1.57 -4.27 -3.49
CA THR A 18 -1.24 -4.06 -4.89
C THR A 18 -2.30 -3.18 -5.57
N ASN A 19 -1.83 -2.30 -6.43
CA ASN A 19 -2.72 -1.40 -7.15
C ASN A 19 -2.17 -1.14 -8.55
N ASP A 20 -2.11 -2.20 -9.33
CA ASP A 20 -1.60 -2.11 -10.69
C ASP A 20 -0.19 -1.52 -10.66
N ILE A 21 0.53 -1.74 -11.75
CA ILE A 21 1.89 -1.24 -11.88
C ILE A 21 2.41 -1.53 -13.28
N ALA A 22 3.04 -2.69 -13.42
CA ALA A 22 3.59 -3.09 -14.70
C ALA A 22 3.24 -4.56 -14.95
N SER A 23 4.18 -5.27 -15.56
CA SER A 23 3.99 -6.68 -15.87
C SER A 23 3.13 -7.34 -14.79
N ASN A 24 3.78 -7.68 -13.69
CA ASN A 24 3.09 -8.32 -12.58
C ASN A 24 2.57 -7.24 -11.63
N ILE A 25 1.31 -6.89 -11.80
CA ILE A 25 0.69 -5.87 -10.96
C ILE A 25 0.96 -6.20 -9.49
N LYS A 26 1.02 -7.49 -9.20
CA LYS A 26 1.28 -7.95 -7.85
C LYS A 26 2.78 -7.93 -7.59
N SER A 27 3.51 -8.64 -8.43
CA SER A 27 4.96 -8.71 -8.30
C SER A 27 5.55 -7.32 -8.38
N GLN A 28 5.43 -6.72 -9.56
CA GLN A 28 5.96 -5.38 -9.79
C GLN A 28 5.68 -4.50 -8.58
N LYS A 29 4.57 -4.77 -7.92
CA LYS A 29 4.18 -4.00 -6.75
C LYS A 29 5.34 -3.98 -5.75
N CYS A 30 5.35 -4.98 -4.88
CA CYS A 30 6.40 -5.08 -3.88
C CYS A 30 7.52 -5.94 -4.45
N LEU A 31 7.14 -7.10 -4.97
CA LEU A 31 8.11 -8.02 -5.54
C LEU A 31 9.24 -7.22 -6.19
N GLN A 32 8.86 -6.15 -6.86
CA GLN A 32 9.82 -5.30 -7.53
C GLN A 32 10.48 -4.34 -6.53
N LEU A 33 9.64 -3.80 -5.66
CA LEU A 33 10.13 -2.87 -4.64
C LEU A 33 11.22 -3.56 -3.81
N LEU A 34 10.97 -4.82 -3.49
CA LEU A 34 11.91 -5.59 -2.70
C LEU A 34 13.02 -6.13 -3.62
N LYS A 35 12.73 -6.10 -4.92
CA LYS A 35 13.68 -6.58 -5.90
C LYS A 35 14.96 -5.74 -5.82
N GLY A 36 14.89 -4.70 -5.01
CA GLY A 36 16.03 -3.81 -4.84
C GLY A 36 15.83 -2.90 -3.62
N ASP A 37 16.66 -3.13 -2.61
CA ASP A 37 16.59 -2.34 -1.39
C ASP A 37 17.56 -2.92 -0.36
N VAL A 38 17.25 -4.12 0.11
CA VAL A 38 18.08 -4.78 1.09
C VAL A 38 17.90 -6.30 0.96
N SER A 39 17.96 -6.97 2.11
CA SER A 39 17.81 -8.42 2.13
C SER A 39 16.40 -8.78 2.59
N HIS A 40 16.31 -9.91 3.29
CA HIS A 40 15.04 -10.38 3.80
C HIS A 40 15.18 -10.76 5.27
N ARG A 41 14.08 -10.58 6.00
CA ARG A 41 14.07 -10.90 7.42
C ARG A 41 12.66 -11.27 7.86
N PHE A 42 11.70 -10.49 7.41
CA PHE A 42 10.31 -10.72 7.74
C PHE A 42 9.51 -11.19 6.53
N ASP A 43 8.23 -11.48 6.76
CA ASP A 43 7.36 -11.93 5.70
C ASP A 43 6.59 -10.73 5.13
N VAL A 44 6.81 -10.49 3.85
CA VAL A 44 6.14 -9.39 3.18
C VAL A 44 4.81 -9.87 2.61
N GLU A 45 3.80 -9.02 2.74
CA GLU A 45 2.48 -9.36 2.23
C GLU A 45 2.17 -8.56 0.96
N ILE A 46 2.06 -9.29 -0.13
CA ILE A 46 1.78 -8.67 -1.42
C ILE A 46 0.44 -9.19 -1.95
N ALA A 47 -0.58 -8.38 -1.78
CA ALA A 47 -1.91 -8.75 -2.23
C ALA A 47 -2.61 -7.52 -2.83
N ASN A 48 -3.33 -7.76 -3.91
CA ASN A 48 -4.05 -6.68 -4.58
C ASN A 48 -5.51 -6.72 -4.17
N ARG A 49 -5.94 -5.64 -3.52
CA ARG A 49 -7.32 -5.55 -3.07
C ARG A 49 -7.64 -4.11 -2.66
N PHE A 50 -8.92 -3.78 -2.71
CA PHE A 50 -9.37 -2.44 -2.35
C PHE A 50 -9.21 -2.20 -0.84
N PRO A 51 -8.23 -1.31 -0.51
CA PRO A 51 -7.97 -0.98 0.89
C PRO A 51 -9.06 -0.07 1.45
N THR A 52 -10.29 -0.56 1.41
CA THR A 52 -11.43 0.19 1.90
C THR A 52 -11.26 0.47 3.40
N TRP A 53 -12.07 1.40 3.89
CA TRP A 53 -12.02 1.76 5.30
C TRP A 53 -12.57 0.58 6.11
N ASP A 54 -13.37 -0.24 5.44
CA ASP A 54 -13.95 -1.41 6.08
C ASP A 54 -12.86 -2.17 6.84
N GLN A 55 -11.83 -2.57 6.10
CA GLN A 55 -10.73 -3.30 6.69
C GLN A 55 -9.71 -2.33 7.29
N LEU A 56 -9.28 -1.38 6.47
CA LEU A 56 -8.31 -0.39 6.92
C LEU A 56 -8.85 0.31 8.17
N GLN A 57 -10.15 0.21 8.35
CA GLN A 57 -10.79 0.82 9.51
C GLN A 57 -9.87 0.73 10.73
N TYR A 58 -9.09 -0.34 10.77
CA TYR A 58 -8.18 -0.55 11.88
C TYR A 58 -7.02 0.44 11.83
N MET A 59 -6.39 0.52 10.67
CA MET A 59 -5.27 1.42 10.47
C MET A 59 -5.74 2.87 10.36
N ARG A 60 -6.87 3.05 9.70
CA ARG A 60 -7.44 4.37 9.51
C ARG A 60 -7.60 5.06 10.86
N THR A 61 -7.66 4.26 11.91
CA THR A 61 -7.81 4.79 13.25
C THR A 61 -6.44 5.11 13.85
N SER A 62 -5.51 4.19 13.65
CA SER A 62 -4.16 4.37 14.15
C SER A 62 -3.43 5.47 13.37
N CYS A 63 -3.96 5.73 12.18
CA CYS A 63 -3.37 6.74 11.31
C CYS A 63 -4.50 7.64 10.80
N PRO A 64 -4.27 8.98 10.89
CA PRO A 64 -5.25 9.93 10.43
C PRO A 64 -5.28 10.01 8.90
N GLN A 65 -4.11 9.84 8.31
CA GLN A 65 -3.98 9.87 6.87
C GLN A 65 -4.02 8.47 6.28
N GLY A 66 -4.46 7.53 7.12
CA GLY A 66 -4.55 6.14 6.70
C GLY A 66 -5.42 5.99 5.46
N PRO A 67 -6.66 6.57 5.56
CA PRO A 67 -7.60 6.51 4.46
C PRO A 67 -7.21 7.48 3.34
N VAL A 68 -6.99 8.73 3.74
CA VAL A 68 -6.60 9.76 2.80
C VAL A 68 -5.45 9.25 1.92
N SER A 69 -4.65 8.38 2.51
CA SER A 69 -3.52 7.81 1.81
C SER A 69 -4.02 6.87 0.70
N LEU A 70 -5.12 6.21 0.98
CA LEU A 70 -5.72 5.28 0.04
C LEU A 70 -6.40 6.06 -1.08
N GLN A 71 -7.32 6.94 -0.67
CA GLN A 71 -8.05 7.76 -1.62
C GLN A 71 -7.08 8.62 -2.44
N ARG A 72 -6.07 9.11 -1.76
CA ARG A 72 -5.07 9.95 -2.40
C ARG A 72 -4.03 9.09 -3.10
N GLN A 73 -4.01 7.82 -2.74
CA GLN A 73 -3.07 6.88 -3.33
C GLN A 73 -3.38 6.69 -4.82
N ILE A 74 -4.66 6.59 -5.11
CA ILE A 74 -5.10 6.40 -6.49
C ILE A 74 -5.05 7.75 -7.21
N PRO A 75 -4.61 7.69 -8.50
CA PRO A 75 -4.51 8.88 -9.31
C PRO A 75 -5.90 9.34 -9.78
N LYS A 76 -6.67 9.83 -8.82
CA LYS A 76 -8.01 10.31 -9.12
C LYS A 76 -8.75 10.59 -7.80
N LEU A 77 -8.07 11.30 -6.92
CA LEU A 77 -8.64 11.64 -5.63
C LEU A 77 -10.08 12.14 -5.83
N ASP A 78 -10.19 13.25 -6.55
CA ASP A 78 -11.49 13.83 -6.82
C ASP A 78 -12.48 12.73 -7.20
N SER A 79 -11.92 11.61 -7.68
CA SER A 79 -12.74 10.47 -8.07
C SER A 79 -13.05 9.61 -6.85
N VAL A 80 -11.99 9.07 -6.26
CA VAL A 80 -12.15 8.22 -5.09
C VAL A 80 -12.24 9.09 -3.84
N LEU A 81 -11.38 10.10 -3.78
CA LEU A 81 -11.36 11.02 -2.66
C LEU A 81 -12.74 11.63 -2.47
N LYS A 82 -13.62 11.31 -3.42
CA LYS A 82 -14.98 11.83 -3.37
C LYS A 82 -15.97 10.66 -3.43
N TYR A 83 -16.45 10.39 -4.63
CA TYR A 83 -17.40 9.31 -4.84
C TYR A 83 -17.60 9.03 -6.33
N LYS A 84 -16.79 9.70 -7.14
CA LYS A 84 -16.87 9.54 -8.58
C LYS A 84 -16.76 8.04 -8.93
N HIS A 85 -16.28 7.78 -10.12
CA HIS A 85 -16.12 6.41 -10.59
C HIS A 85 -15.69 5.53 -9.41
N THR A 86 -15.17 6.17 -8.38
CA THR A 86 -14.72 5.46 -7.21
C THR A 86 -15.83 4.55 -6.68
N ASP A 87 -17.04 4.83 -7.13
CA ASP A 87 -18.19 4.05 -6.70
C ASP A 87 -17.75 2.62 -6.40
N PRO A 88 -18.66 1.65 -6.69
CA PRO A 88 -18.37 0.25 -6.43
C PRO A 88 -17.39 -0.30 -7.48
N THR A 89 -16.66 0.61 -8.10
CA THR A 89 -15.69 0.22 -9.11
C THR A 89 -14.41 -0.29 -8.45
N PHE A 90 -13.90 0.50 -7.52
CA PHE A 90 -12.68 0.13 -6.81
C PHE A 90 -13.01 -0.50 -5.46
N GLY A 91 -14.22 -0.24 -5.00
CA GLY A 91 -14.66 -0.79 -3.73
C GLY A 91 -14.29 -2.27 -3.61
N MET A 92 -15.23 -3.04 -3.06
CA MET A 92 -15.02 -4.46 -2.89
C MET A 92 -13.90 -4.97 -3.81
N ASP A 93 -14.00 -4.60 -5.07
CA ASP A 93 -13.01 -5.00 -6.05
C ASP A 93 -12.30 -3.77 -6.59
N LEU A 94 -11.09 -3.55 -6.08
CA LEU A 94 -10.29 -2.41 -6.49
C LEU A 94 -9.46 -2.80 -7.72
N GLN A 95 -8.76 -3.91 -7.59
CA GLN A 95 -7.92 -4.40 -8.68
C GLN A 95 -8.75 -4.54 -9.96
N LYS A 96 -10.03 -4.82 -9.77
CA LYS A 96 -10.92 -4.98 -10.90
C LYS A 96 -11.06 -3.64 -11.64
N CYS A 97 -10.77 -2.57 -10.91
CA CYS A 97 -10.86 -1.24 -11.47
C CYS A 97 -9.45 -0.80 -11.90
N VAL A 98 -8.52 -0.90 -10.95
CA VAL A 98 -7.14 -0.53 -11.23
C VAL A 98 -6.48 -1.62 -12.06
N GLN A 99 -7.16 -2.75 -12.16
CA GLN A 99 -6.64 -3.87 -12.93
C GLN A 99 -5.91 -3.37 -14.16
N ARG A 100 -6.30 -2.18 -14.60
CA ARG A 100 -5.68 -1.59 -15.78
C ARG A 100 -6.63 -0.56 -16.41
N GLY A 101 -7.88 -0.61 -15.98
CA GLY A 101 -8.89 0.29 -16.49
C GLY A 101 -8.73 1.69 -15.88
N LEU A 102 -9.85 2.38 -15.77
CA LEU A 102 -9.85 3.72 -15.21
C LEU A 102 -8.50 4.39 -15.51
N TRP A 103 -7.61 4.32 -14.52
CA TRP A 103 -6.29 4.92 -14.66
C TRP A 103 -5.28 3.98 -14.00
N ASN A 104 -4.05 4.05 -14.47
CA ASN A 104 -2.99 3.22 -13.93
C ASN A 104 -2.43 3.88 -12.67
N PRO A 105 -2.77 3.28 -11.51
CA PRO A 105 -2.32 3.80 -10.23
C PRO A 105 -0.84 3.46 -10.00
N LYS A 106 -0.41 2.37 -10.62
CA LYS A 106 0.96 1.93 -10.50
C LYS A 106 1.51 2.35 -9.14
N GLU A 107 0.62 2.38 -8.15
CA GLU A 107 1.00 2.77 -6.80
C GLU A 107 1.07 1.54 -5.90
N ALA A 108 1.96 1.62 -4.92
CA ALA A 108 2.14 0.52 -3.98
C ALA A 108 1.68 0.97 -2.59
N LEU A 109 0.79 0.18 -2.01
CA LEU A 109 0.26 0.47 -0.69
C LEU A 109 0.94 -0.44 0.34
N TRP A 110 1.28 0.16 1.48
CA TRP A 110 1.92 -0.59 2.54
C TRP A 110 1.16 -0.31 3.84
N VAL A 111 1.05 -1.35 4.66
CA VAL A 111 0.36 -1.23 5.93
C VAL A 111 0.86 -2.32 6.88
N ASP A 112 1.17 -1.91 8.09
CA ASP A 112 1.65 -2.84 9.11
C ASP A 112 0.64 -2.91 10.24
N TRP A 113 0.50 -4.13 10.78
CA TRP A 113 -0.44 -4.36 11.87
C TRP A 113 0.37 -4.79 13.10
N GLU A 114 1.67 -4.84 12.91
CA GLU A 114 2.56 -5.24 14.00
C GLU A 114 2.96 -4.02 14.84
N ASN A 115 3.39 -2.98 14.14
CA ASN A 115 3.79 -1.75 14.81
C ASN A 115 2.87 -0.62 14.38
N LYS A 116 1.74 -1.00 13.79
CA LYS A 116 0.77 -0.03 13.33
C LYS A 116 1.47 1.03 12.47
N LEU A 117 2.06 0.56 11.38
CA LEU A 117 2.78 1.45 10.47
C LEU A 117 2.24 1.25 9.05
N VAL A 118 1.67 2.31 8.52
CA VAL A 118 1.11 2.27 7.17
C VAL A 118 1.53 3.52 6.42
N GLY A 119 1.41 3.46 5.10
CA GLY A 119 1.77 4.58 4.25
C GLY A 119 1.67 4.20 2.77
N ASN A 120 1.10 5.10 1.99
CA ASN A 120 0.94 4.88 0.56
C ASN A 120 2.26 5.18 -0.14
N GLU A 121 2.34 4.77 -1.40
CA GLU A 121 3.53 4.99 -2.19
C GLU A 121 4.57 3.90 -1.91
N PRO A 122 5.31 3.51 -2.98
CA PRO A 122 6.33 2.48 -2.86
C PRO A 122 7.57 3.03 -2.15
N ALA A 123 7.95 4.24 -2.54
CA ALA A 123 9.12 4.88 -1.95
C ALA A 123 8.88 5.09 -0.46
N ASP A 124 7.62 5.32 -0.11
CA ASP A 124 7.25 5.53 1.28
C ASP A 124 7.69 4.32 2.11
N ILE A 125 7.51 3.14 1.54
CA ILE A 125 7.88 1.92 2.21
C ILE A 125 9.34 2.01 2.67
N ASP A 126 10.21 2.25 1.70
CA ASP A 126 11.63 2.37 1.99
C ASP A 126 11.82 3.18 3.29
N LYS A 127 11.17 4.33 3.32
CA LYS A 127 11.26 5.20 4.48
C LYS A 127 10.78 4.45 5.71
N TYR A 128 9.54 3.97 5.63
CA TYR A 128 8.95 3.23 6.73
C TYR A 128 9.61 1.86 6.89
N ILE A 129 9.20 0.94 6.04
CA ILE A 129 9.75 -0.41 6.09
C ILE A 129 10.03 -0.88 4.66
N ILE A 130 11.22 -0.56 4.17
CA ILE A 130 11.61 -0.94 2.83
C ILE A 130 10.86 -2.20 2.43
N GLN A 131 11.63 -3.26 2.17
CA GLN A 131 11.05 -4.53 1.76
C GLN A 131 10.90 -5.45 2.98
N ARG A 132 12.04 -5.76 3.58
CA ARG A 132 12.05 -6.63 4.75
C ARG A 132 11.45 -5.90 5.97
N LYS A 133 12.17 -4.87 6.41
CA LYS A 133 11.73 -4.09 7.56
C LYS A 133 10.21 -3.90 7.48
N MET A 1 23.66 -3.08 16.36
CA MET A 1 24.21 -1.89 15.73
C MET A 1 23.82 -1.84 14.24
N SER A 2 23.72 -0.61 13.74
CA SER A 2 23.36 -0.42 12.35
C SER A 2 21.95 -0.97 12.08
N PHE A 3 21.12 -0.11 11.51
CA PHE A 3 19.76 -0.50 11.20
C PHE A 3 19.34 0.00 9.82
N TRP A 4 19.04 -0.96 8.95
CA TRP A 4 18.64 -0.63 7.59
C TRP A 4 17.15 -0.28 7.60
N LYS A 5 16.46 -0.82 8.61
CA LYS A 5 15.04 -0.57 8.75
C LYS A 5 14.83 0.68 9.61
N THR A 6 15.72 0.86 10.57
CA THR A 6 15.64 2.01 11.46
C THR A 6 14.18 2.36 11.75
N LEU A 7 13.97 3.62 12.09
CA LEU A 7 12.62 4.10 12.40
C LEU A 7 12.22 3.61 13.78
N GLN A 8 11.08 4.12 14.25
CA GLN A 8 10.58 3.73 15.56
C GLN A 8 10.51 2.21 15.68
N ARG A 9 9.90 1.77 16.77
CA ARG A 9 9.76 0.34 17.02
C ARG A 9 9.48 -0.40 15.71
N GLN A 10 10.26 -1.46 15.49
CA GLN A 10 10.10 -2.26 14.29
C GLN A 10 8.79 -3.05 14.35
N PRO A 11 8.06 -3.06 13.20
CA PRO A 11 6.80 -3.77 13.11
C PRO A 11 7.04 -5.28 13.01
N ARG A 12 6.05 -5.97 12.45
CA ARG A 12 6.13 -7.41 12.30
C ARG A 12 5.46 -7.85 10.99
N THR A 13 4.15 -7.61 10.92
CA THR A 13 3.40 -7.97 9.74
C THR A 13 3.35 -6.79 8.76
N ILE A 14 3.88 -7.03 7.58
CA ILE A 14 3.90 -6.00 6.55
C ILE A 14 2.66 -6.14 5.66
N SER A 15 1.77 -5.17 5.77
CA SER A 15 0.55 -5.17 5.00
C SER A 15 0.61 -4.11 3.90
N LEU A 16 0.82 -4.57 2.68
CA LEU A 16 0.91 -3.67 1.55
C LEU A 16 -0.08 -4.12 0.47
N PHE A 17 -0.70 -3.14 -0.17
CA PHE A 17 -1.66 -3.42 -1.22
C PHE A 17 -1.08 -3.09 -2.60
N THR A 18 -1.74 -3.62 -3.62
CA THR A 18 -1.29 -3.40 -4.99
C THR A 18 -2.14 -2.29 -5.64
N ASN A 19 -1.48 -1.51 -6.48
CA ASN A 19 -2.16 -0.42 -7.18
C ASN A 19 -1.57 -0.29 -8.58
N ASP A 20 -1.20 -1.42 -9.14
CA ASP A 20 -0.63 -1.44 -10.48
C ASP A 20 0.53 -0.44 -10.56
N ILE A 21 1.34 -0.60 -11.58
CA ILE A 21 2.48 0.28 -11.78
C ILE A 21 2.96 0.17 -13.23
N ALA A 22 3.83 -0.80 -13.45
CA ALA A 22 4.38 -1.02 -14.78
C ALA A 22 4.10 -2.47 -15.21
N SER A 23 5.03 -3.02 -15.97
CA SER A 23 4.90 -4.39 -16.45
C SER A 23 3.88 -5.14 -15.60
N ASN A 24 4.32 -5.52 -14.41
CA ASN A 24 3.45 -6.25 -13.49
C ASN A 24 2.78 -5.26 -12.53
N ILE A 25 1.57 -5.62 -12.12
CA ILE A 25 0.81 -4.78 -11.21
C ILE A 25 1.34 -4.97 -9.78
N LYS A 26 1.44 -6.23 -9.39
CA LYS A 26 1.92 -6.57 -8.06
C LYS A 26 3.44 -6.66 -8.09
N SER A 27 3.94 -7.44 -9.04
CA SER A 27 5.37 -7.62 -9.19
C SER A 27 6.08 -6.27 -9.14
N GLN A 28 5.59 -5.35 -9.96
CA GLN A 28 6.16 -4.02 -10.03
C GLN A 28 5.85 -3.24 -8.75
N LYS A 29 4.61 -3.38 -8.30
CA LYS A 29 4.18 -2.69 -7.09
C LYS A 29 5.32 -2.69 -6.07
N CYS A 30 5.25 -3.64 -5.15
CA CYS A 30 6.27 -3.76 -4.11
C CYS A 30 7.27 -4.83 -4.56
N LEU A 31 6.75 -5.86 -5.19
CA LEU A 31 7.58 -6.96 -5.67
C LEU A 31 8.84 -6.39 -6.31
N GLN A 32 8.68 -5.25 -6.97
CA GLN A 32 9.80 -4.60 -7.63
C GLN A 32 10.52 -3.68 -6.65
N LEU A 33 9.76 -3.13 -5.72
CA LEU A 33 10.32 -2.24 -4.72
C LEU A 33 11.26 -3.03 -3.81
N LEU A 34 10.78 -4.17 -3.34
CA LEU A 34 11.57 -5.02 -2.46
C LEU A 34 12.57 -5.80 -3.30
N LYS A 35 12.31 -5.86 -4.60
CA LYS A 35 13.19 -6.57 -5.51
C LYS A 35 14.60 -6.01 -5.40
N GLY A 36 14.68 -4.80 -4.86
CA GLY A 36 15.97 -4.15 -4.69
C GLY A 36 16.95 -5.04 -3.92
N ASP A 37 16.83 -4.99 -2.60
CA ASP A 37 17.68 -5.78 -1.74
C ASP A 37 16.90 -6.97 -1.20
N VAL A 38 17.63 -7.88 -0.56
CA VAL A 38 17.01 -9.07 0.00
C VAL A 38 17.77 -9.49 1.27
N SER A 39 17.12 -10.35 2.04
CA SER A 39 17.73 -10.83 3.27
C SER A 39 16.77 -11.79 3.98
N HIS A 40 16.80 -11.74 5.31
CA HIS A 40 15.94 -12.59 6.12
C HIS A 40 15.78 -11.99 7.51
N ARG A 41 14.62 -11.39 7.73
CA ARG A 41 14.32 -10.78 9.01
C ARG A 41 12.83 -10.84 9.31
N PHE A 42 12.04 -10.48 8.29
CA PHE A 42 10.59 -10.49 8.43
C PHE A 42 9.93 -10.94 7.12
N ASP A 43 8.62 -11.16 7.21
CA ASP A 43 7.86 -11.59 6.05
C ASP A 43 7.02 -10.42 5.54
N VAL A 44 7.12 -10.18 4.24
CA VAL A 44 6.38 -9.11 3.61
C VAL A 44 5.10 -9.66 2.98
N GLU A 45 4.04 -8.87 3.08
CA GLU A 45 2.76 -9.27 2.53
C GLU A 45 2.45 -8.46 1.27
N ILE A 46 2.35 -9.17 0.15
CA ILE A 46 2.06 -8.54 -1.13
C ILE A 46 0.71 -9.04 -1.64
N ALA A 47 -0.28 -8.16 -1.53
CA ALA A 47 -1.63 -8.50 -1.99
C ALA A 47 -2.22 -7.31 -2.73
N ASN A 48 -2.91 -7.61 -3.82
CA ASN A 48 -3.54 -6.57 -4.62
C ASN A 48 -5.03 -6.51 -4.28
N ARG A 49 -5.42 -5.37 -3.72
CA ARG A 49 -6.80 -5.15 -3.34
C ARG A 49 -7.02 -3.71 -2.90
N PHE A 50 -8.29 -3.33 -2.83
CA PHE A 50 -8.65 -1.98 -2.41
C PHE A 50 -8.69 -1.86 -0.90
N PRO A 51 -8.10 -0.74 -0.39
CA PRO A 51 -8.07 -0.49 1.04
C PRO A 51 -9.43 -0.05 1.55
N THR A 52 -10.36 -0.99 1.55
CA THR A 52 -11.72 -0.71 2.01
C THR A 52 -11.69 -0.16 3.44
N TRP A 53 -12.51 0.85 3.67
CA TRP A 53 -12.60 1.47 4.98
C TRP A 53 -12.84 0.36 6.01
N ASP A 54 -13.47 -0.71 5.54
CA ASP A 54 -13.76 -1.83 6.41
C ASP A 54 -12.49 -2.25 7.16
N GLN A 55 -11.47 -2.58 6.38
CA GLN A 55 -10.21 -3.00 6.95
C GLN A 55 -9.33 -1.77 7.26
N LEU A 56 -9.19 -0.91 6.26
CA LEU A 56 -8.40 0.29 6.41
C LEU A 56 -8.84 1.04 7.67
N GLN A 57 -10.10 0.81 8.04
CA GLN A 57 -10.65 1.45 9.22
C GLN A 57 -9.62 1.47 10.36
N TYR A 58 -8.74 0.47 10.32
CA TYR A 58 -7.70 0.36 11.33
C TYR A 58 -6.62 1.43 11.14
N MET A 59 -6.13 1.49 9.91
CA MET A 59 -5.09 2.45 9.57
C MET A 59 -5.67 3.87 9.44
N ARG A 60 -6.88 3.92 8.91
CA ARG A 60 -7.55 5.19 8.73
C ARG A 60 -7.63 5.94 10.06
N THR A 61 -7.55 5.19 11.14
CA THR A 61 -7.60 5.77 12.47
C THR A 61 -6.22 6.21 12.92
N SER A 62 -5.24 5.34 12.68
CA SER A 62 -3.87 5.63 13.06
C SER A 62 -3.49 7.04 12.60
N CYS A 63 -3.96 7.40 11.42
CA CYS A 63 -3.68 8.72 10.87
C CYS A 63 -4.98 9.27 10.28
N PRO A 64 -5.04 10.63 10.20
CA PRO A 64 -6.22 11.30 9.66
C PRO A 64 -6.26 11.18 8.14
N GLN A 65 -5.07 11.16 7.55
CA GLN A 65 -4.95 11.05 6.10
C GLN A 65 -4.76 9.58 5.69
N GLY A 66 -4.97 8.70 6.65
CA GLY A 66 -4.81 7.28 6.41
C GLY A 66 -5.68 6.83 5.22
N PRO A 67 -6.99 7.21 5.28
CA PRO A 67 -7.92 6.86 4.23
C PRO A 67 -7.70 7.72 2.98
N VAL A 68 -7.77 9.03 3.19
CA VAL A 68 -7.58 9.96 2.10
C VAL A 68 -6.31 9.59 1.33
N SER A 69 -5.37 9.00 2.05
CA SER A 69 -4.11 8.59 1.45
C SER A 69 -4.38 7.55 0.35
N LEU A 70 -5.42 6.75 0.56
CA LEU A 70 -5.77 5.72 -0.39
C LEU A 70 -6.49 6.36 -1.58
N GLN A 71 -7.64 6.96 -1.29
CA GLN A 71 -8.43 7.61 -2.32
C GLN A 71 -7.57 8.64 -3.08
N ARG A 72 -6.80 9.41 -2.31
CA ARG A 72 -5.95 10.42 -2.89
C ARG A 72 -4.79 9.76 -3.64
N GLN A 73 -4.55 8.50 -3.32
CA GLN A 73 -3.47 7.75 -3.95
C GLN A 73 -3.81 7.50 -5.43
N ILE A 74 -5.09 7.22 -5.68
CA ILE A 74 -5.55 6.97 -7.03
C ILE A 74 -5.75 8.30 -7.75
N PRO A 75 -5.38 8.30 -9.06
CA PRO A 75 -5.52 9.50 -9.88
C PRO A 75 -6.98 9.74 -10.26
N LYS A 76 -7.75 10.13 -9.25
CA LYS A 76 -9.17 10.39 -9.47
C LYS A 76 -9.90 10.37 -8.11
N LEU A 77 -9.24 10.93 -7.12
CA LEU A 77 -9.81 10.98 -5.78
C LEU A 77 -11.22 11.58 -5.84
N ASP A 78 -11.28 12.81 -6.32
CA ASP A 78 -12.54 13.51 -6.45
C ASP A 78 -13.62 12.52 -6.87
N SER A 79 -13.20 11.49 -7.60
CA SER A 79 -14.10 10.48 -8.08
C SER A 79 -14.26 9.37 -7.03
N VAL A 80 -13.12 8.77 -6.69
CA VAL A 80 -13.12 7.70 -5.70
C VAL A 80 -13.20 8.31 -4.30
N LEU A 81 -12.39 9.32 -4.08
CA LEU A 81 -12.35 10.00 -2.79
C LEU A 81 -13.78 10.38 -2.39
N LYS A 82 -14.67 10.30 -3.36
CA LYS A 82 -16.07 10.65 -3.13
C LYS A 82 -16.91 9.37 -3.16
N TYR A 83 -17.67 9.23 -4.23
CA TYR A 83 -18.52 8.06 -4.40
C TYR A 83 -18.49 7.56 -5.84
N LYS A 84 -17.66 8.21 -6.65
CA LYS A 84 -17.53 7.84 -8.05
C LYS A 84 -17.09 6.38 -8.16
N HIS A 85 -16.25 6.12 -9.13
CA HIS A 85 -15.75 4.77 -9.35
C HIS A 85 -15.54 4.07 -8.01
N THR A 86 -15.33 4.89 -6.98
CA THR A 86 -15.11 4.38 -5.64
C THR A 86 -16.15 3.30 -5.31
N ASP A 87 -17.29 3.40 -5.97
CA ASP A 87 -18.36 2.44 -5.76
C ASP A 87 -17.75 1.04 -5.61
N PRO A 88 -18.60 0.02 -5.91
CA PRO A 88 -18.17 -1.36 -5.80
C PRO A 88 -17.25 -1.74 -6.96
N THR A 89 -16.69 -0.71 -7.59
CA THR A 89 -15.79 -0.92 -8.72
C THR A 89 -14.37 -1.19 -8.22
N PHE A 90 -13.98 -0.44 -7.20
CA PHE A 90 -12.66 -0.60 -6.62
C PHE A 90 -12.72 -1.34 -5.28
N GLY A 91 -13.90 -1.30 -4.68
CA GLY A 91 -14.11 -1.95 -3.39
C GLY A 91 -13.54 -3.38 -3.41
N MET A 92 -13.94 -4.15 -2.42
CA MET A 92 -13.48 -5.53 -2.30
C MET A 92 -12.16 -5.72 -3.05
N ASP A 93 -12.28 -6.03 -4.33
CA ASP A 93 -11.10 -6.24 -5.16
C ASP A 93 -10.93 -5.06 -6.11
N LEU A 94 -9.95 -4.23 -5.79
CA LEU A 94 -9.66 -3.06 -6.61
C LEU A 94 -8.79 -3.47 -7.80
N GLN A 95 -7.95 -4.46 -7.56
CA GLN A 95 -7.07 -4.96 -8.60
C GLN A 95 -7.84 -5.17 -9.91
N LYS A 96 -9.12 -5.46 -9.74
CA LYS A 96 -9.99 -5.69 -10.89
C LYS A 96 -10.05 -4.42 -11.74
N CYS A 97 -9.86 -3.29 -11.08
CA CYS A 97 -9.90 -2.01 -11.76
C CYS A 97 -8.45 -1.56 -12.01
N VAL A 98 -7.66 -1.62 -10.95
CA VAL A 98 -6.26 -1.22 -11.04
C VAL A 98 -5.54 -2.14 -12.02
N GLN A 99 -6.04 -3.37 -12.13
CA GLN A 99 -5.45 -4.35 -13.02
C GLN A 99 -5.02 -3.67 -14.33
N ARG A 100 -5.70 -2.58 -14.65
CA ARG A 100 -5.40 -1.85 -15.87
C ARG A 100 -6.57 -0.94 -16.23
N GLY A 101 -7.76 -1.33 -15.79
CA GLY A 101 -8.95 -0.57 -16.07
C GLY A 101 -8.95 0.76 -15.28
N LEU A 102 -10.15 1.30 -15.09
CA LEU A 102 -10.30 2.54 -14.35
C LEU A 102 -9.11 3.45 -14.65
N TRP A 103 -8.15 3.44 -13.73
CA TRP A 103 -6.96 4.25 -13.89
C TRP A 103 -5.81 3.55 -13.15
N ASN A 104 -4.63 3.67 -13.72
CA ASN A 104 -3.44 3.06 -13.13
C ASN A 104 -2.83 4.03 -12.11
N PRO A 105 -2.97 3.66 -10.81
CA PRO A 105 -2.43 4.47 -9.73
C PRO A 105 -0.91 4.33 -9.65
N LYS A 106 -0.38 3.43 -10.46
CA LYS A 106 1.05 3.20 -10.49
C LYS A 106 1.65 3.62 -9.14
N GLU A 107 1.08 3.07 -8.08
CA GLU A 107 1.55 3.39 -6.74
C GLU A 107 1.43 2.16 -5.84
N ALA A 108 2.26 2.13 -4.80
CA ALA A 108 2.25 1.04 -3.86
C ALA A 108 1.78 1.53 -2.50
N LEU A 109 0.78 0.85 -1.96
CA LEU A 109 0.23 1.20 -0.67
C LEU A 109 0.82 0.29 0.41
N TRP A 110 1.53 0.91 1.34
CA TRP A 110 2.15 0.18 2.43
C TRP A 110 1.39 0.50 3.72
N VAL A 111 1.20 -0.52 4.54
CA VAL A 111 0.50 -0.35 5.79
C VAL A 111 0.99 -1.41 6.79
N ASP A 112 1.25 -0.96 8.01
CA ASP A 112 1.73 -1.85 9.05
C ASP A 112 0.65 -1.96 10.14
N TRP A 113 0.46 -3.19 10.61
CA TRP A 113 -0.52 -3.45 11.65
C TRP A 113 0.22 -3.78 12.94
N GLU A 114 1.55 -3.69 12.86
CA GLU A 114 2.38 -3.98 14.01
C GLU A 114 2.65 -2.70 14.81
N ASN A 115 3.14 -1.70 14.10
CA ASN A 115 3.44 -0.42 14.73
C ASN A 115 2.53 0.66 14.14
N LYS A 116 1.46 0.21 13.49
CA LYS A 116 0.52 1.11 12.88
C LYS A 116 1.26 2.10 11.98
N LEU A 117 1.97 1.55 11.01
CA LEU A 117 2.73 2.36 10.09
C LEU A 117 2.16 2.20 8.68
N VAL A 118 1.55 3.28 8.20
CA VAL A 118 0.95 3.27 6.87
C VAL A 118 1.31 4.57 6.15
N GLY A 119 1.46 4.46 4.84
CA GLY A 119 1.81 5.61 4.02
C GLY A 119 1.56 5.33 2.53
N ASN A 120 1.12 6.36 1.84
CA ASN A 120 0.84 6.24 0.42
C ASN A 120 2.12 6.53 -0.37
N GLU A 121 2.83 5.46 -0.69
CA GLU A 121 4.08 5.59 -1.44
C GLU A 121 4.95 4.36 -1.22
N PRO A 122 5.76 4.03 -2.27
CA PRO A 122 6.65 2.88 -2.20
C PRO A 122 7.86 3.18 -1.32
N ALA A 123 8.29 4.43 -1.35
CA ALA A 123 9.42 4.85 -0.56
C ALA A 123 9.10 4.69 0.93
N ASP A 124 7.83 4.87 1.24
CA ASP A 124 7.37 4.74 2.61
C ASP A 124 7.88 3.42 3.20
N ILE A 125 7.94 2.42 2.34
CA ILE A 125 8.40 1.10 2.74
C ILE A 125 9.86 1.19 3.17
N ASP A 126 10.69 1.66 2.25
CA ASP A 126 12.11 1.80 2.51
C ASP A 126 12.32 2.71 3.73
N LYS A 127 11.70 3.88 3.66
CA LYS A 127 11.81 4.84 4.75
C LYS A 127 11.67 4.10 6.09
N TYR A 128 10.60 3.31 6.18
CA TYR A 128 10.34 2.54 7.39
C TYR A 128 10.79 1.10 7.23
N ILE A 129 9.87 0.27 6.77
CA ILE A 129 10.16 -1.15 6.57
C ILE A 129 10.56 -1.37 5.11
N ILE A 130 11.87 -1.26 4.86
CA ILE A 130 12.38 -1.46 3.52
C ILE A 130 11.82 -2.75 2.94
N GLN A 131 12.54 -3.29 1.97
CA GLN A 131 12.13 -4.52 1.32
C GLN A 131 11.90 -5.62 2.36
N ARG A 132 12.98 -6.00 3.02
CA ARG A 132 12.92 -7.03 4.05
C ARG A 132 11.59 -6.95 4.79
N LYS A 133 11.47 -5.90 5.59
CA LYS A 133 10.26 -5.68 6.38
C LYS A 133 9.20 -5.03 5.49
N MET A 1 20.35 1.48 22.90
CA MET A 1 19.98 2.26 21.74
C MET A 1 20.64 1.71 20.47
N SER A 2 19.89 0.87 19.77
CA SER A 2 20.38 0.27 18.55
C SER A 2 19.24 0.14 17.53
N PHE A 3 19.47 0.70 16.36
CA PHE A 3 18.48 0.65 15.29
C PHE A 3 19.04 1.23 14.00
N TRP A 4 19.28 0.34 13.05
CA TRP A 4 19.82 0.75 11.76
C TRP A 4 18.64 1.19 10.88
N LYS A 5 17.57 0.42 10.95
CA LYS A 5 16.38 0.72 10.16
C LYS A 5 15.61 1.84 10.84
N THR A 6 16.00 2.13 12.07
CA THR A 6 15.36 3.19 12.84
C THR A 6 13.84 3.01 12.81
N LEU A 7 13.13 4.10 13.11
CA LEU A 7 11.68 4.06 13.12
C LEU A 7 11.20 3.48 14.45
N GLN A 8 10.23 4.16 15.04
CA GLN A 8 9.67 3.71 16.31
C GLN A 8 9.38 2.22 16.27
N ARG A 9 10.36 1.44 16.74
CA ARG A 9 10.22 0.00 16.76
C ARG A 9 10.06 -0.54 15.34
N GLN A 10 10.75 -1.64 15.08
CA GLN A 10 10.69 -2.27 13.77
C GLN A 10 9.54 -3.27 13.71
N PRO A 11 8.77 -3.21 12.59
CA PRO A 11 7.65 -4.11 12.40
C PRO A 11 8.13 -5.51 12.02
N ARG A 12 7.17 -6.34 11.62
CA ARG A 12 7.48 -7.70 11.23
C ARG A 12 6.65 -8.10 10.02
N THR A 13 5.35 -7.90 10.14
CA THR A 13 4.44 -8.24 9.06
C THR A 13 4.06 -6.99 8.26
N ILE A 14 4.54 -6.94 7.03
CA ILE A 14 4.27 -5.82 6.16
C ILE A 14 3.16 -6.19 5.18
N SER A 15 2.03 -5.50 5.32
CA SER A 15 0.89 -5.75 4.45
C SER A 15 0.88 -4.73 3.30
N LEU A 16 1.27 -5.21 2.13
CA LEU A 16 1.30 -4.36 0.95
C LEU A 16 0.11 -4.71 0.05
N PHE A 17 -0.53 -3.66 -0.46
CA PHE A 17 -1.68 -3.84 -1.33
C PHE A 17 -1.29 -3.59 -2.79
N THR A 18 -2.06 -4.21 -3.68
CA THR A 18 -1.82 -4.08 -5.11
C THR A 18 -2.85 -3.14 -5.74
N ASN A 19 -2.38 -2.31 -6.66
CA ASN A 19 -3.26 -1.38 -7.35
C ASN A 19 -2.72 -1.12 -8.75
N ASP A 20 -2.72 -2.19 -9.55
CA ASP A 20 -2.23 -2.10 -10.91
C ASP A 20 -0.83 -1.47 -10.92
N ILE A 21 -0.08 -1.79 -11.97
CA ILE A 21 1.27 -1.27 -12.10
C ILE A 21 1.78 -1.55 -13.51
N ALA A 22 2.02 -2.83 -13.78
CA ALA A 22 2.51 -3.25 -15.09
C ALA A 22 2.05 -4.68 -15.37
N SER A 23 3.02 -5.52 -15.72
CA SER A 23 2.73 -6.90 -16.01
C SER A 23 2.01 -7.55 -14.83
N ASN A 24 2.79 -8.08 -13.91
CA ASN A 24 2.24 -8.74 -12.73
C ASN A 24 1.94 -7.68 -11.66
N ILE A 25 0.73 -7.15 -11.73
CA ILE A 25 0.30 -6.12 -10.79
C ILE A 25 0.75 -6.53 -9.38
N LYS A 26 0.82 -7.84 -9.17
CA LYS A 26 1.23 -8.36 -7.88
C LYS A 26 2.75 -8.23 -7.74
N SER A 27 3.45 -8.61 -8.80
CA SER A 27 4.90 -8.55 -8.81
C SER A 27 5.36 -7.09 -8.73
N GLN A 28 5.16 -6.38 -9.84
CA GLN A 28 5.54 -4.99 -9.91
C GLN A 28 5.23 -4.27 -8.60
N LYS A 29 4.14 -4.70 -7.98
CA LYS A 29 3.72 -4.13 -6.71
C LYS A 29 4.93 -4.04 -5.78
N CYS A 30 5.15 -5.12 -5.05
CA CYS A 30 6.27 -5.18 -4.12
C CYS A 30 7.46 -5.83 -4.83
N LEU A 31 7.17 -6.95 -5.47
CA LEU A 31 8.20 -7.68 -6.18
C LEU A 31 9.17 -6.70 -6.83
N GLN A 32 8.61 -5.61 -7.34
CA GLN A 32 9.41 -4.58 -7.98
C GLN A 32 10.09 -3.70 -6.93
N LEU A 33 9.30 -3.29 -5.94
CA LEU A 33 9.82 -2.46 -4.87
C LEU A 33 11.08 -3.10 -4.29
N LEU A 34 11.01 -4.41 -4.10
CA LEU A 34 12.13 -5.15 -3.55
C LEU A 34 13.16 -5.39 -4.66
N LYS A 35 12.70 -5.29 -5.89
CA LYS A 35 13.56 -5.50 -7.04
C LYS A 35 14.70 -4.46 -7.00
N GLY A 36 14.65 -3.62 -5.98
CA GLY A 36 15.66 -2.59 -5.82
C GLY A 36 16.78 -3.05 -4.89
N ASP A 37 16.47 -3.07 -3.61
CA ASP A 37 17.44 -3.50 -2.61
C ASP A 37 17.10 -4.91 -2.14
N VAL A 38 17.73 -5.31 -1.04
CA VAL A 38 17.50 -6.63 -0.49
C VAL A 38 18.04 -6.67 0.95
N SER A 39 18.55 -7.84 1.32
CA SER A 39 19.10 -8.03 2.65
C SER A 39 18.03 -8.62 3.58
N HIS A 40 18.21 -9.89 3.88
CA HIS A 40 17.27 -10.59 4.76
C HIS A 40 16.96 -9.71 5.98
N ARG A 41 15.69 -9.42 6.15
CA ARG A 41 15.25 -8.60 7.27
C ARG A 41 13.82 -8.97 7.67
N PHE A 42 12.88 -8.17 7.20
CA PHE A 42 11.48 -8.40 7.51
C PHE A 42 10.81 -9.23 6.41
N ASP A 43 9.55 -9.58 6.65
CA ASP A 43 8.80 -10.37 5.70
C ASP A 43 7.91 -9.45 4.87
N VAL A 44 8.13 -9.48 3.56
CA VAL A 44 7.36 -8.65 2.65
C VAL A 44 6.09 -9.39 2.24
N GLU A 45 4.96 -8.72 2.42
CA GLU A 45 3.68 -9.30 2.07
C GLU A 45 3.08 -8.57 0.88
N ILE A 46 2.93 -9.31 -0.22
CA ILE A 46 2.37 -8.76 -1.43
C ILE A 46 0.95 -9.31 -1.64
N ALA A 47 -0.02 -8.43 -1.46
CA ALA A 47 -1.42 -8.82 -1.62
C ALA A 47 -2.15 -7.75 -2.43
N ASN A 48 -3.10 -8.21 -3.24
CA ASN A 48 -3.88 -7.30 -4.06
C ASN A 48 -5.36 -7.43 -3.70
N ARG A 49 -5.92 -6.32 -3.24
CA ARG A 49 -7.32 -6.29 -2.85
C ARG A 49 -7.79 -4.86 -2.63
N PHE A 50 -9.10 -4.68 -2.62
CA PHE A 50 -9.68 -3.37 -2.42
C PHE A 50 -9.50 -2.90 -0.97
N PRO A 51 -8.69 -1.80 -0.83
CA PRO A 51 -8.44 -1.25 0.49
C PRO A 51 -9.64 -0.47 1.01
N THR A 52 -10.77 -1.16 1.04
CA THR A 52 -12.00 -0.55 1.51
C THR A 52 -11.84 -0.02 2.94
N TRP A 53 -12.52 1.07 3.23
CA TRP A 53 -12.45 1.68 4.54
C TRP A 53 -12.82 0.61 5.58
N ASP A 54 -13.56 -0.38 5.11
CA ASP A 54 -13.99 -1.46 5.98
C ASP A 54 -12.79 -1.95 6.81
N GLN A 55 -11.81 -2.46 6.11
CA GLN A 55 -10.61 -2.96 6.76
C GLN A 55 -9.59 -1.83 6.93
N LEU A 56 -9.62 -0.90 5.99
CA LEU A 56 -8.71 0.23 6.03
C LEU A 56 -8.97 1.05 7.29
N GLN A 57 -10.19 0.93 7.80
CA GLN A 57 -10.58 1.65 8.99
C GLN A 57 -9.49 1.55 10.06
N TYR A 58 -9.05 0.33 10.29
CA TYR A 58 -8.01 0.09 11.28
C TYR A 58 -6.75 0.88 10.96
N MET A 59 -6.27 0.69 9.74
CA MET A 59 -5.07 1.38 9.28
C MET A 59 -5.31 2.89 9.21
N ARG A 60 -6.56 3.25 8.94
CA ARG A 60 -6.93 4.64 8.83
C ARG A 60 -6.54 5.40 10.10
N THR A 61 -6.77 4.76 11.23
CA THR A 61 -6.44 5.37 12.51
C THR A 61 -4.92 5.46 12.68
N SER A 62 -4.25 4.41 12.22
CA SER A 62 -2.79 4.36 12.32
C SER A 62 -2.16 5.10 11.14
N CYS A 63 -2.63 6.32 10.93
CA CYS A 63 -2.12 7.14 9.84
C CYS A 63 -2.96 8.41 9.76
N PRO A 64 -2.27 9.52 9.38
CA PRO A 64 -2.95 10.81 9.26
C PRO A 64 -3.81 10.87 8.00
N GLN A 65 -3.31 10.22 6.96
CA GLN A 65 -4.02 10.19 5.68
C GLN A 65 -4.98 9.00 5.65
N GLY A 66 -4.72 8.04 6.52
CA GLY A 66 -5.54 6.85 6.59
C GLY A 66 -6.06 6.46 5.21
N PRO A 67 -7.34 6.84 4.95
CA PRO A 67 -7.97 6.53 3.67
C PRO A 67 -7.43 7.45 2.57
N VAL A 68 -7.29 8.72 2.91
CA VAL A 68 -6.78 9.70 1.96
C VAL A 68 -5.57 9.12 1.25
N SER A 69 -4.75 8.41 2.01
CA SER A 69 -3.55 7.81 1.45
C SER A 69 -3.92 6.81 0.35
N LEU A 70 -4.97 6.06 0.61
CA LEU A 70 -5.44 5.07 -0.35
C LEU A 70 -6.12 5.79 -1.52
N GLN A 71 -7.10 6.60 -1.19
CA GLN A 71 -7.83 7.35 -2.20
C GLN A 71 -6.86 8.09 -3.12
N ARG A 72 -5.74 8.50 -2.53
CA ARG A 72 -4.72 9.22 -3.29
C ARG A 72 -3.90 8.25 -4.12
N GLN A 73 -3.93 6.99 -3.72
CA GLN A 73 -3.19 5.95 -4.41
C GLN A 73 -3.79 5.71 -5.80
N ILE A 74 -5.12 5.73 -5.84
CA ILE A 74 -5.82 5.51 -7.09
C ILE A 74 -5.85 6.82 -7.90
N PRO A 75 -6.15 6.68 -9.21
CA PRO A 75 -6.20 7.83 -10.10
C PRO A 75 -7.47 8.64 -9.85
N LYS A 76 -7.33 9.95 -9.98
CA LYS A 76 -8.45 10.85 -9.78
C LYS A 76 -8.87 10.83 -8.30
N LEU A 77 -7.90 11.13 -7.45
CA LEU A 77 -8.15 11.15 -6.01
C LEU A 77 -9.46 11.90 -5.73
N ASP A 78 -9.45 13.17 -6.10
CA ASP A 78 -10.63 14.01 -5.90
C ASP A 78 -11.88 13.21 -6.23
N SER A 79 -11.72 12.26 -7.13
CA SER A 79 -12.82 11.41 -7.55
C SER A 79 -13.10 10.34 -6.48
N VAL A 80 -12.11 9.51 -6.26
CA VAL A 80 -12.22 8.45 -5.28
C VAL A 80 -12.10 9.03 -3.87
N LEU A 81 -11.29 10.09 -3.78
CA LEU A 81 -11.07 10.75 -2.51
C LEU A 81 -12.42 11.26 -1.97
N LYS A 82 -13.41 11.27 -2.85
CA LYS A 82 -14.73 11.73 -2.48
C LYS A 82 -15.72 10.56 -2.55
N TYR A 83 -16.51 10.56 -3.62
CA TYR A 83 -17.49 9.52 -3.81
C TYR A 83 -17.48 9.03 -5.27
N LYS A 84 -16.56 9.57 -6.03
CA LYS A 84 -16.44 9.21 -7.43
C LYS A 84 -16.11 7.71 -7.54
N HIS A 85 -15.24 7.40 -8.49
CA HIS A 85 -14.84 6.02 -8.70
C HIS A 85 -14.88 5.26 -7.38
N THR A 86 -14.61 6.00 -6.31
CA THR A 86 -14.61 5.40 -4.98
C THR A 86 -15.89 4.59 -4.76
N ASP A 87 -16.95 5.03 -5.41
CA ASP A 87 -18.24 4.37 -5.30
C ASP A 87 -18.02 2.85 -5.32
N PRO A 88 -19.11 2.12 -5.67
CA PRO A 88 -19.06 0.67 -5.74
C PRO A 88 -18.29 0.20 -6.98
N THR A 89 -17.40 1.07 -7.45
CA THR A 89 -16.61 0.77 -8.63
C THR A 89 -15.25 0.18 -8.22
N PHE A 90 -14.65 0.82 -7.23
CA PHE A 90 -13.35 0.38 -6.74
C PHE A 90 -13.48 -0.29 -5.38
N GLY A 91 -14.49 0.14 -4.64
CA GLY A 91 -14.74 -0.40 -3.31
C GLY A 91 -14.64 -1.93 -3.32
N MET A 92 -15.81 -2.56 -3.34
CA MET A 92 -15.87 -4.01 -3.35
C MET A 92 -14.74 -4.60 -4.19
N ASP A 93 -14.55 -4.03 -5.38
CA ASP A 93 -13.51 -4.49 -6.28
C ASP A 93 -12.66 -3.29 -6.72
N LEU A 94 -11.49 -3.17 -6.12
CA LEU A 94 -10.60 -2.08 -6.45
C LEU A 94 -9.61 -2.54 -7.53
N GLN A 95 -9.04 -3.72 -7.30
CA GLN A 95 -8.09 -4.28 -8.25
C GLN A 95 -8.79 -4.66 -9.55
N LYS A 96 -10.08 -4.91 -9.44
CA LYS A 96 -10.88 -5.27 -10.59
C LYS A 96 -11.04 -4.06 -11.51
N CYS A 97 -11.02 -2.89 -10.89
CA CYS A 97 -11.16 -1.64 -11.64
C CYS A 97 -9.76 -1.06 -11.85
N VAL A 98 -8.92 -1.26 -10.84
CA VAL A 98 -7.56 -0.75 -10.91
C VAL A 98 -6.70 -1.71 -11.73
N GLN A 99 -7.11 -2.97 -11.75
CA GLN A 99 -6.39 -3.99 -12.49
C GLN A 99 -5.76 -3.39 -13.75
N ARG A 100 -6.46 -2.39 -14.29
CA ARG A 100 -5.97 -1.73 -15.49
C ARG A 100 -7.04 -0.76 -16.02
N GLY A 101 -8.29 -1.10 -15.74
CA GLY A 101 -9.40 -0.27 -16.19
C GLY A 101 -9.28 1.15 -15.63
N LEU A 102 -10.38 1.89 -15.73
CA LEU A 102 -10.40 3.26 -15.26
C LEU A 102 -9.06 3.93 -15.55
N TRP A 103 -8.19 3.90 -14.55
CA TRP A 103 -6.87 4.49 -14.69
C TRP A 103 -5.89 3.65 -13.88
N ASN A 104 -4.70 3.47 -14.46
CA ASN A 104 -3.67 2.69 -13.81
C ASN A 104 -2.88 3.59 -12.86
N PRO A 105 -3.11 3.37 -11.54
CA PRO A 105 -2.43 4.15 -10.52
C PRO A 105 -0.97 3.71 -10.38
N LYS A 106 -0.68 2.55 -10.93
CA LYS A 106 0.67 2.00 -10.87
C LYS A 106 1.33 2.44 -9.56
N GLU A 107 0.57 2.32 -8.49
CA GLU A 107 1.07 2.70 -7.17
C GLU A 107 1.12 1.46 -6.26
N ALA A 108 1.92 1.58 -5.22
CA ALA A 108 2.08 0.50 -4.26
C ALA A 108 1.48 0.92 -2.92
N LEU A 109 0.61 0.05 -2.40
CA LEU A 109 -0.04 0.31 -1.13
C LEU A 109 0.75 -0.34 0.00
N TRP A 110 1.27 0.50 0.89
CA TRP A 110 2.05 0.01 2.01
C TRP A 110 1.19 0.12 3.26
N VAL A 111 1.14 -0.98 4.01
CA VAL A 111 0.36 -1.02 5.23
C VAL A 111 0.89 -2.12 6.14
N ASP A 112 1.10 -1.76 7.39
CA ASP A 112 1.61 -2.70 8.37
C ASP A 112 0.71 -2.69 9.60
N TRP A 113 0.52 -3.88 10.17
CA TRP A 113 -0.32 -4.02 11.35
C TRP A 113 0.51 -4.73 12.42
N GLU A 114 1.82 -4.71 12.24
CA GLU A 114 2.73 -5.34 13.19
C GLU A 114 3.18 -4.34 14.24
N ASN A 115 3.58 -3.16 13.76
CA ASN A 115 4.03 -2.11 14.66
C ASN A 115 3.09 -0.90 14.54
N LYS A 116 1.88 -1.18 14.07
CA LYS A 116 0.89 -0.14 13.91
C LYS A 116 1.46 0.99 13.05
N LEU A 117 1.97 0.61 11.89
CA LEU A 117 2.55 1.57 10.98
C LEU A 117 1.97 1.36 9.58
N VAL A 118 1.72 2.47 8.89
CA VAL A 118 1.18 2.41 7.54
C VAL A 118 1.69 3.60 6.74
N GLY A 119 1.43 3.55 5.44
CA GLY A 119 1.87 4.62 4.55
C GLY A 119 1.53 4.30 3.10
N ASN A 120 1.31 5.34 2.33
CA ASN A 120 0.97 5.19 0.92
C ASN A 120 2.24 5.26 0.08
N GLU A 121 2.18 4.64 -1.09
CA GLU A 121 3.32 4.63 -1.99
C GLU A 121 4.32 3.55 -1.57
N PRO A 122 5.12 3.09 -2.57
CA PRO A 122 6.12 2.06 -2.32
C PRO A 122 7.31 2.63 -1.55
N ALA A 123 7.72 3.83 -1.95
CA ALA A 123 8.84 4.49 -1.31
C ALA A 123 8.62 4.53 0.20
N ASP A 124 7.34 4.51 0.57
CA ASP A 124 6.98 4.55 1.98
C ASP A 124 7.66 3.39 2.71
N ILE A 125 7.53 2.21 2.14
CA ILE A 125 8.12 1.02 2.72
C ILE A 125 9.59 1.30 3.05
N ASP A 126 10.31 1.75 2.03
CA ASP A 126 11.72 2.06 2.20
C ASP A 126 11.91 2.97 3.40
N LYS A 127 11.07 3.99 3.46
CA LYS A 127 11.12 4.95 4.56
C LYS A 127 11.09 4.19 5.88
N TYR A 128 10.05 3.37 6.04
CA TYR A 128 9.89 2.59 7.25
C TYR A 128 10.64 1.25 7.14
N ILE A 129 9.99 0.30 6.48
CA ILE A 129 10.59 -1.01 6.31
C ILE A 129 10.74 -1.29 4.81
N ILE A 130 11.87 -0.87 4.28
CA ILE A 130 12.16 -1.07 2.87
C ILE A 130 11.89 -2.52 2.50
N GLN A 131 12.12 -2.84 1.23
CA GLN A 131 11.91 -4.19 0.74
C GLN A 131 12.71 -5.19 1.58
N ARG A 132 13.38 -4.66 2.59
CA ARG A 132 14.18 -5.49 3.47
C ARG A 132 14.60 -4.70 4.71
N LYS A 133 13.63 -4.45 5.57
CA LYS A 133 13.88 -3.71 6.80
C LYS A 133 15.11 -4.29 7.50
N MET A 1 23.32 2.60 19.20
CA MET A 1 22.14 2.92 18.41
C MET A 1 22.22 2.28 17.02
N SER A 2 21.28 1.38 16.76
CA SER A 2 21.24 0.69 15.49
C SER A 2 19.79 0.58 15.01
N PHE A 3 19.38 1.56 14.22
CA PHE A 3 18.02 1.58 13.70
C PHE A 3 17.97 2.34 12.37
N TRP A 4 18.74 1.86 11.42
CA TRP A 4 18.78 2.49 10.11
C TRP A 4 17.59 1.98 9.29
N LYS A 5 17.34 0.69 9.43
CA LYS A 5 16.24 0.05 8.72
C LYS A 5 14.93 0.39 9.42
N THR A 6 14.98 0.36 10.74
CA THR A 6 13.79 0.65 11.54
C THR A 6 13.83 2.11 12.03
N LEU A 7 12.66 2.66 12.25
CA LEU A 7 12.54 4.03 12.72
C LEU A 7 11.94 4.03 14.13
N GLN A 8 11.35 2.91 14.49
CA GLN A 8 10.73 2.77 15.80
C GLN A 8 10.13 1.37 15.96
N ARG A 9 10.95 0.46 16.47
CA ARG A 9 10.51 -0.91 16.66
C ARG A 9 10.20 -1.58 15.32
N GLN A 10 10.73 -2.78 15.16
CA GLN A 10 10.54 -3.53 13.94
C GLN A 10 9.27 -4.39 14.05
N PRO A 11 8.40 -4.24 13.02
CA PRO A 11 7.15 -5.00 12.99
C PRO A 11 7.41 -6.46 12.61
N ARG A 12 6.36 -7.10 12.11
CA ARG A 12 6.45 -8.50 11.72
C ARG A 12 5.62 -8.75 10.46
N THR A 13 4.42 -8.18 10.46
CA THR A 13 3.52 -8.33 9.32
C THR A 13 3.51 -7.05 8.47
N ILE A 14 4.00 -7.20 7.26
CA ILE A 14 4.06 -6.07 6.34
C ILE A 14 2.91 -6.18 5.33
N SER A 15 1.98 -5.24 5.42
CA SER A 15 0.84 -5.23 4.53
C SER A 15 1.07 -4.21 3.41
N LEU A 16 1.34 -4.74 2.22
CA LEU A 16 1.58 -3.89 1.06
C LEU A 16 0.42 -4.05 0.08
N PHE A 17 -0.17 -2.91 -0.28
CA PHE A 17 -1.29 -2.91 -1.21
C PHE A 17 -0.82 -2.55 -2.62
N THR A 18 -1.28 -3.34 -3.59
CA THR A 18 -0.92 -3.12 -4.97
C THR A 18 -1.95 -2.21 -5.65
N ASN A 19 -1.46 -1.37 -6.55
CA ASN A 19 -2.32 -0.45 -7.27
C ASN A 19 -1.85 -0.36 -8.73
N ASP A 20 -1.75 -1.52 -9.36
CA ASP A 20 -1.32 -1.58 -10.75
C ASP A 20 0.13 -1.09 -10.84
N ILE A 21 0.71 -1.33 -12.01
CA ILE A 21 2.09 -0.92 -12.25
C ILE A 21 2.51 -1.34 -13.66
N ALA A 22 3.08 -2.53 -13.74
CA ALA A 22 3.53 -3.06 -15.01
C ALA A 22 3.19 -4.55 -15.08
N SER A 23 4.15 -5.33 -15.57
CA SER A 23 3.96 -6.77 -15.69
C SER A 23 3.06 -7.28 -14.57
N ASN A 24 3.68 -7.58 -13.44
CA ASN A 24 2.95 -8.08 -12.29
C ASN A 24 2.44 -6.90 -11.47
N ILE A 25 1.22 -6.49 -11.76
CA ILE A 25 0.62 -5.37 -11.05
C ILE A 25 0.91 -5.50 -9.55
N LYS A 26 0.91 -6.75 -9.09
CA LYS A 26 1.17 -7.02 -7.69
C LYS A 26 2.69 -7.06 -7.46
N SER A 27 3.35 -7.96 -8.18
CA SER A 27 4.79 -8.10 -8.07
C SER A 27 5.48 -6.80 -8.46
N GLN A 28 5.37 -6.46 -9.73
CA GLN A 28 5.98 -5.25 -10.24
C GLN A 28 5.81 -4.10 -9.23
N LYS A 29 4.76 -4.23 -8.42
CA LYS A 29 4.49 -3.22 -7.41
C LYS A 29 5.57 -3.27 -6.32
N CYS A 30 5.38 -4.21 -5.40
CA CYS A 30 6.32 -4.39 -4.31
C CYS A 30 7.53 -5.17 -4.83
N LEU A 31 7.24 -6.35 -5.36
CA LEU A 31 8.29 -7.20 -5.90
C LEU A 31 9.40 -6.33 -6.50
N GLN A 32 8.98 -5.21 -7.08
CA GLN A 32 9.91 -4.29 -7.70
C GLN A 32 10.59 -3.43 -6.63
N LEU A 33 9.76 -2.85 -5.77
CA LEU A 33 10.26 -1.99 -4.70
C LEU A 33 11.30 -2.76 -3.89
N LEU A 34 10.91 -3.97 -3.50
CA LEU A 34 11.80 -4.82 -2.72
C LEU A 34 12.95 -5.31 -3.60
N LYS A 35 12.73 -5.19 -4.91
CA LYS A 35 13.74 -5.61 -5.87
C LYS A 35 15.03 -4.82 -5.64
N GLY A 36 14.94 -3.84 -4.75
CA GLY A 36 16.08 -3.01 -4.43
C GLY A 36 17.17 -3.81 -3.72
N ASP A 37 16.80 -4.38 -2.58
CA ASP A 37 17.74 -5.18 -1.80
C ASP A 37 16.95 -6.10 -0.86
N VAL A 38 16.37 -7.13 -1.45
CA VAL A 38 15.59 -8.09 -0.69
C VAL A 38 16.51 -9.22 -0.22
N SER A 39 15.92 -10.12 0.56
CA SER A 39 16.67 -11.26 1.08
C SER A 39 15.79 -12.10 1.99
N HIS A 40 15.08 -11.42 2.87
CA HIS A 40 14.18 -12.08 3.80
C HIS A 40 13.84 -11.14 4.96
N ARG A 41 14.54 -11.34 6.07
CA ARG A 41 14.32 -10.51 7.25
C ARG A 41 12.90 -10.72 7.77
N PHE A 42 11.93 -10.32 6.96
CA PHE A 42 10.54 -10.44 7.34
C PHE A 42 9.69 -10.91 6.15
N ASP A 43 8.41 -11.15 6.43
CA ASP A 43 7.49 -11.60 5.40
C ASP A 43 6.73 -10.40 4.83
N VAL A 44 6.96 -10.15 3.55
CA VAL A 44 6.29 -9.04 2.88
C VAL A 44 4.99 -9.53 2.26
N GLU A 45 3.95 -8.73 2.42
CA GLU A 45 2.65 -9.07 1.88
C GLU A 45 2.34 -8.20 0.67
N ILE A 46 2.26 -8.86 -0.48
CA ILE A 46 1.98 -8.15 -1.72
C ILE A 46 0.61 -8.58 -2.25
N ALA A 47 -0.38 -7.72 -2.01
CA ALA A 47 -1.74 -8.00 -2.45
C ALA A 47 -2.36 -6.72 -3.01
N ASN A 48 -3.16 -6.91 -4.05
CA ASN A 48 -3.83 -5.78 -4.69
C ASN A 48 -5.30 -5.76 -4.27
N ARG A 49 -5.68 -4.70 -3.59
CA ARG A 49 -7.05 -4.55 -3.13
C ARG A 49 -7.30 -3.11 -2.68
N PHE A 50 -8.56 -2.72 -2.73
CA PHE A 50 -8.95 -1.37 -2.33
C PHE A 50 -8.91 -1.22 -0.81
N PRO A 51 -8.35 -0.07 -0.36
CA PRO A 51 -8.24 0.22 1.06
C PRO A 51 -9.59 0.61 1.64
N THR A 52 -10.51 -0.34 1.63
CA THR A 52 -11.84 -0.11 2.16
C THR A 52 -11.77 0.31 3.63
N TRP A 53 -12.66 1.22 3.99
CA TRP A 53 -12.71 1.70 5.36
C TRP A 53 -12.86 0.49 6.29
N ASP A 54 -13.45 -0.56 5.75
CA ASP A 54 -13.66 -1.78 6.51
C ASP A 54 -12.34 -2.23 7.12
N GLN A 55 -11.37 -2.46 6.24
CA GLN A 55 -10.06 -2.90 6.68
C GLN A 55 -9.20 -1.69 7.06
N LEU A 56 -9.14 -0.73 6.16
CA LEU A 56 -8.35 0.47 6.38
C LEU A 56 -8.75 1.07 7.74
N GLN A 57 -9.95 0.74 8.17
CA GLN A 57 -10.45 1.24 9.44
C GLN A 57 -9.35 1.16 10.51
N TYR A 58 -8.43 0.24 10.30
CA TYR A 58 -7.33 0.06 11.23
C TYR A 58 -6.38 1.26 11.19
N MET A 59 -5.95 1.59 9.98
CA MET A 59 -5.05 2.71 9.79
C MET A 59 -5.78 4.04 9.93
N ARG A 60 -7.06 4.02 9.58
CA ARG A 60 -7.88 5.21 9.66
C ARG A 60 -7.81 5.81 11.06
N THR A 61 -7.82 4.92 12.04
CA THR A 61 -7.77 5.34 13.44
C THR A 61 -6.35 5.77 13.81
N SER A 62 -5.40 4.93 13.42
CA SER A 62 -4.00 5.20 13.69
C SER A 62 -3.61 6.57 13.14
N CYS A 63 -4.00 6.80 11.89
CA CYS A 63 -3.69 8.05 11.22
C CYS A 63 -4.99 8.63 10.67
N PRO A 64 -5.12 9.98 10.81
CA PRO A 64 -6.31 10.67 10.33
C PRO A 64 -6.30 10.79 8.81
N GLN A 65 -5.10 10.93 8.27
CA GLN A 65 -4.93 11.06 6.84
C GLN A 65 -4.59 9.70 6.21
N GLY A 66 -4.76 8.66 7.01
CA GLY A 66 -4.48 7.31 6.55
C GLY A 66 -5.31 6.96 5.32
N PRO A 67 -6.60 7.37 5.38
CA PRO A 67 -7.52 7.10 4.28
C PRO A 67 -7.23 8.02 3.09
N VAL A 68 -7.28 9.32 3.36
CA VAL A 68 -7.03 10.31 2.32
C VAL A 68 -5.77 9.93 1.56
N SER A 69 -4.85 9.28 2.27
CA SER A 69 -3.60 8.86 1.67
C SER A 69 -3.85 7.77 0.63
N LEU A 70 -4.81 6.91 0.93
CA LEU A 70 -5.17 5.83 0.03
C LEU A 70 -5.99 6.39 -1.14
N GLN A 71 -7.06 7.09 -0.78
CA GLN A 71 -7.93 7.68 -1.78
C GLN A 71 -7.11 8.49 -2.79
N ARG A 72 -6.08 9.15 -2.29
CA ARG A 72 -5.22 9.95 -3.14
C ARG A 72 -4.17 9.06 -3.82
N GLN A 73 -4.01 7.87 -3.26
CA GLN A 73 -3.04 6.92 -3.81
C GLN A 73 -3.47 6.50 -5.22
N ILE A 74 -4.77 6.43 -5.41
CA ILE A 74 -5.30 6.04 -6.70
C ILE A 74 -5.38 7.26 -7.62
N PRO A 75 -5.07 7.03 -8.92
CA PRO A 75 -5.09 8.10 -9.90
C PRO A 75 -6.53 8.47 -10.28
N LYS A 76 -7.29 8.87 -9.27
CA LYS A 76 -8.68 9.24 -9.48
C LYS A 76 -9.31 9.62 -8.15
N LEU A 77 -8.52 10.28 -7.32
CA LEU A 77 -8.99 10.69 -6.01
C LEU A 77 -10.39 11.30 -6.14
N ASP A 78 -10.46 12.38 -6.90
CA ASP A 78 -11.72 13.05 -7.12
C ASP A 78 -12.83 12.01 -7.30
N SER A 79 -12.43 10.84 -7.78
CA SER A 79 -13.36 9.75 -8.00
C SER A 79 -13.54 8.94 -6.71
N VAL A 80 -12.43 8.42 -6.23
CA VAL A 80 -12.45 7.62 -5.00
C VAL A 80 -12.46 8.55 -3.79
N LEU A 81 -11.63 9.59 -3.87
CA LEU A 81 -11.54 10.56 -2.79
C LEU A 81 -12.93 11.13 -2.51
N LYS A 82 -13.87 10.74 -3.34
CA LYS A 82 -15.25 11.22 -3.20
C LYS A 82 -16.19 10.01 -3.17
N TYR A 83 -16.77 9.73 -4.32
CA TYR A 83 -17.69 8.61 -4.45
C TYR A 83 -18.01 8.32 -5.91
N LYS A 84 -17.27 8.99 -6.79
CA LYS A 84 -17.45 8.80 -8.22
C LYS A 84 -17.32 7.32 -8.56
N HIS A 85 -16.92 7.06 -9.80
CA HIS A 85 -16.74 5.70 -10.26
C HIS A 85 -16.18 4.84 -9.14
N THR A 86 -15.62 5.52 -8.14
CA THR A 86 -15.04 4.82 -6.99
C THR A 86 -16.07 3.87 -6.38
N ASP A 87 -17.32 4.08 -6.74
CA ASP A 87 -18.40 3.26 -6.23
C ASP A 87 -17.89 1.84 -6.00
N PRO A 88 -18.75 0.84 -6.33
CA PRO A 88 -18.39 -0.55 -6.16
C PRO A 88 -17.42 -1.00 -7.25
N THR A 89 -16.78 -0.02 -7.87
CA THR A 89 -15.83 -0.30 -8.93
C THR A 89 -14.48 -0.72 -8.34
N PHE A 90 -14.01 0.09 -7.39
CA PHE A 90 -12.74 -0.18 -6.74
C PHE A 90 -12.95 -0.80 -5.36
N GLY A 91 -14.09 -0.46 -4.77
CA GLY A 91 -14.43 -0.97 -3.44
C GLY A 91 -14.13 -2.47 -3.35
N MET A 92 -14.31 -3.00 -2.15
CA MET A 92 -14.07 -4.41 -1.91
C MET A 92 -12.86 -4.91 -2.70
N ASP A 93 -13.10 -5.14 -3.99
CA ASP A 93 -12.05 -5.61 -4.87
C ASP A 93 -11.72 -4.52 -5.89
N LEU A 94 -10.60 -3.85 -5.64
CA LEU A 94 -10.17 -2.78 -6.54
C LEU A 94 -9.40 -3.39 -7.71
N GLN A 95 -8.75 -4.51 -7.43
CA GLN A 95 -7.97 -5.19 -8.46
C GLN A 95 -8.77 -5.28 -9.77
N LYS A 96 -10.09 -5.26 -9.62
CA LYS A 96 -10.97 -5.33 -10.77
C LYS A 96 -10.81 -4.06 -11.60
N CYS A 97 -10.52 -2.97 -10.92
CA CYS A 97 -10.34 -1.69 -11.58
C CYS A 97 -8.85 -1.46 -11.79
N VAL A 98 -8.09 -1.64 -10.71
CA VAL A 98 -6.66 -1.47 -10.76
C VAL A 98 -6.07 -2.39 -11.83
N GLN A 99 -6.70 -3.55 -11.97
CA GLN A 99 -6.25 -4.53 -12.95
C GLN A 99 -5.85 -3.83 -14.26
N ARG A 100 -6.44 -2.66 -14.47
CA ARG A 100 -6.16 -1.89 -15.66
C ARG A 100 -7.38 -1.05 -16.05
N GLY A 101 -8.52 -1.42 -15.47
CA GLY A 101 -9.77 -0.72 -15.75
C GLY A 101 -9.64 0.77 -15.43
N LEU A 102 -10.78 1.41 -15.28
CA LEU A 102 -10.81 2.84 -14.97
C LEU A 102 -9.54 3.50 -15.51
N TRP A 103 -8.49 3.43 -14.71
CA TRP A 103 -7.22 4.01 -15.09
C TRP A 103 -6.11 3.06 -14.63
N ASN A 104 -5.00 3.10 -15.36
CA ASN A 104 -3.87 2.25 -15.04
C ASN A 104 -2.98 2.96 -14.02
N PRO A 105 -3.14 2.56 -12.73
CA PRO A 105 -2.36 3.15 -11.65
C PRO A 105 -0.92 2.62 -11.67
N LYS A 106 -0.25 2.81 -10.55
CA LYS A 106 1.12 2.36 -10.42
C LYS A 106 1.70 2.86 -9.08
N GLU A 107 0.82 2.95 -8.10
CA GLU A 107 1.22 3.40 -6.78
C GLU A 107 1.25 2.23 -5.79
N ALA A 108 2.13 2.33 -4.82
CA ALA A 108 2.27 1.30 -3.81
C ALA A 108 2.21 1.93 -2.42
N LEU A 109 1.35 1.35 -1.59
CA LEU A 109 1.19 1.85 -0.23
C LEU A 109 1.46 0.72 0.76
N TRP A 110 2.34 1.00 1.71
CA TRP A 110 2.71 0.01 2.72
C TRP A 110 1.95 0.36 4.00
N VAL A 111 1.44 -0.68 4.65
CA VAL A 111 0.70 -0.49 5.89
C VAL A 111 0.91 -1.71 6.79
N ASP A 112 1.55 -1.48 7.93
CA ASP A 112 1.82 -2.55 8.87
C ASP A 112 0.76 -2.50 9.98
N TRP A 113 0.48 -3.68 10.54
CA TRP A 113 -0.49 -3.79 11.60
C TRP A 113 0.19 -4.44 12.81
N GLU A 114 1.50 -4.64 12.67
CA GLU A 114 2.28 -5.25 13.73
C GLU A 114 2.79 -4.17 14.70
N ASN A 115 3.32 -3.11 14.12
CA ASN A 115 3.84 -2.01 14.93
C ASN A 115 2.97 -0.77 14.70
N LYS A 116 1.77 -1.00 14.21
CA LYS A 116 0.84 0.08 13.93
C LYS A 116 1.54 1.13 13.06
N LEU A 117 2.06 0.66 11.95
CA LEU A 117 2.74 1.55 11.01
C LEU A 117 1.96 1.63 9.70
N VAL A 118 1.87 2.83 9.16
CA VAL A 118 1.15 3.06 7.93
C VAL A 118 1.81 4.19 7.15
N GLY A 119 1.62 4.17 5.84
CA GLY A 119 2.19 5.18 4.98
C GLY A 119 2.23 4.71 3.52
N ASN A 120 1.44 5.38 2.69
CA ASN A 120 1.37 5.03 1.28
C ASN A 120 2.71 5.40 0.62
N GLU A 121 2.74 5.23 -0.70
CA GLU A 121 3.93 5.52 -1.47
C GLU A 121 4.97 4.42 -1.30
N PRO A 122 5.74 4.18 -2.39
CA PRO A 122 6.77 3.16 -2.38
C PRO A 122 7.99 3.61 -1.58
N ALA A 123 8.35 4.87 -1.77
CA ALA A 123 9.49 5.44 -1.08
C ALA A 123 9.28 5.31 0.44
N ASP A 124 8.01 5.30 0.82
CA ASP A 124 7.66 5.18 2.23
C ASP A 124 8.24 3.87 2.78
N ILE A 125 8.10 2.82 1.99
CA ILE A 125 8.59 1.52 2.38
C ILE A 125 10.06 1.65 2.83
N ASP A 126 10.85 2.25 1.96
CA ASP A 126 12.26 2.45 2.25
C ASP A 126 12.42 3.05 3.64
N LYS A 127 11.73 4.15 3.86
CA LYS A 127 11.77 4.84 5.15
C LYS A 127 11.34 3.86 6.25
N TYR A 128 10.15 3.32 6.07
CA TYR A 128 9.60 2.37 7.04
C TYR A 128 10.40 1.07 7.04
N ILE A 129 10.06 0.21 6.08
CA ILE A 129 10.74 -1.07 5.96
C ILE A 129 11.02 -1.36 4.49
N ILE A 130 12.21 -0.96 4.06
CA ILE A 130 12.62 -1.17 2.68
C ILE A 130 12.47 -2.65 2.33
N GLN A 131 13.13 -3.03 1.24
CA GLN A 131 13.09 -4.41 0.78
C GLN A 131 13.50 -5.35 1.92
N ARG A 132 14.64 -5.03 2.52
CA ARG A 132 15.15 -5.84 3.61
C ARG A 132 14.90 -5.15 4.96
N LYS A 133 13.62 -4.88 5.21
CA LYS A 133 13.23 -4.23 6.44
C LYS A 133 11.76 -4.53 6.73
N MET A 1 23.59 5.68 17.26
CA MET A 1 22.45 5.15 16.52
C MET A 1 22.52 5.53 15.04
N SER A 2 22.19 4.56 14.19
CA SER A 2 22.22 4.79 12.76
C SER A 2 21.11 3.96 12.08
N PHE A 3 21.26 2.65 12.18
CA PHE A 3 20.29 1.74 11.57
C PHE A 3 20.20 1.96 10.06
N TRP A 4 20.26 0.85 9.33
CA TRP A 4 20.19 0.90 7.89
C TRP A 4 18.75 1.26 7.50
N LYS A 5 17.81 0.56 8.13
CA LYS A 5 16.41 0.80 7.86
C LYS A 5 15.90 1.93 8.76
N THR A 6 16.23 1.83 10.03
CA THR A 6 15.82 2.83 10.99
C THR A 6 14.29 2.93 11.05
N LEU A 7 13.77 2.80 12.26
CA LEU A 7 12.33 2.87 12.46
C LEU A 7 12.02 2.71 13.95
N GLN A 8 10.73 2.63 14.25
CA GLN A 8 10.29 2.47 15.63
C GLN A 8 9.76 1.07 15.86
N ARG A 9 10.65 0.18 16.30
CA ARG A 9 10.28 -1.19 16.57
C ARG A 9 9.85 -1.88 15.27
N GLN A 10 10.52 -2.99 14.97
CA GLN A 10 10.23 -3.74 13.77
C GLN A 10 8.87 -4.43 13.90
N PRO A 11 8.06 -4.32 12.82
CA PRO A 11 6.73 -4.92 12.80
C PRO A 11 6.83 -6.43 12.61
N ARG A 12 5.71 -7.02 12.20
CA ARG A 12 5.65 -8.46 11.98
C ARG A 12 4.95 -8.76 10.65
N THR A 13 3.65 -8.49 10.63
CA THR A 13 2.86 -8.73 9.44
C THR A 13 2.86 -7.49 8.54
N ILE A 14 3.38 -7.68 7.33
CA ILE A 14 3.44 -6.59 6.37
C ILE A 14 2.26 -6.70 5.40
N SER A 15 1.35 -5.76 5.52
CA SER A 15 0.17 -5.74 4.67
C SER A 15 0.37 -4.72 3.54
N LEU A 16 0.66 -5.23 2.36
CA LEU A 16 0.87 -4.38 1.20
C LEU A 16 -0.21 -4.67 0.15
N PHE A 17 -0.59 -3.63 -0.57
CA PHE A 17 -1.60 -3.76 -1.59
C PHE A 17 -1.08 -3.28 -2.95
N THR A 18 -1.63 -3.88 -4.00
CA THR A 18 -1.23 -3.53 -5.35
C THR A 18 -2.23 -2.55 -5.97
N ASN A 19 -1.69 -1.58 -6.70
CA ASN A 19 -2.52 -0.58 -7.34
C ASN A 19 -1.89 -0.20 -8.69
N ASP A 20 -1.85 -1.17 -9.57
CA ASP A 20 -1.28 -0.94 -10.90
C ASP A 20 0.15 -0.41 -10.75
N ILE A 21 0.91 -0.53 -11.83
CA ILE A 21 2.29 -0.07 -11.83
C ILE A 21 2.89 -0.29 -13.21
N ALA A 22 3.51 -1.45 -13.38
CA ALA A 22 4.13 -1.80 -14.65
C ALA A 22 3.82 -3.26 -14.98
N SER A 23 4.83 -3.94 -15.50
CA SER A 23 4.68 -5.34 -15.86
C SER A 23 3.68 -6.01 -14.93
N ASN A 24 4.22 -6.60 -13.86
CA ASN A 24 3.38 -7.28 -12.89
C ASN A 24 2.80 -6.26 -11.91
N ILE A 25 1.54 -5.92 -12.14
CA ILE A 25 0.86 -4.96 -11.30
C ILE A 25 1.09 -5.32 -9.83
N LYS A 26 1.15 -6.62 -9.57
CA LYS A 26 1.37 -7.11 -8.22
C LYS A 26 2.86 -7.08 -7.91
N SER A 27 3.62 -7.81 -8.74
CA SER A 27 5.06 -7.87 -8.56
C SER A 27 5.66 -6.46 -8.61
N GLN A 28 5.58 -5.86 -9.78
CA GLN A 28 6.11 -4.52 -9.96
C GLN A 28 5.81 -3.65 -8.75
N LYS A 29 4.68 -3.94 -8.12
CA LYS A 29 4.27 -3.20 -6.93
C LYS A 29 5.38 -3.25 -5.89
N CYS A 30 5.40 -4.34 -5.15
CA CYS A 30 6.41 -4.53 -4.12
C CYS A 30 7.58 -5.31 -4.71
N LEU A 31 7.24 -6.45 -5.29
CA LEU A 31 8.25 -7.31 -5.90
C LEU A 31 9.36 -6.44 -6.50
N GLN A 32 8.93 -5.36 -7.14
CA GLN A 32 9.87 -4.44 -7.76
C GLN A 32 10.43 -3.47 -6.71
N LEU A 33 9.61 -3.18 -5.72
CA LEU A 33 10.00 -2.27 -4.66
C LEU A 33 11.06 -2.94 -3.79
N LEU A 34 10.74 -4.16 -3.35
CA LEU A 34 11.66 -4.92 -2.52
C LEU A 34 12.76 -5.51 -3.38
N LYS A 35 12.57 -5.40 -4.69
CA LYS A 35 13.55 -5.92 -5.64
C LYS A 35 14.93 -5.40 -5.28
N GLY A 36 14.94 -4.38 -4.43
CA GLY A 36 16.19 -3.77 -4.00
C GLY A 36 16.98 -4.74 -3.11
N ASP A 37 16.55 -4.84 -1.87
CA ASP A 37 17.21 -5.72 -0.92
C ASP A 37 16.21 -6.76 -0.42
N VAL A 38 16.72 -7.70 0.36
CA VAL A 38 15.89 -8.77 0.91
C VAL A 38 16.76 -9.68 1.78
N SER A 39 16.08 -10.40 2.68
CA SER A 39 16.77 -11.31 3.58
C SER A 39 16.00 -11.41 4.90
N HIS A 40 16.39 -12.40 5.69
CA HIS A 40 15.75 -12.61 6.99
C HIS A 40 15.43 -11.26 7.63
N ARG A 41 14.15 -10.93 7.60
CA ARG A 41 13.69 -9.67 8.18
C ARG A 41 12.20 -9.76 8.52
N PHE A 42 11.39 -9.87 7.48
CA PHE A 42 9.95 -9.96 7.65
C PHE A 42 9.28 -10.52 6.39
N ASP A 43 8.01 -10.85 6.54
CA ASP A 43 7.25 -11.40 5.42
C ASP A 43 6.43 -10.28 4.77
N VAL A 44 6.71 -10.04 3.51
CA VAL A 44 6.02 -9.01 2.76
C VAL A 44 4.83 -9.63 2.03
N GLU A 45 3.66 -9.04 2.25
CA GLU A 45 2.45 -9.53 1.61
C GLU A 45 2.08 -8.64 0.42
N ILE A 46 2.14 -9.24 -0.76
CA ILE A 46 1.82 -8.52 -1.98
C ILE A 46 0.49 -9.03 -2.53
N ALA A 47 -0.54 -8.21 -2.35
CA ALA A 47 -1.87 -8.56 -2.83
C ALA A 47 -2.55 -7.32 -3.40
N ASN A 48 -3.20 -7.51 -4.53
CA ASN A 48 -3.90 -6.42 -5.19
C ASN A 48 -5.35 -6.39 -4.73
N ARG A 49 -5.72 -5.30 -4.08
CA ARG A 49 -7.07 -5.13 -3.59
C ARG A 49 -7.31 -3.69 -3.16
N PHE A 50 -8.58 -3.34 -3.06
CA PHE A 50 -8.96 -1.98 -2.67
C PHE A 50 -8.71 -1.76 -1.18
N PRO A 51 -8.07 -0.59 -0.87
CA PRO A 51 -7.75 -0.24 0.50
C PRO A 51 -9.01 0.20 1.25
N THR A 52 -9.95 -0.72 1.36
CA THR A 52 -11.21 -0.43 2.04
C THR A 52 -10.93 -0.04 3.50
N TRP A 53 -11.50 1.09 3.89
CA TRP A 53 -11.33 1.58 5.25
C TRP A 53 -11.94 0.54 6.21
N ASP A 54 -12.75 -0.33 5.64
CA ASP A 54 -13.40 -1.37 6.43
C ASP A 54 -12.35 -2.05 7.32
N GLN A 55 -11.31 -2.57 6.67
CA GLN A 55 -10.25 -3.24 7.39
C GLN A 55 -9.24 -2.22 7.92
N LEU A 56 -8.90 -1.26 7.06
CA LEU A 56 -7.95 -0.23 7.41
C LEU A 56 -8.54 0.63 8.53
N GLN A 57 -9.86 0.55 8.67
CA GLN A 57 -10.55 1.31 9.69
C GLN A 57 -9.73 1.35 10.98
N TYR A 58 -8.93 0.32 11.17
CA TYR A 58 -8.09 0.22 12.35
C TYR A 58 -6.94 1.24 12.29
N MET A 59 -6.22 1.19 11.18
CA MET A 59 -5.09 2.09 10.99
C MET A 59 -5.59 3.50 10.63
N ARG A 60 -6.67 3.54 9.87
CA ARG A 60 -7.24 4.80 9.44
C ARG A 60 -7.53 5.69 10.66
N THR A 61 -7.70 5.04 11.80
CA THR A 61 -7.97 5.75 13.04
C THR A 61 -6.66 6.18 13.71
N SER A 62 -5.73 5.24 13.75
CA SER A 62 -4.43 5.51 14.36
C SER A 62 -3.65 6.53 13.53
N CYS A 63 -4.08 6.66 12.27
CA CYS A 63 -3.43 7.59 11.36
C CYS A 63 -4.51 8.50 10.76
N PRO A 64 -4.21 9.83 10.77
CA PRO A 64 -5.14 10.80 10.24
C PRO A 64 -5.14 10.78 8.71
N GLN A 65 -3.96 10.51 8.16
CA GLN A 65 -3.81 10.46 6.71
C GLN A 65 -3.93 9.01 6.22
N GLY A 66 -4.39 8.15 7.11
CA GLY A 66 -4.55 6.75 6.78
C GLY A 66 -5.55 6.56 5.64
N PRO A 67 -6.71 7.26 5.77
CA PRO A 67 -7.74 7.18 4.75
C PRO A 67 -7.35 8.00 3.51
N VAL A 68 -7.15 9.28 3.72
CA VAL A 68 -6.77 10.17 2.63
C VAL A 68 -5.63 9.54 1.84
N SER A 69 -4.84 8.75 2.54
CA SER A 69 -3.70 8.08 1.92
C SER A 69 -4.20 7.04 0.91
N LEU A 70 -5.33 6.45 1.23
CA LEU A 70 -5.92 5.44 0.36
C LEU A 70 -6.57 6.12 -0.83
N GLN A 71 -7.43 7.09 -0.53
CA GLN A 71 -8.13 7.82 -1.57
C GLN A 71 -7.13 8.57 -2.45
N ARG A 72 -6.10 9.09 -1.81
CA ARG A 72 -5.06 9.84 -2.52
C ARG A 72 -4.07 8.87 -3.17
N GLN A 73 -4.11 7.63 -2.71
CA GLN A 73 -3.22 6.60 -3.23
C GLN A 73 -3.61 6.26 -4.67
N ILE A 74 -4.91 6.19 -4.91
CA ILE A 74 -5.42 5.87 -6.23
C ILE A 74 -5.24 7.08 -7.14
N PRO A 75 -5.40 6.83 -8.47
CA PRO A 75 -5.27 7.90 -9.45
C PRO A 75 -6.49 8.82 -9.44
N LYS A 76 -7.62 8.25 -9.80
CA LYS A 76 -8.87 9.01 -9.83
C LYS A 76 -9.30 9.34 -8.41
N LEU A 77 -8.42 10.04 -7.71
CA LEU A 77 -8.69 10.43 -6.33
C LEU A 77 -10.05 11.13 -6.27
N ASP A 78 -10.15 12.24 -6.99
CA ASP A 78 -11.38 13.01 -7.03
C ASP A 78 -12.57 12.05 -7.10
N SER A 79 -12.32 10.89 -7.68
CA SER A 79 -13.36 9.89 -7.83
C SER A 79 -13.56 9.15 -6.50
N VAL A 80 -12.50 8.53 -6.04
CA VAL A 80 -12.54 7.78 -4.79
C VAL A 80 -12.45 8.77 -3.62
N LEU A 81 -11.76 9.87 -3.87
CA LEU A 81 -11.59 10.88 -2.84
C LEU A 81 -12.96 11.41 -2.42
N LYS A 82 -13.97 11.00 -3.17
CA LYS A 82 -15.33 11.43 -2.90
C LYS A 82 -16.25 10.20 -2.92
N TYR A 83 -16.75 9.91 -4.11
CA TYR A 83 -17.64 8.78 -4.29
C TYR A 83 -17.97 8.55 -5.76
N LYS A 84 -17.23 9.26 -6.61
CA LYS A 84 -17.43 9.15 -8.04
C LYS A 84 -17.28 7.69 -8.46
N HIS A 85 -16.87 7.50 -9.71
CA HIS A 85 -16.69 6.15 -10.24
C HIS A 85 -16.15 5.24 -9.14
N THR A 86 -15.60 5.86 -8.10
CA THR A 86 -15.05 5.11 -6.98
C THR A 86 -16.08 4.12 -6.45
N ASP A 87 -17.34 4.34 -6.84
CA ASP A 87 -18.42 3.47 -6.42
C ASP A 87 -17.89 2.06 -6.21
N PRO A 88 -18.74 1.06 -6.55
CA PRO A 88 -18.37 -0.33 -6.40
C PRO A 88 -17.39 -0.75 -7.50
N THR A 89 -16.76 0.25 -8.11
CA THR A 89 -15.80 -0.01 -9.16
C THR A 89 -14.45 -0.43 -8.56
N PHE A 90 -14.00 0.37 -7.61
CA PHE A 90 -12.73 0.10 -6.96
C PHE A 90 -12.95 -0.57 -5.60
N GLY A 91 -14.14 -0.38 -5.07
CA GLY A 91 -14.49 -0.97 -3.78
C GLY A 91 -14.03 -2.42 -3.69
N MET A 92 -14.41 -3.06 -2.60
CA MET A 92 -14.04 -4.45 -2.38
C MET A 92 -12.72 -4.78 -3.07
N ASP A 93 -12.82 -5.18 -4.33
CA ASP A 93 -11.64 -5.52 -5.11
C ASP A 93 -11.40 -4.44 -6.15
N LEU A 94 -10.42 -3.59 -5.85
CA LEU A 94 -10.07 -2.50 -6.75
C LEU A 94 -9.23 -3.06 -7.91
N GLN A 95 -8.52 -4.15 -7.62
CA GLN A 95 -7.68 -4.78 -8.61
C GLN A 95 -8.45 -4.96 -9.92
N LYS A 96 -9.76 -5.15 -9.79
CA LYS A 96 -10.61 -5.33 -10.95
C LYS A 96 -10.55 -4.08 -11.82
N CYS A 97 -10.45 -2.93 -11.15
CA CYS A 97 -10.39 -1.67 -11.85
C CYS A 97 -8.92 -1.36 -12.18
N VAL A 98 -8.05 -1.92 -11.37
CA VAL A 98 -6.62 -1.73 -11.57
C VAL A 98 -6.14 -2.58 -12.74
N GLN A 99 -6.98 -3.54 -13.10
CA GLN A 99 -6.66 -4.43 -14.21
C GLN A 99 -6.13 -3.63 -15.40
N ARG A 100 -6.32 -2.32 -15.32
CA ARG A 100 -5.87 -1.43 -16.38
C ARG A 100 -7.05 -0.61 -16.91
N GLY A 101 -8.16 -0.69 -16.20
CA GLY A 101 -9.36 0.04 -16.59
C GLY A 101 -9.38 1.43 -15.95
N LEU A 102 -10.45 1.69 -15.20
CA LEU A 102 -10.62 2.97 -14.54
C LEU A 102 -9.43 3.87 -14.90
N TRP A 103 -8.32 3.65 -14.22
CA TRP A 103 -7.13 4.43 -14.45
C TRP A 103 -5.91 3.50 -14.31
N ASN A 104 -4.78 3.98 -14.80
CA ASN A 104 -3.55 3.21 -14.73
C ASN A 104 -2.66 3.76 -13.62
N PRO A 105 -2.91 3.25 -12.38
CA PRO A 105 -2.15 3.69 -11.23
C PRO A 105 -0.74 3.07 -11.23
N LYS A 106 0.08 3.55 -10.32
CA LYS A 106 1.44 3.05 -10.21
C LYS A 106 1.98 3.33 -8.80
N GLU A 107 1.10 3.15 -7.82
CA GLU A 107 1.46 3.38 -6.43
C GLU A 107 1.30 2.09 -5.62
N ALA A 108 2.09 1.98 -4.57
CA ALA A 108 2.06 0.82 -3.71
C ALA A 108 1.55 1.23 -2.31
N LEU A 109 0.77 0.34 -1.72
CA LEU A 109 0.22 0.59 -0.40
C LEU A 109 0.97 -0.27 0.62
N TRP A 110 1.37 0.37 1.71
CA TRP A 110 2.07 -0.33 2.77
C TRP A 110 1.38 0.00 4.10
N VAL A 111 0.95 -1.07 4.77
CA VAL A 111 0.27 -0.93 6.04
C VAL A 111 0.74 -2.02 7.00
N ASP A 112 1.10 -1.60 8.20
CA ASP A 112 1.57 -2.53 9.22
C ASP A 112 0.55 -2.60 10.35
N TRP A 113 0.25 -3.83 10.77
CA TRP A 113 -0.70 -4.04 11.84
C TRP A 113 0.07 -4.49 13.08
N GLU A 114 1.39 -4.51 12.93
CA GLU A 114 2.26 -4.92 14.02
C GLU A 114 2.66 -3.71 14.87
N ASN A 115 3.18 -2.70 14.18
CA ASN A 115 3.61 -1.48 14.85
C ASN A 115 2.76 -0.30 14.35
N LYS A 116 1.63 -0.65 13.75
CA LYS A 116 0.73 0.37 13.22
C LYS A 116 1.52 1.32 12.32
N LEU A 117 2.18 0.73 11.34
CA LEU A 117 2.97 1.51 10.40
C LEU A 117 2.36 1.39 9.00
N VAL A 118 1.81 2.51 8.54
CA VAL A 118 1.19 2.54 7.23
C VAL A 118 1.60 3.83 6.51
N GLY A 119 1.35 3.85 5.20
CA GLY A 119 1.68 5.01 4.39
C GLY A 119 1.56 4.69 2.91
N ASN A 120 1.20 5.71 2.14
CA ASN A 120 1.04 5.55 0.70
C ASN A 120 2.40 5.70 0.03
N GLU A 121 2.47 5.19 -1.19
CA GLU A 121 3.71 5.26 -1.97
C GLU A 121 4.60 4.05 -1.64
N PRO A 122 5.42 3.67 -2.64
CA PRO A 122 6.33 2.54 -2.48
C PRO A 122 7.52 2.91 -1.60
N ALA A 123 8.03 4.12 -1.82
CA ALA A 123 9.15 4.61 -1.05
C ALA A 123 8.80 4.61 0.44
N ASP A 124 7.51 4.71 0.70
CA ASP A 124 7.02 4.71 2.07
C ASP A 124 7.57 3.49 2.81
N ILE A 125 7.57 2.37 2.12
CA ILE A 125 8.07 1.13 2.69
C ILE A 125 9.48 1.34 3.20
N ASP A 126 10.36 1.75 2.31
CA ASP A 126 11.75 2.00 2.66
C ASP A 126 11.81 2.84 3.93
N LYS A 127 10.95 3.85 3.96
CA LYS A 127 10.89 4.74 5.11
C LYS A 127 10.85 3.91 6.39
N TYR A 128 9.87 3.03 6.46
CA TYR A 128 9.70 2.18 7.62
C TYR A 128 10.46 0.85 7.44
N ILE A 129 9.87 -0.02 6.63
CA ILE A 129 10.47 -1.31 6.37
C ILE A 129 10.74 -1.46 4.87
N ILE A 130 11.95 -1.13 4.48
CA ILE A 130 12.35 -1.21 3.08
C ILE A 130 12.18 -2.66 2.60
N GLN A 131 12.89 -2.96 1.52
CA GLN A 131 12.83 -4.30 0.95
C GLN A 131 13.15 -5.35 2.02
N ARG A 132 14.18 -5.06 2.79
CA ARG A 132 14.59 -5.98 3.85
C ARG A 132 14.34 -5.34 5.22
N LYS A 133 13.18 -5.66 5.78
CA LYS A 133 12.80 -5.12 7.07
C LYS A 133 11.42 -5.67 7.47
N MET A 1 23.42 0.37 14.16
CA MET A 1 24.40 1.08 13.37
C MET A 1 23.75 2.13 12.48
N SER A 2 22.73 1.70 11.76
CA SER A 2 22.01 2.61 10.87
C SER A 2 20.50 2.38 11.01
N PHE A 3 19.86 3.30 11.69
CA PHE A 3 18.42 3.22 11.89
C PHE A 3 17.66 4.00 10.82
N TRP A 4 17.86 3.58 9.58
CA TRP A 4 17.21 4.21 8.45
C TRP A 4 15.78 3.66 8.35
N LYS A 5 15.69 2.34 8.38
CA LYS A 5 14.40 1.68 8.29
C LYS A 5 13.80 1.56 9.70
N THR A 6 14.64 1.82 10.69
CA THR A 6 14.20 1.75 12.07
C THR A 6 13.64 3.10 12.53
N LEU A 7 12.44 3.05 13.07
CA LEU A 7 11.78 4.26 13.55
C LEU A 7 10.63 3.88 14.48
N GLN A 8 10.60 4.52 15.63
CA GLN A 8 9.56 4.26 16.62
C GLN A 8 9.38 2.75 16.79
N ARG A 9 8.22 2.39 17.34
CA ARG A 9 7.91 1.00 17.57
C ARG A 9 8.49 0.13 16.45
N GLN A 10 9.04 -1.00 16.86
CA GLN A 10 9.63 -1.94 15.90
C GLN A 10 8.54 -2.60 15.07
N PRO A 11 8.71 -2.52 13.72
CA PRO A 11 7.75 -3.11 12.81
C PRO A 11 7.90 -4.63 12.77
N ARG A 12 6.78 -5.30 12.53
CA ARG A 12 6.78 -6.75 12.46
C ARG A 12 6.28 -7.21 11.09
N THR A 13 4.96 -7.38 11.00
CA THR A 13 4.35 -7.81 9.76
C THR A 13 3.98 -6.60 8.89
N ILE A 14 4.55 -6.57 7.69
CA ILE A 14 4.29 -5.49 6.76
C ILE A 14 3.21 -5.92 5.78
N SER A 15 2.13 -5.14 5.77
CA SER A 15 1.01 -5.44 4.87
C SER A 15 1.05 -4.51 3.66
N LEU A 16 1.47 -5.07 2.54
CA LEU A 16 1.56 -4.30 1.31
C LEU A 16 0.45 -4.74 0.35
N PHE A 17 -0.15 -3.75 -0.31
CA PHE A 17 -1.23 -4.02 -1.25
C PHE A 17 -0.79 -3.72 -2.68
N THR A 18 -1.49 -4.34 -3.62
CA THR A 18 -1.18 -4.16 -5.03
C THR A 18 -2.24 -3.26 -5.68
N ASN A 19 -1.76 -2.40 -6.57
CA ASN A 19 -2.65 -1.49 -7.28
C ASN A 19 -2.08 -1.21 -8.67
N ASP A 20 -2.15 -2.23 -9.52
CA ASP A 20 -1.64 -2.10 -10.88
C ASP A 20 -0.21 -1.56 -10.84
N ILE A 21 0.48 -1.72 -11.96
CA ILE A 21 1.85 -1.25 -12.07
C ILE A 21 2.39 -1.58 -13.46
N ALA A 22 3.13 -2.67 -13.53
CA ALA A 22 3.71 -3.10 -14.79
C ALA A 22 3.69 -4.63 -14.86
N SER A 23 4.09 -5.14 -16.02
CA SER A 23 4.13 -6.57 -16.23
C SER A 23 3.31 -7.28 -15.14
N ASN A 24 3.99 -7.61 -14.05
CA ASN A 24 3.34 -8.29 -12.95
C ASN A 24 2.80 -7.25 -11.96
N ILE A 25 1.51 -6.97 -12.09
CA ILE A 25 0.86 -6.00 -11.23
C ILE A 25 1.17 -6.35 -9.77
N LYS A 26 1.33 -7.63 -9.52
CA LYS A 26 1.62 -8.11 -8.17
C LYS A 26 3.12 -8.02 -7.92
N SER A 27 3.87 -8.68 -8.79
CA SER A 27 5.32 -8.68 -8.67
C SER A 27 5.85 -7.25 -8.67
N GLN A 28 5.68 -6.59 -9.80
CA GLN A 28 6.13 -5.21 -9.94
C GLN A 28 5.75 -4.39 -8.71
N LYS A 29 4.63 -4.79 -8.11
CA LYS A 29 4.13 -4.10 -6.93
C LYS A 29 5.25 -4.01 -5.89
N CYS A 30 5.34 -5.07 -5.09
CA CYS A 30 6.36 -5.13 -4.06
C CYS A 30 7.56 -5.89 -4.60
N LEU A 31 7.28 -7.06 -5.16
CA LEU A 31 8.33 -7.90 -5.73
C LEU A 31 9.41 -7.00 -6.35
N GLN A 32 8.95 -5.94 -7.00
CA GLN A 32 9.86 -5.01 -7.64
C GLN A 32 10.44 -4.05 -6.60
N LEU A 33 9.57 -3.55 -5.74
CA LEU A 33 9.98 -2.62 -4.70
C LEU A 33 11.14 -3.23 -3.91
N LEU A 34 11.01 -4.52 -3.64
CA LEU A 34 12.04 -5.24 -2.90
C LEU A 34 13.22 -5.54 -3.82
N LYS A 35 12.92 -5.58 -5.11
CA LYS A 35 13.94 -5.85 -6.11
C LYS A 35 15.01 -4.75 -6.06
N GLY A 36 14.71 -3.71 -5.29
CA GLY A 36 15.63 -2.59 -5.15
C GLY A 36 16.67 -2.88 -4.05
N ASP A 37 16.16 -3.27 -2.90
CA ASP A 37 17.03 -3.57 -1.77
C ASP A 37 17.09 -5.09 -1.57
N VAL A 38 16.31 -5.55 -0.60
CA VAL A 38 16.27 -6.97 -0.30
C VAL A 38 15.22 -7.22 0.80
N SER A 39 14.92 -8.49 1.00
CA SER A 39 13.94 -8.89 2.00
C SER A 39 14.52 -9.96 2.92
N HIS A 40 14.00 -10.01 4.13
CA HIS A 40 14.46 -10.98 5.11
C HIS A 40 13.82 -10.68 6.47
N ARG A 41 14.59 -10.00 7.31
CA ARG A 41 14.12 -9.65 8.63
C ARG A 41 12.60 -9.83 8.72
N PHE A 42 11.90 -8.98 7.99
CA PHE A 42 10.44 -9.04 7.98
C PHE A 42 9.93 -9.62 6.67
N ASP A 43 8.65 -10.00 6.68
CA ASP A 43 8.03 -10.56 5.50
C ASP A 43 7.17 -9.51 4.82
N VAL A 44 7.35 -9.40 3.50
CA VAL A 44 6.59 -8.43 2.73
C VAL A 44 5.27 -9.06 2.28
N GLU A 45 4.21 -8.27 2.37
CA GLU A 45 2.89 -8.73 1.98
C GLU A 45 2.49 -8.12 0.64
N ILE A 46 2.39 -8.99 -0.36
CA ILE A 46 2.02 -8.56 -1.69
C ILE A 46 0.64 -9.12 -2.05
N ALA A 47 -0.37 -8.28 -1.89
CA ALA A 47 -1.73 -8.68 -2.19
C ALA A 47 -2.48 -7.51 -2.83
N ASN A 48 -3.24 -7.84 -3.87
CA ASN A 48 -4.00 -6.84 -4.58
C ASN A 48 -5.47 -6.93 -4.18
N ARG A 49 -5.96 -5.86 -3.57
CA ARG A 49 -7.35 -5.81 -3.13
C ARG A 49 -7.74 -4.38 -2.79
N PHE A 50 -9.05 -4.12 -2.87
CA PHE A 50 -9.56 -2.81 -2.58
C PHE A 50 -9.46 -2.50 -1.08
N PRO A 51 -8.55 -1.54 -0.76
CA PRO A 51 -8.35 -1.15 0.63
C PRO A 51 -9.50 -0.27 1.13
N THR A 52 -10.70 -0.83 1.10
CA THR A 52 -11.88 -0.11 1.54
C THR A 52 -11.74 0.28 3.01
N TRP A 53 -12.29 1.45 3.33
CA TRP A 53 -12.24 1.96 4.69
C TRP A 53 -12.94 0.94 5.60
N ASP A 54 -13.86 0.19 4.99
CA ASP A 54 -14.60 -0.82 5.74
C ASP A 54 -13.63 -1.63 6.61
N GLN A 55 -12.67 -2.26 5.95
CA GLN A 55 -11.68 -3.05 6.65
C GLN A 55 -10.52 -2.17 7.11
N LEU A 56 -10.12 -1.27 6.24
CA LEU A 56 -9.03 -0.36 6.55
C LEU A 56 -9.29 0.31 7.89
N GLN A 57 -10.55 0.29 8.30
CA GLN A 57 -10.93 0.89 9.57
C GLN A 57 -9.87 0.61 10.63
N TYR A 58 -9.18 -0.51 10.45
CA TYR A 58 -8.15 -0.90 11.39
C TYR A 58 -6.91 0.01 11.26
N MET A 59 -6.52 0.25 10.02
CA MET A 59 -5.38 1.10 9.74
C MET A 59 -5.73 2.57 9.91
N ARG A 60 -6.97 2.89 9.58
CA ARG A 60 -7.45 4.26 9.69
C ARG A 60 -7.25 4.78 11.12
N THR A 61 -7.09 3.84 12.04
CA THR A 61 -6.89 4.19 13.44
C THR A 61 -5.41 4.36 13.73
N SER A 62 -4.62 3.41 13.24
CA SER A 62 -3.18 3.45 13.44
C SER A 62 -2.59 4.68 12.77
N CYS A 63 -3.41 5.33 11.96
CA CYS A 63 -2.98 6.53 11.24
C CYS A 63 -4.23 7.27 10.77
N PRO A 64 -4.15 8.63 10.86
CA PRO A 64 -5.26 9.47 10.45
C PRO A 64 -5.37 9.53 8.92
N GLN A 65 -4.22 9.39 8.27
CA GLN A 65 -4.17 9.44 6.83
C GLN A 65 -4.17 8.02 6.25
N GLY A 66 -4.46 7.06 7.13
CA GLY A 66 -4.51 5.67 6.73
C GLY A 66 -5.31 5.49 5.43
N PRO A 67 -6.57 6.03 5.47
CA PRO A 67 -7.44 5.93 4.31
C PRO A 67 -7.02 6.91 3.22
N VAL A 68 -6.80 8.15 3.63
CA VAL A 68 -6.39 9.18 2.70
C VAL A 68 -5.23 8.67 1.85
N SER A 69 -4.43 7.81 2.46
CA SER A 69 -3.27 7.25 1.79
C SER A 69 -3.74 6.31 0.67
N LEU A 70 -4.86 5.65 0.91
CA LEU A 70 -5.42 4.73 -0.06
C LEU A 70 -6.04 5.52 -1.21
N GLN A 71 -6.82 6.53 -0.83
CA GLN A 71 -7.48 7.38 -1.81
C GLN A 71 -6.44 8.17 -2.62
N ARG A 72 -5.45 8.68 -1.90
CA ARG A 72 -4.40 9.46 -2.53
C ARG A 72 -3.45 8.53 -3.30
N GLN A 73 -3.51 7.26 -2.95
CA GLN A 73 -2.66 6.27 -3.60
C GLN A 73 -3.03 6.14 -5.08
N ILE A 74 -4.32 6.15 -5.34
CA ILE A 74 -4.82 6.04 -6.70
C ILE A 74 -4.37 7.27 -7.50
N PRO A 75 -4.64 7.21 -8.83
CA PRO A 75 -4.28 8.31 -9.72
C PRO A 75 -5.22 9.50 -9.53
N LYS A 76 -6.51 9.19 -9.40
CA LYS A 76 -7.52 10.22 -9.23
C LYS A 76 -8.05 10.16 -7.79
N LEU A 77 -7.37 10.86 -6.91
CA LEU A 77 -7.76 10.90 -5.51
C LEU A 77 -9.10 11.63 -5.39
N ASP A 78 -9.09 12.89 -5.79
CA ASP A 78 -10.30 13.71 -5.72
C ASP A 78 -11.50 12.87 -6.16
N SER A 79 -11.22 11.88 -7.00
CA SER A 79 -12.27 11.00 -7.49
C SER A 79 -12.67 10.00 -6.40
N VAL A 80 -11.70 9.19 -6.00
CA VAL A 80 -11.93 8.19 -4.98
C VAL A 80 -11.91 8.86 -3.60
N LEU A 81 -11.09 9.90 -3.50
CA LEU A 81 -10.96 10.63 -2.26
C LEU A 81 -12.33 11.16 -1.84
N LYS A 82 -13.25 11.15 -2.79
CA LYS A 82 -14.61 11.63 -2.54
C LYS A 82 -15.58 10.45 -2.65
N TYR A 83 -16.23 10.39 -3.81
CA TYR A 83 -17.20 9.33 -4.06
C TYR A 83 -17.13 8.86 -5.51
N LYS A 84 -16.17 9.42 -6.23
CA LYS A 84 -15.99 9.06 -7.63
C LYS A 84 -15.62 7.58 -7.74
N HIS A 85 -14.69 7.30 -8.63
CA HIS A 85 -14.23 5.94 -8.83
C HIS A 85 -14.40 5.13 -7.54
N THR A 86 -14.21 5.82 -6.43
CA THR A 86 -14.33 5.20 -5.13
C THR A 86 -15.62 4.36 -5.07
N ASP A 87 -16.61 4.79 -5.83
CA ASP A 87 -17.88 4.10 -5.87
C ASP A 87 -17.63 2.58 -5.85
N PRO A 88 -18.66 1.83 -6.32
CA PRO A 88 -18.56 0.38 -6.36
C PRO A 88 -17.65 -0.07 -7.50
N THR A 89 -16.81 0.84 -7.95
CA THR A 89 -15.88 0.55 -9.03
C THR A 89 -14.58 -0.03 -8.47
N PHE A 90 -14.10 0.59 -7.41
CA PHE A 90 -12.87 0.13 -6.77
C PHE A 90 -13.17 -0.62 -5.47
N GLY A 91 -14.35 -0.37 -4.94
CA GLY A 91 -14.77 -1.01 -3.71
C GLY A 91 -14.47 -2.51 -3.74
N MET A 92 -15.40 -3.28 -3.20
CA MET A 92 -15.25 -4.73 -3.17
C MET A 92 -14.18 -5.19 -4.16
N ASP A 93 -14.31 -4.72 -5.38
CA ASP A 93 -13.36 -5.08 -6.43
C ASP A 93 -12.62 -3.82 -6.89
N LEU A 94 -11.37 -3.72 -6.44
CA LEU A 94 -10.54 -2.58 -6.80
C LEU A 94 -9.76 -2.91 -8.07
N GLN A 95 -9.03 -4.01 -8.01
CA GLN A 95 -8.23 -4.44 -9.15
C GLN A 95 -9.09 -4.50 -10.41
N LYS A 96 -10.37 -4.76 -10.20
CA LYS A 96 -11.31 -4.85 -11.30
C LYS A 96 -11.31 -3.53 -12.08
N CYS A 97 -11.04 -2.45 -11.35
CA CYS A 97 -11.01 -1.13 -11.96
C CYS A 97 -9.54 -0.72 -12.13
N VAL A 98 -8.76 -1.01 -11.11
CA VAL A 98 -7.35 -0.68 -11.13
C VAL A 98 -6.60 -1.66 -12.03
N GLN A 99 -7.27 -2.77 -12.33
CA GLN A 99 -6.69 -3.79 -13.18
C GLN A 99 -5.84 -3.14 -14.26
N ARG A 100 -6.21 -1.93 -14.63
CA ARG A 100 -5.48 -1.19 -15.65
C ARG A 100 -6.37 -0.12 -16.27
N GLY A 101 -7.67 -0.33 -16.14
CA GLY A 101 -8.65 0.62 -16.68
C GLY A 101 -8.52 1.98 -15.99
N LEU A 102 -9.66 2.66 -15.88
CA LEU A 102 -9.69 3.97 -15.27
C LEU A 102 -8.34 4.66 -15.45
N TRP A 103 -7.49 4.51 -14.45
CA TRP A 103 -6.16 5.12 -14.50
C TRP A 103 -5.17 4.13 -13.88
N ASN A 104 -3.93 4.24 -14.31
CA ASN A 104 -2.88 3.36 -13.81
C ASN A 104 -2.30 3.97 -12.53
N PRO A 105 -2.61 3.32 -11.39
CA PRO A 105 -2.12 3.77 -10.10
C PRO A 105 -0.63 3.44 -9.93
N LYS A 106 -0.24 2.32 -10.51
CA LYS A 106 1.14 1.88 -10.43
C LYS A 106 1.71 2.25 -9.05
N GLU A 107 0.82 2.26 -8.07
CA GLU A 107 1.21 2.59 -6.71
C GLU A 107 1.05 1.38 -5.80
N ALA A 108 1.84 1.36 -4.74
CA ALA A 108 1.79 0.27 -3.78
C ALA A 108 1.31 0.80 -2.43
N LEU A 109 0.38 0.06 -1.85
CA LEU A 109 -0.18 0.45 -0.56
C LEU A 109 0.63 -0.22 0.56
N TRP A 110 1.29 0.61 1.35
CA TRP A 110 2.09 0.12 2.45
C TRP A 110 1.32 0.34 3.75
N VAL A 111 1.03 -0.77 4.42
CA VAL A 111 0.29 -0.72 5.67
C VAL A 111 0.81 -1.80 6.61
N ASP A 112 1.10 -1.40 7.84
CA ASP A 112 1.59 -2.32 8.85
C ASP A 112 0.67 -2.30 10.06
N TRP A 113 0.48 -3.47 10.64
CA TRP A 113 -0.38 -3.61 11.80
C TRP A 113 0.50 -3.62 13.04
N GLU A 114 0.82 -4.82 13.50
CA GLU A 114 1.66 -4.98 14.67
C GLU A 114 2.89 -4.08 14.58
N ASN A 115 3.12 -3.57 13.37
CA ASN A 115 4.24 -2.68 13.14
C ASN A 115 3.83 -1.24 13.44
N LYS A 116 2.54 -1.08 13.73
CA LYS A 116 2.02 0.24 14.04
C LYS A 116 2.55 1.25 13.02
N LEU A 117 2.65 0.80 11.78
CA LEU A 117 3.14 1.65 10.71
C LEU A 117 2.29 1.44 9.46
N VAL A 118 1.74 2.55 8.97
CA VAL A 118 0.91 2.50 7.78
C VAL A 118 1.13 3.76 6.96
N GLY A 119 0.77 3.67 5.68
CA GLY A 119 0.94 4.79 4.78
C GLY A 119 0.69 4.38 3.32
N ASN A 120 1.07 5.26 2.41
CA ASN A 120 0.89 4.98 0.99
C ASN A 120 2.22 5.22 0.28
N GLU A 121 2.30 4.69 -0.95
CA GLU A 121 3.49 4.83 -1.75
C GLU A 121 4.43 3.64 -1.52
N PRO A 122 5.10 3.22 -2.62
CA PRO A 122 6.02 2.10 -2.56
C PRO A 122 7.33 2.51 -1.88
N ALA A 123 7.81 3.68 -2.25
CA ALA A 123 9.04 4.20 -1.70
C ALA A 123 8.88 4.38 -0.18
N ASP A 124 7.64 4.62 0.22
CA ASP A 124 7.34 4.81 1.62
C ASP A 124 7.81 3.60 2.42
N ILE A 125 7.61 2.43 1.83
CA ILE A 125 8.00 1.19 2.47
C ILE A 125 9.46 1.30 2.92
N ASP A 126 10.32 1.62 1.96
CA ASP A 126 11.74 1.76 2.25
C ASP A 126 11.93 2.72 3.43
N LYS A 127 11.21 3.83 3.36
CA LYS A 127 11.29 4.83 4.42
C LYS A 127 11.08 4.15 5.77
N TYR A 128 9.91 3.55 5.92
CA TYR A 128 9.57 2.86 7.16
C TYR A 128 10.24 1.48 7.22
N ILE A 129 9.73 0.57 6.40
CA ILE A 129 10.26 -0.78 6.36
C ILE A 129 10.48 -1.18 4.90
N ILE A 130 11.72 -1.04 4.45
CA ILE A 130 12.06 -1.39 3.09
C ILE A 130 11.41 -2.73 2.72
N GLN A 131 12.24 -3.65 2.28
CA GLN A 131 11.77 -4.97 1.90
C GLN A 131 12.14 -6.01 2.96
N ARG A 132 13.20 -5.68 3.70
CA ARG A 132 13.67 -6.56 4.75
C ARG A 132 13.76 -5.80 6.08
N LYS A 133 13.56 -4.50 6.00
CA LYS A 133 13.61 -3.66 7.18
C LYS A 133 15.07 -3.52 7.63
N MET A 1 15.41 1.95 19.79
CA MET A 1 16.78 2.10 20.25
C MET A 1 17.71 2.48 19.10
N SER A 2 17.71 1.65 18.08
CA SER A 2 18.55 1.87 16.91
C SER A 2 18.47 0.68 15.96
N PHE A 3 18.50 0.99 14.68
CA PHE A 3 18.43 -0.05 13.66
C PHE A 3 18.80 0.50 12.28
N TRP A 4 18.95 -0.40 11.33
CA TRP A 4 19.30 -0.01 9.97
C TRP A 4 18.05 0.56 9.30
N LYS A 5 16.95 -0.17 9.46
CA LYS A 5 15.68 0.25 8.88
C LYS A 5 15.02 1.27 9.79
N THR A 6 15.45 1.26 11.04
CA THR A 6 14.90 2.18 12.04
C THR A 6 13.40 2.35 11.82
N LEU A 7 12.92 3.55 12.15
CA LEU A 7 11.52 3.86 12.00
C LEU A 7 10.78 3.51 13.29
N GLN A 8 10.11 4.51 13.85
CA GLN A 8 9.36 4.32 15.08
C GLN A 8 8.58 3.00 15.02
N ARG A 9 8.57 2.32 16.16
CA ARG A 9 7.87 1.05 16.26
C ARG A 9 8.44 0.05 15.25
N GLN A 10 8.66 -1.17 15.72
CA GLN A 10 9.20 -2.22 14.87
C GLN A 10 8.06 -2.94 14.15
N PRO A 11 8.21 -3.06 12.80
CA PRO A 11 7.21 -3.73 11.98
C PRO A 11 7.29 -5.24 12.15
N ARG A 12 6.11 -5.85 12.25
CA ARG A 12 6.04 -7.30 12.41
C ARG A 12 5.47 -7.95 11.15
N THR A 13 4.35 -7.40 10.69
CA THR A 13 3.70 -7.90 9.50
C THR A 13 3.53 -6.79 8.47
N ILE A 14 4.17 -7.00 7.32
CA ILE A 14 4.10 -6.02 6.24
C ILE A 14 2.96 -6.40 5.29
N SER A 15 1.90 -5.60 5.34
CA SER A 15 0.75 -5.83 4.49
C SER A 15 0.76 -4.86 3.31
N LEU A 16 1.28 -5.34 2.19
CA LEU A 16 1.36 -4.53 0.99
C LEU A 16 0.25 -4.96 0.02
N PHE A 17 -0.30 -3.97 -0.67
CA PHE A 17 -1.36 -4.23 -1.63
C PHE A 17 -0.96 -3.76 -3.03
N THR A 18 -1.55 -4.41 -4.02
CA THR A 18 -1.27 -4.07 -5.40
C THR A 18 -2.34 -3.12 -5.95
N ASN A 19 -1.90 -2.17 -6.76
CA ASN A 19 -2.80 -1.21 -7.36
C ASN A 19 -2.29 -0.83 -8.75
N ASP A 20 -2.47 -1.75 -9.69
CA ASP A 20 -2.04 -1.53 -11.05
C ASP A 20 -0.51 -1.47 -11.10
N ILE A 21 0.01 -1.26 -12.30
CA ILE A 21 1.45 -1.17 -12.49
C ILE A 21 1.76 -1.24 -13.99
N ALA A 22 1.67 -2.44 -14.52
CA ALA A 22 1.95 -2.66 -15.93
C ALA A 22 2.01 -4.16 -16.22
N SER A 23 3.22 -4.65 -16.41
CA SER A 23 3.43 -6.05 -16.69
C SER A 23 3.03 -6.89 -15.47
N ASN A 24 3.80 -6.72 -14.40
CA ASN A 24 3.54 -7.45 -13.18
C ASN A 24 3.10 -6.47 -12.09
N ILE A 25 1.79 -6.23 -12.05
CA ILE A 25 1.23 -5.33 -11.07
C ILE A 25 1.56 -5.82 -9.66
N LYS A 26 1.46 -7.13 -9.50
CA LYS A 26 1.75 -7.75 -8.21
C LYS A 26 3.26 -7.72 -7.97
N SER A 27 3.99 -8.24 -8.93
CA SER A 27 5.44 -8.28 -8.84
C SER A 27 6.00 -6.86 -8.74
N GLN A 28 5.91 -6.15 -9.85
CA GLN A 28 6.39 -4.78 -9.91
C GLN A 28 6.01 -4.02 -8.64
N LYS A 29 4.77 -4.27 -8.20
CA LYS A 29 4.27 -3.62 -7.00
C LYS A 29 5.36 -3.61 -5.93
N CYS A 30 5.48 -4.73 -5.23
CA CYS A 30 6.48 -4.86 -4.19
C CYS A 30 7.69 -5.59 -4.76
N LEU A 31 7.41 -6.75 -5.35
CA LEU A 31 8.47 -7.55 -5.95
C LEU A 31 9.56 -6.63 -6.49
N GLN A 32 9.13 -5.58 -7.16
CA GLN A 32 10.06 -4.62 -7.73
C GLN A 32 10.58 -3.67 -6.65
N LEU A 33 9.64 -3.20 -5.83
CA LEU A 33 9.98 -2.28 -4.75
C LEU A 33 11.13 -2.88 -3.92
N LEU A 34 11.00 -4.16 -3.64
CA LEU A 34 12.01 -4.87 -2.86
C LEU A 34 13.18 -5.24 -3.77
N LYS A 35 12.90 -5.24 -5.06
CA LYS A 35 13.91 -5.58 -6.05
C LYS A 35 15.09 -4.60 -5.92
N GLY A 36 14.86 -3.54 -5.16
CA GLY A 36 15.87 -2.54 -4.95
C GLY A 36 17.15 -3.16 -4.37
N ASP A 37 17.21 -3.20 -3.05
CA ASP A 37 18.37 -3.76 -2.37
C ASP A 37 18.10 -5.24 -2.07
N VAL A 38 18.88 -5.78 -1.14
CA VAL A 38 18.74 -7.17 -0.76
C VAL A 38 18.94 -7.30 0.75
N SER A 39 18.34 -8.34 1.31
CA SER A 39 18.45 -8.58 2.74
C SER A 39 17.52 -9.74 3.13
N HIS A 40 16.98 -9.63 4.34
CA HIS A 40 16.09 -10.66 4.86
C HIS A 40 16.04 -10.58 6.38
N ARG A 41 14.86 -10.28 6.90
CA ARG A 41 14.67 -10.18 8.33
C ARG A 41 13.18 -10.03 8.66
N PHE A 42 12.49 -9.31 7.80
CA PHE A 42 11.06 -9.09 7.98
C PHE A 42 10.24 -9.92 6.99
N ASP A 43 8.94 -9.91 7.21
CA ASP A 43 8.04 -10.66 6.34
C ASP A 43 7.28 -9.68 5.44
N VAL A 44 7.41 -9.88 4.14
CA VAL A 44 6.74 -9.03 3.17
C VAL A 44 5.50 -9.76 2.63
N GLU A 45 4.44 -8.98 2.44
CA GLU A 45 3.20 -9.54 1.93
C GLU A 45 2.78 -8.79 0.66
N ILE A 46 2.78 -9.52 -0.44
CA ILE A 46 2.39 -8.95 -1.72
C ILE A 46 1.07 -9.57 -2.19
N ALA A 47 0.00 -8.81 -1.99
CA ALA A 47 -1.31 -9.28 -2.38
C ALA A 47 -2.14 -8.10 -2.89
N ASN A 48 -2.86 -8.34 -3.98
CA ASN A 48 -3.69 -7.31 -4.57
C ASN A 48 -5.10 -7.39 -3.98
N ARG A 49 -5.54 -6.28 -3.40
CA ARG A 49 -6.86 -6.21 -2.80
C ARG A 49 -7.28 -4.76 -2.61
N PHE A 50 -8.59 -4.56 -2.47
CA PHE A 50 -9.13 -3.24 -2.27
C PHE A 50 -9.01 -2.79 -0.81
N PRO A 51 -8.15 -1.77 -0.60
CA PRO A 51 -7.92 -1.25 0.74
C PRO A 51 -9.11 -0.40 1.20
N THR A 52 -10.23 -1.07 1.41
CA THR A 52 -11.44 -0.40 1.86
C THR A 52 -11.21 0.25 3.22
N TRP A 53 -11.94 1.34 3.45
CA TRP A 53 -11.84 2.06 4.71
C TRP A 53 -12.41 1.17 5.82
N ASP A 54 -13.28 0.26 5.41
CA ASP A 54 -13.92 -0.65 6.35
C ASP A 54 -12.84 -1.26 7.25
N GLN A 55 -11.86 -1.90 6.61
CA GLN A 55 -10.77 -2.52 7.34
C GLN A 55 -9.71 -1.50 7.70
N LEU A 56 -9.41 -0.64 6.73
CA LEU A 56 -8.41 0.40 6.93
C LEU A 56 -8.81 1.26 8.12
N GLN A 57 -10.10 1.25 8.40
CA GLN A 57 -10.63 2.03 9.52
C GLN A 57 -9.71 1.91 10.74
N TYR A 58 -9.01 0.79 10.80
CA TYR A 58 -8.09 0.53 11.90
C TYR A 58 -6.82 1.38 11.76
N MET A 59 -6.18 1.24 10.61
CA MET A 59 -4.96 1.98 10.34
C MET A 59 -5.26 3.46 10.12
N ARG A 60 -6.42 3.72 9.53
CA ARG A 60 -6.83 5.09 9.24
C ARG A 60 -6.71 5.94 10.50
N THR A 61 -7.04 5.34 11.63
CA THR A 61 -6.97 6.03 12.90
C THR A 61 -5.51 6.20 13.34
N SER A 62 -4.75 5.14 13.15
CA SER A 62 -3.34 5.16 13.52
C SER A 62 -2.51 5.72 12.37
N CYS A 63 -3.20 6.36 11.44
CA CYS A 63 -2.54 6.95 10.29
C CYS A 63 -3.19 8.29 10.00
N PRO A 64 -2.33 9.31 9.72
CA PRO A 64 -2.81 10.65 9.43
C PRO A 64 -3.38 10.72 8.02
N GLN A 65 -2.76 9.97 7.12
CA GLN A 65 -3.20 9.95 5.74
C GLN A 65 -4.40 9.01 5.58
N GLY A 66 -4.51 8.08 6.51
CA GLY A 66 -5.61 7.13 6.49
C GLY A 66 -5.97 6.73 5.06
N PRO A 67 -7.24 7.02 4.69
CA PRO A 67 -7.73 6.71 3.35
C PRO A 67 -7.16 7.69 2.32
N VAL A 68 -7.02 8.94 2.76
CA VAL A 68 -6.50 9.98 1.89
C VAL A 68 -5.26 9.46 1.17
N SER A 69 -4.54 8.57 1.84
CA SER A 69 -3.33 7.99 1.27
C SER A 69 -3.71 6.96 0.20
N LEU A 70 -4.66 6.12 0.54
CA LEU A 70 -5.11 5.09 -0.38
C LEU A 70 -5.85 5.74 -1.54
N GLN A 71 -6.77 6.63 -1.19
CA GLN A 71 -7.56 7.33 -2.20
C GLN A 71 -6.64 8.13 -3.12
N ARG A 72 -5.80 8.94 -2.50
CA ARG A 72 -4.87 9.77 -3.26
C ARG A 72 -3.94 8.90 -4.11
N GLN A 73 -3.84 7.64 -3.70
CA GLN A 73 -3.00 6.69 -4.41
C GLN A 73 -3.64 6.30 -5.74
N ILE A 74 -4.96 6.16 -5.70
CA ILE A 74 -5.72 5.80 -6.89
C ILE A 74 -5.96 7.04 -7.74
N PRO A 75 -6.36 6.79 -9.02
CA PRO A 75 -6.62 7.89 -9.94
C PRO A 75 -7.97 8.55 -9.62
N LYS A 76 -7.93 9.87 -9.55
CA LYS A 76 -9.13 10.64 -9.26
C LYS A 76 -9.40 10.60 -7.75
N LEU A 77 -8.47 11.17 -7.00
CA LEU A 77 -8.59 11.21 -5.56
C LEU A 77 -9.90 11.88 -5.17
N ASP A 78 -10.01 13.15 -5.56
CA ASP A 78 -11.21 13.92 -5.27
C ASP A 78 -12.44 13.07 -5.57
N SER A 79 -12.26 12.11 -6.46
CA SER A 79 -13.35 11.22 -6.84
C SER A 79 -13.47 10.08 -5.82
N VAL A 80 -12.40 9.30 -5.73
CA VAL A 80 -12.37 8.18 -4.80
C VAL A 80 -12.19 8.71 -3.38
N LEU A 81 -11.35 9.72 -3.25
CA LEU A 81 -11.08 10.32 -1.96
C LEU A 81 -12.40 10.75 -1.31
N LYS A 82 -13.43 10.82 -2.14
CA LYS A 82 -14.74 11.21 -1.67
C LYS A 82 -15.68 10.00 -1.73
N TYR A 83 -16.59 10.04 -2.70
CA TYR A 83 -17.54 8.96 -2.87
C TYR A 83 -17.67 8.57 -4.34
N LYS A 84 -16.85 9.21 -5.17
CA LYS A 84 -16.87 8.94 -6.59
C LYS A 84 -16.47 7.49 -6.84
N HIS A 85 -15.73 7.29 -7.92
CA HIS A 85 -15.28 5.95 -8.28
C HIS A 85 -15.15 5.10 -7.00
N THR A 86 -14.80 5.77 -5.92
CA THR A 86 -14.63 5.08 -4.65
C THR A 86 -15.82 4.16 -4.38
N ASP A 87 -16.95 4.52 -4.96
CA ASP A 87 -18.16 3.73 -4.79
C ASP A 87 -17.81 2.24 -4.86
N PRO A 88 -18.84 1.43 -5.19
CA PRO A 88 -18.65 -0.01 -5.29
C PRO A 88 -17.89 -0.37 -6.57
N THR A 89 -17.10 0.57 -7.05
CA THR A 89 -16.32 0.36 -8.25
C THR A 89 -14.92 -0.13 -7.91
N PHE A 90 -14.35 0.50 -6.89
CA PHE A 90 -13.01 0.14 -6.45
C PHE A 90 -13.05 -0.65 -5.14
N GLY A 91 -14.07 -0.36 -4.34
CA GLY A 91 -14.25 -1.03 -3.07
C GLY A 91 -14.09 -2.54 -3.22
N MET A 92 -15.23 -3.24 -3.16
CA MET A 92 -15.22 -4.68 -3.29
C MET A 92 -14.08 -5.15 -4.19
N ASP A 93 -14.01 -4.54 -5.36
CA ASP A 93 -12.97 -4.89 -6.33
C ASP A 93 -12.24 -3.62 -6.76
N LEU A 94 -11.06 -3.43 -6.18
CA LEU A 94 -10.26 -2.26 -6.50
C LEU A 94 -9.13 -2.67 -7.45
N GLN A 95 -8.81 -3.95 -7.42
CA GLN A 95 -7.76 -4.48 -8.27
C GLN A 95 -8.23 -4.51 -9.73
N LYS A 96 -9.25 -5.31 -9.98
CA LYS A 96 -9.80 -5.44 -11.32
C LYS A 96 -10.04 -4.05 -11.90
N CYS A 97 -10.15 -3.08 -11.01
CA CYS A 97 -10.38 -1.70 -11.41
C CYS A 97 -9.02 -1.03 -11.62
N VAL A 98 -8.20 -1.10 -10.58
CA VAL A 98 -6.87 -0.51 -10.63
C VAL A 98 -5.94 -1.41 -11.43
N GLN A 99 -5.79 -2.63 -10.94
CA GLN A 99 -4.93 -3.61 -11.60
C GLN A 99 -5.19 -3.60 -13.11
N ARG A 100 -6.35 -3.07 -13.48
CA ARG A 100 -6.72 -2.99 -14.88
C ARG A 100 -8.14 -2.43 -15.02
N GLY A 101 -8.22 -1.11 -15.03
CA GLY A 101 -9.50 -0.43 -15.16
C GLY A 101 -9.40 1.02 -14.71
N LEU A 102 -10.48 1.75 -14.95
CA LEU A 102 -10.53 3.15 -14.57
C LEU A 102 -9.23 3.84 -15.00
N TRP A 103 -8.28 3.87 -14.07
CA TRP A 103 -6.99 4.50 -14.34
C TRP A 103 -5.91 3.67 -13.65
N ASN A 104 -4.71 3.75 -14.19
CA ASN A 104 -3.59 3.02 -13.63
C ASN A 104 -2.72 3.97 -12.79
N PRO A 105 -2.83 3.82 -11.45
CA PRO A 105 -2.07 4.65 -10.54
C PRO A 105 -0.61 4.23 -10.50
N LYS A 106 -0.33 3.10 -11.15
CA LYS A 106 1.02 2.58 -11.19
C LYS A 106 1.72 2.85 -9.86
N GLU A 107 1.08 2.40 -8.79
CA GLU A 107 1.61 2.59 -7.46
C GLU A 107 1.40 1.34 -6.61
N ALA A 108 2.20 1.22 -5.57
CA ALA A 108 2.10 0.08 -4.68
C ALA A 108 1.60 0.55 -3.32
N LEU A 109 0.67 -0.22 -2.76
CA LEU A 109 0.09 0.10 -1.47
C LEU A 109 0.90 -0.59 -0.37
N TRP A 110 1.18 0.16 0.69
CA TRP A 110 1.94 -0.38 1.80
C TRP A 110 1.12 -0.14 3.08
N VAL A 111 0.77 -1.24 3.72
CA VAL A 111 -0.01 -1.17 4.95
C VAL A 111 0.59 -2.12 5.99
N ASP A 112 0.75 -1.60 7.20
CA ASP A 112 1.31 -2.39 8.27
C ASP A 112 0.41 -2.28 9.50
N TRP A 113 0.13 -3.43 10.10
CA TRP A 113 -0.71 -3.47 11.28
C TRP A 113 0.19 -3.63 12.51
N GLU A 114 0.66 -4.86 12.70
CA GLU A 114 1.52 -5.16 13.82
C GLU A 114 2.73 -4.23 13.82
N ASN A 115 2.77 -3.35 12.83
CA ASN A 115 3.86 -2.40 12.69
C ASN A 115 3.33 -1.00 12.98
N LYS A 116 2.01 -0.89 13.02
CA LYS A 116 1.38 0.39 13.27
C LYS A 116 1.94 1.45 12.31
N LEU A 117 2.22 0.99 11.09
CA LEU A 117 2.76 1.88 10.07
C LEU A 117 2.02 1.63 8.75
N VAL A 118 1.41 2.69 8.25
CA VAL A 118 0.67 2.60 7.00
C VAL A 118 1.05 3.78 6.10
N GLY A 119 0.63 3.70 4.85
CA GLY A 119 0.91 4.75 3.90
C GLY A 119 0.77 4.24 2.46
N ASN A 120 0.71 5.18 1.54
CA ASN A 120 0.58 4.84 0.12
C ASN A 120 1.79 5.36 -0.65
N GLU A 121 2.57 4.42 -1.16
CA GLU A 121 3.77 4.77 -1.91
C GLU A 121 4.85 3.71 -1.73
N PRO A 122 5.62 3.50 -2.82
CA PRO A 122 6.70 2.50 -2.79
C PRO A 122 7.89 3.02 -1.99
N ALA A 123 8.07 4.33 -2.02
CA ALA A 123 9.17 4.96 -1.30
C ALA A 123 8.95 4.78 0.20
N ASP A 124 7.69 4.66 0.58
CA ASP A 124 7.33 4.49 1.97
C ASP A 124 8.06 3.28 2.54
N ILE A 125 7.93 2.16 1.83
CA ILE A 125 8.56 0.93 2.25
C ILE A 125 10.06 1.18 2.46
N ASP A 126 10.69 1.71 1.42
CA ASP A 126 12.11 2.01 1.47
C ASP A 126 12.41 2.82 2.74
N LYS A 127 11.72 3.95 2.85
CA LYS A 127 11.91 4.82 3.99
C LYS A 127 11.74 4.00 5.28
N TYR A 128 10.63 3.28 5.34
CA TYR A 128 10.34 2.46 6.51
C TYR A 128 11.07 1.12 6.43
N ILE A 129 10.42 0.17 5.78
CA ILE A 129 11.00 -1.16 5.63
C ILE A 129 11.25 -1.43 4.15
N ILE A 130 12.46 -1.09 3.71
CA ILE A 130 12.83 -1.29 2.32
C ILE A 130 12.31 -2.66 1.85
N GLN A 131 13.20 -3.39 1.19
CA GLN A 131 12.85 -4.70 0.68
C GLN A 131 12.43 -5.62 1.83
N ARG A 132 13.31 -5.75 2.80
CA ARG A 132 13.05 -6.60 3.96
C ARG A 132 13.82 -6.07 5.18
N LYS A 133 13.06 -5.66 6.19
CA LYS A 133 13.65 -5.14 7.41
C LYS A 133 13.86 -6.29 8.40
N MET A 1 23.51 -2.40 16.46
CA MET A 1 24.36 -1.35 16.96
C MET A 1 24.07 -0.02 16.26
N SER A 2 23.85 -0.12 14.96
CA SER A 2 23.57 1.06 14.15
C SER A 2 22.52 0.73 13.09
N PHE A 3 21.27 0.58 13.55
CA PHE A 3 20.18 0.27 12.66
C PHE A 3 20.32 1.00 11.32
N TRP A 4 20.51 0.23 10.27
CA TRP A 4 20.65 0.79 8.94
C TRP A 4 19.27 1.21 8.43
N LYS A 5 18.28 0.44 8.84
CA LYS A 5 16.90 0.72 8.44
C LYS A 5 16.40 1.95 9.19
N THR A 6 17.01 2.20 10.34
CA THR A 6 16.63 3.35 11.15
C THR A 6 15.11 3.46 11.26
N LEU A 7 14.60 3.00 12.38
CA LEU A 7 13.16 3.04 12.61
C LEU A 7 12.84 2.32 13.94
N GLN A 8 12.70 3.12 14.99
CA GLN A 8 12.39 2.58 16.30
C GLN A 8 11.28 1.55 16.21
N ARG A 9 11.13 0.78 17.27
CA ARG A 9 10.10 -0.26 17.32
C ARG A 9 9.86 -0.82 15.92
N GLN A 10 10.65 -1.82 15.57
CA GLN A 10 10.53 -2.46 14.28
C GLN A 10 9.38 -3.46 14.28
N PRO A 11 8.56 -3.39 13.18
CA PRO A 11 7.41 -4.28 13.05
C PRO A 11 7.86 -5.69 12.69
N ARG A 12 6.90 -6.46 12.16
CA ARG A 12 7.19 -7.82 11.76
C ARG A 12 6.39 -8.18 10.51
N THR A 13 5.08 -7.99 10.59
CA THR A 13 4.20 -8.29 9.48
C THR A 13 3.97 -7.03 8.64
N ILE A 14 4.48 -7.06 7.41
CA ILE A 14 4.34 -5.94 6.51
C ILE A 14 3.23 -6.24 5.51
N SER A 15 2.14 -5.49 5.62
CA SER A 15 1.01 -5.67 4.73
C SER A 15 1.06 -4.63 3.60
N LEU A 16 1.53 -5.08 2.45
CA LEU A 16 1.62 -4.20 1.30
C LEU A 16 0.48 -4.51 0.33
N PHE A 17 -0.15 -3.45 -0.16
CA PHE A 17 -1.25 -3.60 -1.09
C PHE A 17 -0.81 -3.27 -2.52
N THR A 18 -1.51 -3.85 -3.48
CA THR A 18 -1.21 -3.62 -4.88
C THR A 18 -2.13 -2.54 -5.46
N ASN A 19 -1.56 -1.73 -6.34
CA ASN A 19 -2.31 -0.66 -6.97
C ASN A 19 -1.75 -0.42 -8.37
N ASP A 20 -1.40 -1.51 -9.04
CA ASP A 20 -0.86 -1.43 -10.39
C ASP A 20 0.35 -0.49 -10.40
N ILE A 21 1.22 -0.71 -11.35
CA ILE A 21 2.43 0.11 -11.47
C ILE A 21 3.02 -0.08 -12.87
N ALA A 22 3.01 -1.32 -13.33
CA ALA A 22 3.55 -1.64 -14.64
C ALA A 22 3.25 -3.11 -14.96
N SER A 23 4.28 -3.79 -15.44
CA SER A 23 4.14 -5.20 -15.79
C SER A 23 3.20 -5.90 -14.80
N ASN A 24 3.79 -6.41 -13.74
CA ASN A 24 3.02 -7.11 -12.72
C ASN A 24 2.40 -6.08 -11.77
N ILE A 25 1.13 -5.81 -11.98
CA ILE A 25 0.41 -4.86 -11.15
C ILE A 25 0.76 -5.10 -9.68
N LYS A 26 0.73 -6.37 -9.30
CA LYS A 26 1.04 -6.74 -7.93
C LYS A 26 2.56 -6.74 -7.75
N SER A 27 3.21 -7.62 -8.47
CA SER A 27 4.67 -7.73 -8.40
C SER A 27 5.30 -6.35 -8.52
N GLN A 28 5.17 -5.77 -9.71
CA GLN A 28 5.72 -4.45 -9.98
C GLN A 28 5.51 -3.54 -8.77
N LYS A 29 4.40 -3.76 -8.08
CA LYS A 29 4.07 -2.98 -6.91
C LYS A 29 5.22 -3.04 -5.90
N CYS A 30 5.24 -4.13 -5.15
CA CYS A 30 6.28 -4.32 -4.15
C CYS A 30 7.41 -5.13 -4.79
N LEU A 31 7.03 -6.26 -5.36
CA LEU A 31 8.00 -7.14 -6.01
C LEU A 31 9.12 -6.29 -6.63
N GLN A 32 8.71 -5.14 -7.16
CA GLN A 32 9.66 -4.23 -7.78
C GLN A 32 10.35 -3.38 -6.71
N LEU A 33 9.55 -2.91 -5.76
CA LEU A 33 10.08 -2.09 -4.68
C LEU A 33 11.16 -2.86 -3.93
N LEU A 34 10.85 -4.11 -3.63
CA LEU A 34 11.77 -4.97 -2.92
C LEU A 34 12.89 -5.41 -3.87
N LYS A 35 12.61 -5.29 -5.16
CA LYS A 35 13.57 -5.67 -6.18
C LYS A 35 14.87 -4.89 -5.96
N GLY A 36 14.79 -3.89 -5.10
CA GLY A 36 15.95 -3.06 -4.80
C GLY A 36 16.92 -3.82 -3.90
N ASP A 37 16.76 -3.63 -2.60
CA ASP A 37 17.62 -4.28 -1.63
C ASP A 37 17.19 -5.73 -1.46
N VAL A 38 17.72 -6.36 -0.41
CA VAL A 38 17.39 -7.74 -0.12
C VAL A 38 17.85 -8.08 1.29
N SER A 39 17.15 -9.04 1.89
CA SER A 39 17.48 -9.47 3.25
C SER A 39 16.38 -10.39 3.78
N HIS A 40 16.29 -10.44 5.09
CA HIS A 40 15.29 -11.28 5.75
C HIS A 40 14.40 -10.42 6.65
N ARG A 41 14.55 -10.64 7.95
CA ARG A 41 13.78 -9.89 8.93
C ARG A 41 12.35 -10.41 8.98
N PHE A 42 11.61 -10.17 7.91
CA PHE A 42 10.23 -10.62 7.83
C PHE A 42 9.79 -10.78 6.38
N ASP A 43 8.57 -11.27 6.21
CA ASP A 43 8.03 -11.47 4.88
C ASP A 43 7.12 -10.28 4.52
N VAL A 44 7.24 -9.86 3.27
CA VAL A 44 6.45 -8.74 2.78
C VAL A 44 5.13 -9.26 2.20
N GLU A 45 4.08 -8.50 2.44
CA GLU A 45 2.76 -8.87 1.96
C GLU A 45 2.43 -8.11 0.67
N ILE A 46 2.27 -8.88 -0.40
CA ILE A 46 1.95 -8.29 -1.69
C ILE A 46 0.58 -8.80 -2.15
N ALA A 47 -0.42 -7.98 -1.93
CA ALA A 47 -1.78 -8.33 -2.32
C ALA A 47 -2.53 -7.06 -2.72
N ASN A 48 -3.38 -7.20 -3.72
CA ASN A 48 -4.16 -6.08 -4.20
C ASN A 48 -5.44 -5.95 -3.37
N ARG A 49 -5.62 -4.77 -2.79
CA ARG A 49 -6.78 -4.51 -1.96
C ARG A 49 -7.41 -3.17 -2.35
N PHE A 50 -8.71 -3.08 -2.12
CA PHE A 50 -9.44 -1.87 -2.43
C PHE A 50 -9.24 -0.81 -1.34
N PRO A 51 -9.12 0.46 -1.80
CA PRO A 51 -8.94 1.57 -0.87
C PRO A 51 -10.24 1.92 -0.15
N THR A 52 -10.77 0.93 0.55
CA THR A 52 -12.01 1.11 1.29
C THR A 52 -11.72 1.34 2.77
N TRP A 53 -12.29 2.41 3.30
CA TRP A 53 -12.11 2.76 4.70
C TRP A 53 -12.89 1.75 5.54
N ASP A 54 -13.85 1.09 4.88
CA ASP A 54 -14.67 0.10 5.56
C ASP A 54 -13.76 -0.89 6.30
N GLN A 55 -12.88 -1.52 5.53
CA GLN A 55 -11.96 -2.48 6.10
C GLN A 55 -10.76 -1.77 6.73
N LEU A 56 -10.15 -0.89 5.93
CA LEU A 56 -9.00 -0.15 6.38
C LEU A 56 -9.40 0.70 7.60
N GLN A 57 -10.70 0.82 7.81
CA GLN A 57 -11.21 1.59 8.92
C GLN A 57 -10.31 1.42 10.14
N TYR A 58 -9.70 0.25 10.23
CA TYR A 58 -8.82 -0.04 11.34
C TYR A 58 -7.59 0.87 11.32
N MET A 59 -6.88 0.84 10.20
CA MET A 59 -5.69 1.64 10.04
C MET A 59 -6.05 3.12 9.81
N ARG A 60 -7.21 3.32 9.20
CA ARG A 60 -7.69 4.66 8.92
C ARG A 60 -7.82 5.46 10.22
N THR A 61 -8.32 4.78 11.24
CA THR A 61 -8.50 5.40 12.54
C THR A 61 -7.15 5.79 13.14
N SER A 62 -6.21 4.86 13.07
CA SER A 62 -4.88 5.08 13.59
C SER A 62 -4.00 5.77 12.53
N CYS A 63 -4.59 6.74 11.87
CA CYS A 63 -3.87 7.47 10.83
C CYS A 63 -4.78 8.60 10.32
N PRO A 64 -4.14 9.79 10.11
CA PRO A 64 -4.87 10.94 9.63
C PRO A 64 -5.20 10.81 8.15
N GLN A 65 -4.27 10.21 7.42
CA GLN A 65 -4.45 10.01 5.98
C GLN A 65 -5.10 8.65 5.71
N GLY A 66 -5.56 8.03 6.79
CA GLY A 66 -6.19 6.71 6.67
C GLY A 66 -6.49 6.37 5.22
N PRO A 67 -7.74 6.67 4.80
CA PRO A 67 -8.18 6.41 3.45
C PRO A 67 -7.57 7.42 2.47
N VAL A 68 -7.31 8.61 2.99
CA VAL A 68 -6.74 9.67 2.18
C VAL A 68 -5.61 9.10 1.33
N SER A 69 -4.69 8.42 1.99
CA SER A 69 -3.56 7.82 1.31
C SER A 69 -4.04 6.74 0.34
N LEU A 70 -5.18 6.15 0.68
CA LEU A 70 -5.75 5.10 -0.14
C LEU A 70 -6.30 5.71 -1.43
N GLN A 71 -7.13 6.73 -1.26
CA GLN A 71 -7.73 7.41 -2.40
C GLN A 71 -6.64 8.12 -3.22
N ARG A 72 -5.89 8.96 -2.52
CA ARG A 72 -4.83 9.72 -3.16
C ARG A 72 -3.86 8.78 -3.87
N GLN A 73 -3.86 7.52 -3.42
CA GLN A 73 -2.99 6.52 -4.00
C GLN A 73 -3.46 6.16 -5.41
N ILE A 74 -4.78 6.05 -5.55
CA ILE A 74 -5.36 5.71 -6.84
C ILE A 74 -5.12 6.87 -7.82
N PRO A 75 -5.44 6.60 -9.11
CA PRO A 75 -5.26 7.61 -10.14
C PRO A 75 -6.36 8.67 -10.07
N LYS A 76 -7.61 8.20 -10.10
CA LYS A 76 -8.75 9.08 -10.04
C LYS A 76 -9.14 9.30 -8.58
N LEU A 77 -8.17 9.77 -7.81
CA LEU A 77 -8.39 10.03 -6.40
C LEU A 77 -9.63 10.91 -6.23
N ASP A 78 -9.52 12.13 -6.76
CA ASP A 78 -10.62 13.07 -6.68
C ASP A 78 -11.95 12.33 -6.89
N SER A 79 -11.87 11.24 -7.64
CA SER A 79 -13.04 10.44 -7.92
C SER A 79 -13.33 9.49 -6.75
N VAL A 80 -12.35 8.66 -6.46
CA VAL A 80 -12.48 7.70 -5.37
C VAL A 80 -12.31 8.43 -4.03
N LEU A 81 -11.60 9.55 -4.10
CA LEU A 81 -11.36 10.34 -2.91
C LEU A 81 -12.70 10.86 -2.37
N LYS A 82 -13.77 10.43 -3.00
CA LYS A 82 -15.10 10.84 -2.61
C LYS A 82 -16.06 9.65 -2.70
N TYR A 83 -16.84 9.64 -3.77
CA TYR A 83 -17.79 8.57 -3.99
C TYR A 83 -17.77 8.11 -5.45
N LYS A 84 -16.90 8.74 -6.23
CA LYS A 84 -16.77 8.41 -7.64
C LYS A 84 -16.35 6.95 -7.77
N HIS A 85 -15.45 6.71 -8.72
CA HIS A 85 -14.97 5.36 -8.96
C HIS A 85 -14.99 4.56 -7.66
N THR A 86 -14.77 5.28 -6.56
CA THR A 86 -14.75 4.65 -5.24
C THR A 86 -15.97 3.73 -5.08
N ASP A 87 -17.04 4.09 -5.77
CA ASP A 87 -18.27 3.31 -5.71
C ASP A 87 -17.91 1.83 -5.67
N PRO A 88 -18.93 0.99 -6.02
CA PRO A 88 -18.74 -0.45 -6.04
C PRO A 88 -17.91 -0.89 -7.25
N THR A 89 -17.10 0.04 -7.74
CA THR A 89 -16.26 -0.23 -8.89
C THR A 89 -14.85 -0.62 -8.43
N PHE A 90 -14.37 0.11 -7.44
CA PHE A 90 -13.03 -0.16 -6.91
C PHE A 90 -13.12 -0.86 -5.54
N GLY A 91 -14.21 -0.57 -4.84
CA GLY A 91 -14.42 -1.17 -3.52
C GLY A 91 -14.21 -2.68 -3.57
N MET A 92 -15.29 -3.40 -3.29
CA MET A 92 -15.24 -4.85 -3.28
C MET A 92 -14.13 -5.36 -4.20
N ASP A 93 -14.10 -4.81 -5.41
CA ASP A 93 -13.10 -5.20 -6.38
C ASP A 93 -12.31 -3.97 -6.81
N LEU A 94 -11.11 -3.84 -6.26
CA LEU A 94 -10.24 -2.72 -6.57
C LEU A 94 -9.30 -3.11 -7.71
N GLN A 95 -8.56 -4.18 -7.48
CA GLN A 95 -7.62 -4.67 -8.48
C GLN A 95 -8.33 -4.93 -9.80
N LYS A 96 -9.61 -5.27 -9.69
CA LYS A 96 -10.41 -5.54 -10.88
C LYS A 96 -10.48 -4.29 -11.74
N CYS A 97 -10.38 -3.14 -11.08
CA CYS A 97 -10.42 -1.86 -11.78
C CYS A 97 -8.99 -1.41 -12.03
N VAL A 98 -8.19 -1.49 -10.99
CA VAL A 98 -6.79 -1.08 -11.08
C VAL A 98 -6.07 -1.98 -12.09
N GLN A 99 -6.51 -3.22 -12.13
CA GLN A 99 -5.92 -4.18 -13.05
C GLN A 99 -5.62 -3.53 -14.40
N ARG A 100 -6.40 -2.49 -14.70
CA ARG A 100 -6.24 -1.78 -15.95
C ARG A 100 -7.56 -1.14 -16.38
N GLY A 101 -8.64 -1.68 -15.81
CA GLY A 101 -9.97 -1.18 -16.13
C GLY A 101 -10.06 0.33 -15.88
N LEU A 102 -10.76 0.69 -14.81
CA LEU A 102 -10.93 2.08 -14.46
C LEU A 102 -9.72 2.88 -14.93
N TRP A 103 -8.65 2.78 -14.17
CA TRP A 103 -7.42 3.49 -14.51
C TRP A 103 -6.24 2.60 -14.11
N ASN A 104 -5.10 2.87 -14.73
CA ASN A 104 -3.90 2.09 -14.46
C ASN A 104 -2.95 2.94 -13.61
N PRO A 105 -3.09 2.78 -12.26
CA PRO A 105 -2.25 3.52 -11.33
C PRO A 105 -0.84 2.93 -11.28
N LYS A 106 0.02 3.61 -10.53
CA LYS A 106 1.40 3.17 -10.39
C LYS A 106 1.92 3.57 -9.01
N GLU A 107 1.26 3.06 -7.98
CA GLU A 107 1.64 3.37 -6.62
C GLU A 107 1.50 2.12 -5.74
N ALA A 108 2.34 2.05 -4.72
CA ALA A 108 2.31 0.93 -3.80
C ALA A 108 1.86 1.41 -2.42
N LEU A 109 0.84 0.75 -1.90
CA LEU A 109 0.31 1.11 -0.59
C LEU A 109 0.96 0.22 0.47
N TRP A 110 1.48 0.88 1.50
CA TRP A 110 2.13 0.16 2.59
C TRP A 110 1.19 0.20 3.80
N VAL A 111 1.17 -0.91 4.53
CA VAL A 111 0.34 -1.02 5.71
C VAL A 111 0.87 -2.12 6.62
N ASP A 112 1.09 -1.76 7.87
CA ASP A 112 1.60 -2.70 8.85
C ASP A 112 0.71 -2.68 10.09
N TRP A 113 0.49 -3.87 10.64
CA TRP A 113 -0.34 -4.01 11.83
C TRP A 113 0.54 -4.51 12.97
N GLU A 114 1.84 -4.46 12.74
CA GLU A 114 2.80 -4.91 13.73
C GLU A 114 3.22 -3.74 14.62
N ASN A 115 3.54 -2.63 13.97
CA ASN A 115 3.96 -1.43 14.69
C ASN A 115 2.90 -0.35 14.52
N LYS A 116 1.71 -0.77 14.17
CA LYS A 116 0.61 0.14 13.97
C LYS A 116 1.03 1.24 12.99
N LEU A 117 1.73 0.82 11.95
CA LEU A 117 2.20 1.76 10.93
C LEU A 117 1.42 1.54 9.64
N VAL A 118 0.92 2.63 9.09
CA VAL A 118 0.16 2.57 7.87
C VAL A 118 0.45 3.82 7.02
N GLY A 119 0.35 3.65 5.71
CA GLY A 119 0.59 4.75 4.79
C GLY A 119 0.54 4.27 3.34
N ASN A 120 1.11 5.08 2.47
CA ASN A 120 1.14 4.75 1.05
C ASN A 120 2.51 5.08 0.48
N GLU A 121 2.64 4.91 -0.83
CA GLU A 121 3.89 5.18 -1.50
C GLU A 121 4.88 4.03 -1.29
N PRO A 122 5.64 3.71 -2.36
CA PRO A 122 6.62 2.64 -2.30
C PRO A 122 7.86 3.07 -1.50
N ALA A 123 8.17 4.36 -1.60
CA ALA A 123 9.31 4.90 -0.89
C ALA A 123 9.04 4.87 0.62
N ASP A 124 7.76 4.93 0.96
CA ASP A 124 7.36 4.91 2.35
C ASP A 124 7.94 3.67 3.03
N ILE A 125 7.80 2.54 2.35
CA ILE A 125 8.30 1.28 2.88
C ILE A 125 9.77 1.45 3.29
N ASP A 126 10.55 1.95 2.33
CA ASP A 126 11.96 2.17 2.57
C ASP A 126 12.14 2.96 3.87
N LYS A 127 11.47 4.10 3.93
CA LYS A 127 11.53 4.97 5.10
C LYS A 127 11.03 4.20 6.32
N TYR A 128 9.81 3.70 6.20
CA TYR A 128 9.21 2.94 7.28
C TYR A 128 9.94 1.63 7.52
N ILE A 129 9.65 0.66 6.66
CA ILE A 129 10.28 -0.64 6.77
C ILE A 129 10.52 -1.20 5.37
N ILE A 130 11.64 -0.82 4.79
CA ILE A 130 12.00 -1.28 3.46
C ILE A 130 11.69 -2.77 3.34
N GLN A 131 11.77 -3.26 2.10
CA GLN A 131 11.50 -4.67 1.84
C GLN A 131 12.03 -5.53 2.99
N ARG A 132 13.25 -5.23 3.40
CA ARG A 132 13.87 -5.97 4.48
C ARG A 132 13.25 -5.58 5.82
N LYS A 133 13.37 -4.30 6.15
CA LYS A 133 12.83 -3.80 7.39
C LYS A 133 11.30 -3.89 7.35
N MET A 1 21.43 7.96 13.46
CA MET A 1 21.47 6.81 12.56
C MET A 1 20.98 5.54 13.26
N SER A 2 19.84 5.05 12.79
CA SER A 2 19.25 3.85 13.36
C SER A 2 17.76 3.78 13.00
N PHE A 3 17.15 2.66 13.37
CA PHE A 3 15.74 2.46 13.10
C PHE A 3 15.36 2.99 11.72
N TRP A 4 16.03 2.45 10.70
CA TRP A 4 15.78 2.85 9.33
C TRP A 4 14.53 2.11 8.85
N LYS A 5 14.51 0.81 9.12
CA LYS A 5 13.40 -0.03 8.71
C LYS A 5 12.16 0.34 9.54
N THR A 6 12.38 0.49 10.83
CA THR A 6 11.30 0.83 11.75
C THR A 6 11.73 1.96 12.69
N LEU A 7 11.19 3.15 12.43
CA LEU A 7 11.51 4.31 13.24
C LEU A 7 11.64 3.88 14.71
N GLN A 8 10.65 3.11 15.15
CA GLN A 8 10.64 2.62 16.51
C GLN A 8 10.05 1.21 16.58
N ARG A 9 10.79 0.33 17.24
CA ARG A 9 10.36 -1.05 17.39
C ARG A 9 10.20 -1.70 16.00
N GLN A 10 10.72 -2.91 15.89
CA GLN A 10 10.65 -3.64 14.64
C GLN A 10 9.41 -4.54 14.63
N PRO A 11 8.61 -4.42 13.53
CA PRO A 11 7.41 -5.21 13.39
C PRO A 11 7.75 -6.66 13.02
N ARG A 12 6.76 -7.31 12.43
CA ARG A 12 6.93 -8.70 12.03
C ARG A 12 6.13 -8.99 10.75
N THR A 13 4.92 -8.45 10.72
CA THR A 13 4.05 -8.64 9.58
C THR A 13 3.91 -7.33 8.79
N ILE A 14 4.37 -7.38 7.55
CA ILE A 14 4.30 -6.21 6.68
C ILE A 14 3.10 -6.33 5.75
N SER A 15 2.14 -5.44 5.94
CA SER A 15 0.94 -5.44 5.13
C SER A 15 1.06 -4.39 4.01
N LEU A 16 1.40 -4.87 2.84
CA LEU A 16 1.54 -3.99 1.69
C LEU A 16 0.55 -4.40 0.61
N PHE A 17 -0.26 -3.43 0.19
CA PHE A 17 -1.25 -3.67 -0.84
C PHE A 17 -0.75 -3.25 -2.22
N THR A 18 -1.28 -3.89 -3.23
CA THR A 18 -0.89 -3.60 -4.60
C THR A 18 -2.00 -2.80 -5.31
N ASN A 19 -1.56 -1.89 -6.16
CA ASN A 19 -2.49 -1.06 -6.90
C ASN A 19 -1.96 -0.86 -8.33
N ASP A 20 -2.03 -1.93 -9.11
CA ASP A 20 -1.56 -1.88 -10.49
C ASP A 20 -0.15 -1.27 -10.51
N ILE A 21 0.46 -1.35 -11.69
CA ILE A 21 1.79 -0.81 -11.88
C ILE A 21 2.24 -1.04 -13.32
N ALA A 22 3.01 -2.10 -13.51
CA ALA A 22 3.51 -2.44 -14.83
C ALA A 22 3.25 -3.92 -15.10
N SER A 23 4.19 -4.53 -15.81
CA SER A 23 4.09 -5.94 -16.14
C SER A 23 3.18 -6.65 -15.13
N ASN A 24 3.78 -7.04 -14.02
CA ASN A 24 3.05 -7.73 -12.97
C ASN A 24 2.46 -6.69 -12.00
N ILE A 25 1.22 -6.33 -12.26
CA ILE A 25 0.54 -5.35 -11.42
C ILE A 25 0.85 -5.64 -9.94
N LYS A 26 0.94 -6.93 -9.64
CA LYS A 26 1.23 -7.36 -8.28
C LYS A 26 2.75 -7.37 -8.07
N SER A 27 3.40 -8.20 -8.87
CA SER A 27 4.86 -8.32 -8.79
C SER A 27 5.51 -6.94 -8.92
N GLN A 28 5.40 -6.38 -10.12
CA GLN A 28 5.96 -5.07 -10.39
C GLN A 28 5.67 -4.12 -9.23
N LYS A 29 4.58 -4.40 -8.53
CA LYS A 29 4.18 -3.58 -7.40
C LYS A 29 5.32 -3.53 -6.38
N CYS A 30 5.37 -4.56 -5.55
CA CYS A 30 6.40 -4.64 -4.53
C CYS A 30 7.56 -5.48 -5.07
N LEU A 31 7.20 -6.66 -5.57
CA LEU A 31 8.18 -7.57 -6.13
C LEU A 31 9.27 -6.75 -6.85
N GLN A 32 8.83 -5.72 -7.54
CA GLN A 32 9.74 -4.86 -8.27
C GLN A 32 10.41 -3.88 -7.32
N LEU A 33 9.58 -3.22 -6.52
CA LEU A 33 10.09 -2.24 -5.57
C LEU A 33 11.07 -2.92 -4.61
N LEU A 34 10.63 -4.06 -4.08
CA LEU A 34 11.45 -4.82 -3.15
C LEU A 34 12.56 -5.52 -3.92
N LYS A 35 12.41 -5.54 -5.24
CA LYS A 35 13.38 -6.18 -6.10
C LYS A 35 14.76 -5.59 -5.82
N GLY A 36 14.76 -4.50 -5.07
CA GLY A 36 16.01 -3.83 -4.73
C GLY A 36 16.93 -4.76 -3.94
N ASP A 37 16.93 -4.57 -2.63
CA ASP A 37 17.76 -5.37 -1.74
C ASP A 37 16.95 -6.58 -1.26
N VAL A 38 17.55 -7.32 -0.34
CA VAL A 38 16.90 -8.50 0.21
C VAL A 38 17.90 -9.26 1.08
N SER A 39 17.36 -10.06 1.99
CA SER A 39 18.19 -10.85 2.88
C SER A 39 17.41 -11.18 4.16
N HIS A 40 18.00 -12.06 4.97
CA HIS A 40 17.37 -12.46 6.22
C HIS A 40 16.64 -11.27 6.84
N ARG A 41 15.40 -11.51 7.23
CA ARG A 41 14.59 -10.46 7.83
C ARG A 41 13.17 -10.97 8.06
N PHE A 42 12.21 -10.06 7.90
CA PHE A 42 10.81 -10.40 8.08
C PHE A 42 10.17 -10.81 6.75
N ASP A 43 8.92 -11.25 6.85
CA ASP A 43 8.18 -11.67 5.67
C ASP A 43 7.32 -10.51 5.18
N VAL A 44 7.44 -10.25 3.88
CA VAL A 44 6.68 -9.17 3.27
C VAL A 44 5.40 -9.74 2.65
N GLU A 45 4.34 -8.94 2.72
CA GLU A 45 3.06 -9.36 2.17
C GLU A 45 2.74 -8.54 0.92
N ILE A 46 2.66 -9.24 -0.21
CA ILE A 46 2.35 -8.59 -1.47
C ILE A 46 1.00 -9.08 -1.98
N ALA A 47 -0.01 -8.25 -1.78
CA ALA A 47 -1.35 -8.58 -2.21
C ALA A 47 -2.04 -7.32 -2.73
N ASN A 48 -2.82 -7.50 -3.78
CA ASN A 48 -3.54 -6.39 -4.39
C ASN A 48 -5.03 -6.51 -4.05
N ARG A 49 -5.53 -5.49 -3.37
CA ARG A 49 -6.93 -5.48 -2.98
C ARG A 49 -7.35 -4.06 -2.59
N PHE A 50 -8.66 -3.83 -2.64
CA PHE A 50 -9.20 -2.52 -2.28
C PHE A 50 -9.04 -2.26 -0.78
N PRO A 51 -8.14 -1.28 -0.46
CA PRO A 51 -7.90 -0.93 0.92
C PRO A 51 -9.04 -0.10 1.49
N THR A 52 -10.23 -0.67 1.42
CA THR A 52 -11.42 0.01 1.92
C THR A 52 -11.26 0.35 3.41
N TRP A 53 -11.99 1.37 3.83
CA TRP A 53 -11.94 1.79 5.22
C TRP A 53 -12.37 0.63 6.10
N ASP A 54 -13.14 -0.27 5.50
CA ASP A 54 -13.63 -1.44 6.22
C ASP A 54 -12.47 -2.09 6.98
N GLN A 55 -11.50 -2.55 6.21
CA GLN A 55 -10.33 -3.19 6.80
C GLN A 55 -9.29 -2.14 7.21
N LEU A 56 -9.18 -1.10 6.38
CA LEU A 56 -8.24 -0.03 6.64
C LEU A 56 -8.60 0.66 7.95
N GLN A 57 -9.84 0.44 8.38
CA GLN A 57 -10.32 1.02 9.62
C GLN A 57 -9.23 0.95 10.69
N TYR A 58 -8.38 -0.05 10.56
CA TYR A 58 -7.30 -0.24 11.52
C TYR A 58 -6.34 0.94 11.51
N MET A 59 -5.81 1.24 10.33
CA MET A 59 -4.88 2.35 10.18
C MET A 59 -5.62 3.68 10.14
N ARG A 60 -6.84 3.63 9.60
CA ARG A 60 -7.67 4.82 9.51
C ARG A 60 -7.78 5.51 10.87
N THR A 61 -7.68 4.70 11.91
CA THR A 61 -7.78 5.21 13.27
C THR A 61 -6.39 5.60 13.78
N SER A 62 -5.43 4.71 13.56
CA SER A 62 -4.07 4.96 14.00
C SER A 62 -3.51 6.19 13.29
N CYS A 63 -4.04 6.45 12.11
CA CYS A 63 -3.60 7.59 11.32
C CYS A 63 -4.84 8.35 10.85
N PRO A 64 -4.72 9.71 10.86
CA PRO A 64 -5.81 10.56 10.42
C PRO A 64 -5.97 10.54 8.91
N GLN A 65 -4.83 10.43 8.23
CA GLN A 65 -4.82 10.40 6.78
C GLN A 65 -4.77 8.96 6.28
N GLY A 66 -4.96 8.03 7.20
CA GLY A 66 -4.95 6.62 6.87
C GLY A 66 -5.78 6.34 5.62
N PRO A 67 -7.04 6.85 5.65
CA PRO A 67 -7.94 6.66 4.52
C PRO A 67 -7.56 7.56 3.35
N VAL A 68 -7.37 8.83 3.67
CA VAL A 68 -7.00 9.81 2.66
C VAL A 68 -5.84 9.26 1.82
N SER A 69 -5.02 8.45 2.47
CA SER A 69 -3.87 7.87 1.80
C SER A 69 -4.34 6.97 0.66
N LEU A 70 -5.51 6.36 0.87
CA LEU A 70 -6.08 5.48 -0.13
C LEU A 70 -6.67 6.31 -1.27
N GLN A 71 -7.51 7.25 -0.90
CA GLN A 71 -8.14 8.12 -1.88
C GLN A 71 -7.07 8.85 -2.71
N ARG A 72 -6.01 9.26 -2.02
CA ARG A 72 -4.93 9.96 -2.68
C ARG A 72 -3.98 8.97 -3.35
N GLN A 73 -4.06 7.73 -2.89
CA GLN A 73 -3.21 6.68 -3.45
C GLN A 73 -3.72 6.27 -4.82
N ILE A 74 -5.04 6.18 -4.94
CA ILE A 74 -5.66 5.80 -6.19
C ILE A 74 -5.66 7.00 -7.15
N PRO A 75 -5.93 6.71 -8.45
CA PRO A 75 -5.96 7.74 -9.46
C PRO A 75 -7.24 8.58 -9.35
N LYS A 76 -7.33 9.59 -10.21
CA LYS A 76 -8.49 10.47 -10.21
C LYS A 76 -8.92 10.75 -8.78
N LEU A 77 -8.02 11.37 -8.03
CA LEU A 77 -8.30 11.70 -6.64
C LEU A 77 -9.70 12.31 -6.54
N ASP A 78 -9.84 13.50 -7.10
CA ASP A 78 -11.11 14.20 -7.08
C ASP A 78 -12.24 13.19 -7.34
N SER A 79 -11.88 12.12 -8.03
CA SER A 79 -12.85 11.09 -8.35
C SER A 79 -13.12 10.22 -7.13
N VAL A 80 -12.05 9.59 -6.64
CA VAL A 80 -12.15 8.74 -5.47
C VAL A 80 -12.11 9.59 -4.21
N LEU A 81 -11.34 10.67 -4.28
CA LEU A 81 -11.20 11.58 -3.16
C LEU A 81 -12.59 12.02 -2.70
N LYS A 82 -13.60 11.61 -3.46
CA LYS A 82 -14.97 11.96 -3.14
C LYS A 82 -15.82 10.69 -3.10
N TYR A 83 -16.41 10.37 -4.23
CA TYR A 83 -17.25 9.19 -4.35
C TYR A 83 -17.52 8.84 -5.81
N LYS A 84 -16.75 9.47 -6.69
CA LYS A 84 -16.91 9.24 -8.11
C LYS A 84 -16.75 7.75 -8.41
N HIS A 85 -16.26 7.46 -9.60
CA HIS A 85 -16.06 6.08 -10.01
C HIS A 85 -15.61 5.25 -8.82
N THR A 86 -15.08 5.94 -7.82
CA THR A 86 -14.61 5.28 -6.62
C THR A 86 -15.69 4.36 -6.06
N ASP A 87 -16.92 4.60 -6.50
CA ASP A 87 -18.04 3.80 -6.05
C ASP A 87 -17.59 2.36 -5.83
N PRO A 88 -18.50 1.41 -6.17
CA PRO A 88 -18.21 -0.01 -6.02
C PRO A 88 -17.24 -0.48 -7.11
N THR A 89 -16.55 0.48 -7.71
CA THR A 89 -15.61 0.16 -8.77
C THR A 89 -14.30 -0.34 -8.17
N PHE A 90 -13.80 0.41 -7.19
CA PHE A 90 -12.55 0.05 -6.54
C PHE A 90 -12.82 -0.71 -5.24
N GLY A 91 -14.03 -0.54 -4.74
CA GLY A 91 -14.42 -1.20 -3.50
C GLY A 91 -14.02 -2.68 -3.51
N MET A 92 -14.85 -3.49 -2.86
CA MET A 92 -14.60 -4.91 -2.79
C MET A 92 -13.38 -5.30 -3.63
N ASP A 93 -13.53 -5.11 -4.93
CA ASP A 93 -12.45 -5.44 -5.86
C ASP A 93 -11.88 -4.15 -6.45
N LEU A 94 -10.70 -3.79 -5.98
CA LEU A 94 -10.05 -2.58 -6.45
C LEU A 94 -9.17 -2.92 -7.67
N GLN A 95 -8.30 -3.89 -7.46
CA GLN A 95 -7.40 -4.32 -8.52
C GLN A 95 -8.18 -4.59 -9.80
N LYS A 96 -9.46 -4.92 -9.62
CA LYS A 96 -10.33 -5.20 -10.76
C LYS A 96 -10.53 -3.92 -11.57
N CYS A 97 -10.44 -2.79 -10.88
CA CYS A 97 -10.61 -1.50 -11.53
C CYS A 97 -9.21 -0.91 -11.78
N VAL A 98 -8.35 -1.07 -10.80
CA VAL A 98 -6.99 -0.55 -10.91
C VAL A 98 -6.19 -1.44 -11.87
N GLN A 99 -6.63 -2.67 -11.99
CA GLN A 99 -5.97 -3.63 -12.87
C GLN A 99 -5.47 -2.92 -14.13
N ARG A 100 -6.21 -1.89 -14.52
CA ARG A 100 -5.86 -1.12 -15.70
C ARG A 100 -7.05 -0.28 -16.17
N GLY A 101 -8.24 -0.80 -15.91
CA GLY A 101 -9.46 -0.12 -16.30
C GLY A 101 -9.40 1.36 -15.92
N LEU A 102 -9.99 1.66 -14.77
CA LEU A 102 -10.02 3.04 -14.28
C LEU A 102 -8.70 3.73 -14.66
N TRP A 103 -7.75 3.66 -13.75
CA TRP A 103 -6.45 4.27 -13.97
C TRP A 103 -5.41 3.45 -13.22
N ASN A 104 -4.16 3.54 -13.70
CA ASN A 104 -3.07 2.82 -13.08
C ASN A 104 -2.34 3.73 -12.10
N PRO A 105 -2.64 3.51 -10.78
CA PRO A 105 -2.04 4.30 -9.74
C PRO A 105 -0.57 3.89 -9.51
N LYS A 106 -0.21 2.79 -10.14
CA LYS A 106 1.15 2.27 -10.02
C LYS A 106 1.73 2.68 -8.66
N GLU A 107 0.84 2.74 -7.68
CA GLU A 107 1.24 3.11 -6.33
C GLU A 107 1.26 1.87 -5.43
N ALA A 108 2.12 1.93 -4.42
CA ALA A 108 2.26 0.83 -3.48
C ALA A 108 1.81 1.29 -2.10
N LEU A 109 0.93 0.49 -1.50
CA LEU A 109 0.42 0.80 -0.18
C LEU A 109 1.10 -0.09 0.86
N TRP A 110 1.88 0.54 1.73
CA TRP A 110 2.60 -0.19 2.76
C TRP A 110 1.96 0.17 4.10
N VAL A 111 1.69 -0.87 4.88
CA VAL A 111 1.08 -0.68 6.19
C VAL A 111 1.41 -1.89 7.07
N ASP A 112 1.95 -1.59 8.25
CA ASP A 112 2.30 -2.64 9.19
C ASP A 112 1.29 -2.65 10.34
N TRP A 113 1.00 -3.85 10.81
CA TRP A 113 0.05 -4.02 11.91
C TRP A 113 0.81 -4.61 13.10
N GLU A 114 2.11 -4.75 12.93
CA GLU A 114 2.96 -5.29 13.98
C GLU A 114 3.48 -4.17 14.87
N ASN A 115 3.92 -3.10 14.24
CA ASN A 115 4.45 -1.96 14.97
C ASN A 115 3.53 -0.75 14.75
N LYS A 116 2.31 -1.05 14.33
CA LYS A 116 1.34 0.00 14.08
C LYS A 116 1.95 1.04 13.15
N LEU A 117 2.51 0.57 12.06
CA LEU A 117 3.13 1.44 11.07
C LEU A 117 2.26 1.49 9.82
N VAL A 118 2.19 2.68 9.23
CA VAL A 118 1.41 2.87 8.02
C VAL A 118 2.04 3.98 7.17
N GLY A 119 1.98 3.79 5.86
CA GLY A 119 2.54 4.76 4.94
C GLY A 119 2.30 4.33 3.49
N ASN A 120 1.75 5.26 2.72
CA ASN A 120 1.47 4.99 1.32
C ASN A 120 2.70 5.32 0.48
N GLU A 121 2.60 5.04 -0.81
CA GLU A 121 3.70 5.30 -1.73
C GLU A 121 4.71 4.14 -1.69
N PRO A 122 5.29 3.86 -2.88
CA PRO A 122 6.27 2.78 -3.00
C PRO A 122 7.61 3.20 -2.40
N ALA A 123 7.99 4.44 -2.67
CA ALA A 123 9.24 4.97 -2.17
C ALA A 123 9.19 5.02 -0.64
N ASP A 124 7.99 5.18 -0.13
CA ASP A 124 7.79 5.24 1.31
C ASP A 124 8.22 3.91 1.94
N ILE A 125 7.89 2.84 1.24
CA ILE A 125 8.24 1.51 1.72
C ILE A 125 9.72 1.48 2.12
N ASP A 126 10.57 1.79 1.16
CA ASP A 126 12.00 1.81 1.40
C ASP A 126 12.29 2.60 2.68
N LYS A 127 11.78 3.83 2.71
CA LYS A 127 11.97 4.68 3.87
C LYS A 127 11.58 3.93 5.14
N TYR A 128 10.40 3.34 5.09
CA TYR A 128 9.89 2.59 6.22
C TYR A 128 10.38 1.14 6.18
N ILE A 129 9.58 0.29 5.54
CA ILE A 129 9.92 -1.12 5.42
C ILE A 129 10.25 -1.43 3.97
N ILE A 130 11.54 -1.45 3.68
CA ILE A 130 12.00 -1.75 2.34
C ILE A 130 11.86 -3.25 2.06
N GLN A 131 12.45 -3.67 0.96
CA GLN A 131 12.40 -5.07 0.57
C GLN A 131 12.77 -5.97 1.76
N ARG A 132 13.88 -5.64 2.38
CA ARG A 132 14.35 -6.41 3.53
C ARG A 132 13.21 -6.65 4.51
N LYS A 133 12.18 -5.80 4.40
CA LYS A 133 11.03 -5.92 5.26
C LYS A 133 10.46 -7.34 5.17
N MET A 1 16.35 8.58 13.98
CA MET A 1 17.67 8.70 14.57
C MET A 1 18.74 8.08 13.66
N SER A 2 18.47 6.86 13.23
CA SER A 2 19.40 6.16 12.35
C SER A 2 18.71 4.92 11.75
N PHE A 3 18.36 4.00 12.64
CA PHE A 3 17.71 2.76 12.21
C PHE A 3 16.71 3.05 11.09
N TRP A 4 17.16 2.83 9.87
CA TRP A 4 16.31 3.05 8.70
C TRP A 4 15.46 1.80 8.49
N LYS A 5 16.08 0.66 8.75
CA LYS A 5 15.40 -0.62 8.60
C LYS A 5 14.59 -0.92 9.85
N THR A 6 14.96 -0.24 10.93
CA THR A 6 14.28 -0.43 12.20
C THR A 6 13.83 0.91 12.77
N LEU A 7 13.11 1.66 11.94
CA LEU A 7 12.61 2.97 12.34
C LEU A 7 11.60 2.79 13.47
N GLN A 8 11.97 3.28 14.64
CA GLN A 8 11.11 3.18 15.80
C GLN A 8 10.33 1.87 15.78
N ARG A 9 10.97 0.83 16.29
CA ARG A 9 10.36 -0.49 16.33
C ARG A 9 9.93 -0.93 14.92
N GLN A 10 10.55 -1.98 14.44
CA GLN A 10 10.25 -2.50 13.12
C GLN A 10 9.12 -3.52 13.20
N PRO A 11 8.15 -3.39 12.26
CA PRO A 11 7.02 -4.29 12.21
C PRO A 11 7.42 -5.66 11.65
N ARG A 12 7.01 -6.70 12.36
CA ARG A 12 7.32 -8.06 11.95
C ARG A 12 6.50 -8.44 10.70
N THR A 13 5.33 -7.82 10.60
CA THR A 13 4.45 -8.09 9.47
C THR A 13 4.11 -6.78 8.76
N ILE A 14 4.55 -6.69 7.51
CA ILE A 14 4.30 -5.51 6.71
C ILE A 14 3.14 -5.78 5.76
N SER A 15 2.13 -4.92 5.82
CA SER A 15 0.96 -5.07 4.97
C SER A 15 1.05 -4.09 3.80
N LEU A 16 1.49 -4.62 2.66
CA LEU A 16 1.63 -3.81 1.46
C LEU A 16 0.56 -4.23 0.45
N PHE A 17 -0.18 -3.23 -0.03
CA PHE A 17 -1.22 -3.48 -1.00
C PHE A 17 -0.72 -3.22 -2.43
N THR A 18 -1.37 -3.88 -3.38
CA THR A 18 -1.01 -3.73 -4.78
C THR A 18 -2.00 -2.81 -5.50
N ASN A 19 -1.47 -1.97 -6.36
CA ASN A 19 -2.29 -1.04 -7.11
C ASN A 19 -1.82 -1.00 -8.57
N ASP A 20 -1.55 -2.19 -9.09
CA ASP A 20 -1.08 -2.31 -10.47
C ASP A 20 0.12 -1.38 -10.68
N ILE A 21 0.89 -1.70 -11.70
CA ILE A 21 2.06 -0.91 -12.03
C ILE A 21 2.41 -1.11 -13.50
N ALA A 22 3.11 -2.21 -13.77
CA ALA A 22 3.52 -2.53 -15.13
C ALA A 22 3.11 -3.96 -15.45
N SER A 23 4.02 -4.67 -16.10
CA SER A 23 3.77 -6.05 -16.48
C SER A 23 2.99 -6.76 -15.38
N ASN A 24 3.72 -7.16 -14.34
CA ASN A 24 3.11 -7.84 -13.21
C ASN A 24 2.52 -6.81 -12.24
N ILE A 25 1.20 -6.69 -12.29
CA ILE A 25 0.51 -5.74 -11.43
C ILE A 25 0.80 -6.08 -9.97
N LYS A 26 0.76 -7.38 -9.68
CA LYS A 26 1.02 -7.85 -8.33
C LYS A 26 2.52 -7.79 -8.05
N SER A 27 3.28 -8.37 -8.97
CA SER A 27 4.73 -8.39 -8.83
C SER A 27 5.28 -6.97 -8.93
N GLN A 28 5.20 -6.41 -10.12
CA GLN A 28 5.70 -5.06 -10.36
C GLN A 28 5.34 -4.16 -9.17
N LYS A 29 4.24 -4.49 -8.52
CA LYS A 29 3.77 -3.73 -7.38
C LYS A 29 4.91 -3.63 -6.35
N CYS A 30 4.97 -4.65 -5.51
CA CYS A 30 5.99 -4.68 -4.47
C CYS A 30 7.23 -5.39 -5.04
N LEU A 31 6.98 -6.51 -5.69
CA LEU A 31 8.06 -7.29 -6.29
C LEU A 31 9.10 -6.34 -6.87
N GLN A 32 8.61 -5.28 -7.50
CA GLN A 32 9.49 -4.29 -8.10
C GLN A 32 10.23 -3.51 -7.01
N LEU A 33 9.49 -3.15 -5.97
CA LEU A 33 10.06 -2.40 -4.86
C LEU A 33 11.20 -3.22 -4.24
N LEU A 34 10.86 -4.44 -3.85
CA LEU A 34 11.84 -5.32 -3.24
C LEU A 34 12.92 -5.67 -4.27
N LYS A 35 12.60 -5.39 -5.53
CA LYS A 35 13.53 -5.66 -6.61
C LYS A 35 14.86 -4.95 -6.33
N GLY A 36 14.85 -4.11 -5.31
CA GLY A 36 16.04 -3.37 -4.93
C GLY A 36 17.00 -4.25 -4.14
N ASP A 37 16.50 -4.78 -3.03
CA ASP A 37 17.30 -5.64 -2.19
C ASP A 37 16.50 -6.89 -1.83
N VAL A 38 17.16 -7.80 -1.11
CA VAL A 38 16.52 -9.04 -0.70
C VAL A 38 17.49 -9.85 0.17
N SER A 39 16.92 -10.62 1.07
CA SER A 39 17.72 -11.43 1.97
C SER A 39 16.92 -11.76 3.24
N HIS A 40 16.12 -12.81 3.14
CA HIS A 40 15.31 -13.23 4.28
C HIS A 40 14.73 -12.00 4.97
N ARG A 41 14.76 -12.02 6.30
CA ARG A 41 14.25 -10.93 7.10
C ARG A 41 12.77 -11.15 7.41
N PHE A 42 11.98 -10.11 7.17
CA PHE A 42 10.55 -10.18 7.43
C PHE A 42 9.79 -10.63 6.18
N ASP A 43 8.49 -10.84 6.36
CA ASP A 43 7.65 -11.26 5.25
C ASP A 43 6.92 -10.05 4.69
N VAL A 44 7.06 -9.87 3.38
CA VAL A 44 6.42 -8.75 2.70
C VAL A 44 5.03 -9.19 2.23
N GLU A 45 4.08 -8.27 2.37
CA GLU A 45 2.71 -8.55 1.96
C GLU A 45 2.42 -7.89 0.60
N ILE A 46 2.25 -8.74 -0.40
CA ILE A 46 1.97 -8.26 -1.74
C ILE A 46 0.59 -8.75 -2.18
N ALA A 47 -0.39 -7.88 -1.99
CA ALA A 47 -1.76 -8.22 -2.36
C ALA A 47 -2.45 -6.98 -2.93
N ASN A 48 -3.19 -7.20 -4.00
CA ASN A 48 -3.90 -6.11 -4.66
C ASN A 48 -5.34 -6.07 -4.15
N ARG A 49 -5.69 -4.96 -3.50
CA ARG A 49 -7.02 -4.78 -2.97
C ARG A 49 -7.25 -3.32 -2.58
N PHE A 50 -8.52 -2.94 -2.60
CA PHE A 50 -8.88 -1.57 -2.25
C PHE A 50 -8.76 -1.33 -0.75
N PRO A 51 -8.18 -0.15 -0.39
CA PRO A 51 -8.01 0.20 1.00
C PRO A 51 -9.33 0.63 1.64
N THR A 52 -10.28 -0.31 1.63
CA THR A 52 -11.59 -0.05 2.19
C THR A 52 -11.46 0.35 3.66
N TRP A 53 -12.32 1.29 4.06
CA TRP A 53 -12.32 1.77 5.43
C TRP A 53 -12.86 0.66 6.33
N ASP A 54 -13.62 -0.23 5.71
CA ASP A 54 -14.21 -1.34 6.44
C ASP A 54 -13.11 -2.06 7.24
N GLN A 55 -12.12 -2.55 6.51
CA GLN A 55 -11.02 -3.25 7.13
C GLN A 55 -9.96 -2.27 7.62
N LEU A 56 -9.75 -1.22 6.83
CA LEU A 56 -8.78 -0.20 7.18
C LEU A 56 -9.29 0.60 8.38
N GLN A 57 -10.59 0.48 8.62
CA GLN A 57 -11.22 1.18 9.73
C GLN A 57 -10.31 1.12 10.96
N TYR A 58 -9.51 0.07 11.03
CA TYR A 58 -8.59 -0.11 12.14
C TYR A 58 -7.50 0.96 12.14
N MET A 59 -6.81 1.05 11.01
CA MET A 59 -5.74 2.02 10.86
C MET A 59 -6.31 3.43 10.64
N ARG A 60 -7.42 3.47 9.92
CA ARG A 60 -8.07 4.73 9.62
C ARG A 60 -8.31 5.52 10.91
N THR A 61 -8.44 4.78 12.00
CA THR A 61 -8.68 5.39 13.31
C THR A 61 -7.35 5.80 13.95
N SER A 62 -6.39 4.88 13.89
CA SER A 62 -5.08 5.12 14.46
C SER A 62 -4.45 6.36 13.82
N CYS A 63 -4.67 6.48 12.52
CA CYS A 63 -4.13 7.61 11.77
C CYS A 63 -5.29 8.33 11.07
N PRO A 64 -5.19 9.68 11.03
CA PRO A 64 -6.21 10.49 10.39
C PRO A 64 -6.11 10.40 8.87
N GLN A 65 -4.90 10.15 8.40
CA GLN A 65 -4.66 10.04 6.98
C GLN A 65 -5.04 8.64 6.48
N GLY A 66 -5.77 7.93 7.32
CA GLY A 66 -6.21 6.58 6.98
C GLY A 66 -6.35 6.42 5.47
N PRO A 67 -7.60 6.66 4.98
CA PRO A 67 -7.89 6.55 3.57
C PRO A 67 -7.31 7.74 2.79
N VAL A 68 -7.26 8.88 3.47
CA VAL A 68 -6.74 10.09 2.86
C VAL A 68 -5.44 9.76 2.12
N SER A 69 -4.63 8.94 2.76
CA SER A 69 -3.35 8.53 2.18
C SER A 69 -3.58 7.47 1.10
N LEU A 70 -4.59 6.66 1.32
CA LEU A 70 -4.92 5.60 0.37
C LEU A 70 -5.62 6.22 -0.85
N GLN A 71 -6.73 6.89 -0.58
CA GLN A 71 -7.49 7.53 -1.65
C GLN A 71 -6.59 8.46 -2.45
N ARG A 72 -5.62 9.03 -1.77
CA ARG A 72 -4.69 9.95 -2.41
C ARG A 72 -3.62 9.17 -3.16
N GLN A 73 -3.47 7.91 -2.80
CA GLN A 73 -2.50 7.05 -3.44
C GLN A 73 -2.86 6.84 -4.91
N ILE A 74 -4.15 6.69 -5.16
CA ILE A 74 -4.63 6.49 -6.51
C ILE A 74 -4.74 7.83 -7.23
N PRO A 75 -4.34 7.83 -8.52
CA PRO A 75 -4.39 9.03 -9.33
C PRO A 75 -5.82 9.38 -9.73
N LYS A 76 -6.69 9.40 -8.73
CA LYS A 76 -8.09 9.71 -8.96
C LYS A 76 -8.77 10.00 -7.62
N LEU A 77 -7.97 10.50 -6.68
CA LEU A 77 -8.49 10.82 -5.36
C LEU A 77 -9.82 11.55 -5.50
N ASP A 78 -9.76 12.72 -6.12
CA ASP A 78 -10.95 13.53 -6.33
C ASP A 78 -12.12 12.61 -6.70
N SER A 79 -11.77 11.49 -7.31
CA SER A 79 -12.78 10.52 -7.72
C SER A 79 -13.07 9.55 -6.58
N VAL A 80 -12.03 8.86 -6.15
CA VAL A 80 -12.17 7.89 -5.07
C VAL A 80 -12.19 8.64 -3.74
N LEU A 81 -11.25 9.55 -3.59
CA LEU A 81 -11.16 10.35 -2.37
C LEU A 81 -12.53 10.94 -2.04
N LYS A 82 -13.41 10.88 -3.02
CA LYS A 82 -14.75 11.41 -2.86
C LYS A 82 -15.77 10.26 -2.92
N TYR A 83 -16.46 10.18 -4.04
CA TYR A 83 -17.46 9.14 -4.23
C TYR A 83 -17.42 8.62 -5.67
N LYS A 84 -16.62 9.27 -6.49
CA LYS A 84 -16.49 8.89 -7.89
C LYS A 84 -16.03 7.44 -7.96
N HIS A 85 -15.05 7.21 -8.83
CA HIS A 85 -14.51 5.87 -9.01
C HIS A 85 -14.63 5.09 -7.71
N THR A 86 -14.63 5.83 -6.61
CA THR A 86 -14.73 5.22 -5.30
C THR A 86 -15.89 4.21 -5.27
N ASP A 87 -16.90 4.50 -6.09
CA ASP A 87 -18.06 3.62 -6.17
C ASP A 87 -17.61 2.16 -6.07
N PRO A 88 -18.52 1.25 -6.53
CA PRO A 88 -18.22 -0.17 -6.50
C PRO A 88 -17.22 -0.54 -7.59
N THR A 89 -16.45 0.45 -8.03
CA THR A 89 -15.46 0.23 -9.05
C THR A 89 -14.13 -0.20 -8.44
N PHE A 90 -13.75 0.50 -7.38
CA PHE A 90 -12.51 0.19 -6.68
C PHE A 90 -12.79 -0.44 -5.32
N GLY A 91 -13.97 -0.15 -4.80
CA GLY A 91 -14.36 -0.68 -3.50
C GLY A 91 -13.86 -2.11 -3.32
N MET A 92 -14.81 -3.04 -3.30
CA MET A 92 -14.48 -4.45 -3.13
C MET A 92 -13.01 -4.71 -3.47
N ASP A 93 -12.78 -5.10 -4.71
CA ASP A 93 -11.43 -5.39 -5.17
C ASP A 93 -10.99 -4.30 -6.16
N LEU A 94 -10.11 -3.44 -5.69
CA LEU A 94 -9.60 -2.36 -6.53
C LEU A 94 -8.78 -2.95 -7.68
N GLN A 95 -8.36 -4.19 -7.48
CA GLN A 95 -7.57 -4.88 -8.49
C GLN A 95 -8.39 -5.08 -9.77
N LYS A 96 -9.69 -5.22 -9.58
CA LYS A 96 -10.60 -5.40 -10.70
C LYS A 96 -10.64 -4.13 -11.55
N CYS A 97 -10.25 -3.03 -10.91
CA CYS A 97 -10.23 -1.75 -11.59
C CYS A 97 -8.82 -1.48 -12.08
N VAL A 98 -7.86 -1.68 -11.20
CA VAL A 98 -6.47 -1.47 -11.53
C VAL A 98 -5.99 -2.60 -12.45
N GLN A 99 -6.70 -3.71 -12.38
CA GLN A 99 -6.36 -4.86 -13.21
C GLN A 99 -5.89 -4.41 -14.59
N ARG A 100 -6.39 -3.26 -15.00
CA ARG A 100 -6.02 -2.71 -16.30
C ARG A 100 -7.15 -1.82 -16.83
N GLY A 101 -7.55 -0.85 -16.02
CA GLY A 101 -8.60 0.06 -16.40
C GLY A 101 -8.48 1.39 -15.63
N LEU A 102 -9.60 2.11 -15.58
CA LEU A 102 -9.63 3.38 -14.89
C LEU A 102 -8.34 4.14 -15.17
N TRP A 103 -7.68 4.57 -14.10
CA TRP A 103 -6.44 5.30 -14.22
C TRP A 103 -5.31 4.40 -13.73
N ASN A 104 -4.10 4.72 -14.18
CA ASN A 104 -2.93 3.95 -13.79
C ASN A 104 -2.57 4.27 -12.34
N PRO A 105 -2.89 3.31 -11.44
CA PRO A 105 -2.59 3.48 -10.02
C PRO A 105 -1.10 3.30 -9.75
N LYS A 106 -0.46 2.56 -10.63
CA LYS A 106 0.97 2.30 -10.49
C LYS A 106 1.46 2.88 -9.16
N GLU A 107 0.84 2.42 -8.08
CA GLU A 107 1.20 2.87 -6.75
C GLU A 107 1.20 1.70 -5.77
N ALA A 108 2.02 1.84 -4.73
CA ALA A 108 2.14 0.81 -3.72
C ALA A 108 1.59 1.34 -2.39
N LEU A 109 0.70 0.57 -1.80
CA LEU A 109 0.09 0.95 -0.54
C LEU A 109 0.88 0.31 0.60
N TRP A 110 1.34 1.17 1.52
CA TRP A 110 2.11 0.70 2.66
C TRP A 110 1.20 0.74 3.88
N VAL A 111 1.17 -0.38 4.60
CA VAL A 111 0.36 -0.50 5.79
C VAL A 111 0.90 -1.62 6.67
N ASP A 112 1.05 -1.30 7.95
CA ASP A 112 1.56 -2.27 8.91
C ASP A 112 0.56 -2.41 10.06
N TRP A 113 0.52 -3.62 10.62
CA TRP A 113 -0.38 -3.89 11.72
C TRP A 113 0.42 -4.61 12.81
N GLU A 114 1.72 -4.68 12.59
CA GLU A 114 2.60 -5.34 13.55
C GLU A 114 3.11 -4.34 14.58
N ASN A 115 3.52 -3.18 14.08
CA ASN A 115 4.03 -2.13 14.95
C ASN A 115 3.06 -0.94 14.94
N LYS A 116 1.96 -1.13 14.23
CA LYS A 116 0.94 -0.10 14.12
C LYS A 116 1.50 1.06 13.28
N LEU A 117 1.77 0.75 12.03
CA LEU A 117 2.31 1.76 11.12
C LEU A 117 1.53 1.71 9.80
N VAL A 118 1.54 2.84 9.10
CA VAL A 118 0.83 2.94 7.84
C VAL A 118 1.50 4.01 6.96
N GLY A 119 1.15 4.00 5.69
CA GLY A 119 1.71 4.96 4.76
C GLY A 119 1.31 4.61 3.32
N ASN A 120 2.03 5.21 2.38
CA ASN A 120 1.77 4.97 0.97
C ASN A 120 3.10 5.03 0.20
N GLU A 121 3.03 4.58 -1.05
CA GLU A 121 4.22 4.57 -1.89
C GLU A 121 5.06 3.33 -1.61
N PRO A 122 5.71 2.82 -2.68
CA PRO A 122 6.57 1.64 -2.56
C PRO A 122 7.88 1.98 -1.87
N ALA A 123 8.37 3.18 -2.17
CA ALA A 123 9.63 3.65 -1.59
C ALA A 123 9.46 3.78 -0.08
N ASP A 124 8.21 3.98 0.34
CA ASP A 124 7.91 4.13 1.75
C ASP A 124 8.45 2.92 2.52
N ILE A 125 8.30 1.76 1.90
CA ILE A 125 8.77 0.53 2.52
C ILE A 125 10.22 0.71 2.97
N ASP A 126 11.05 1.15 2.05
CA ASP A 126 12.45 1.37 2.34
C ASP A 126 12.58 2.23 3.60
N LYS A 127 11.86 3.34 3.60
CA LYS A 127 11.88 4.25 4.73
C LYS A 127 11.46 3.49 6.00
N TYR A 128 10.25 2.95 5.95
CA TYR A 128 9.72 2.21 7.08
C TYR A 128 10.52 0.92 7.30
N ILE A 129 10.28 -0.04 6.43
CA ILE A 129 10.96 -1.33 6.52
C ILE A 129 11.18 -1.89 5.12
N ILE A 130 12.25 -1.42 4.49
CA ILE A 130 12.59 -1.86 3.15
C ILE A 130 12.22 -3.33 3.00
N GLN A 131 12.25 -3.79 1.75
CA GLN A 131 11.92 -5.17 1.46
C GLN A 131 12.54 -6.11 2.51
N ARG A 132 13.54 -5.58 3.20
CA ARG A 132 14.23 -6.34 4.23
C ARG A 132 14.68 -5.42 5.36
N LYS A 133 13.80 -5.28 6.35
CA LYS A 133 14.09 -4.43 7.49
C LYS A 133 15.50 -4.73 7.99
N MET A 1 24.86 6.09 13.90
CA MET A 1 25.39 5.59 15.17
C MET A 1 25.22 4.07 15.28
N SER A 2 24.00 3.63 15.03
CA SER A 2 23.69 2.22 15.10
C SER A 2 22.34 1.94 14.42
N PHE A 3 22.19 0.71 13.95
CA PHE A 3 20.97 0.30 13.28
C PHE A 3 20.70 1.19 12.06
N TRP A 4 20.68 0.56 10.90
CA TRP A 4 20.43 1.27 9.65
C TRP A 4 18.95 1.63 9.60
N LYS A 5 18.12 0.66 9.97
CA LYS A 5 16.68 0.87 9.98
C LYS A 5 16.31 1.83 11.10
N THR A 6 16.84 1.53 12.28
CA THR A 6 16.57 2.36 13.45
C THR A 6 15.21 3.03 13.32
N LEU A 7 14.21 2.36 13.89
CA LEU A 7 12.85 2.89 13.86
C LEU A 7 12.09 2.42 15.10
N GLN A 8 11.34 3.35 15.68
CA GLN A 8 10.56 3.06 16.87
C GLN A 8 9.72 1.80 16.66
N ARG A 9 9.99 0.79 17.48
CA ARG A 9 9.27 -0.46 17.39
C ARG A 9 9.48 -1.10 16.01
N GLN A 10 9.95 -2.33 16.04
CA GLN A 10 10.20 -3.07 14.80
C GLN A 10 8.93 -3.76 14.34
N PRO A 11 8.60 -3.57 13.03
CA PRO A 11 7.42 -4.17 12.45
C PRO A 11 7.63 -5.67 12.22
N ARG A 12 6.53 -6.41 12.27
CA ARG A 12 6.57 -7.84 12.06
C ARG A 12 5.74 -8.23 10.84
N THR A 13 4.51 -7.75 10.83
CA THR A 13 3.59 -8.04 9.73
C THR A 13 3.43 -6.81 8.84
N ILE A 14 3.92 -6.93 7.62
CA ILE A 14 3.82 -5.84 6.66
C ILE A 14 2.65 -6.10 5.72
N SER A 15 1.65 -5.23 5.80
CA SER A 15 0.47 -5.35 4.96
C SER A 15 0.59 -4.39 3.77
N LEU A 16 0.87 -4.97 2.61
CA LEU A 16 1.01 -4.19 1.40
C LEU A 16 -0.14 -4.53 0.44
N PHE A 17 -0.56 -3.53 -0.32
CA PHE A 17 -1.64 -3.71 -1.26
C PHE A 17 -1.19 -3.36 -2.69
N THR A 18 -1.84 -4.00 -3.65
CA THR A 18 -1.51 -3.77 -5.05
C THR A 18 -2.54 -2.83 -5.68
N ASN A 19 -2.03 -1.94 -6.52
CA ASN A 19 -2.88 -0.97 -7.19
C ASN A 19 -2.40 -0.79 -8.64
N ASP A 20 -2.44 -1.89 -9.38
CA ASP A 20 -2.01 -1.87 -10.77
C ASP A 20 -0.62 -1.23 -10.87
N ILE A 21 0.05 -1.51 -11.97
CA ILE A 21 1.38 -0.97 -12.19
C ILE A 21 1.81 -1.25 -13.64
N ALA A 22 2.31 -2.46 -13.85
CA ALA A 22 2.75 -2.86 -15.17
C ALA A 22 2.59 -4.38 -15.31
N SER A 23 3.60 -4.99 -15.92
CA SER A 23 3.58 -6.43 -16.13
C SER A 23 2.86 -7.12 -14.97
N ASN A 24 3.57 -7.19 -13.84
CA ASN A 24 3.02 -7.83 -12.66
C ASN A 24 2.47 -6.74 -11.72
N ILE A 25 1.16 -6.53 -11.81
CA ILE A 25 0.50 -5.54 -10.98
C ILE A 25 0.77 -5.85 -9.51
N LYS A 26 0.78 -7.14 -9.20
CA LYS A 26 1.01 -7.58 -7.84
C LYS A 26 2.52 -7.55 -7.56
N SER A 27 3.27 -8.20 -8.43
CA SER A 27 4.71 -8.26 -8.30
C SER A 27 5.30 -6.85 -8.39
N GLN A 28 5.15 -6.26 -9.57
CA GLN A 28 5.67 -4.92 -9.80
C GLN A 28 5.39 -4.02 -8.60
N LYS A 29 4.27 -4.30 -7.94
CA LYS A 29 3.87 -3.53 -6.77
C LYS A 29 5.05 -3.49 -5.79
N CYS A 30 5.17 -4.57 -5.02
CA CYS A 30 6.24 -4.67 -4.04
C CYS A 30 7.40 -5.45 -4.66
N LEU A 31 7.07 -6.60 -5.21
CA LEU A 31 8.07 -7.44 -5.84
C LEU A 31 9.11 -6.57 -6.53
N GLN A 32 8.63 -5.44 -7.05
CA GLN A 32 9.51 -4.51 -7.74
C GLN A 32 10.29 -3.67 -6.73
N LEU A 33 9.56 -3.10 -5.78
CA LEU A 33 10.17 -2.28 -4.75
C LEU A 33 11.30 -3.06 -4.09
N LEU A 34 11.03 -4.32 -3.81
CA LEU A 34 12.01 -5.18 -3.18
C LEU A 34 13.00 -5.69 -4.23
N LYS A 35 12.60 -5.54 -5.48
CA LYS A 35 13.43 -5.98 -6.59
C LYS A 35 14.79 -5.28 -6.52
N GLY A 36 14.86 -4.31 -5.60
CA GLY A 36 16.10 -3.57 -5.42
C GLY A 36 17.01 -4.27 -4.41
N ASP A 37 16.56 -4.28 -3.16
CA ASP A 37 17.32 -4.91 -2.09
C ASP A 37 16.38 -5.69 -1.19
N VAL A 38 16.38 -7.01 -1.36
CA VAL A 38 15.53 -7.88 -0.57
C VAL A 38 16.29 -9.17 -0.26
N SER A 39 15.68 -9.98 0.60
CA SER A 39 16.29 -11.25 0.99
C SER A 39 15.52 -11.84 2.17
N HIS A 40 16.12 -11.71 3.35
CA HIS A 40 15.51 -12.23 4.56
C HIS A 40 15.74 -11.26 5.72
N ARG A 41 14.68 -11.00 6.46
CA ARG A 41 14.76 -10.10 7.59
C ARG A 41 13.36 -9.71 8.06
N PHE A 42 12.41 -9.80 7.14
CA PHE A 42 11.03 -9.46 7.45
C PHE A 42 10.07 -10.18 6.50
N ASP A 43 8.80 -10.16 6.87
CA ASP A 43 7.78 -10.80 6.07
C ASP A 43 7.01 -9.73 5.27
N VAL A 44 7.10 -9.85 3.95
CA VAL A 44 6.43 -8.91 3.07
C VAL A 44 5.14 -9.53 2.54
N GLU A 45 4.05 -8.81 2.70
CA GLU A 45 2.75 -9.29 2.26
C GLU A 45 2.32 -8.52 1.00
N ILE A 46 2.28 -9.24 -0.11
CA ILE A 46 1.88 -8.64 -1.37
C ILE A 46 0.51 -9.19 -1.78
N ALA A 47 -0.50 -8.35 -1.63
CA ALA A 47 -1.86 -8.74 -1.98
C ALA A 47 -2.58 -7.55 -2.61
N ASN A 48 -3.35 -7.84 -3.64
CA ASN A 48 -4.10 -6.81 -4.34
C ASN A 48 -5.55 -6.85 -3.89
N ARG A 49 -6.02 -5.72 -3.36
CA ARG A 49 -7.38 -5.61 -2.88
C ARG A 49 -7.77 -4.14 -2.70
N PHE A 50 -9.06 -3.90 -2.70
CA PHE A 50 -9.58 -2.55 -2.54
C PHE A 50 -9.37 -2.06 -1.10
N PRO A 51 -8.60 -0.93 -1.00
CA PRO A 51 -8.33 -0.34 0.29
C PRO A 51 -9.55 0.38 0.86
N THR A 52 -10.68 -0.31 0.81
CA THR A 52 -11.92 0.25 1.31
C THR A 52 -11.81 0.58 2.79
N TRP A 53 -12.77 1.35 3.27
CA TRP A 53 -12.79 1.74 4.68
C TRP A 53 -12.89 0.47 5.52
N ASP A 54 -13.46 -0.56 4.92
CA ASP A 54 -13.62 -1.83 5.60
C ASP A 54 -12.28 -2.24 6.22
N GLN A 55 -11.28 -2.37 5.36
CA GLN A 55 -9.95 -2.75 5.81
C GLN A 55 -9.16 -1.52 6.27
N LEU A 56 -9.43 -0.40 5.60
CA LEU A 56 -8.76 0.85 5.93
C LEU A 56 -9.15 1.27 7.35
N GLN A 57 -10.32 0.81 7.77
CA GLN A 57 -10.80 1.13 9.10
C GLN A 57 -9.68 1.03 10.13
N TYR A 58 -8.90 -0.04 9.99
CA TYR A 58 -7.77 -0.27 10.89
C TYR A 58 -6.73 0.84 10.77
N MET A 59 -6.36 1.13 9.53
CA MET A 59 -5.38 2.17 9.26
C MET A 59 -5.97 3.55 9.49
N ARG A 60 -7.27 3.65 9.30
CA ARG A 60 -7.97 4.92 9.49
C ARG A 60 -7.77 5.43 10.92
N THR A 61 -7.70 4.47 11.84
CA THR A 61 -7.52 4.80 13.25
C THR A 61 -6.05 5.16 13.52
N SER A 62 -5.17 4.31 13.00
CA SER A 62 -3.74 4.52 13.18
C SER A 62 -3.22 5.52 12.14
N CYS A 63 -4.00 6.56 11.93
CA CYS A 63 -3.63 7.58 10.96
C CYS A 63 -4.91 8.28 10.49
N PRO A 64 -4.87 9.64 10.55
CA PRO A 64 -6.01 10.44 10.14
C PRO A 64 -6.13 10.49 8.62
N GLN A 65 -4.97 10.47 7.97
CA GLN A 65 -4.94 10.51 6.52
C GLN A 65 -4.77 9.10 5.95
N GLY A 66 -4.94 8.11 6.83
CA GLY A 66 -4.81 6.72 6.44
C GLY A 66 -5.63 6.43 5.18
N PRO A 67 -6.92 6.86 5.24
CA PRO A 67 -7.82 6.64 4.12
C PRO A 67 -7.52 7.61 2.97
N VAL A 68 -7.47 8.89 3.31
CA VAL A 68 -7.19 9.91 2.33
C VAL A 68 -5.95 9.52 1.53
N SER A 69 -5.05 8.82 2.21
CA SER A 69 -3.81 8.38 1.58
C SER A 69 -4.12 7.34 0.49
N LEU A 70 -5.16 6.55 0.74
CA LEU A 70 -5.57 5.53 -0.20
C LEU A 70 -6.23 6.18 -1.41
N GLN A 71 -7.27 6.95 -1.13
CA GLN A 71 -8.01 7.63 -2.17
C GLN A 71 -7.09 8.62 -2.91
N ARG A 72 -6.16 9.18 -2.15
CA ARG A 72 -5.22 10.13 -2.72
C ARG A 72 -4.12 9.39 -3.49
N GLN A 73 -4.01 8.10 -3.22
CA GLN A 73 -3.01 7.28 -3.88
C GLN A 73 -3.36 7.10 -5.36
N ILE A 74 -4.65 6.96 -5.62
CA ILE A 74 -5.12 6.78 -6.98
C ILE A 74 -5.09 8.14 -7.70
N PRO A 75 -5.27 8.07 -9.05
CA PRO A 75 -5.27 9.28 -9.86
C PRO A 75 -6.58 10.05 -9.69
N LYS A 76 -7.67 9.39 -10.06
CA LYS A 76 -8.98 10.01 -9.95
C LYS A 76 -9.36 10.14 -8.48
N LEU A 77 -8.51 10.84 -7.75
CA LEU A 77 -8.75 11.05 -6.33
C LEU A 77 -10.11 11.71 -6.14
N ASP A 78 -10.22 12.93 -6.64
CA ASP A 78 -11.46 13.68 -6.53
C ASP A 78 -12.64 12.77 -6.89
N SER A 79 -12.33 11.75 -7.68
CA SER A 79 -13.34 10.81 -8.12
C SER A 79 -13.58 9.76 -7.02
N VAL A 80 -12.52 9.05 -6.68
CA VAL A 80 -12.59 8.03 -5.66
C VAL A 80 -12.65 8.69 -4.28
N LEU A 81 -11.79 9.69 -4.10
CA LEU A 81 -11.73 10.41 -2.84
C LEU A 81 -13.14 10.88 -2.47
N LYS A 82 -14.03 10.84 -3.44
CA LYS A 82 -15.40 11.26 -3.24
C LYS A 82 -16.32 10.03 -3.29
N TYR A 83 -17.09 9.96 -4.38
CA TYR A 83 -18.01 8.86 -4.57
C TYR A 83 -17.93 8.32 -6.00
N LYS A 84 -17.04 8.94 -6.78
CA LYS A 84 -16.86 8.54 -8.16
C LYS A 84 -16.33 7.10 -8.21
N HIS A 85 -15.41 6.88 -9.14
CA HIS A 85 -14.81 5.56 -9.30
C HIS A 85 -14.91 4.79 -7.98
N THR A 86 -14.75 5.54 -6.89
CA THR A 86 -14.81 4.94 -5.56
C THR A 86 -16.03 4.02 -5.45
N ASP A 87 -17.06 4.36 -6.20
CA ASP A 87 -18.28 3.58 -6.20
C ASP A 87 -17.93 2.08 -6.15
N PRO A 88 -18.89 1.25 -6.62
CA PRO A 88 -18.69 -0.19 -6.63
C PRO A 88 -17.74 -0.60 -7.76
N THR A 89 -16.99 0.38 -8.24
CA THR A 89 -16.03 0.13 -9.31
C THR A 89 -14.68 -0.29 -8.73
N PHE A 90 -14.30 0.39 -7.65
CA PHE A 90 -13.04 0.08 -7.00
C PHE A 90 -13.27 -0.69 -5.69
N GLY A 91 -14.50 -0.64 -5.22
CA GLY A 91 -14.87 -1.33 -4.00
C GLY A 91 -14.38 -2.78 -4.02
N MET A 92 -15.13 -3.63 -3.33
CA MET A 92 -14.79 -5.04 -3.26
C MET A 92 -13.45 -5.31 -3.96
N ASP A 93 -13.49 -5.27 -5.28
CA ASP A 93 -12.29 -5.51 -6.07
C ASP A 93 -11.87 -4.20 -6.76
N LEU A 94 -10.87 -3.56 -6.19
CA LEU A 94 -10.38 -2.31 -6.73
C LEU A 94 -9.31 -2.62 -7.79
N GLN A 95 -8.41 -3.52 -7.42
CA GLN A 95 -7.33 -3.91 -8.32
C GLN A 95 -7.90 -4.38 -9.65
N LYS A 96 -9.13 -4.87 -9.60
CA LYS A 96 -9.79 -5.36 -10.81
C LYS A 96 -10.11 -4.18 -11.72
N CYS A 97 -10.28 -3.02 -11.10
CA CYS A 97 -10.59 -1.81 -11.85
C CYS A 97 -9.29 -1.03 -12.05
N VAL A 98 -8.48 -1.01 -11.00
CA VAL A 98 -7.20 -0.31 -11.05
C VAL A 98 -6.21 -1.13 -11.88
N GLN A 99 -6.39 -2.43 -11.84
CA GLN A 99 -5.52 -3.33 -12.58
C GLN A 99 -5.05 -2.66 -13.88
N ARG A 100 -5.97 -1.93 -14.50
CA ARG A 100 -5.65 -1.24 -15.73
C ARG A 100 -6.90 -0.51 -16.26
N GLY A 101 -8.05 -1.12 -16.01
CA GLY A 101 -9.30 -0.55 -16.45
C GLY A 101 -9.43 0.91 -16.03
N LEU A 102 -10.07 1.11 -14.88
CA LEU A 102 -10.25 2.44 -14.34
C LEU A 102 -9.04 3.30 -14.69
N TRP A 103 -8.06 3.27 -13.79
CA TRP A 103 -6.84 4.04 -14.00
C TRP A 103 -5.67 3.22 -13.45
N ASN A 104 -4.49 3.57 -13.92
CA ASN A 104 -3.27 2.87 -13.49
C ASN A 104 -2.48 3.78 -12.55
N PRO A 105 -2.70 3.57 -11.22
CA PRO A 105 -2.01 4.36 -10.22
C PRO A 105 -0.56 3.91 -10.08
N LYS A 106 -0.26 2.77 -10.66
CA LYS A 106 1.09 2.23 -10.62
C LYS A 106 1.73 2.61 -9.28
N GLU A 107 0.94 2.53 -8.23
CA GLU A 107 1.42 2.86 -6.90
C GLU A 107 1.32 1.64 -5.98
N ALA A 108 2.15 1.64 -4.94
CA ALA A 108 2.16 0.55 -3.99
C ALA A 108 1.67 1.07 -2.63
N LEU A 109 0.66 0.39 -2.10
CA LEU A 109 0.09 0.76 -0.82
C LEU A 109 0.78 -0.04 0.28
N TRP A 110 1.16 0.67 1.34
CA TRP A 110 1.81 0.04 2.47
C TRP A 110 1.00 0.34 3.73
N VAL A 111 0.71 -0.70 4.49
CA VAL A 111 -0.06 -0.56 5.71
C VAL A 111 0.30 -1.70 6.67
N ASP A 112 0.68 -1.32 7.87
CA ASP A 112 1.05 -2.30 8.88
C ASP A 112 0.04 -2.23 10.03
N TRP A 113 -0.03 -3.33 10.78
CA TRP A 113 -0.94 -3.42 11.90
C TRP A 113 -0.17 -3.99 13.10
N GLU A 114 0.44 -5.14 12.87
CA GLU A 114 1.20 -5.81 13.91
C GLU A 114 2.33 -4.89 14.40
N ASN A 115 2.61 -3.87 13.60
CA ASN A 115 3.65 -2.92 13.95
C ASN A 115 3.03 -1.54 14.15
N LYS A 116 1.72 -1.49 14.00
CA LYS A 116 0.99 -0.25 14.17
C LYS A 116 1.62 0.84 13.28
N LEU A 117 1.79 0.49 12.02
CA LEU A 117 2.39 1.41 11.06
C LEU A 117 1.51 1.48 9.81
N VAL A 118 1.49 2.66 9.21
CA VAL A 118 0.69 2.87 8.01
C VAL A 118 1.37 3.93 7.13
N GLY A 119 1.04 3.89 5.85
CA GLY A 119 1.60 4.84 4.90
C GLY A 119 1.56 4.27 3.48
N ASN A 120 0.99 5.06 2.58
CA ASN A 120 0.89 4.65 1.19
C ASN A 120 2.00 5.31 0.38
N GLU A 121 2.82 4.47 -0.23
CA GLU A 121 3.94 4.95 -1.02
C GLU A 121 5.05 3.91 -1.07
N PRO A 122 5.83 3.95 -2.19
CA PRO A 122 6.92 3.02 -2.36
C PRO A 122 8.12 3.40 -1.49
N ALA A 123 8.26 4.71 -1.27
CA ALA A 123 9.35 5.22 -0.46
C ALA A 123 9.06 4.93 1.01
N ASP A 124 7.78 4.78 1.31
CA ASP A 124 7.35 4.50 2.67
C ASP A 124 8.12 3.29 3.20
N ILE A 125 8.10 2.22 2.40
CA ILE A 125 8.79 1.00 2.78
C ILE A 125 10.23 1.33 3.19
N ASP A 126 10.94 1.93 2.26
CA ASP A 126 12.33 2.30 2.50
C ASP A 126 12.44 2.96 3.87
N LYS A 127 11.61 3.98 4.09
CA LYS A 127 11.61 4.70 5.34
C LYS A 127 11.13 3.76 6.45
N TYR A 128 9.90 3.32 6.33
CA TYR A 128 9.30 2.42 7.31
C TYR A 128 10.15 1.16 7.47
N ILE A 129 9.99 0.26 6.50
CA ILE A 129 10.73 -0.99 6.52
C ILE A 129 11.09 -1.40 5.09
N ILE A 130 12.17 -0.82 4.60
CA ILE A 130 12.63 -1.11 3.25
C ILE A 130 12.25 -2.54 2.87
N GLN A 131 12.37 -2.83 1.59
CA GLN A 131 12.04 -4.16 1.09
C GLN A 131 12.74 -5.23 1.93
N ARG A 132 13.41 -4.77 2.98
CA ARG A 132 14.13 -5.67 3.86
C ARG A 132 14.70 -4.90 5.05
N LYS A 133 13.81 -4.57 5.97
CA LYS A 133 14.22 -3.83 7.16
C LYS A 133 15.70 -4.07 7.42
N MET A 1 20.72 1.85 17.49
CA MET A 1 20.23 3.09 18.07
C MET A 1 19.18 3.74 17.17
N SER A 2 19.46 3.71 15.87
CA SER A 2 18.55 4.29 14.90
C SER A 2 18.89 3.79 13.50
N PHE A 3 17.85 3.61 12.70
CA PHE A 3 18.02 3.14 11.34
C PHE A 3 16.80 3.46 10.48
N TRP A 4 16.93 3.21 9.19
CA TRP A 4 15.85 3.46 8.26
C TRP A 4 14.87 2.29 8.35
N LYS A 5 15.42 1.10 8.47
CA LYS A 5 14.60 -0.09 8.56
C LYS A 5 13.64 0.03 9.75
N THR A 6 14.20 0.46 10.87
CA THR A 6 13.40 0.63 12.08
C THR A 6 13.01 2.11 12.26
N LEU A 7 11.98 2.32 13.06
CA LEU A 7 11.51 3.66 13.32
C LEU A 7 10.21 3.59 14.14
N GLN A 8 10.32 4.02 15.39
CA GLN A 8 9.17 4.01 16.28
C GLN A 8 8.54 2.61 16.32
N ARG A 9 9.21 1.72 17.02
CA ARG A 9 8.73 0.36 17.16
C ARG A 9 9.19 -0.48 15.96
N GLN A 10 9.51 -1.74 16.24
CA GLN A 10 9.96 -2.65 15.19
C GLN A 10 8.76 -3.19 14.41
N PRO A 11 8.86 -3.09 13.06
CA PRO A 11 7.80 -3.56 12.19
C PRO A 11 7.81 -5.10 12.11
N ARG A 12 6.65 -5.67 12.42
CA ARG A 12 6.52 -7.12 12.38
C ARG A 12 5.76 -7.55 11.12
N THR A 13 4.44 -7.45 11.19
CA THR A 13 3.60 -7.83 10.08
C THR A 13 3.51 -6.67 9.07
N ILE A 14 3.94 -6.97 7.85
CA ILE A 14 3.92 -5.97 6.79
C ILE A 14 2.71 -6.22 5.89
N SER A 15 1.86 -5.21 5.80
CA SER A 15 0.67 -5.31 4.97
C SER A 15 0.78 -4.38 3.76
N LEU A 16 1.15 -4.97 2.63
CA LEU A 16 1.30 -4.21 1.41
C LEU A 16 0.17 -4.57 0.45
N PHE A 17 -0.35 -3.56 -0.22
CA PHE A 17 -1.43 -3.75 -1.18
C PHE A 17 -0.95 -3.49 -2.60
N THR A 18 -1.58 -4.18 -3.54
CA THR A 18 -1.24 -4.04 -4.94
C THR A 18 -2.20 -3.06 -5.63
N ASN A 19 -1.61 -2.19 -6.43
CA ASN A 19 -2.39 -1.19 -7.16
C ASN A 19 -1.80 -1.00 -8.56
N ASP A 20 -1.29 -2.10 -9.10
CA ASP A 20 -0.70 -2.06 -10.43
C ASP A 20 0.52 -1.13 -10.41
N ILE A 21 1.38 -1.33 -11.40
CA ILE A 21 2.59 -0.53 -11.51
C ILE A 21 3.11 -0.59 -12.94
N ALA A 22 3.70 -1.73 -13.27
CA ALA A 22 4.25 -1.92 -14.60
C ALA A 22 3.88 -3.33 -15.09
N SER A 23 4.89 -4.04 -15.58
CA SER A 23 4.68 -5.39 -16.08
C SER A 23 3.68 -6.13 -15.19
N ASN A 24 4.20 -6.70 -14.11
CA ASN A 24 3.36 -7.43 -13.18
C ASN A 24 2.75 -6.46 -12.16
N ILE A 25 1.46 -6.18 -12.36
CA ILE A 25 0.75 -5.27 -11.49
C ILE A 25 0.94 -5.72 -10.03
N LYS A 26 0.93 -7.02 -9.84
CA LYS A 26 1.10 -7.59 -8.51
C LYS A 26 2.59 -7.63 -8.17
N SER A 27 3.34 -8.29 -9.05
CA SER A 27 4.78 -8.42 -8.85
C SER A 27 5.41 -7.02 -8.76
N GLN A 28 5.34 -6.31 -9.88
CA GLN A 28 5.92 -4.97 -9.95
C GLN A 28 5.54 -4.17 -8.69
N LYS A 29 4.34 -4.44 -8.20
CA LYS A 29 3.86 -3.76 -7.01
C LYS A 29 4.96 -3.74 -5.95
N CYS A 30 5.00 -4.80 -5.16
CA CYS A 30 6.00 -4.91 -4.11
C CYS A 30 7.13 -5.82 -4.62
N LEU A 31 6.72 -6.91 -5.25
CA LEU A 31 7.68 -7.87 -5.78
C LEU A 31 8.88 -7.11 -6.35
N GLN A 32 8.57 -6.03 -7.07
CA GLN A 32 9.61 -5.23 -7.67
C GLN A 32 10.22 -4.28 -6.64
N LEU A 33 9.35 -3.69 -5.84
CA LEU A 33 9.80 -2.76 -4.81
C LEU A 33 10.86 -3.44 -3.94
N LEU A 34 10.57 -4.66 -3.54
CA LEU A 34 11.49 -5.43 -2.72
C LEU A 34 12.67 -5.90 -3.58
N LYS A 35 12.43 -5.91 -4.88
CA LYS A 35 13.46 -6.33 -5.82
C LYS A 35 14.61 -5.34 -5.79
N GLY A 36 14.46 -4.34 -4.93
CA GLY A 36 15.48 -3.31 -4.80
C GLY A 36 16.80 -3.90 -4.30
N ASP A 37 17.20 -3.47 -3.11
CA ASP A 37 18.44 -3.96 -2.52
C ASP A 37 18.30 -5.46 -2.23
N VAL A 38 17.95 -5.77 -0.99
CA VAL A 38 17.80 -7.15 -0.58
C VAL A 38 16.80 -7.22 0.58
N SER A 39 16.37 -8.44 0.87
CA SER A 39 15.42 -8.66 1.96
C SER A 39 15.50 -10.11 2.44
N HIS A 40 15.08 -10.32 3.67
CA HIS A 40 15.10 -11.64 4.26
C HIS A 40 15.06 -11.52 5.79
N ARG A 41 13.96 -10.98 6.29
CA ARG A 41 13.79 -10.81 7.72
C ARG A 41 12.30 -10.58 8.05
N PHE A 42 11.73 -9.59 7.39
CA PHE A 42 10.33 -9.26 7.60
C PHE A 42 9.44 -9.99 6.59
N ASP A 43 8.14 -9.94 6.86
CA ASP A 43 7.17 -10.58 5.99
C ASP A 43 6.42 -9.51 5.19
N VAL A 44 6.66 -9.52 3.89
CA VAL A 44 6.02 -8.56 3.01
C VAL A 44 4.77 -9.19 2.39
N GLU A 45 3.64 -8.50 2.57
CA GLU A 45 2.38 -8.99 2.04
C GLU A 45 1.99 -8.20 0.80
N ILE A 46 2.00 -8.89 -0.33
CA ILE A 46 1.65 -8.26 -1.59
C ILE A 46 0.30 -8.81 -2.08
N ALA A 47 -0.72 -7.99 -1.89
CA ALA A 47 -2.07 -8.38 -2.30
C ALA A 47 -2.82 -7.15 -2.81
N ASN A 48 -3.48 -7.32 -3.94
CA ASN A 48 -4.24 -6.25 -4.54
C ASN A 48 -5.67 -6.27 -4.01
N ARG A 49 -6.05 -5.17 -3.39
CA ARG A 49 -7.39 -5.04 -2.82
C ARG A 49 -7.72 -3.58 -2.55
N PHE A 50 -9.01 -3.30 -2.50
CA PHE A 50 -9.47 -1.94 -2.26
C PHE A 50 -9.20 -1.53 -0.81
N PRO A 51 -8.48 -0.38 -0.68
CA PRO A 51 -8.14 0.14 0.64
C PRO A 51 -9.36 0.78 1.31
N THR A 52 -10.47 0.06 1.25
CA THR A 52 -11.71 0.55 1.84
C THR A 52 -11.54 0.74 3.35
N TRP A 53 -12.36 1.63 3.90
CA TRP A 53 -12.31 1.93 5.32
C TRP A 53 -12.47 0.60 6.07
N ASP A 54 -13.13 -0.34 5.43
CA ASP A 54 -13.36 -1.64 6.03
C ASP A 54 -12.03 -2.20 6.56
N GLN A 55 -11.08 -2.34 5.64
CA GLN A 55 -9.78 -2.86 6.00
C GLN A 55 -8.88 -1.72 6.49
N LEU A 56 -8.93 -0.61 5.76
CA LEU A 56 -8.13 0.55 6.11
C LEU A 56 -8.43 0.95 7.55
N GLN A 57 -9.63 0.62 7.99
CA GLN A 57 -10.06 0.94 9.34
C GLN A 57 -8.93 0.63 10.34
N TYR A 58 -8.15 -0.39 10.00
CA TYR A 58 -7.04 -0.79 10.85
C TYR A 58 -5.90 0.23 10.80
N MET A 59 -5.53 0.58 9.58
CA MET A 59 -4.46 1.53 9.38
C MET A 59 -4.92 2.96 9.69
N ARG A 60 -6.21 3.19 9.45
CA ARG A 60 -6.80 4.49 9.72
C ARG A 60 -6.61 4.88 11.17
N THR A 61 -6.51 3.86 12.01
CA THR A 61 -6.32 4.08 13.44
C THR A 61 -4.85 4.38 13.76
N SER A 62 -3.98 3.58 13.16
CA SER A 62 -2.55 3.74 13.37
C SER A 62 -2.09 5.07 12.76
N CYS A 63 -3.00 5.71 12.04
CA CYS A 63 -2.70 6.97 11.40
C CYS A 63 -4.00 7.54 10.82
N PRO A 64 -4.18 8.87 11.02
CA PRO A 64 -5.37 9.55 10.52
C PRO A 64 -5.28 9.75 9.01
N GLN A 65 -4.06 9.72 8.50
CA GLN A 65 -3.83 9.89 7.07
C GLN A 65 -3.77 8.53 6.38
N GLY A 66 -4.07 7.49 7.14
CA GLY A 66 -4.04 6.14 6.61
C GLY A 66 -5.10 5.96 5.52
N PRO A 67 -6.28 6.61 5.75
CA PRO A 67 -7.37 6.53 4.79
C PRO A 67 -7.10 7.39 3.57
N VAL A 68 -7.04 8.69 3.79
CA VAL A 68 -6.78 9.63 2.72
C VAL A 68 -5.54 9.19 1.94
N SER A 69 -4.65 8.51 2.65
CA SER A 69 -3.43 8.02 2.04
C SER A 69 -3.76 7.13 0.83
N LEU A 70 -4.71 6.24 1.05
CA LEU A 70 -5.13 5.33 -0.01
C LEU A 70 -5.87 6.12 -1.10
N GLN A 71 -6.89 6.85 -0.67
CA GLN A 71 -7.67 7.65 -1.59
C GLN A 71 -6.75 8.50 -2.47
N ARG A 72 -5.72 9.04 -1.85
CA ARG A 72 -4.76 9.87 -2.56
C ARG A 72 -3.78 8.99 -3.34
N GLN A 73 -3.70 7.73 -2.93
CA GLN A 73 -2.80 6.79 -3.58
C GLN A 73 -3.23 6.57 -5.03
N ILE A 74 -4.52 6.67 -5.27
CA ILE A 74 -5.06 6.48 -6.60
C ILE A 74 -4.95 7.80 -7.37
N PRO A 75 -5.09 7.69 -8.72
CA PRO A 75 -5.01 8.85 -9.58
C PRO A 75 -6.29 9.69 -9.49
N LYS A 76 -7.41 8.99 -9.50
CA LYS A 76 -8.71 9.64 -9.42
C LYS A 76 -9.08 9.86 -7.95
N LEU A 77 -8.32 10.74 -7.31
CA LEU A 77 -8.55 11.04 -5.91
C LEU A 77 -9.94 11.64 -5.75
N ASP A 78 -10.09 12.85 -6.28
CA ASP A 78 -11.36 13.55 -6.21
C ASP A 78 -12.50 12.56 -6.49
N SER A 79 -12.18 11.54 -7.26
CA SER A 79 -13.16 10.52 -7.61
C SER A 79 -13.43 9.62 -6.40
N VAL A 80 -12.39 8.91 -5.99
CA VAL A 80 -12.49 8.01 -4.85
C VAL A 80 -12.40 8.82 -3.56
N LEU A 81 -11.65 9.91 -3.64
CA LEU A 81 -11.47 10.77 -2.48
C LEU A 81 -12.83 11.31 -2.03
N LYS A 82 -13.84 11.05 -2.86
CA LYS A 82 -15.19 11.51 -2.56
C LYS A 82 -16.15 10.30 -2.63
N TYR A 83 -16.84 10.22 -3.74
CA TYR A 83 -17.79 9.14 -3.94
C TYR A 83 -17.81 8.69 -5.41
N LYS A 84 -17.08 9.43 -6.23
CA LYS A 84 -17.00 9.11 -7.64
C LYS A 84 -16.52 7.67 -7.82
N HIS A 85 -15.60 7.50 -8.76
CA HIS A 85 -15.05 6.19 -9.04
C HIS A 85 -15.13 5.32 -7.77
N THR A 86 -15.10 6.00 -6.64
CA THR A 86 -15.17 5.30 -5.36
C THR A 86 -16.28 4.27 -5.37
N ASP A 87 -17.29 4.53 -6.20
CA ASP A 87 -18.43 3.64 -6.31
C ASP A 87 -17.94 2.19 -6.21
N PRO A 88 -18.79 1.27 -6.74
CA PRO A 88 -18.45 -0.15 -6.71
C PRO A 88 -17.38 -0.49 -7.74
N THR A 89 -16.67 0.55 -8.17
CA THR A 89 -15.61 0.38 -9.15
C THR A 89 -14.32 -0.08 -8.48
N PHE A 90 -14.00 0.57 -7.37
CA PHE A 90 -12.80 0.25 -6.61
C PHE A 90 -13.15 -0.49 -5.33
N GLY A 91 -14.41 -0.39 -4.95
CA GLY A 91 -14.88 -1.04 -3.73
C GLY A 91 -14.43 -2.51 -3.69
N MET A 92 -15.07 -3.26 -2.82
CA MET A 92 -14.75 -4.67 -2.66
C MET A 92 -13.37 -4.98 -3.24
N ASP A 93 -13.38 -5.31 -4.53
CA ASP A 93 -12.13 -5.63 -5.22
C ASP A 93 -11.76 -4.48 -6.15
N LEU A 94 -10.77 -3.71 -5.71
CA LEU A 94 -10.31 -2.57 -6.48
C LEU A 94 -9.42 -3.07 -7.64
N GLN A 95 -8.68 -4.14 -7.36
CA GLN A 95 -7.80 -4.72 -8.34
C GLN A 95 -8.50 -4.82 -9.70
N LYS A 96 -9.76 -5.22 -9.64
CA LYS A 96 -10.55 -5.36 -10.86
C LYS A 96 -10.39 -4.11 -11.71
N CYS A 97 -10.25 -2.98 -11.03
CA CYS A 97 -10.09 -1.71 -11.71
C CYS A 97 -8.60 -1.47 -11.94
N VAL A 98 -7.80 -2.08 -11.07
CA VAL A 98 -6.36 -1.94 -11.15
C VAL A 98 -5.85 -2.75 -12.36
N GLN A 99 -6.63 -3.75 -12.73
CA GLN A 99 -6.27 -4.60 -13.85
C GLN A 99 -5.95 -3.74 -15.09
N ARG A 100 -6.27 -2.47 -14.98
CA ARG A 100 -6.03 -1.54 -16.07
C ARG A 100 -7.33 -0.85 -16.49
N GLY A 101 -8.40 -1.19 -15.78
CA GLY A 101 -9.70 -0.62 -16.06
C GLY A 101 -9.69 0.91 -15.90
N LEU A 102 -10.38 1.35 -14.88
CA LEU A 102 -10.46 2.79 -14.60
C LEU A 102 -9.16 3.45 -15.05
N TRP A 103 -8.17 3.40 -14.17
CA TRP A 103 -6.88 3.99 -14.46
C TRP A 103 -5.81 3.18 -13.72
N ASN A 104 -4.60 3.23 -14.27
CA ASN A 104 -3.49 2.51 -13.68
C ASN A 104 -2.89 3.33 -12.54
N PRO A 105 -3.18 2.88 -11.29
CA PRO A 105 -2.67 3.57 -10.11
C PRO A 105 -1.18 3.30 -9.91
N LYS A 106 -0.61 2.56 -10.86
CA LYS A 106 0.80 2.24 -10.80
C LYS A 106 1.39 2.76 -9.49
N GLU A 107 0.84 2.28 -8.39
CA GLU A 107 1.30 2.70 -7.07
C GLU A 107 1.39 1.50 -6.13
N ALA A 108 2.24 1.63 -5.12
CA ALA A 108 2.42 0.58 -4.15
C ALA A 108 1.96 1.06 -2.78
N LEU A 109 1.10 0.26 -2.17
CA LEU A 109 0.57 0.60 -0.85
C LEU A 109 1.22 -0.30 0.20
N TRP A 110 1.83 0.34 1.18
CA TRP A 110 2.49 -0.38 2.25
C TRP A 110 1.91 0.09 3.59
N VAL A 111 1.36 -0.86 4.34
CA VAL A 111 0.77 -0.54 5.63
C VAL A 111 1.02 -1.71 6.60
N ASP A 112 1.50 -1.36 7.77
CA ASP A 112 1.80 -2.36 8.79
C ASP A 112 0.98 -2.04 10.04
N TRP A 113 0.45 -3.10 10.66
CA TRP A 113 -0.35 -2.95 11.86
C TRP A 113 0.53 -3.34 13.05
N GLU A 114 0.89 -4.61 13.09
CA GLU A 114 1.72 -5.12 14.16
C GLU A 114 3.04 -4.35 14.23
N ASN A 115 3.22 -3.46 13.26
CA ASN A 115 4.42 -2.65 13.20
C ASN A 115 4.11 -1.23 13.70
N LYS A 116 2.81 -0.95 13.79
CA LYS A 116 2.37 0.36 14.24
C LYS A 116 2.92 1.43 13.31
N LEU A 117 3.20 1.02 12.08
CA LEU A 117 3.72 1.93 11.08
C LEU A 117 2.97 1.74 9.77
N VAL A 118 2.73 2.85 9.09
CA VAL A 118 2.02 2.82 7.83
C VAL A 118 2.57 3.91 6.91
N GLY A 119 2.25 3.78 5.63
CA GLY A 119 2.71 4.75 4.64
C GLY A 119 2.54 4.20 3.22
N ASN A 120 1.96 5.04 2.37
CA ASN A 120 1.73 4.66 0.99
C ASN A 120 2.99 4.93 0.16
N GLU A 121 2.95 4.49 -1.08
CA GLU A 121 4.08 4.69 -1.97
C GLU A 121 5.09 3.55 -1.81
N PRO A 122 5.77 3.20 -2.94
CA PRO A 122 6.75 2.14 -2.93
C PRO A 122 8.05 2.60 -2.26
N ALA A 123 8.44 3.83 -2.59
CA ALA A 123 9.65 4.40 -2.04
C ALA A 123 9.50 4.55 -0.52
N ASP A 124 8.25 4.74 -0.11
CA ASP A 124 7.95 4.91 1.30
C ASP A 124 8.47 3.69 2.07
N ILE A 125 8.21 2.52 1.52
CA ILE A 125 8.64 1.27 2.14
C ILE A 125 10.13 1.39 2.51
N ASP A 126 10.92 1.72 1.50
CA ASP A 126 12.35 1.86 1.70
C ASP A 126 12.61 2.66 2.99
N LYS A 127 11.96 3.81 3.05
CA LYS A 127 12.11 4.68 4.21
C LYS A 127 11.81 3.88 5.49
N TYR A 128 10.65 3.24 5.49
CA TYR A 128 10.24 2.43 6.63
C TYR A 128 10.88 1.04 6.58
N ILE A 129 10.18 0.13 5.94
CA ILE A 129 10.66 -1.24 5.81
C ILE A 129 10.87 -1.57 4.33
N ILE A 130 12.06 -1.25 3.84
CA ILE A 130 12.38 -1.50 2.45
C ILE A 130 12.00 -2.95 2.10
N GLN A 131 12.65 -3.46 1.07
CA GLN A 131 12.38 -4.81 0.61
C GLN A 131 12.32 -5.77 1.81
N ARG A 132 12.84 -5.29 2.93
CA ARG A 132 12.83 -6.08 4.15
C ARG A 132 12.47 -5.21 5.35
N LYS A 133 12.45 -5.84 6.52
CA LYS A 133 12.12 -5.13 7.75
C LYS A 133 10.61 -4.93 7.82
N MET A 1 20.93 4.44 17.75
CA MET A 1 21.39 5.76 17.36
C MET A 1 21.61 5.84 15.84
N SER A 2 22.36 4.87 15.34
CA SER A 2 22.65 4.82 13.92
C SER A 2 22.19 3.48 13.34
N PHE A 3 21.54 3.56 12.19
CA PHE A 3 21.04 2.36 11.52
C PHE A 3 20.87 2.60 10.02
N TRP A 4 20.81 1.51 9.27
CA TRP A 4 20.65 1.58 7.83
C TRP A 4 19.16 1.73 7.54
N LYS A 5 18.37 0.87 8.16
CA LYS A 5 16.92 0.89 7.98
C LYS A 5 16.32 2.01 8.82
N THR A 6 17.03 2.34 9.90
CA THR A 6 16.57 3.38 10.80
C THR A 6 15.04 3.40 10.87
N LEU A 7 14.51 2.68 11.86
CA LEU A 7 13.07 2.62 12.04
C LEU A 7 12.76 2.36 13.52
N GLN A 8 13.49 1.40 14.08
CA GLN A 8 13.30 1.04 15.48
C GLN A 8 12.11 0.09 15.63
N ARG A 9 12.40 -1.08 16.18
CA ARG A 9 11.37 -2.09 16.39
C ARG A 9 10.74 -2.48 15.05
N GLN A 10 11.20 -3.61 14.53
CA GLN A 10 10.70 -4.11 13.26
C GLN A 10 9.43 -4.96 13.49
N PRO A 11 8.42 -4.71 12.63
CA PRO A 11 7.16 -5.44 12.72
C PRO A 11 7.31 -6.87 12.20
N ARG A 12 6.28 -7.66 12.44
CA ARG A 12 6.28 -9.04 12.00
C ARG A 12 5.40 -9.21 10.76
N THR A 13 4.15 -8.80 10.90
CA THR A 13 3.20 -8.90 9.80
C THR A 13 3.16 -7.60 9.00
N ILE A 14 3.61 -7.70 7.75
CA ILE A 14 3.64 -6.53 6.88
C ILE A 14 2.40 -6.56 5.96
N SER A 15 1.53 -5.59 6.18
CA SER A 15 0.31 -5.49 5.39
C SER A 15 0.47 -4.38 4.34
N LEU A 16 0.75 -4.81 3.12
CA LEU A 16 0.92 -3.87 2.02
C LEU A 16 0.01 -4.28 0.86
N PHE A 17 -0.73 -3.29 0.35
CA PHE A 17 -1.63 -3.53 -0.76
C PHE A 17 -0.99 -3.14 -2.09
N THR A 18 -1.52 -3.72 -3.16
CA THR A 18 -1.01 -3.43 -4.48
C THR A 18 -2.04 -2.60 -5.28
N ASN A 19 -1.51 -1.72 -6.11
CA ASN A 19 -2.37 -0.86 -6.93
C ASN A 19 -1.83 -0.85 -8.35
N ASP A 20 -1.61 -2.03 -8.90
CA ASP A 20 -1.10 -2.17 -10.25
C ASP A 20 0.14 -1.29 -10.41
N ILE A 21 0.88 -1.55 -11.49
CA ILE A 21 2.08 -0.79 -11.76
C ILE A 21 2.42 -0.91 -13.25
N ALA A 22 3.02 -2.04 -13.60
CA ALA A 22 3.40 -2.29 -14.98
C ALA A 22 3.26 -3.78 -15.27
N SER A 23 4.40 -4.47 -15.23
CA SER A 23 4.42 -5.90 -15.49
C SER A 23 3.46 -6.61 -14.54
N ASN A 24 4.04 -7.16 -13.48
CA ASN A 24 3.25 -7.88 -12.49
C ASN A 24 2.49 -6.87 -11.62
N ILE A 25 1.24 -6.66 -11.97
CA ILE A 25 0.40 -5.73 -11.24
C ILE A 25 0.68 -5.87 -9.73
N LYS A 26 0.73 -7.12 -9.29
CA LYS A 26 0.99 -7.40 -7.89
C LYS A 26 2.49 -7.30 -7.63
N SER A 27 3.24 -8.15 -8.31
CA SER A 27 4.69 -8.17 -8.15
C SER A 27 5.26 -6.80 -8.49
N GLN A 28 5.15 -6.43 -9.75
CA GLN A 28 5.65 -5.15 -10.21
C GLN A 28 5.40 -4.07 -9.16
N LYS A 29 4.33 -4.26 -8.40
CA LYS A 29 3.98 -3.32 -7.36
C LYS A 29 5.02 -3.36 -6.25
N CYS A 30 4.88 -4.35 -5.38
CA CYS A 30 5.81 -4.52 -4.28
C CYS A 30 7.07 -5.18 -4.80
N LEU A 31 6.88 -6.35 -5.41
CA LEU A 31 7.99 -7.10 -5.97
C LEU A 31 9.04 -6.12 -6.50
N GLN A 32 8.55 -5.01 -7.03
CA GLN A 32 9.44 -4.00 -7.57
C GLN A 32 10.07 -3.17 -6.45
N LEU A 33 9.22 -2.75 -5.53
CA LEU A 33 9.68 -1.95 -4.40
C LEU A 33 10.74 -2.74 -3.64
N LEU A 34 10.36 -3.94 -3.21
CA LEU A 34 11.27 -4.80 -2.47
C LEU A 34 12.41 -5.22 -3.38
N LYS A 35 12.18 -5.09 -4.68
CA LYS A 35 13.18 -5.46 -5.67
C LYS A 35 14.45 -4.62 -5.44
N GLY A 36 14.28 -3.56 -4.65
CA GLY A 36 15.39 -2.67 -4.36
C GLY A 36 16.67 -3.47 -4.07
N ASP A 37 16.83 -3.83 -2.81
CA ASP A 37 18.00 -4.60 -2.39
C ASP A 37 17.61 -6.07 -2.21
N VAL A 38 17.15 -6.38 -1.01
CA VAL A 38 16.73 -7.73 -0.70
C VAL A 38 15.90 -7.73 0.59
N SER A 39 15.31 -8.88 0.87
CA SER A 39 14.48 -9.01 2.06
C SER A 39 14.90 -10.26 2.85
N HIS A 40 14.33 -10.38 4.03
CA HIS A 40 14.64 -11.51 4.91
C HIS A 40 14.02 -11.28 6.28
N ARG A 41 14.79 -10.66 7.16
CA ARG A 41 14.33 -10.38 8.50
C ARG A 41 12.82 -10.60 8.60
N PHE A 42 12.08 -9.57 8.23
CA PHE A 42 10.63 -9.64 8.28
C PHE A 42 10.06 -10.14 6.96
N ASP A 43 8.80 -10.53 7.00
CA ASP A 43 8.13 -11.03 5.81
C ASP A 43 7.17 -9.97 5.27
N VAL A 44 7.39 -9.61 4.02
CA VAL A 44 6.56 -8.60 3.37
C VAL A 44 5.41 -9.29 2.64
N GLU A 45 4.20 -8.83 2.92
CA GLU A 45 3.02 -9.39 2.30
C GLU A 45 2.59 -8.53 1.11
N ILE A 46 2.64 -9.14 -0.07
CA ILE A 46 2.27 -8.45 -1.29
C ILE A 46 0.92 -8.98 -1.78
N ALA A 47 -0.11 -8.16 -1.58
CA ALA A 47 -1.45 -8.54 -1.99
C ALA A 47 -2.18 -7.29 -2.51
N ASN A 48 -2.92 -7.50 -3.59
CA ASN A 48 -3.67 -6.40 -4.19
C ASN A 48 -5.14 -6.51 -3.79
N ARG A 49 -5.64 -5.44 -3.18
CA ARG A 49 -7.02 -5.41 -2.74
C ARG A 49 -7.50 -3.96 -2.60
N PHE A 50 -8.81 -3.81 -2.55
CA PHE A 50 -9.40 -2.49 -2.42
C PHE A 50 -9.21 -1.94 -1.01
N PRO A 51 -8.37 -0.88 -0.92
CA PRO A 51 -8.09 -0.25 0.37
C PRO A 51 -9.27 0.60 0.83
N THR A 52 -10.40 -0.07 1.02
CA THR A 52 -11.61 0.60 1.47
C THR A 52 -11.58 0.82 2.98
N TRP A 53 -12.49 1.65 3.46
CA TRP A 53 -12.57 1.94 4.87
C TRP A 53 -12.83 0.62 5.61
N ASP A 54 -13.44 -0.31 4.91
CA ASP A 54 -13.75 -1.60 5.48
C ASP A 54 -12.48 -2.20 6.10
N GLN A 55 -11.46 -2.35 5.26
CA GLN A 55 -10.20 -2.89 5.71
C GLN A 55 -9.33 -1.80 6.32
N LEU A 56 -9.16 -0.72 5.56
CA LEU A 56 -8.36 0.41 6.01
C LEU A 56 -8.83 0.84 7.40
N GLN A 57 -10.11 0.57 7.66
CA GLN A 57 -10.69 0.92 8.95
C GLN A 57 -9.68 0.73 10.06
N TYR A 58 -8.80 -0.24 9.87
CA TYR A 58 -7.76 -0.54 10.85
C TYR A 58 -6.80 0.63 11.00
N MET A 59 -6.24 1.05 9.87
CA MET A 59 -5.30 2.16 9.86
C MET A 59 -6.02 3.49 9.94
N ARG A 60 -7.26 3.49 9.46
CA ARG A 60 -8.08 4.69 9.47
C ARG A 60 -8.10 5.31 10.86
N THR A 61 -8.06 4.43 11.87
CA THR A 61 -8.07 4.88 13.25
C THR A 61 -6.65 5.16 13.73
N SER A 62 -5.76 4.22 13.44
CA SER A 62 -4.37 4.35 13.83
C SER A 62 -3.74 5.56 13.15
N CYS A 63 -4.44 6.07 12.16
CA CYS A 63 -3.97 7.23 11.41
C CYS A 63 -5.17 7.90 10.74
N PRO A 64 -5.21 9.25 10.86
CA PRO A 64 -6.29 10.02 10.27
C PRO A 64 -6.14 10.12 8.75
N GLN A 65 -4.88 10.16 8.32
CA GLN A 65 -4.58 10.27 6.90
C GLN A 65 -4.42 8.86 6.29
N GLY A 66 -4.83 7.87 7.07
CA GLY A 66 -4.74 6.49 6.63
C GLY A 66 -5.56 6.26 5.35
N PRO A 67 -6.82 6.78 5.39
CA PRO A 67 -7.72 6.64 4.25
C PRO A 67 -7.31 7.60 3.12
N VAL A 68 -7.18 8.86 3.49
CA VAL A 68 -6.80 9.88 2.53
C VAL A 68 -5.59 9.41 1.72
N SER A 69 -4.81 8.54 2.35
CA SER A 69 -3.62 8.00 1.72
C SER A 69 -4.02 7.00 0.63
N LEU A 70 -5.10 6.28 0.90
CA LEU A 70 -5.59 5.29 -0.05
C LEU A 70 -6.25 6.01 -1.23
N GLN A 71 -7.26 6.80 -0.90
CA GLN A 71 -7.99 7.54 -1.92
C GLN A 71 -7.02 8.37 -2.76
N ARG A 72 -6.00 8.90 -2.09
CA ARG A 72 -5.00 9.71 -2.76
C ARG A 72 -4.00 8.82 -3.49
N GLN A 73 -3.97 7.56 -3.09
CA GLN A 73 -3.07 6.59 -3.69
C GLN A 73 -3.46 6.33 -5.14
N ILE A 74 -4.76 6.24 -5.37
CA ILE A 74 -5.28 5.99 -6.70
C ILE A 74 -5.26 7.30 -7.49
N PRO A 75 -4.90 7.17 -8.81
CA PRO A 75 -4.84 8.32 -9.68
C PRO A 75 -6.24 8.78 -10.08
N LYS A 76 -7.04 9.09 -9.07
CA LYS A 76 -8.40 9.55 -9.29
C LYS A 76 -9.05 9.91 -7.96
N LEU A 77 -8.22 10.44 -7.06
CA LEU A 77 -8.69 10.83 -5.75
C LEU A 77 -10.02 11.58 -5.89
N ASP A 78 -9.96 12.70 -6.58
CA ASP A 78 -11.15 13.52 -6.80
C ASP A 78 -12.34 12.60 -7.09
N SER A 79 -12.04 11.43 -7.63
CA SER A 79 -13.07 10.46 -7.96
C SER A 79 -13.37 9.59 -6.73
N VAL A 80 -12.32 8.92 -6.26
CA VAL A 80 -12.46 8.04 -5.10
C VAL A 80 -12.43 8.90 -3.82
N LEU A 81 -11.52 9.85 -3.81
CA LEU A 81 -11.37 10.73 -2.66
C LEU A 81 -12.71 11.43 -2.40
N LYS A 82 -13.65 11.22 -3.30
CA LYS A 82 -14.96 11.82 -3.18
C LYS A 82 -16.03 10.73 -3.25
N TYR A 83 -16.43 10.41 -4.47
CA TYR A 83 -17.43 9.38 -4.69
C TYR A 83 -17.73 9.21 -6.18
N LYS A 84 -16.94 9.92 -6.98
CA LYS A 84 -17.11 9.85 -8.43
C LYS A 84 -17.08 8.38 -8.88
N HIS A 85 -16.66 8.19 -10.12
CA HIS A 85 -16.58 6.84 -10.68
C HIS A 85 -16.12 5.87 -9.60
N THR A 86 -15.54 6.43 -8.55
CA THR A 86 -15.05 5.61 -7.44
C THR A 86 -16.15 4.67 -6.95
N ASP A 87 -17.37 4.98 -7.34
CA ASP A 87 -18.51 4.16 -6.95
C ASP A 87 -18.06 2.71 -6.80
N PRO A 88 -18.99 1.79 -7.16
CA PRO A 88 -18.71 0.37 -7.07
C PRO A 88 -17.77 -0.08 -8.19
N THR A 89 -16.99 0.88 -8.69
CA THR A 89 -16.05 0.60 -9.76
C THR A 89 -14.71 0.12 -9.19
N PHE A 90 -14.21 0.90 -8.24
CA PHE A 90 -12.95 0.58 -7.60
C PHE A 90 -13.16 -0.05 -6.22
N GLY A 91 -14.33 0.23 -5.66
CA GLY A 91 -14.68 -0.31 -4.35
C GLY A 91 -14.46 -1.82 -4.30
N MET A 92 -15.56 -2.53 -4.06
CA MET A 92 -15.50 -3.98 -3.99
C MET A 92 -14.19 -4.51 -4.57
N ASP A 93 -14.00 -4.25 -5.86
CA ASP A 93 -12.81 -4.69 -6.54
C ASP A 93 -12.05 -3.47 -7.09
N LEU A 94 -11.04 -3.06 -6.34
CA LEU A 94 -10.24 -1.91 -6.73
C LEU A 94 -9.14 -2.37 -7.69
N GLN A 95 -8.68 -3.60 -7.46
CA GLN A 95 -7.63 -4.17 -8.29
C GLN A 95 -8.15 -4.43 -9.71
N LYS A 96 -9.20 -5.23 -9.78
CA LYS A 96 -9.80 -5.57 -11.05
C LYS A 96 -9.94 -4.30 -11.90
N CYS A 97 -10.05 -3.18 -11.21
CA CYS A 97 -10.19 -1.89 -11.88
C CYS A 97 -8.79 -1.30 -12.05
N VAL A 98 -7.97 -1.48 -11.03
CA VAL A 98 -6.61 -0.96 -11.05
C VAL A 98 -5.75 -1.86 -11.93
N GLN A 99 -5.65 -3.11 -11.53
CA GLN A 99 -4.85 -4.07 -12.27
C GLN A 99 -5.26 -4.07 -13.75
N ARG A 100 -6.47 -3.59 -14.00
CA ARG A 100 -6.99 -3.52 -15.35
C ARG A 100 -8.42 -2.99 -15.35
N GLY A 101 -8.53 -1.67 -15.39
CA GLY A 101 -9.84 -1.03 -15.40
C GLY A 101 -9.69 0.50 -15.50
N LEU A 102 -10.36 1.19 -14.59
CA LEU A 102 -10.32 2.64 -14.57
C LEU A 102 -9.04 3.12 -15.28
N TRP A 103 -7.95 3.07 -14.53
CA TRP A 103 -6.67 3.50 -15.07
C TRP A 103 -5.58 2.58 -14.49
N ASN A 104 -4.44 2.55 -15.16
CA ASN A 104 -3.33 1.73 -14.73
C ASN A 104 -2.39 2.57 -13.85
N PRO A 105 -2.63 2.47 -12.52
CA PRO A 105 -1.82 3.22 -11.57
C PRO A 105 -0.45 2.57 -11.40
N LYS A 106 0.25 2.98 -10.35
CA LYS A 106 1.57 2.46 -10.06
C LYS A 106 1.98 2.84 -8.64
N GLU A 107 1.00 2.76 -7.75
CA GLU A 107 1.24 3.08 -6.35
C GLU A 107 0.89 1.88 -5.46
N ALA A 108 1.51 1.87 -4.28
CA ALA A 108 1.28 0.80 -3.34
C ALA A 108 1.05 1.40 -1.93
N LEU A 109 0.24 0.69 -1.15
CA LEU A 109 -0.07 1.14 0.18
C LEU A 109 0.52 0.15 1.20
N TRP A 110 1.41 0.66 2.03
CA TRP A 110 2.06 -0.18 3.04
C TRP A 110 1.44 0.18 4.40
N VAL A 111 1.13 -0.86 5.15
CA VAL A 111 0.55 -0.67 6.48
C VAL A 111 0.79 -1.91 7.32
N ASP A 112 1.36 -1.69 8.50
CA ASP A 112 1.66 -2.78 9.41
C ASP A 112 0.66 -2.75 10.58
N TRP A 113 0.38 -3.94 11.10
CA TRP A 113 -0.54 -4.06 12.21
C TRP A 113 0.19 -4.71 13.38
N GLU A 114 1.47 -4.98 13.15
CA GLU A 114 2.31 -5.60 14.17
C GLU A 114 2.92 -4.53 15.07
N ASN A 115 3.44 -3.49 14.43
CA ASN A 115 4.06 -2.40 15.15
C ASN A 115 3.19 -1.14 15.03
N LYS A 116 1.94 -1.37 14.64
CA LYS A 116 1.00 -0.27 14.48
C LYS A 116 1.62 0.79 13.56
N LEU A 117 2.08 0.34 12.41
CA LEU A 117 2.68 1.23 11.44
C LEU A 117 1.77 1.34 10.20
N VAL A 118 1.76 2.53 9.62
CA VAL A 118 0.94 2.78 8.45
C VAL A 118 1.61 3.85 7.59
N GLY A 119 1.52 3.65 6.28
CA GLY A 119 2.12 4.59 5.34
C GLY A 119 1.55 4.38 3.93
N ASN A 120 1.75 5.39 3.10
CA ASN A 120 1.26 5.33 1.73
C ASN A 120 2.45 5.43 0.77
N GLU A 121 2.22 4.99 -0.46
CA GLU A 121 3.26 5.03 -1.47
C GLU A 121 4.35 4.00 -1.16
N PRO A 122 5.21 3.75 -2.19
CA PRO A 122 6.29 2.79 -2.03
C PRO A 122 7.42 3.38 -1.18
N ALA A 123 7.71 4.64 -1.44
CA ALA A 123 8.77 5.33 -0.70
C ALA A 123 8.57 5.11 0.79
N ASP A 124 7.31 4.91 1.17
CA ASP A 124 6.97 4.68 2.56
C ASP A 124 7.71 3.44 3.07
N ILE A 125 7.62 2.38 2.29
CA ILE A 125 8.26 1.13 2.64
C ILE A 125 9.73 1.40 2.99
N ASP A 126 10.44 2.00 2.04
CA ASP A 126 11.84 2.31 2.25
C ASP A 126 12.02 2.95 3.63
N LYS A 127 11.29 4.03 3.85
CA LYS A 127 11.35 4.73 5.12
C LYS A 127 11.01 3.77 6.26
N TYR A 128 9.83 3.17 6.13
CA TYR A 128 9.37 2.22 7.14
C TYR A 128 10.19 0.93 7.09
N ILE A 129 9.79 0.04 6.20
CA ILE A 129 10.48 -1.23 6.04
C ILE A 129 10.80 -1.45 4.56
N ILE A 130 12.02 -1.09 4.20
CA ILE A 130 12.47 -1.25 2.82
C ILE A 130 11.95 -2.57 2.27
N GLN A 131 12.89 -3.45 1.94
CA GLN A 131 12.55 -4.75 1.40
C GLN A 131 12.80 -5.84 2.45
N ARG A 132 13.86 -5.65 3.21
CA ARG A 132 14.22 -6.60 4.25
C ARG A 132 13.74 -6.10 5.62
N LYS A 133 13.62 -4.79 5.72
CA LYS A 133 13.17 -4.18 6.96
C LYS A 133 11.66 -4.37 7.10
N MET A 1 21.34 -1.97 20.00
CA MET A 1 22.48 -2.79 19.64
C MET A 1 22.81 -2.65 18.15
N SER A 2 21.77 -2.73 17.33
CA SER A 2 21.92 -2.62 15.89
C SER A 2 21.01 -1.51 15.35
N PHE A 3 21.59 -0.68 14.51
CA PHE A 3 20.84 0.43 13.92
C PHE A 3 21.17 0.57 12.43
N TRP A 4 20.96 -0.52 11.71
CA TRP A 4 21.23 -0.53 10.28
C TRP A 4 20.01 0.08 9.57
N LYS A 5 18.84 -0.43 9.94
CA LYS A 5 17.60 0.05 9.36
C LYS A 5 17.13 1.29 10.10
N THR A 6 17.25 1.23 11.42
CA THR A 6 16.85 2.35 12.26
C THR A 6 15.37 2.67 12.04
N LEU A 7 14.55 2.23 12.98
CA LEU A 7 13.12 2.46 12.91
C LEU A 7 12.48 2.18 14.27
N GLN A 8 11.85 3.21 14.82
CA GLN A 8 11.21 3.08 16.10
C GLN A 8 10.42 1.77 16.19
N ARG A 9 11.09 0.75 16.72
CA ARG A 9 10.48 -0.56 16.85
C ARG A 9 10.09 -1.11 15.48
N GLN A 10 10.50 -2.34 15.24
CA GLN A 10 10.21 -2.99 13.97
C GLN A 10 8.89 -3.75 14.06
N PRO A 11 8.12 -3.71 12.94
CA PRO A 11 6.83 -4.39 12.88
C PRO A 11 7.02 -5.90 12.74
N ARG A 12 5.93 -6.57 12.41
CA ARG A 12 5.96 -8.01 12.24
C ARG A 12 5.20 -8.42 10.97
N THR A 13 4.03 -7.82 10.80
CA THR A 13 3.21 -8.10 9.63
C THR A 13 3.19 -6.91 8.69
N ILE A 14 3.70 -7.13 7.49
CA ILE A 14 3.75 -6.07 6.49
C ILE A 14 2.49 -6.15 5.62
N SER A 15 1.63 -5.15 5.77
CA SER A 15 0.40 -5.09 5.02
C SER A 15 0.50 -4.01 3.94
N LEU A 16 0.72 -4.45 2.72
CA LEU A 16 0.84 -3.53 1.60
C LEU A 16 -0.09 -3.99 0.47
N PHE A 17 -0.90 -3.06 -0.01
CA PHE A 17 -1.83 -3.36 -1.09
C PHE A 17 -1.25 -2.93 -2.43
N THR A 18 -1.73 -3.60 -3.48
CA THR A 18 -1.27 -3.30 -4.82
C THR A 18 -2.32 -2.46 -5.57
N ASN A 19 -1.82 -1.65 -6.49
CA ASN A 19 -2.70 -0.79 -7.27
C ASN A 19 -2.13 -0.63 -8.69
N ASP A 20 -1.89 -1.76 -9.32
CA ASP A 20 -1.34 -1.76 -10.66
C ASP A 20 -0.19 -0.76 -10.75
N ILE A 21 0.72 -1.02 -11.68
CA ILE A 21 1.86 -0.15 -11.87
C ILE A 21 2.34 -0.25 -13.32
N ALA A 22 2.89 -1.42 -13.64
CA ALA A 22 3.39 -1.66 -14.98
C ALA A 22 3.36 -3.17 -15.26
N SER A 23 4.49 -3.67 -15.74
CA SER A 23 4.62 -5.08 -16.05
C SER A 23 3.71 -5.90 -15.13
N ASN A 24 4.30 -6.35 -14.02
CA ASN A 24 3.56 -7.14 -13.06
C ASN A 24 2.76 -6.21 -12.14
N ILE A 25 1.49 -6.06 -12.46
CA ILE A 25 0.60 -5.20 -11.69
C ILE A 25 0.87 -5.43 -10.19
N LYS A 26 1.05 -6.69 -9.84
CA LYS A 26 1.30 -7.06 -8.46
C LYS A 26 2.80 -6.90 -8.18
N SER A 27 3.60 -7.66 -8.91
CA SER A 27 5.04 -7.62 -8.74
C SER A 27 5.55 -6.18 -8.90
N GLN A 28 5.41 -5.68 -10.13
CA GLN A 28 5.86 -4.33 -10.43
C GLN A 28 5.53 -3.40 -9.27
N LYS A 29 4.41 -3.68 -8.62
CA LYS A 29 3.97 -2.87 -7.49
C LYS A 29 5.11 -2.75 -6.48
N CYS A 30 5.18 -3.72 -5.59
CA CYS A 30 6.21 -3.74 -4.57
C CYS A 30 7.40 -4.54 -5.10
N LEU A 31 7.09 -5.75 -5.56
CA LEU A 31 8.11 -6.64 -6.10
C LEU A 31 9.20 -5.80 -6.79
N GLN A 32 8.75 -4.74 -7.44
CA GLN A 32 9.66 -3.86 -8.15
C GLN A 32 10.29 -2.87 -7.17
N LEU A 33 9.46 -2.36 -6.27
CA LEU A 33 9.94 -1.41 -5.28
C LEU A 33 11.02 -2.06 -4.42
N LEU A 34 10.74 -3.28 -3.98
CA LEU A 34 11.69 -4.01 -3.16
C LEU A 34 12.76 -4.64 -4.05
N LYS A 35 12.49 -4.61 -5.35
CA LYS A 35 13.41 -5.17 -6.31
C LYS A 35 14.83 -4.67 -6.02
N GLY A 36 14.89 -3.59 -5.26
CA GLY A 36 16.17 -3.00 -4.89
C GLY A 36 17.04 -4.01 -4.16
N ASP A 37 16.98 -3.95 -2.83
CA ASP A 37 17.76 -4.85 -2.01
C ASP A 37 16.86 -5.96 -1.49
N VAL A 38 17.42 -6.77 -0.58
CA VAL A 38 16.67 -7.87 0.00
C VAL A 38 17.43 -8.39 1.23
N SER A 39 16.71 -9.17 2.03
CA SER A 39 17.29 -9.74 3.24
C SER A 39 16.19 -10.32 4.12
N HIS A 40 16.60 -10.78 5.29
CA HIS A 40 15.67 -11.38 6.23
C HIS A 40 15.52 -10.47 7.45
N ARG A 41 14.26 -10.19 7.79
CA ARG A 41 13.98 -9.33 8.92
C ARG A 41 12.46 -9.15 9.07
N PHE A 42 11.78 -9.25 7.94
CA PHE A 42 10.33 -9.10 7.93
C PHE A 42 9.71 -9.77 6.70
N ASP A 43 8.41 -10.02 6.78
CA ASP A 43 7.70 -10.64 5.69
C ASP A 43 6.86 -9.60 4.96
N VAL A 44 7.23 -9.35 3.71
CA VAL A 44 6.52 -8.38 2.89
C VAL A 44 5.32 -9.05 2.23
N GLU A 45 4.15 -8.53 2.53
CA GLU A 45 2.92 -9.07 1.96
C GLU A 45 2.46 -8.21 0.79
N ILE A 46 2.49 -8.81 -0.40
CA ILE A 46 2.08 -8.11 -1.60
C ILE A 46 0.76 -8.71 -2.10
N ALA A 47 -0.31 -7.96 -1.88
CA ALA A 47 -1.63 -8.40 -2.30
C ALA A 47 -2.42 -7.20 -2.82
N ASN A 48 -3.09 -7.42 -3.94
CA ASN A 48 -3.89 -6.37 -4.55
C ASN A 48 -5.32 -6.44 -4.01
N ARG A 49 -5.75 -5.34 -3.43
CA ARG A 49 -7.09 -5.25 -2.87
C ARG A 49 -7.54 -3.79 -2.76
N PHE A 50 -8.85 -3.61 -2.69
CA PHE A 50 -9.42 -2.28 -2.57
C PHE A 50 -9.12 -1.67 -1.20
N PRO A 51 -8.58 -0.42 -1.23
CA PRO A 51 -8.26 0.28 0.00
C PRO A 51 -9.52 0.80 0.70
N THR A 52 -10.48 -0.11 0.87
CA THR A 52 -11.73 0.24 1.51
C THR A 52 -11.48 0.77 2.92
N TRP A 53 -12.32 1.70 3.33
CA TRP A 53 -12.19 2.29 4.66
C TRP A 53 -12.51 1.22 5.69
N ASP A 54 -13.29 0.23 5.26
CA ASP A 54 -13.67 -0.86 6.12
C ASP A 54 -12.42 -1.42 6.81
N GLN A 55 -11.47 -1.84 5.99
CA GLN A 55 -10.23 -2.40 6.51
C GLN A 55 -9.28 -1.27 6.92
N LEU A 56 -9.27 -0.22 6.11
CA LEU A 56 -8.42 0.92 6.38
C LEU A 56 -8.78 1.52 7.73
N GLN A 57 -10.02 1.29 8.13
CA GLN A 57 -10.51 1.80 9.40
C GLN A 57 -9.44 1.63 10.48
N TYR A 58 -8.64 0.59 10.32
CA TYR A 58 -7.58 0.30 11.27
C TYR A 58 -6.42 1.30 11.13
N MET A 59 -5.93 1.40 9.89
CA MET A 59 -4.83 2.31 9.61
C MET A 59 -5.28 3.77 9.70
N ARG A 60 -6.57 3.97 9.43
CA ARG A 60 -7.13 5.31 9.48
C ARG A 60 -6.86 5.95 10.84
N THR A 61 -6.94 5.13 11.88
CA THR A 61 -6.70 5.60 13.23
C THR A 61 -5.21 5.79 13.48
N SER A 62 -4.43 4.88 12.91
CA SER A 62 -2.98 4.95 13.06
C SER A 62 -2.36 5.66 11.86
N CYS A 63 -3.06 6.68 11.39
CA CYS A 63 -2.59 7.45 10.25
C CYS A 63 -3.58 8.58 9.99
N PRO A 64 -3.03 9.81 9.78
CA PRO A 64 -3.86 10.97 9.52
C PRO A 64 -4.41 10.94 8.09
N GLN A 65 -3.63 10.33 7.21
CA GLN A 65 -4.03 10.22 5.81
C GLN A 65 -4.88 8.97 5.59
N GLY A 66 -4.82 8.08 6.57
CA GLY A 66 -5.58 6.83 6.50
C GLY A 66 -5.98 6.52 5.05
N PRO A 67 -7.29 6.72 4.76
CA PRO A 67 -7.81 6.47 3.43
C PRO A 67 -7.39 7.57 2.46
N VAL A 68 -7.35 8.78 2.97
CA VAL A 68 -6.96 9.93 2.16
C VAL A 68 -5.70 9.59 1.37
N SER A 69 -4.82 8.84 2.02
CA SER A 69 -3.56 8.44 1.39
C SER A 69 -3.83 7.35 0.35
N LEU A 70 -4.82 6.52 0.66
CA LEU A 70 -5.17 5.43 -0.25
C LEU A 70 -5.91 6.01 -1.46
N GLN A 71 -6.95 6.76 -1.17
CA GLN A 71 -7.75 7.37 -2.23
C GLN A 71 -6.89 8.33 -3.05
N ARG A 72 -5.94 8.95 -2.37
CA ARG A 72 -5.05 9.90 -3.02
C ARG A 72 -3.95 9.15 -3.78
N GLN A 73 -3.76 7.89 -3.41
CA GLN A 73 -2.76 7.05 -4.04
C GLN A 73 -3.13 6.79 -5.50
N ILE A 74 -4.43 6.64 -5.72
CA ILE A 74 -4.93 6.38 -7.07
C ILE A 74 -5.06 7.70 -7.82
N PRO A 75 -5.10 7.60 -9.18
CA PRO A 75 -5.23 8.77 -10.02
C PRO A 75 -6.67 9.30 -10.00
N LYS A 76 -7.61 8.38 -10.09
CA LYS A 76 -9.02 8.75 -10.08
C LYS A 76 -9.45 9.04 -8.64
N LEU A 77 -8.74 9.99 -8.03
CA LEU A 77 -9.05 10.38 -6.66
C LEU A 77 -10.43 11.03 -6.61
N ASP A 78 -10.53 12.17 -7.26
CA ASP A 78 -11.79 12.90 -7.30
C ASP A 78 -12.95 11.91 -7.47
N SER A 79 -12.62 10.77 -8.06
CA SER A 79 -13.61 9.74 -8.29
C SER A 79 -13.79 8.89 -7.03
N VAL A 80 -12.71 8.25 -6.63
CA VAL A 80 -12.73 7.41 -5.44
C VAL A 80 -12.61 8.28 -4.20
N LEU A 81 -11.70 9.24 -4.28
CA LEU A 81 -11.48 10.16 -3.16
C LEU A 81 -12.81 10.78 -2.75
N LYS A 82 -13.84 10.49 -3.54
CA LYS A 82 -15.16 11.03 -3.27
C LYS A 82 -16.15 9.86 -3.13
N TYR A 83 -16.95 9.69 -4.17
CA TYR A 83 -17.94 8.63 -4.18
C TYR A 83 -18.14 8.08 -5.60
N LYS A 84 -17.50 8.74 -6.55
CA LYS A 84 -17.60 8.34 -7.94
C LYS A 84 -17.14 6.89 -8.07
N HIS A 85 -16.31 6.64 -9.08
CA HIS A 85 -15.80 5.31 -9.33
C HIS A 85 -15.71 4.54 -8.00
N THR A 86 -15.57 5.30 -6.92
CA THR A 86 -15.48 4.70 -5.60
C THR A 86 -16.60 3.68 -5.40
N ASP A 87 -17.69 3.89 -6.12
CA ASP A 87 -18.83 3.01 -6.03
C ASP A 87 -18.34 1.55 -5.93
N PRO A 88 -19.24 0.62 -6.33
CA PRO A 88 -18.91 -0.80 -6.29
C PRO A 88 -17.96 -1.17 -7.42
N THR A 89 -17.29 -0.15 -7.95
CA THR A 89 -16.35 -0.36 -9.05
C THR A 89 -14.98 -0.75 -8.50
N PHE A 90 -14.59 -0.09 -7.42
CA PHE A 90 -13.30 -0.36 -6.80
C PHE A 90 -13.50 -1.10 -5.47
N GLY A 91 -14.69 -0.98 -4.92
CA GLY A 91 -15.02 -1.62 -3.66
C GLY A 91 -14.58 -3.09 -3.68
N MET A 92 -15.00 -3.81 -2.64
CA MET A 92 -14.67 -5.22 -2.53
C MET A 92 -13.35 -5.53 -3.24
N ASP A 93 -13.49 -6.02 -4.46
CA ASP A 93 -12.32 -6.37 -5.26
C ASP A 93 -11.99 -5.20 -6.20
N LEU A 94 -10.96 -4.46 -5.81
CA LEU A 94 -10.52 -3.31 -6.61
C LEU A 94 -9.72 -3.82 -7.81
N GLN A 95 -9.06 -4.95 -7.62
CA GLN A 95 -8.26 -5.53 -8.68
C GLN A 95 -9.08 -5.64 -9.97
N LYS A 96 -10.39 -5.76 -9.79
CA LYS A 96 -11.29 -5.87 -10.93
C LYS A 96 -11.20 -4.60 -11.77
N CYS A 97 -10.88 -3.50 -11.09
CA CYS A 97 -10.76 -2.23 -11.77
C CYS A 97 -9.28 -1.97 -12.06
N VAL A 98 -8.47 -2.13 -11.02
CA VAL A 98 -7.03 -1.93 -11.15
C VAL A 98 -6.47 -2.87 -12.21
N GLN A 99 -7.10 -4.04 -12.30
CA GLN A 99 -6.67 -5.04 -13.27
C GLN A 99 -6.29 -4.37 -14.59
N ARG A 100 -6.87 -3.20 -14.81
CA ARG A 100 -6.60 -2.45 -16.03
C ARG A 100 -7.79 -1.54 -16.36
N GLY A 101 -8.93 -1.86 -15.77
CA GLY A 101 -10.14 -1.08 -15.99
C GLY A 101 -9.98 0.34 -15.43
N LEU A 102 -11.12 0.98 -15.22
CA LEU A 102 -11.12 2.34 -14.69
C LEU A 102 -9.91 3.10 -15.24
N TRP A 103 -8.83 3.04 -14.48
CA TRP A 103 -7.61 3.73 -14.86
C TRP A 103 -6.43 2.85 -14.44
N ASN A 104 -5.30 3.08 -15.10
CA ASN A 104 -4.09 2.32 -14.80
C ASN A 104 -3.25 3.10 -13.78
N PRO A 105 -3.37 2.69 -12.50
CA PRO A 105 -2.62 3.33 -11.43
C PRO A 105 -1.15 2.92 -11.47
N LYS A 106 -0.45 3.23 -10.38
CA LYS A 106 0.96 2.90 -10.28
C LYS A 106 1.48 3.34 -8.91
N GLU A 107 0.71 3.02 -7.88
CA GLU A 107 1.08 3.37 -6.52
C GLU A 107 0.85 2.19 -5.58
N ALA A 108 1.76 2.05 -4.63
CA ALA A 108 1.66 0.96 -3.66
C ALA A 108 1.46 1.55 -2.26
N LEU A 109 0.45 1.02 -1.58
CA LEU A 109 0.13 1.48 -0.24
C LEU A 109 0.70 0.50 0.78
N TRP A 110 1.63 0.99 1.57
CA TRP A 110 2.27 0.17 2.59
C TRP A 110 1.69 0.57 3.95
N VAL A 111 1.24 -0.44 4.69
CA VAL A 111 0.66 -0.22 6.00
C VAL A 111 0.90 -1.44 6.88
N ASP A 112 1.17 -1.17 8.15
CA ASP A 112 1.42 -2.25 9.10
C ASP A 112 0.45 -2.11 10.27
N TRP A 113 0.05 -3.26 10.79
CA TRP A 113 -0.88 -3.29 11.91
C TRP A 113 -0.21 -4.05 13.06
N GLU A 114 1.09 -4.26 12.91
CA GLU A 114 1.86 -4.97 13.93
C GLU A 114 2.52 -3.98 14.88
N ASN A 115 3.00 -2.88 14.31
CA ASN A 115 3.65 -1.85 15.10
C ASN A 115 2.78 -0.59 15.09
N LYS A 116 1.66 -0.69 14.41
CA LYS A 116 0.74 0.44 14.33
C LYS A 116 1.33 1.51 13.41
N LEU A 117 1.93 1.04 12.32
CA LEU A 117 2.54 1.95 11.36
C LEU A 117 1.75 1.90 10.05
N VAL A 118 1.64 3.06 9.42
CA VAL A 118 0.92 3.17 8.16
C VAL A 118 1.56 4.25 7.30
N GLY A 119 1.32 4.15 6.00
CA GLY A 119 1.87 5.11 5.06
C GLY A 119 1.90 4.54 3.64
N ASN A 120 1.07 5.14 2.78
CA ASN A 120 1.00 4.70 1.39
C ASN A 120 1.98 5.51 0.55
N GLU A 121 2.87 4.79 -0.12
CA GLU A 121 3.87 5.42 -0.96
C GLU A 121 5.02 4.45 -1.25
N PRO A 122 5.74 4.74 -2.37
CA PRO A 122 6.86 3.90 -2.76
C PRO A 122 8.08 4.16 -1.87
N ALA A 123 8.30 5.42 -1.58
CA ALA A 123 9.43 5.82 -0.74
C ALA A 123 9.11 5.48 0.71
N ASP A 124 7.82 5.39 1.00
CA ASP A 124 7.37 5.08 2.34
C ASP A 124 8.01 3.76 2.79
N ILE A 125 7.90 2.76 1.93
CA ILE A 125 8.45 1.45 2.22
C ILE A 125 9.91 1.61 2.69
N ASP A 126 10.71 2.18 1.80
CA ASP A 126 12.12 2.40 2.11
C ASP A 126 12.23 3.16 3.43
N LYS A 127 11.41 4.19 3.56
CA LYS A 127 11.41 5.00 4.76
C LYS A 127 11.07 4.12 5.98
N TYR A 128 9.88 3.53 5.91
CA TYR A 128 9.43 2.67 6.99
C TYR A 128 10.22 1.36 7.02
N ILE A 129 9.98 0.53 6.02
CA ILE A 129 10.67 -0.75 5.92
C ILE A 129 10.94 -1.06 4.45
N ILE A 130 12.13 -0.68 4.01
CA ILE A 130 12.52 -0.92 2.64
C ILE A 130 12.28 -2.39 2.28
N GLN A 131 12.79 -2.79 1.12
CA GLN A 131 12.63 -4.15 0.66
C GLN A 131 12.85 -5.13 1.81
N ARG A 132 13.58 -4.66 2.81
CA ARG A 132 13.87 -5.48 3.98
C ARG A 132 14.24 -4.60 5.17
N LYS A 133 13.20 -4.10 5.84
CA LYS A 133 13.40 -3.25 6.99
C LYS A 133 12.16 -3.32 7.89
#